data_7LN4
#
_entry.id   7LN4
#
_cell.length_a   1.00
_cell.length_b   1.00
_cell.length_c   1.00
_cell.angle_alpha   90.00
_cell.angle_beta   90.00
_cell.angle_gamma   90.00
#
_symmetry.space_group_name_H-M   'P 1'
#
loop_
_entity.id
_entity.type
_entity.pdbx_description
1 polymer 'Transitional endoplasmic reticulum ATPase'
2 polymer 'polyubiquitinated Ub-Eos'
3 non-polymer "ADENOSINE-5'-DIPHOSPHATE"
4 non-polymer "ADENOSINE-5'-TRIPHOSPHATE"
5 non-polymer 'MAGNESIUM ION'
#
loop_
_entity_poly.entity_id
_entity_poly.type
_entity_poly.pdbx_seq_one_letter_code
_entity_poly.pdbx_strand_id
1 'polypeptide(L)'
;MASGADSKGDDLSTAILKQKNRPNRLIVDEAINEDNSVVSLSQPKMDELQLFRGDTVLLKGKKRREAVCIVLSDDTCSDE
KIRMNRVVRNNLRVRLGDVISIQPCPDVKYGKRIHVLPIDDTVEGITGNLFEVYLKPYFLEAYRPIRKGDIFLVRGGMRA
VEFKVVETDPSPYCIVAPDTVIHCEGEPIKREDEEESLNEVGYDDIGGCRKQLAQIKEMVELPLRHPALFKEIGVKPPRG
ILLYGPPGTGKTLIARAVANETGAFFFLINGPEIMSKLAGESESNLRKAFEEAEKNAPAIIFIDELDAIAPKREKTHGEV
ERRIVSQLLTLMDGLKQRAHVIVMAATNRPNSIDPALRRFGRFDREVDIGIPDATGRLEILQIHTKNMKLADDVDLEQVA
NETHGHVGADLAALCSEAALQAIRKKMDLIDLEDETIDAEVMNSLAVTMDDFRWALSQSNPSALRETVVEVPQVTWEDIG
GLEDVKRELQELVQYPVEHPDKFLKFGMTPSKGVLFYGPPGCGKTLLAKAIANECQANFISIKGPELLTMWFGESEANVR
EIFDKARQAAPCVLFFDQLDSIAKARGGNIGDGGGAADRVINQILTEMDGMSTKKNVFIIGATNRPDIIDPAILRPGRLD
QLIYIPLPDEKSRVAILKANLRKSPVAKDVDLEFLAKMTNGFSGADLTEICQRACKLAIRESIESEIRRERERQTNPSAM
EVEEDDPVPEIRRDHFEEAMRFARRSVSDNDIRKYEMFAQTLQQSRGFGSFRFPSGNQGGAGPSQGSGGGTGGSVYTEDN
DDDLYG
;
A,B,C,D,E,F
2 'polypeptide(L)'
;(UNK)(UNK)(UNK)(UNK)(UNK)(UNK)(UNK)(UNK)(UNK)(UNK)(UNK)(UNK)(UNK)(UNK)(UNK)(UNK)
(UNK)(UNK)(UNK)(UNK)(UNK)(UNK)
;
G
#
# COMPACT_ATOMS: atom_id res chain seq x y z
N PRO A 23 37.34 12.73 -54.75
CA PRO A 23 37.21 13.40 -56.04
C PRO A 23 35.79 13.39 -56.58
N ASN A 24 35.08 12.28 -56.34
CA ASN A 24 33.69 12.21 -56.78
C ASN A 24 32.82 13.22 -56.05
N ARG A 25 33.06 13.42 -54.76
CA ARG A 25 32.30 14.41 -54.00
C ARG A 25 32.58 15.81 -54.54
N LEU A 26 31.50 16.57 -54.75
CA LEU A 26 31.60 17.91 -55.31
C LEU A 26 30.61 18.81 -54.60
N ILE A 27 30.97 20.10 -54.48
CA ILE A 27 30.10 21.07 -53.83
C ILE A 27 29.06 21.56 -54.82
N VAL A 28 27.81 21.66 -54.37
CA VAL A 28 26.74 22.15 -55.23
C VAL A 28 26.92 23.64 -55.48
N ASP A 29 26.86 24.04 -56.75
CA ASP A 29 27.05 25.42 -57.16
C ASP A 29 25.96 25.81 -58.14
N GLU A 30 25.71 27.12 -58.22
CA GLU A 30 24.68 27.64 -59.11
C GLU A 30 25.06 27.43 -60.57
N ALA A 31 24.05 27.25 -61.41
CA ALA A 31 24.26 27.06 -62.84
C ALA A 31 24.27 28.41 -63.56
N ILE A 32 24.95 28.44 -64.70
CA ILE A 32 25.03 29.65 -65.52
C ILE A 32 24.09 29.52 -66.71
N ASN A 33 24.35 28.51 -67.55
CA ASN A 33 23.51 28.20 -68.69
C ASN A 33 23.06 26.75 -68.72
N GLU A 34 23.26 26.02 -67.63
CA GLU A 34 22.90 24.60 -67.59
C GLU A 34 21.40 24.44 -67.54
N ASP A 35 20.88 23.53 -68.37
CA ASP A 35 19.46 23.21 -68.35
C ASP A 35 19.20 22.04 -67.39
N ASN A 36 18.01 21.47 -67.46
CA ASN A 36 17.65 20.40 -66.53
C ASN A 36 18.35 19.09 -66.84
N SER A 37 19.03 18.99 -67.98
CA SER A 37 19.62 17.73 -68.41
C SER A 37 21.14 17.75 -68.50
N VAL A 38 21.80 18.84 -68.12
CA VAL A 38 23.25 18.91 -68.20
C VAL A 38 23.82 19.35 -66.86
N VAL A 39 25.07 18.95 -66.61
CA VAL A 39 25.85 19.36 -65.45
C VAL A 39 27.23 19.76 -65.93
N SER A 40 27.93 20.55 -65.11
CA SER A 40 29.22 21.10 -65.46
C SER A 40 30.29 20.72 -64.45
N LEU A 41 31.46 20.34 -64.95
CA LEU A 41 32.63 20.06 -64.12
C LEU A 41 33.85 20.73 -64.75
N SER A 42 34.84 21.00 -63.90
CA SER A 42 36.09 21.58 -64.39
C SER A 42 36.87 20.54 -65.18
N GLN A 43 37.60 21.01 -66.19
CA GLN A 43 38.36 20.09 -67.05
C GLN A 43 39.42 19.29 -66.30
N PRO A 44 40.23 19.87 -65.40
CA PRO A 44 41.15 19.01 -64.62
C PRO A 44 40.43 17.96 -63.80
N LYS A 45 39.24 18.28 -63.26
CA LYS A 45 38.47 17.27 -62.55
C LYS A 45 37.93 16.22 -63.50
N MET A 46 37.59 16.61 -64.73
CA MET A 46 37.22 15.62 -65.74
C MET A 46 38.37 14.67 -66.02
N ASP A 47 39.59 15.21 -66.14
CA ASP A 47 40.75 14.36 -66.37
C ASP A 47 40.98 13.43 -65.18
N GLU A 48 40.81 13.94 -63.95
CA GLU A 48 40.97 13.11 -62.78
C GLU A 48 39.90 12.02 -62.71
N LEU A 49 38.66 12.38 -63.04
CA LEU A 49 37.54 11.44 -62.99
C LEU A 49 37.38 10.64 -64.28
N GLN A 50 38.24 10.87 -65.28
CA GLN A 50 38.18 10.15 -66.56
C GLN A 50 36.82 10.29 -67.23
N LEU A 51 36.27 11.50 -67.21
CA LEU A 51 34.97 11.79 -67.80
C LEU A 51 35.14 12.58 -69.08
N PHE A 52 34.46 12.14 -70.14
CA PHE A 52 34.47 12.82 -71.43
C PHE A 52 33.24 13.71 -71.54
N ARG A 53 33.38 14.76 -72.34
CA ARG A 53 32.25 15.66 -72.59
C ARG A 53 31.16 14.93 -73.37
N GLY A 54 29.92 15.09 -72.94
CA GLY A 54 28.79 14.41 -73.52
C GLY A 54 28.42 13.10 -72.84
N ASP A 55 29.26 12.62 -71.93
CA ASP A 55 28.98 11.37 -71.24
C ASP A 55 27.83 11.56 -70.25
N THR A 56 27.05 10.50 -70.06
CA THR A 56 26.00 10.50 -69.05
C THR A 56 26.54 9.97 -67.73
N VAL A 57 26.14 10.59 -66.63
CA VAL A 57 26.62 10.25 -65.31
C VAL A 57 25.44 10.07 -64.37
N LEU A 58 25.67 9.35 -63.28
CA LEU A 58 24.66 9.10 -62.26
C LEU A 58 24.96 9.96 -61.04
N LEU A 59 24.00 10.80 -60.66
CA LEU A 59 24.15 11.71 -59.53
C LEU A 59 23.34 11.21 -58.35
N LYS A 60 23.98 11.17 -57.19
CA LYS A 60 23.37 10.70 -55.96
C LYS A 60 23.28 11.84 -54.95
N GLY A 61 22.11 11.99 -54.33
CA GLY A 61 21.88 13.04 -53.36
C GLY A 61 21.38 12.48 -52.04
N LYS A 62 20.85 13.39 -51.23
CA LYS A 62 20.33 13.00 -49.92
C LYS A 62 19.04 12.20 -50.07
N LYS A 63 18.73 11.42 -49.03
CA LYS A 63 17.49 10.64 -48.96
C LYS A 63 17.37 9.66 -50.12
N ARG A 64 18.51 9.08 -50.52
CA ARG A 64 18.56 8.08 -51.60
C ARG A 64 17.93 8.61 -52.89
N ARG A 65 18.23 9.85 -53.23
CA ARG A 65 17.74 10.47 -54.46
C ARG A 65 18.79 10.35 -55.55
N GLU A 66 18.36 9.94 -56.75
CA GLU A 66 19.25 9.72 -57.87
C GLU A 66 18.79 10.51 -59.09
N ALA A 67 19.76 10.99 -59.87
CA ALA A 67 19.48 11.73 -61.09
C ALA A 67 20.59 11.46 -62.10
N VAL A 68 20.24 11.56 -63.38
CA VAL A 68 21.17 11.33 -64.48
C VAL A 68 21.15 12.54 -65.40
N CYS A 69 22.33 13.00 -65.80
CA CYS A 69 22.47 14.16 -66.66
C CYS A 69 23.69 13.98 -67.55
N ILE A 70 23.87 14.91 -68.47
CA ILE A 70 25.02 14.92 -69.37
C ILE A 70 26.05 15.90 -68.83
N VAL A 71 27.29 15.44 -68.69
CA VAL A 71 28.35 16.24 -68.10
C VAL A 71 29.01 17.08 -69.19
N LEU A 72 29.22 18.36 -68.91
CA LEU A 72 29.83 19.31 -69.83
C LEU A 72 30.93 20.07 -69.12
N SER A 73 31.80 20.72 -69.91
CA SER A 73 32.95 21.42 -69.39
C SER A 73 32.68 22.92 -69.33
N ASP A 74 33.05 23.52 -68.20
CA ASP A 74 32.94 24.97 -68.02
C ASP A 74 34.27 25.48 -67.48
N ASP A 75 34.81 26.52 -68.13
CA ASP A 75 36.07 27.11 -67.72
C ASP A 75 35.96 27.90 -66.41
N THR A 76 34.79 28.43 -66.09
CA THR A 76 34.60 29.23 -64.89
C THR A 76 34.15 28.41 -63.69
N CYS A 77 34.00 27.09 -63.84
CA CYS A 77 33.58 26.23 -62.74
C CYS A 77 34.76 25.91 -61.84
N SER A 78 34.51 25.90 -60.54
CA SER A 78 35.53 25.52 -59.58
C SER A 78 35.80 24.02 -59.65
N ASP A 79 37.01 23.63 -59.24
CA ASP A 79 37.37 22.21 -59.26
C ASP A 79 36.52 21.41 -58.28
N GLU A 80 36.38 21.89 -57.05
CA GLU A 80 35.65 21.16 -56.01
C GLU A 80 34.15 21.41 -56.06
N LYS A 81 33.67 22.18 -57.04
CA LYS A 81 32.26 22.53 -57.15
C LYS A 81 31.71 22.04 -58.48
N ILE A 82 30.40 21.75 -58.47
CA ILE A 82 29.68 21.33 -59.67
C ILE A 82 28.53 22.31 -59.89
N ARG A 83 28.38 22.77 -61.13
CA ARG A 83 27.36 23.76 -61.46
C ARG A 83 26.03 23.03 -61.73
N MET A 84 25.01 23.40 -60.96
CA MET A 84 23.78 22.63 -60.86
C MET A 84 22.61 23.61 -60.76
N ASN A 85 21.53 23.31 -61.50
CA ASN A 85 20.40 24.23 -61.52
C ASN A 85 19.35 23.81 -60.49
N ARG A 86 18.32 24.65 -60.34
CA ARG A 86 17.34 24.45 -59.27
C ARG A 86 16.53 23.18 -59.46
N VAL A 87 16.22 22.83 -60.70
CA VAL A 87 15.41 21.64 -60.96
C VAL A 87 16.13 20.39 -60.47
N VAL A 88 17.40 20.24 -60.83
CA VAL A 88 18.16 19.08 -60.40
C VAL A 88 18.42 19.14 -58.90
N ARG A 89 18.56 20.34 -58.34
CA ARG A 89 18.68 20.46 -56.88
C ARG A 89 17.45 19.93 -56.17
N ASN A 90 16.27 20.22 -56.71
CA ASN A 90 15.05 19.64 -56.17
C ASN A 90 15.04 18.13 -56.39
N ASN A 91 15.59 17.68 -57.53
CA ASN A 91 15.65 16.25 -57.82
C ASN A 91 16.49 15.49 -56.80
N LEU A 92 17.64 16.02 -56.41
CA LEU A 92 18.51 15.34 -55.45
C LEU A 92 18.28 15.80 -54.02
N ARG A 93 17.31 16.69 -53.78
CA ARG A 93 16.97 17.18 -52.45
C ARG A 93 18.20 17.78 -51.75
N VAL A 94 19.00 18.50 -52.52
CA VAL A 94 20.21 19.15 -52.03
C VAL A 94 20.13 20.63 -52.38
N ARG A 95 20.89 21.43 -51.64
CA ARG A 95 20.92 22.87 -51.80
C ARG A 95 22.34 23.34 -52.10
N LEU A 96 22.48 24.65 -52.29
CA LEU A 96 23.77 25.22 -52.60
C LEU A 96 24.74 25.03 -51.44
N GLY A 97 25.89 24.43 -51.72
CA GLY A 97 26.88 24.11 -50.73
C GLY A 97 26.89 22.67 -50.28
N ASP A 98 25.87 21.89 -50.65
CA ASP A 98 25.81 20.50 -50.25
C ASP A 98 26.81 19.67 -51.04
N VAL A 99 26.99 18.42 -50.60
CA VAL A 99 27.94 17.50 -51.20
C VAL A 99 27.18 16.38 -51.90
N ILE A 100 27.48 16.18 -53.18
CA ILE A 100 26.87 15.13 -53.98
C ILE A 100 27.99 14.31 -54.63
N SER A 101 27.65 13.09 -55.03
CA SER A 101 28.59 12.17 -55.64
C SER A 101 28.24 11.94 -57.11
N ILE A 102 29.26 12.00 -57.96
CA ILE A 102 29.11 11.82 -59.40
C ILE A 102 29.95 10.64 -59.84
N GLN A 103 29.34 9.72 -60.58
CA GLN A 103 29.99 8.55 -61.11
C GLN A 103 29.48 8.30 -62.52
N PRO A 104 30.28 7.66 -63.37
CA PRO A 104 29.82 7.34 -64.72
C PRO A 104 28.62 6.40 -64.69
N CYS A 105 27.73 6.57 -65.67
CA CYS A 105 26.52 5.75 -65.80
C CYS A 105 26.55 5.07 -67.15
N PRO A 106 27.17 3.90 -67.24
CA PRO A 106 27.29 3.23 -68.54
C PRO A 106 26.03 2.46 -68.91
N ASP A 107 25.97 2.08 -70.19
CA ASP A 107 24.92 1.20 -70.73
C ASP A 107 23.53 1.77 -70.53
N VAL A 108 23.37 3.08 -70.71
CA VAL A 108 22.04 3.68 -70.69
C VAL A 108 21.42 3.56 -72.08
N LYS A 109 20.35 2.79 -72.18
CA LYS A 109 19.73 2.46 -73.46
C LYS A 109 18.71 3.52 -73.87
N TYR A 110 18.32 3.46 -75.14
CA TYR A 110 17.26 4.34 -75.63
C TYR A 110 15.92 3.94 -75.03
N GLY A 111 15.12 4.94 -74.69
CA GLY A 111 13.83 4.66 -74.08
C GLY A 111 12.83 4.12 -75.09
N LYS A 112 12.03 3.15 -74.62
CA LYS A 112 10.97 2.58 -75.45
C LYS A 112 9.62 3.24 -75.17
N ARG A 113 9.27 3.43 -73.91
CA ARG A 113 8.02 4.05 -73.53
C ARG A 113 8.17 4.64 -72.14
N ILE A 114 7.97 5.96 -72.04
CA ILE A 114 8.11 6.67 -70.78
C ILE A 114 6.78 7.33 -70.43
N HIS A 115 6.42 7.24 -69.15
CA HIS A 115 5.19 7.82 -68.64
C HIS A 115 5.54 8.97 -67.70
N VAL A 116 5.01 10.15 -67.97
CA VAL A 116 5.21 11.32 -67.13
C VAL A 116 3.86 11.89 -66.74
N LEU A 117 3.77 12.38 -65.51
CA LEU A 117 2.53 12.93 -64.99
C LEU A 117 2.79 14.29 -64.37
N PRO A 118 1.89 15.25 -64.56
CA PRO A 118 2.12 16.60 -64.06
C PRO A 118 1.77 16.75 -62.58
N ILE A 119 2.31 17.80 -61.99
CA ILE A 119 1.97 18.18 -60.62
C ILE A 119 0.67 18.98 -60.67
N ASP A 120 -0.21 18.72 -59.70
CA ASP A 120 -1.56 19.32 -59.72
C ASP A 120 -1.51 20.84 -59.74
N ASP A 121 -0.70 21.45 -58.88
CA ASP A 121 -0.64 22.91 -58.82
C ASP A 121 -0.01 23.54 -60.05
N THR A 122 0.73 22.76 -60.85
CA THR A 122 1.33 23.27 -62.07
C THR A 122 0.38 23.24 -63.26
N VAL A 123 -0.71 22.50 -63.19
CA VAL A 123 -1.64 22.36 -64.30
C VAL A 123 -3.05 22.80 -63.95
N GLU A 124 -3.26 23.46 -62.81
CA GLU A 124 -4.57 23.97 -62.49
C GLU A 124 -4.96 25.09 -63.46
N GLY A 125 -5.97 24.82 -64.28
CA GLY A 125 -6.38 25.73 -65.32
C GLY A 125 -5.72 25.51 -66.66
N ILE A 126 -4.81 24.55 -66.77
CA ILE A 126 -4.14 24.24 -68.03
C ILE A 126 -4.94 23.13 -68.71
N THR A 127 -5.59 23.46 -69.81
CA THR A 127 -6.46 22.51 -70.53
C THR A 127 -5.91 22.11 -71.88
N GLY A 128 -4.75 22.63 -72.28
CA GLY A 128 -4.17 22.29 -73.56
C GLY A 128 -3.51 20.92 -73.54
N ASN A 129 -3.08 20.50 -74.73
CA ASN A 129 -2.40 19.22 -74.88
C ASN A 129 -1.01 19.34 -74.25
N LEU A 130 -0.81 18.62 -73.15
CA LEU A 130 0.48 18.70 -72.44
C LEU A 130 1.63 18.21 -73.32
N PHE A 131 1.42 17.15 -74.09
CA PHE A 131 2.49 16.57 -74.90
C PHE A 131 3.07 17.62 -75.85
N GLU A 132 2.27 18.08 -76.81
CA GLU A 132 2.78 18.98 -77.85
C GLU A 132 3.30 20.28 -77.26
N VAL A 133 2.61 20.82 -76.25
CA VAL A 133 3.01 22.12 -75.71
C VAL A 133 4.32 22.02 -74.94
N TYR A 134 4.49 20.99 -74.13
CA TYR A 134 5.64 20.92 -73.23
C TYR A 134 6.65 19.83 -73.55
N LEU A 135 6.22 18.57 -73.68
CA LEU A 135 7.15 17.45 -73.72
C LEU A 135 7.89 17.34 -75.06
N LYS A 136 7.17 17.53 -76.18
CA LYS A 136 7.80 17.37 -77.48
C LYS A 136 8.92 18.37 -77.73
N PRO A 137 8.74 19.68 -77.52
CA PRO A 137 9.89 20.59 -77.67
C PRO A 137 10.99 20.33 -76.67
N TYR A 138 10.66 19.87 -75.47
CA TYR A 138 11.67 19.68 -74.43
C TYR A 138 12.61 18.52 -74.77
N PHE A 139 12.06 17.42 -75.28
CA PHE A 139 12.86 16.23 -75.59
C PHE A 139 13.27 16.14 -77.06
N LEU A 140 12.97 17.16 -77.86
CA LEU A 140 13.21 17.08 -79.29
C LEU A 140 14.71 17.11 -79.62
N GLU A 141 15.23 15.98 -80.09
CA GLU A 141 16.61 15.87 -80.58
C GLU A 141 17.64 16.28 -79.52
N ALA A 142 17.31 16.11 -78.24
CA ALA A 142 18.23 16.48 -77.17
C ALA A 142 18.86 15.29 -76.47
N TYR A 143 18.26 14.09 -76.60
CA TYR A 143 18.78 12.87 -75.99
C TYR A 143 18.94 13.05 -74.48
N ARG A 144 17.92 13.63 -73.85
CA ARG A 144 17.97 13.92 -72.43
C ARG A 144 17.91 12.63 -71.61
N PRO A 145 18.88 12.37 -70.74
CA PRO A 145 18.78 11.20 -69.86
C PRO A 145 17.80 11.46 -68.71
N ILE A 146 16.94 10.47 -68.46
CA ILE A 146 15.91 10.56 -67.44
C ILE A 146 15.97 9.33 -66.55
N ARG A 147 15.42 9.47 -65.35
CA ARG A 147 15.31 8.38 -64.39
C ARG A 147 13.94 8.39 -63.75
N LYS A 148 13.49 7.22 -63.29
CA LYS A 148 12.20 7.12 -62.61
C LYS A 148 12.18 7.98 -61.36
N GLY A 149 11.10 8.74 -61.19
CA GLY A 149 10.94 9.63 -60.06
C GLY A 149 11.52 11.00 -60.24
N ASP A 150 12.18 11.27 -61.37
CA ASP A 150 12.76 12.58 -61.61
C ASP A 150 11.68 13.64 -61.77
N ILE A 151 11.94 14.82 -61.24
CA ILE A 151 11.04 15.96 -61.35
C ILE A 151 11.72 17.02 -62.20
N PHE A 152 11.15 17.31 -63.37
CA PHE A 152 11.73 18.27 -64.30
C PHE A 152 10.68 19.31 -64.66
N LEU A 153 11.12 20.57 -64.73
CA LEU A 153 10.27 21.70 -65.05
C LEU A 153 10.50 22.13 -66.48
N VAL A 154 9.41 22.26 -67.25
CA VAL A 154 9.48 22.61 -68.66
C VAL A 154 8.71 23.90 -68.88
N ARG A 155 9.35 24.88 -69.51
CA ARG A 155 8.68 26.12 -69.87
C ARG A 155 7.84 25.93 -71.13
N GLY A 156 6.75 26.67 -71.20
CA GLY A 156 5.88 26.63 -72.35
C GLY A 156 4.48 27.05 -71.99
N GLY A 157 3.69 27.30 -73.04
CA GLY A 157 2.30 27.71 -72.84
C GLY A 157 2.22 29.01 -72.09
N MET A 158 1.28 29.08 -71.14
CA MET A 158 1.11 30.27 -70.32
C MET A 158 1.68 30.12 -68.91
N ARG A 159 2.17 28.93 -68.57
CA ARG A 159 2.74 28.70 -67.24
C ARG A 159 3.63 27.46 -67.30
N ALA A 160 4.79 27.53 -66.64
CA ALA A 160 5.68 26.38 -66.57
C ALA A 160 5.03 25.25 -65.78
N VAL A 161 5.29 24.02 -66.20
CA VAL A 161 4.66 22.84 -65.63
C VAL A 161 5.73 21.83 -65.24
N GLU A 162 5.63 21.31 -64.02
CA GLU A 162 6.50 20.26 -63.54
C GLU A 162 5.89 18.89 -63.83
N PHE A 163 6.76 17.93 -64.15
CA PHE A 163 6.34 16.56 -64.43
C PHE A 163 7.13 15.59 -63.57
N LYS A 164 6.56 14.42 -63.34
CA LYS A 164 7.21 13.34 -62.60
C LYS A 164 7.31 12.11 -63.50
N VAL A 165 8.51 11.55 -63.58
CA VAL A 165 8.74 10.34 -64.38
C VAL A 165 8.33 9.14 -63.52
N VAL A 166 7.21 8.52 -63.88
CA VAL A 166 6.68 7.42 -63.07
C VAL A 166 7.03 6.05 -63.64
N GLU A 167 7.33 5.96 -64.94
CA GLU A 167 7.63 4.67 -65.55
C GLU A 167 8.56 4.89 -66.74
N THR A 168 9.55 4.00 -66.87
CA THR A 168 10.51 4.04 -67.97
C THR A 168 10.77 2.63 -68.46
N ASP A 169 11.20 2.54 -69.72
CA ASP A 169 11.60 1.27 -70.32
C ASP A 169 12.79 1.52 -71.24
N PRO A 170 14.00 1.08 -70.87
CA PRO A 170 14.31 0.31 -69.65
C PRO A 170 14.30 1.17 -68.38
N SER A 171 14.38 0.50 -67.24
CA SER A 171 14.30 1.13 -65.93
C SER A 171 15.53 0.76 -65.10
N PRO A 172 16.01 1.66 -64.23
CA PRO A 172 15.50 3.02 -64.04
C PRO A 172 16.14 4.07 -64.95
N TYR A 173 17.12 3.67 -65.75
CA TYR A 173 17.85 4.59 -66.61
C TYR A 173 17.54 4.30 -68.07
N CYS A 174 17.29 5.38 -68.82
CA CYS A 174 17.01 5.28 -70.25
C CYS A 174 17.29 6.63 -70.88
N ILE A 175 17.47 6.61 -72.20
CA ILE A 175 17.71 7.82 -72.99
C ILE A 175 16.47 8.14 -73.81
N VAL A 176 16.01 9.38 -73.72
CA VAL A 176 14.85 9.82 -74.49
C VAL A 176 15.32 10.04 -75.92
N ALA A 177 15.11 9.05 -76.77
CA ALA A 177 15.52 9.05 -78.16
C ALA A 177 14.41 9.60 -79.05
N PRO A 178 14.71 9.92 -80.31
CA PRO A 178 13.65 10.37 -81.22
C PRO A 178 12.52 9.36 -81.39
N ASP A 179 12.81 8.06 -81.29
CA ASP A 179 11.78 7.03 -81.39
C ASP A 179 11.19 6.65 -80.03
N THR A 180 11.61 7.31 -78.96
CA THR A 180 11.06 7.03 -77.64
C THR A 180 9.62 7.54 -77.56
N VAL A 181 8.72 6.68 -77.07
CA VAL A 181 7.31 7.03 -76.97
C VAL A 181 7.09 7.81 -75.67
N ILE A 182 6.58 9.03 -75.80
CA ILE A 182 6.30 9.90 -74.67
C ILE A 182 4.80 10.11 -74.57
N HIS A 183 4.21 9.65 -73.47
CA HIS A 183 2.78 9.78 -73.22
C HIS A 183 2.55 10.26 -71.80
N CYS A 184 1.53 11.11 -71.63
CA CYS A 184 1.23 11.69 -70.33
C CYS A 184 -0.19 11.42 -69.84
N GLU A 185 -0.93 10.54 -70.49
CA GLU A 185 -2.29 10.23 -70.06
C GLU A 185 -2.28 9.48 -68.74
N GLY A 186 -3.31 9.71 -67.93
CA GLY A 186 -3.43 9.06 -66.64
C GLY A 186 -3.84 10.05 -65.57
N GLU A 187 -3.96 9.53 -64.36
CA GLU A 187 -4.30 10.37 -63.22
C GLU A 187 -3.08 11.22 -62.84
N PRO A 188 -3.23 12.54 -62.78
CA PRO A 188 -2.09 13.39 -62.38
C PRO A 188 -1.63 13.07 -60.96
N ILE A 189 -0.32 13.23 -60.74
CA ILE A 189 0.26 12.98 -59.42
C ILE A 189 -0.27 14.00 -58.42
N LYS A 190 -0.66 13.51 -57.24
CA LYS A 190 -1.18 14.39 -56.20
C LYS A 190 -0.13 15.39 -55.75
N ARG A 191 -0.58 16.63 -55.52
CA ARG A 191 0.33 17.69 -55.10
C ARG A 191 0.90 17.41 -53.71
N GLU A 192 0.09 16.84 -52.81
CA GLU A 192 0.50 16.67 -51.44
C GLU A 192 1.67 15.68 -51.33
N ASP A 193 1.63 14.62 -52.13
CA ASP A 193 2.71 13.64 -52.10
C ASP A 193 4.04 14.27 -52.50
N GLU A 194 4.02 15.12 -53.53
CA GLU A 194 5.24 15.79 -53.95
C GLU A 194 5.69 16.84 -52.94
N GLU A 195 4.73 17.50 -52.27
CA GLU A 195 5.08 18.57 -51.34
C GLU A 195 5.83 18.03 -50.13
N GLU A 196 5.47 16.82 -49.67
CA GLU A 196 6.10 16.26 -48.48
C GLU A 196 7.59 16.02 -48.70
N SER A 197 7.96 15.47 -49.85
CA SER A 197 9.37 15.23 -50.14
C SER A 197 10.15 16.54 -50.25
N LEU A 198 9.55 17.54 -50.91
CA LEU A 198 10.24 18.81 -51.10
C LEU A 198 10.43 19.54 -49.78
N ASN A 199 9.44 19.45 -48.88
CA ASN A 199 9.53 20.17 -47.62
C ASN A 199 10.70 19.66 -46.76
N GLU A 200 10.91 18.35 -46.74
CA GLU A 200 11.94 17.78 -45.89
C GLU A 200 13.33 18.05 -46.46
N VAL A 201 14.24 18.50 -45.60
CA VAL A 201 15.63 18.74 -45.94
C VAL A 201 16.53 18.17 -44.85
N GLY A 202 17.81 18.46 -44.94
CA GLY A 202 18.82 17.87 -44.08
C GLY A 202 18.90 18.47 -42.69
N TYR A 203 20.01 18.22 -42.03
CA TYR A 203 20.18 18.64 -40.63
C TYR A 203 20.52 20.12 -40.50
N ASP A 204 20.51 20.87 -41.60
CA ASP A 204 20.66 22.33 -41.49
C ASP A 204 19.46 22.97 -40.79
N ASP A 205 18.35 22.23 -40.66
CA ASP A 205 17.19 22.74 -39.96
C ASP A 205 17.48 22.99 -38.49
N ILE A 206 18.23 22.09 -37.85
CA ILE A 206 18.46 22.19 -36.42
C ILE A 206 19.65 23.11 -36.16
N GLY A 207 19.61 23.81 -35.03
CA GLY A 207 20.68 24.71 -34.65
C GLY A 207 21.03 24.66 -33.18
N GLY A 208 22.32 24.84 -32.87
CA GLY A 208 22.77 24.86 -31.50
C GLY A 208 23.02 23.50 -30.88
N CYS A 209 22.82 22.42 -31.62
CA CYS A 209 23.04 21.07 -31.11
C CYS A 209 24.09 20.32 -31.94
N ARG A 210 25.07 21.03 -32.50
CA ARG A 210 26.02 20.38 -33.38
C ARG A 210 26.99 19.49 -32.61
N LYS A 211 27.18 19.75 -31.31
CA LYS A 211 27.91 18.80 -30.48
C LYS A 211 27.10 17.52 -30.29
N GLN A 212 25.84 17.65 -29.92
CA GLN A 212 24.95 16.49 -29.83
C GLN A 212 24.77 15.86 -31.20
N LEU A 213 24.68 16.69 -32.25
CA LEU A 213 24.55 16.15 -33.60
C LEU A 213 25.76 15.32 -33.99
N ALA A 214 26.97 15.79 -33.64
CA ALA A 214 28.18 15.03 -33.94
C ALA A 214 28.22 13.73 -33.14
N GLN A 215 27.83 13.77 -31.86
CA GLN A 215 27.80 12.55 -31.08
C GLN A 215 26.80 11.54 -31.65
N ILE A 216 25.63 12.02 -32.08
CA ILE A 216 24.62 11.14 -32.66
C ILE A 216 25.12 10.58 -33.99
N LYS A 217 25.79 11.41 -34.80
CA LYS A 217 26.39 10.93 -36.03
C LYS A 217 27.36 9.79 -35.75
N GLU A 218 28.27 10.00 -34.79
CA GLU A 218 29.26 8.99 -34.46
C GLU A 218 28.60 7.69 -33.97
N MET A 219 27.52 7.82 -33.19
CA MET A 219 26.88 6.62 -32.64
C MET A 219 26.03 5.90 -33.66
N VAL A 220 25.50 6.60 -34.66
CA VAL A 220 24.51 6.04 -35.57
C VAL A 220 25.11 5.74 -36.94
N GLU A 221 25.57 6.76 -37.66
CA GLU A 221 25.79 6.58 -39.09
C GLU A 221 27.04 5.73 -39.35
N LEU A 222 28.07 5.88 -38.52
CA LEU A 222 29.29 5.12 -38.73
C LEU A 222 29.08 3.61 -38.60
N PRO A 223 28.37 3.08 -37.59
CA PRO A 223 28.07 1.64 -37.61
C PRO A 223 27.27 1.21 -38.82
N LEU A 224 26.32 2.05 -39.26
CA LEU A 224 25.50 1.69 -40.42
C LEU A 224 26.32 1.60 -41.69
N ARG A 225 27.23 2.55 -41.89
CA ARG A 225 27.97 2.62 -43.14
C ARG A 225 29.07 1.57 -43.22
N HIS A 226 29.68 1.21 -42.08
CA HIS A 226 30.84 0.34 -42.04
C HIS A 226 30.62 -0.79 -41.04
N PRO A 227 29.77 -1.77 -41.36
CA PRO A 227 29.65 -2.93 -40.48
C PRO A 227 30.92 -3.74 -40.36
N ALA A 228 31.71 -3.81 -41.43
CA ALA A 228 32.93 -4.61 -41.41
C ALA A 228 33.97 -4.01 -40.47
N LEU A 229 33.97 -2.69 -40.33
CA LEU A 229 34.92 -2.03 -39.43
C LEU A 229 34.72 -2.51 -38.00
N PHE A 230 33.47 -2.66 -37.57
CA PHE A 230 33.20 -3.23 -36.25
C PHE A 230 33.42 -4.74 -36.26
N LYS A 231 33.15 -5.39 -37.40
CA LYS A 231 33.22 -6.85 -37.45
C LYS A 231 34.65 -7.34 -37.26
N GLU A 232 35.63 -6.66 -37.87
CA GLU A 232 37.00 -7.16 -37.81
C GLU A 232 37.54 -7.14 -36.39
N ILE A 233 37.31 -6.05 -35.65
CA ILE A 233 37.80 -5.95 -34.29
C ILE A 233 37.11 -6.95 -33.37
N GLY A 234 35.83 -7.24 -33.61
CA GLY A 234 35.07 -8.11 -32.75
C GLY A 234 34.08 -7.41 -31.84
N VAL A 235 33.96 -6.09 -31.93
CA VAL A 235 32.96 -5.37 -31.15
C VAL A 235 31.65 -5.33 -31.91
N LYS A 236 30.55 -5.30 -31.16
CA LYS A 236 29.22 -5.29 -31.74
C LYS A 236 28.71 -3.86 -31.85
N PRO A 237 28.18 -3.46 -33.01
CA PRO A 237 27.62 -2.12 -33.15
C PRO A 237 26.44 -1.91 -32.22
N PRO A 238 26.17 -0.68 -31.82
CA PRO A 238 25.08 -0.44 -30.85
C PRO A 238 23.75 -0.96 -31.34
N ARG A 239 23.02 -1.63 -30.44
CA ARG A 239 21.69 -2.11 -30.77
C ARG A 239 20.69 -0.97 -30.86
N GLY A 240 20.72 -0.06 -29.89
CA GLY A 240 19.74 1.01 -29.85
C GLY A 240 20.34 2.28 -29.27
N ILE A 241 19.71 3.40 -29.61
CA ILE A 241 20.08 4.72 -29.12
C ILE A 241 18.86 5.36 -28.50
N LEU A 242 19.05 6.04 -27.36
CA LEU A 242 17.96 6.70 -26.65
C LEU A 242 18.27 8.18 -26.49
N LEU A 243 17.30 9.02 -26.81
CA LEU A 243 17.41 10.47 -26.68
C LEU A 243 16.34 10.96 -25.71
N TYR A 244 16.74 11.77 -24.73
CA TYR A 244 15.79 12.30 -23.77
C TYR A 244 16.06 13.79 -23.56
N GLY A 245 15.03 14.49 -23.10
CA GLY A 245 15.12 15.90 -22.83
C GLY A 245 13.75 16.52 -22.65
N PRO A 246 13.72 17.82 -22.34
CA PRO A 246 12.43 18.50 -22.22
C PRO A 246 11.70 18.51 -23.54
N PRO A 247 10.37 18.48 -23.51
CA PRO A 247 9.61 18.50 -24.77
C PRO A 247 9.85 19.78 -25.55
N GLY A 248 9.86 19.66 -26.87
CA GLY A 248 10.13 20.77 -27.75
C GLY A 248 11.57 20.97 -28.13
N THR A 249 12.45 20.03 -27.79
CA THR A 249 13.87 20.14 -28.09
C THR A 249 14.23 19.56 -29.46
N GLY A 250 13.24 19.14 -30.24
CA GLY A 250 13.52 18.65 -31.59
C GLY A 250 14.18 17.29 -31.63
N LYS A 251 13.92 16.45 -30.62
CA LYS A 251 14.51 15.12 -30.59
C LYS A 251 14.12 14.31 -31.83
N THR A 252 12.83 14.26 -32.14
CA THR A 252 12.41 13.67 -33.41
C THR A 252 12.95 14.47 -34.59
N LEU A 253 12.99 15.80 -34.44
CA LEU A 253 13.52 16.64 -35.50
C LEU A 253 14.98 16.37 -35.76
N ILE A 254 15.80 16.30 -34.70
CA ILE A 254 17.22 16.06 -34.89
C ILE A 254 17.46 14.64 -35.41
N ALA A 255 16.66 13.67 -34.94
CA ALA A 255 16.81 12.31 -35.45
C ALA A 255 16.52 12.24 -36.94
N ARG A 256 15.39 12.79 -37.38
CA ARG A 256 15.06 12.77 -38.80
C ARG A 256 16.08 13.56 -39.61
N ALA A 257 16.57 14.67 -39.05
CA ALA A 257 17.54 15.50 -39.76
C ALA A 257 18.86 14.78 -39.96
N VAL A 258 19.39 14.14 -38.91
CA VAL A 258 20.65 13.43 -39.04
C VAL A 258 20.47 12.22 -39.95
N ALA A 259 19.26 11.64 -39.98
CA ALA A 259 19.00 10.57 -40.92
C ALA A 259 18.99 11.09 -42.36
N ASN A 260 18.51 12.31 -42.58
CA ASN A 260 18.40 12.83 -43.93
C ASN A 260 19.77 13.03 -44.58
N GLU A 261 20.75 13.53 -43.81
CA GLU A 261 22.09 13.73 -44.39
C GLU A 261 22.71 12.42 -44.84
N THR A 262 22.61 11.38 -44.02
CA THR A 262 23.14 10.08 -44.40
C THR A 262 22.25 9.41 -45.43
N GLY A 263 22.85 8.53 -46.23
CA GLY A 263 22.08 7.78 -47.20
C GLY A 263 21.21 6.71 -46.59
N ALA A 264 21.38 6.43 -45.29
CA ALA A 264 20.61 5.39 -44.64
C ALA A 264 19.12 5.74 -44.64
N PHE A 265 18.29 4.72 -44.86
CA PHE A 265 16.85 4.90 -44.90
C PHE A 265 16.34 5.25 -43.50
N PHE A 266 15.43 6.22 -43.44
CA PHE A 266 14.78 6.61 -42.19
C PHE A 266 13.35 6.11 -42.18
N PHE A 267 13.03 5.29 -41.19
CA PHE A 267 11.67 4.80 -40.98
C PHE A 267 11.20 5.33 -39.63
N LEU A 268 10.00 5.90 -39.60
CA LEU A 268 9.48 6.57 -38.41
C LEU A 268 8.35 5.74 -37.81
N ILE A 269 8.40 5.57 -36.48
CA ILE A 269 7.37 4.87 -35.73
C ILE A 269 6.75 5.85 -34.74
N ASN A 270 5.43 5.95 -34.76
CA ASN A 270 4.70 6.87 -33.90
C ASN A 270 4.02 6.08 -32.79
N GLY A 271 4.30 6.45 -31.53
CA GLY A 271 3.71 5.78 -30.39
C GLY A 271 2.21 5.87 -30.28
N PRO A 272 1.62 7.07 -30.42
CA PRO A 272 0.15 7.14 -30.46
C PRO A 272 -0.45 6.33 -31.59
N GLU A 273 0.26 6.23 -32.72
CA GLU A 273 -0.20 5.34 -33.80
C GLU A 273 -0.24 3.89 -33.34
N ILE A 274 0.79 3.46 -32.59
CA ILE A 274 0.86 2.07 -32.16
C ILE A 274 -0.21 1.76 -31.13
N MET A 275 -0.37 2.64 -30.14
CA MET A 275 -1.35 2.38 -29.09
C MET A 275 -2.78 2.60 -29.58
N SER A 276 -2.95 3.39 -30.64
CA SER A 276 -4.28 3.53 -31.23
C SER A 276 -4.75 2.23 -31.85
N LYS A 277 -3.80 1.38 -32.27
CA LYS A 277 -4.16 0.09 -32.84
C LYS A 277 -4.54 -0.89 -31.74
N LEU A 278 -5.35 -1.87 -32.11
CA LEU A 278 -5.77 -2.90 -31.17
C LEU A 278 -4.61 -3.85 -30.88
N ALA A 279 -4.66 -4.49 -29.71
CA ALA A 279 -3.56 -5.35 -29.27
C ALA A 279 -3.36 -6.50 -30.24
N GLY A 280 -2.10 -6.83 -30.48
CA GLY A 280 -1.76 -7.84 -31.48
C GLY A 280 -1.59 -7.30 -32.88
N GLU A 281 -2.48 -6.41 -33.31
CA GLU A 281 -2.31 -5.75 -34.60
C GLU A 281 -1.10 -4.83 -34.58
N SER A 282 -0.86 -4.14 -33.46
CA SER A 282 0.33 -3.31 -33.32
C SER A 282 1.59 -4.17 -33.37
N GLU A 283 1.54 -5.38 -32.80
CA GLU A 283 2.67 -6.29 -32.90
C GLU A 283 3.01 -6.58 -34.35
N SER A 284 2.00 -6.91 -35.17
CA SER A 284 2.24 -7.17 -36.58
C SER A 284 2.78 -5.93 -37.29
N ASN A 285 2.26 -4.75 -36.95
CA ASN A 285 2.74 -3.52 -37.57
C ASN A 285 4.21 -3.28 -37.28
N LEU A 286 4.62 -3.45 -36.02
CA LEU A 286 6.02 -3.20 -35.67
C LEU A 286 6.94 -4.30 -36.22
N ARG A 287 6.45 -5.55 -36.28
CA ARG A 287 7.21 -6.61 -36.92
C ARG A 287 7.44 -6.29 -38.40
N LYS A 288 6.40 -5.84 -39.09
CA LYS A 288 6.54 -5.49 -40.50
C LYS A 288 7.46 -4.29 -40.67
N ALA A 289 7.40 -3.34 -39.74
CA ALA A 289 8.31 -2.19 -39.78
C ALA A 289 9.76 -2.66 -39.68
N PHE A 290 10.06 -3.54 -38.73
CA PHE A 290 11.42 -4.03 -38.57
C PHE A 290 11.87 -4.83 -39.79
N GLU A 291 10.98 -5.67 -40.34
CA GLU A 291 11.32 -6.44 -41.53
C GLU A 291 11.61 -5.53 -42.72
N GLU A 292 10.79 -4.49 -42.91
CA GLU A 292 11.01 -3.55 -44.00
C GLU A 292 12.32 -2.79 -43.81
N ALA A 293 12.64 -2.43 -42.56
CA ALA A 293 13.93 -1.78 -42.29
C ALA A 293 15.09 -2.71 -42.62
N GLU A 294 14.98 -3.98 -42.24
CA GLU A 294 16.03 -4.94 -42.58
C GLU A 294 16.16 -5.07 -44.10
N LYS A 295 15.04 -5.06 -44.81
CA LYS A 295 15.08 -5.11 -46.27
C LYS A 295 15.80 -3.91 -46.85
N ASN A 296 15.48 -2.71 -46.36
CA ASN A 296 16.05 -1.48 -46.92
C ASN A 296 17.30 -1.06 -46.16
N ALA A 297 18.25 -1.99 -46.07
CA ALA A 297 19.52 -1.70 -45.43
C ALA A 297 20.38 -0.82 -46.35
N PRO A 298 21.04 0.21 -45.80
CA PRO A 298 20.99 0.63 -44.39
C PRO A 298 19.70 1.37 -44.03
N ALA A 299 19.21 1.13 -42.82
CA ALA A 299 17.95 1.72 -42.38
C ALA A 299 18.11 2.26 -40.96
N ILE A 300 17.26 3.24 -40.64
CA ILE A 300 17.22 3.85 -39.31
C ILE A 300 15.80 3.74 -38.78
N ILE A 301 15.65 3.08 -37.64
CA ILE A 301 14.35 2.95 -36.99
C ILE A 301 14.26 3.99 -35.87
N PHE A 302 13.28 4.88 -35.98
CA PHE A 302 12.99 5.87 -34.95
C PHE A 302 11.62 5.59 -34.39
N ILE A 303 11.54 5.44 -33.07
CA ILE A 303 10.29 5.16 -32.38
C ILE A 303 9.96 6.37 -31.52
N ASP A 304 9.15 7.26 -32.05
CA ASP A 304 8.75 8.46 -31.32
C ASP A 304 7.87 8.09 -30.14
N GLU A 305 8.14 8.71 -29.00
CA GLU A 305 7.43 8.45 -27.75
C GLU A 305 7.52 6.96 -27.37
N LEU A 306 8.75 6.52 -27.10
CA LEU A 306 8.95 5.12 -26.74
C LEU A 306 8.29 4.80 -25.40
N ASP A 307 8.28 5.76 -24.47
CA ASP A 307 7.64 5.53 -23.18
C ASP A 307 6.14 5.29 -23.33
N ALA A 308 5.54 5.81 -24.41
CA ALA A 308 4.13 5.59 -24.65
C ALA A 308 3.83 4.12 -24.95
N ILE A 309 4.57 3.53 -25.88
CA ILE A 309 4.31 2.14 -26.25
C ILE A 309 4.79 1.19 -25.16
N ALA A 310 5.90 1.50 -24.51
CA ALA A 310 6.52 0.63 -23.53
C ALA A 310 6.78 1.40 -22.23
N PRO A 311 5.77 1.57 -21.40
CA PRO A 311 5.98 2.19 -20.10
C PRO A 311 6.63 1.20 -19.14
N LYS A 312 6.79 1.65 -17.88
CA LYS A 312 7.35 0.79 -16.86
C LYS A 312 6.49 -0.46 -16.68
N ARG A 313 7.13 -1.63 -16.74
CA ARG A 313 6.37 -2.89 -16.74
C ARG A 313 5.59 -3.07 -15.44
N GLU A 314 6.22 -2.78 -14.31
CA GLU A 314 5.57 -2.98 -13.02
C GLU A 314 4.35 -2.07 -12.87
N LYS A 315 4.46 -0.82 -13.31
CA LYS A 315 3.38 0.15 -13.16
C LYS A 315 2.41 0.06 -14.33
N THR A 316 1.78 -1.11 -14.46
CA THR A 316 0.81 -1.36 -15.51
C THR A 316 -0.42 -2.06 -14.92
N HIS A 317 -1.59 -1.73 -15.47
CA HIS A 317 -2.82 -2.39 -15.10
C HIS A 317 -3.29 -3.41 -16.13
N GLY A 318 -2.54 -3.61 -17.20
CA GLY A 318 -2.94 -4.53 -18.25
C GLY A 318 -1.82 -5.39 -18.78
N GLU A 319 -2.16 -6.58 -19.27
CA GLU A 319 -1.13 -7.47 -19.83
C GLU A 319 -0.75 -7.07 -21.24
N VAL A 320 -1.56 -6.22 -21.88
CA VAL A 320 -1.31 -5.84 -23.26
C VAL A 320 0.01 -5.10 -23.40
N GLU A 321 0.23 -4.07 -22.58
CA GLU A 321 1.48 -3.33 -22.65
C GLU A 321 2.65 -4.18 -22.19
N ARG A 322 2.40 -5.10 -21.25
CA ARG A 322 3.45 -6.03 -20.82
C ARG A 322 3.93 -6.88 -21.97
N ARG A 323 3.00 -7.41 -22.77
CA ARG A 323 3.39 -8.23 -23.92
C ARG A 323 4.00 -7.38 -25.02
N ILE A 324 3.58 -6.11 -25.12
CA ILE A 324 4.27 -5.18 -26.03
C ILE A 324 5.74 -5.08 -25.66
N VAL A 325 6.03 -4.84 -24.38
CA VAL A 325 7.42 -4.70 -23.94
C VAL A 325 8.18 -6.00 -24.15
N SER A 326 7.56 -7.14 -23.84
CA SER A 326 8.24 -8.42 -24.01
C SER A 326 8.58 -8.69 -25.47
N GLN A 327 7.63 -8.45 -26.38
CA GLN A 327 7.89 -8.67 -27.80
C GLN A 327 8.94 -7.69 -28.31
N LEU A 328 8.93 -6.46 -27.80
CA LEU A 328 9.95 -5.49 -28.17
C LEU A 328 11.33 -5.97 -27.74
N LEU A 329 11.44 -6.54 -26.54
CA LEU A 329 12.70 -7.11 -26.09
C LEU A 329 13.14 -8.25 -26.99
N THR A 330 12.20 -9.12 -27.38
CA THR A 330 12.55 -10.23 -28.25
C THR A 330 13.10 -9.72 -29.59
N LEU A 331 12.45 -8.72 -30.18
CA LEU A 331 12.93 -8.21 -31.46
C LEU A 331 14.25 -7.46 -31.33
N MET A 332 14.44 -6.73 -30.21
CA MET A 332 15.72 -6.07 -30.00
C MET A 332 16.85 -7.08 -29.87
N ASP A 333 16.60 -8.20 -29.18
CA ASP A 333 17.57 -9.28 -29.20
C ASP A 333 17.66 -9.92 -30.59
N GLY A 334 16.64 -9.71 -31.42
CA GLY A 334 16.61 -10.30 -32.75
C GLY A 334 17.31 -9.51 -33.82
N LEU A 335 17.89 -8.35 -33.50
CA LEU A 335 18.64 -7.60 -34.50
C LEU A 335 19.80 -8.40 -35.05
N LYS A 336 19.97 -8.34 -36.38
CA LYS A 336 21.00 -9.12 -37.04
C LYS A 336 22.39 -8.59 -36.71
N GLN A 337 22.58 -7.27 -36.80
CA GLN A 337 23.83 -6.54 -36.67
C GLN A 337 24.82 -6.88 -37.78
N ARG A 338 24.50 -7.79 -38.69
CA ARG A 338 25.22 -7.93 -39.94
C ARG A 338 24.48 -7.30 -41.11
N ALA A 339 23.21 -6.95 -40.92
CA ALA A 339 22.46 -6.16 -41.88
C ALA A 339 22.64 -4.66 -41.68
N HIS A 340 23.48 -4.26 -40.72
CA HIS A 340 23.78 -2.86 -40.42
C HIS A 340 22.52 -2.00 -40.35
N VAL A 341 21.64 -2.35 -39.41
CA VAL A 341 20.47 -1.55 -39.06
C VAL A 341 20.40 -1.41 -37.54
N ILE A 342 20.13 -0.20 -37.07
CA ILE A 342 20.07 0.11 -35.65
C ILE A 342 18.80 0.91 -35.38
N VAL A 343 18.42 0.97 -34.10
CA VAL A 343 17.18 1.64 -33.68
C VAL A 343 17.54 2.84 -32.81
N MET A 344 16.78 3.92 -32.94
CA MET A 344 16.83 5.04 -32.00
C MET A 344 15.41 5.39 -31.57
N ALA A 345 15.31 6.02 -30.39
CA ALA A 345 14.02 6.44 -29.86
C ALA A 345 14.20 7.73 -29.08
N ALA A 346 13.13 8.52 -29.02
CA ALA A 346 13.10 9.78 -28.29
C ALA A 346 12.01 9.73 -27.23
N THR A 347 12.37 10.09 -26.00
CA THR A 347 11.45 10.07 -24.88
C THR A 347 11.53 11.37 -24.10
N ASN A 348 10.41 11.79 -23.52
CA ASN A 348 10.41 12.96 -22.65
C ASN A 348 11.04 12.64 -21.30
N ARG A 349 10.71 11.49 -20.74
CA ARG A 349 11.25 11.05 -19.45
C ARG A 349 11.86 9.67 -19.64
N PRO A 350 13.19 9.53 -19.54
CA PRO A 350 13.78 8.19 -19.68
C PRO A 350 13.33 7.20 -18.62
N ASN A 351 13.00 7.68 -17.42
CA ASN A 351 12.61 6.78 -16.34
C ASN A 351 11.29 6.10 -16.65
N SER A 352 10.41 6.75 -17.42
CA SER A 352 9.14 6.14 -17.78
C SER A 352 9.34 4.90 -18.63
N ILE A 353 10.44 4.85 -19.39
CA ILE A 353 10.75 3.66 -20.18
C ILE A 353 11.11 2.51 -19.25
N ASP A 354 10.63 1.33 -19.59
CA ASP A 354 10.93 0.14 -18.79
C ASP A 354 12.43 -0.12 -18.79
N PRO A 355 13.03 -0.43 -17.63
CA PRO A 355 14.48 -0.68 -17.60
C PRO A 355 14.93 -1.85 -18.45
N ALA A 356 14.02 -2.77 -18.79
CA ALA A 356 14.39 -3.88 -19.67
C ALA A 356 14.81 -3.37 -21.03
N LEU A 357 14.12 -2.36 -21.55
CA LEU A 357 14.54 -1.74 -22.82
C LEU A 357 15.90 -1.07 -22.69
N ARG A 358 16.26 -0.64 -21.47
CA ARG A 358 17.50 0.08 -21.24
C ARG A 358 18.60 -0.80 -20.68
N ARG A 359 18.38 -2.12 -20.61
CA ARG A 359 19.44 -3.02 -20.17
C ARG A 359 20.58 -3.04 -21.18
N PHE A 360 21.77 -3.39 -20.70
CA PHE A 360 22.94 -3.43 -21.58
C PHE A 360 22.69 -4.37 -22.74
N GLY A 361 23.02 -3.91 -23.94
CA GLY A 361 22.70 -4.59 -25.17
C GLY A 361 21.40 -4.14 -25.82
N ARG A 362 20.64 -3.28 -25.15
CA ARG A 362 19.43 -2.69 -25.71
C ARG A 362 19.38 -1.23 -25.31
N PHE A 363 19.42 -0.33 -26.30
CA PHE A 363 19.45 1.11 -26.05
C PHE A 363 20.58 1.47 -25.09
N ASP A 364 21.72 0.82 -25.27
CA ASP A 364 22.83 0.96 -24.34
C ASP A 364 23.39 2.37 -24.33
N ARG A 365 23.54 2.99 -25.50
CA ARG A 365 24.10 4.33 -25.55
C ARG A 365 23.00 5.35 -25.29
N GLU A 366 23.24 6.24 -24.33
CA GLU A 366 22.20 7.10 -23.77
C GLU A 366 22.60 8.54 -23.98
N VAL A 367 21.73 9.31 -24.63
CA VAL A 367 22.06 10.67 -25.09
C VAL A 367 21.09 11.65 -24.46
N ASP A 368 21.62 12.75 -23.93
CA ASP A 368 20.83 13.81 -23.33
C ASP A 368 20.77 15.02 -24.24
N ILE A 369 19.58 15.59 -24.42
CA ILE A 369 19.39 16.81 -25.18
C ILE A 369 18.84 17.87 -24.24
N GLY A 370 19.60 18.95 -24.05
CA GLY A 370 19.20 20.01 -23.16
C GLY A 370 18.55 21.18 -23.87
N ILE A 371 18.34 22.25 -23.11
CA ILE A 371 17.78 23.49 -23.63
C ILE A 371 18.79 24.12 -24.59
N PRO A 372 18.37 24.56 -25.77
CA PRO A 372 19.31 25.17 -26.72
C PRO A 372 19.97 26.42 -26.15
N ASP A 373 21.21 26.66 -26.55
CA ASP A 373 21.98 27.80 -26.06
C ASP A 373 21.53 29.08 -26.75
N ALA A 374 22.11 30.20 -26.30
CA ALA A 374 21.72 31.51 -26.82
C ALA A 374 22.03 31.65 -28.30
N THR A 375 23.24 31.25 -28.72
CA THR A 375 23.58 31.29 -30.14
C THR A 375 22.73 30.28 -30.92
N GLY A 376 22.54 29.10 -30.36
CA GLY A 376 21.65 28.13 -30.98
C GLY A 376 20.23 28.65 -31.06
N ARG A 377 19.77 29.36 -30.03
CA ARG A 377 18.44 29.94 -30.06
C ARG A 377 18.32 31.02 -31.13
N LEU A 378 19.38 31.81 -31.31
CA LEU A 378 19.42 32.79 -32.39
C LEU A 378 19.32 32.10 -33.75
N GLU A 379 20.04 30.99 -33.92
CA GLU A 379 19.94 30.22 -35.16
C GLU A 379 18.54 29.67 -35.36
N ILE A 380 17.90 29.21 -34.28
CA ILE A 380 16.53 28.72 -34.36
C ILE A 380 15.58 29.84 -34.81
N LEU A 381 15.75 31.03 -34.25
CA LEU A 381 14.95 32.17 -34.68
C LEU A 381 15.17 32.47 -36.16
N GLN A 382 16.43 32.50 -36.60
CA GLN A 382 16.71 32.82 -38.00
C GLN A 382 16.10 31.79 -38.94
N ILE A 383 16.19 30.51 -38.58
CA ILE A 383 15.61 29.46 -39.42
C ILE A 383 14.09 29.55 -39.41
N HIS A 384 13.50 29.81 -38.25
CA HIS A 384 12.05 29.95 -38.17
C HIS A 384 11.56 31.17 -38.96
N THR A 385 12.29 32.28 -38.89
CA THR A 385 11.85 33.52 -39.52
C THR A 385 12.26 33.61 -40.99
N LYS A 386 12.93 32.59 -41.52
CA LYS A 386 13.33 32.64 -42.92
C LYS A 386 12.12 32.67 -43.85
N ASN A 387 11.09 31.87 -43.55
CA ASN A 387 9.85 31.96 -44.31
C ASN A 387 9.06 33.20 -43.93
N MET A 388 9.28 33.74 -42.74
CA MET A 388 8.63 34.97 -42.33
C MET A 388 9.11 36.15 -43.16
N LYS A 389 8.17 37.02 -43.52
CA LYS A 389 8.54 38.35 -43.97
C LYS A 389 8.84 39.21 -42.76
N LEU A 390 10.06 39.70 -42.66
CA LEU A 390 10.58 40.29 -41.43
C LEU A 390 10.94 41.74 -41.67
N ALA A 391 10.67 42.59 -40.68
CA ALA A 391 11.00 44.00 -40.78
C ALA A 391 12.50 44.21 -40.57
N ASP A 392 12.97 45.39 -40.97
CA ASP A 392 14.39 45.69 -40.86
C ASP A 392 14.78 46.04 -39.43
N ASP A 393 13.88 46.70 -38.69
CA ASP A 393 14.24 47.21 -37.37
C ASP A 393 14.43 46.09 -36.36
N VAL A 394 13.64 45.01 -36.48
CA VAL A 394 13.67 43.96 -35.48
C VAL A 394 14.99 43.20 -35.55
N ASP A 395 15.53 42.87 -34.37
CA ASP A 395 16.79 42.13 -34.25
C ASP A 395 16.51 40.83 -33.50
N LEU A 396 17.01 39.72 -34.05
CA LEU A 396 16.80 38.43 -33.40
C LEU A 396 17.79 38.21 -32.26
N GLU A 397 18.92 38.91 -32.29
CA GLU A 397 19.94 38.70 -31.26
C GLU A 397 19.45 39.13 -29.88
N GLN A 398 18.83 40.31 -29.80
CA GLN A 398 18.30 40.76 -28.51
C GLN A 398 17.15 39.89 -28.03
N VAL A 399 16.34 39.38 -28.97
CA VAL A 399 15.28 38.44 -28.61
C VAL A 399 15.89 37.18 -28.01
N ALA A 400 16.99 36.70 -28.61
CA ALA A 400 17.68 35.53 -28.06
C ALA A 400 18.23 35.81 -26.67
N ASN A 401 18.81 37.01 -26.48
CA ASN A 401 19.33 37.36 -25.16
C ASN A 401 18.22 37.39 -24.11
N GLU A 402 17.08 37.98 -24.44
CA GLU A 402 15.99 38.06 -23.49
C GLU A 402 15.43 36.66 -23.19
N THR A 403 15.31 35.83 -24.21
CA THR A 403 14.81 34.45 -24.05
C THR A 403 15.96 33.56 -23.57
N HIS A 404 16.16 33.58 -22.25
CA HIS A 404 17.27 32.83 -21.66
C HIS A 404 16.96 31.34 -21.57
N GLY A 405 15.71 30.98 -21.29
CA GLY A 405 15.34 29.60 -21.03
C GLY A 405 14.21 29.03 -21.86
N HIS A 406 13.69 29.77 -22.83
CA HIS A 406 12.60 29.27 -23.66
C HIS A 406 13.09 28.14 -24.57
N VAL A 407 12.25 27.12 -24.74
CA VAL A 407 12.57 25.93 -25.52
C VAL A 407 12.23 26.21 -26.99
N GLY A 408 12.87 25.50 -27.92
CA GLY A 408 12.69 25.79 -29.33
C GLY A 408 11.23 25.79 -29.76
N ALA A 409 10.43 24.88 -29.19
CA ALA A 409 8.99 24.92 -29.44
C ALA A 409 8.39 26.21 -28.89
N ASP A 410 8.84 26.63 -27.71
CA ASP A 410 8.39 27.91 -27.16
C ASP A 410 8.85 29.07 -28.04
N LEU A 411 10.02 28.95 -28.66
CA LEU A 411 10.47 29.99 -29.59
C LEU A 411 9.57 30.05 -30.82
N ALA A 412 9.17 28.89 -31.35
CA ALA A 412 8.25 28.87 -32.47
C ALA A 412 6.90 29.48 -32.09
N ALA A 413 6.42 29.16 -30.88
CA ALA A 413 5.19 29.77 -30.39
C ALA A 413 5.35 31.27 -30.25
N LEU A 414 6.53 31.72 -29.81
CA LEU A 414 6.82 33.15 -29.73
C LEU A 414 6.74 33.81 -31.09
N CYS A 415 7.32 33.18 -32.11
CA CYS A 415 7.27 33.74 -33.46
C CYS A 415 5.83 33.80 -33.97
N SER A 416 5.05 32.74 -33.74
CA SER A 416 3.66 32.74 -34.16
C SER A 416 2.86 33.81 -33.44
N GLU A 417 3.10 34.00 -32.13
CA GLU A 417 2.41 35.02 -31.38
C GLU A 417 2.78 36.42 -31.87
N ALA A 418 4.04 36.63 -32.22
CA ALA A 418 4.45 37.91 -32.80
C ALA A 418 3.78 38.15 -34.14
N ALA A 419 3.65 37.10 -34.96
CA ALA A 419 2.94 37.24 -36.23
C ALA A 419 1.48 37.60 -36.01
N LEU A 420 0.82 36.96 -35.04
CA LEU A 420 -0.56 37.29 -34.74
C LEU A 420 -0.69 38.70 -34.18
N GLN A 421 0.30 39.16 -33.43
CA GLN A 421 0.31 40.54 -32.97
C GLN A 421 0.44 41.51 -34.13
N ALA A 422 1.27 41.17 -35.12
CA ALA A 422 1.34 41.99 -36.34
C ALA A 422 -0.01 42.02 -37.05
N ILE A 423 -0.69 40.86 -37.10
CA ILE A 423 -2.03 40.82 -37.69
C ILE A 423 -2.97 41.75 -36.93
N ARG A 424 -2.91 41.71 -35.60
CA ARG A 424 -3.76 42.58 -34.79
C ARG A 424 -3.46 44.05 -35.05
N LYS A 425 -2.18 44.38 -35.20
CA LYS A 425 -1.80 45.75 -35.53
C LYS A 425 -2.35 46.16 -36.89
N LYS A 426 -2.40 45.22 -37.83
CA LYS A 426 -2.86 45.48 -39.19
C LYS A 426 -4.36 45.25 -39.39
N MET A 427 -5.11 44.93 -38.32
CA MET A 427 -6.55 44.72 -38.47
C MET A 427 -7.25 45.97 -38.97
N ASP A 428 -6.86 47.15 -38.49
CA ASP A 428 -7.54 48.37 -38.89
C ASP A 428 -7.35 48.66 -40.38
N LEU A 429 -6.14 48.45 -40.90
CA LEU A 429 -5.88 48.70 -42.31
C LEU A 429 -6.69 47.75 -43.19
N ILE A 430 -6.77 46.48 -42.81
CA ILE A 430 -7.58 45.53 -43.54
C ILE A 430 -9.05 45.67 -43.13
N ASP A 431 -9.92 45.06 -43.92
CA ASP A 431 -11.36 45.06 -43.65
C ASP A 431 -11.75 43.62 -43.33
N LEU A 432 -11.95 43.34 -42.03
CA LEU A 432 -12.27 41.97 -41.62
C LEU A 432 -13.60 41.52 -42.19
N GLU A 433 -14.52 42.46 -42.43
CA GLU A 433 -15.84 42.11 -42.94
C GLU A 433 -15.77 41.67 -44.40
N ASP A 434 -14.78 42.15 -45.14
CA ASP A 434 -14.67 41.83 -46.55
C ASP A 434 -14.33 40.36 -46.75
N GLU A 435 -14.92 39.75 -47.78
CA GLU A 435 -14.66 38.33 -48.05
C GLU A 435 -13.26 38.11 -48.59
N THR A 436 -12.72 39.10 -49.31
CA THR A 436 -11.38 39.01 -49.88
C THR A 436 -10.52 40.13 -49.29
N ILE A 437 -9.34 39.76 -48.80
CA ILE A 437 -8.44 40.75 -48.22
C ILE A 437 -7.58 41.37 -49.32
N ASP A 438 -7.11 42.59 -49.10
CA ASP A 438 -6.30 43.30 -50.07
C ASP A 438 -4.91 42.68 -50.15
N ALA A 439 -4.43 42.45 -51.37
CA ALA A 439 -3.10 41.87 -51.55
C ALA A 439 -2.00 42.87 -51.24
N GLU A 440 -2.26 44.16 -51.49
CA GLU A 440 -1.26 45.19 -51.20
C GLU A 440 -0.94 45.25 -49.72
N VAL A 441 -1.97 45.24 -48.87
CA VAL A 441 -1.75 45.25 -47.43
C VAL A 441 -1.09 43.94 -46.99
N MET A 442 -1.44 42.83 -47.64
CA MET A 442 -0.87 41.54 -47.28
C MET A 442 0.63 41.49 -47.55
N ASN A 443 1.06 42.00 -48.71
CA ASN A 443 2.49 41.97 -49.02
C ASN A 443 3.25 43.05 -48.28
N SER A 444 2.61 44.20 -48.04
CA SER A 444 3.27 45.26 -47.26
C SER A 444 3.37 44.87 -45.78
N LEU A 445 2.67 43.82 -45.38
CA LEU A 445 2.71 43.37 -44.01
C LEU A 445 4.08 42.84 -43.63
N ALA A 446 4.55 43.20 -42.44
CA ALA A 446 5.82 42.72 -41.92
C ALA A 446 5.74 42.72 -40.40
N VAL A 447 6.58 41.89 -39.78
CA VAL A 447 6.59 41.74 -38.33
C VAL A 447 7.75 42.59 -37.78
N THR A 448 7.42 43.60 -36.97
CA THR A 448 8.39 44.52 -36.45
C THR A 448 8.88 44.09 -35.07
N MET A 449 9.74 44.93 -34.49
CA MET A 449 10.25 44.65 -33.14
C MET A 449 9.16 44.77 -32.09
N ASP A 450 8.15 45.61 -32.34
CA ASP A 450 7.07 45.76 -31.38
C ASP A 450 6.30 44.46 -31.21
N ASP A 451 6.05 43.76 -32.32
CA ASP A 451 5.36 42.48 -32.25
C ASP A 451 6.17 41.46 -31.44
N PHE A 452 7.49 41.40 -31.68
CA PHE A 452 8.33 40.51 -30.91
C PHE A 452 8.32 40.86 -29.42
N ARG A 453 8.36 42.16 -29.10
CA ARG A 453 8.32 42.57 -27.70
C ARG A 453 6.99 42.18 -27.04
N TRP A 454 5.88 42.38 -27.75
CA TRP A 454 4.59 41.96 -27.22
C TRP A 454 4.54 40.46 -26.99
N ALA A 455 5.06 39.68 -27.94
CA ALA A 455 5.11 38.23 -27.77
C ALA A 455 5.98 37.84 -26.58
N LEU A 456 7.14 38.50 -26.42
CA LEU A 456 8.01 38.22 -25.29
C LEU A 456 7.31 38.50 -23.97
N SER A 457 6.58 39.61 -23.90
CA SER A 457 5.81 39.91 -22.70
C SER A 457 4.75 38.82 -22.45
N GLN A 458 4.05 38.41 -23.51
CA GLN A 458 3.02 37.39 -23.34
C GLN A 458 3.61 36.00 -23.10
N SER A 459 4.62 35.63 -23.87
CA SER A 459 5.18 34.28 -23.77
C SER A 459 5.96 34.10 -22.48
N ASN A 460 6.00 32.86 -22.00
CA ASN A 460 6.72 32.49 -20.79
C ASN A 460 7.60 31.28 -21.06
N PRO A 461 8.72 31.11 -20.33
CA PRO A 461 9.60 29.95 -20.48
C PRO A 461 8.88 28.62 -20.18
N VAL A 471 25.70 34.93 -9.03
CA VAL A 471 26.65 36.01 -8.87
C VAL A 471 26.08 37.09 -7.94
N PRO A 472 26.90 37.58 -7.01
CA PRO A 472 26.44 38.63 -6.09
C PRO A 472 26.19 39.93 -6.84
N GLN A 473 25.27 40.73 -6.29
CA GLN A 473 24.96 42.01 -6.93
C GLN A 473 25.93 43.10 -6.48
N VAL A 474 26.64 42.86 -5.38
CA VAL A 474 27.58 43.86 -4.88
C VAL A 474 28.75 43.99 -5.84
N THR A 475 28.99 45.22 -6.28
CA THR A 475 30.19 45.55 -7.05
C THR A 475 31.17 46.25 -6.14
N TRP A 476 32.42 46.29 -6.57
CA TRP A 476 33.49 46.74 -5.66
C TRP A 476 33.41 48.23 -5.40
N GLU A 477 32.78 48.98 -6.31
CA GLU A 477 32.61 50.41 -6.08
C GLU A 477 31.70 50.67 -4.88
N ASP A 478 30.84 49.71 -4.55
CA ASP A 478 30.01 49.84 -3.36
C ASP A 478 30.86 49.89 -2.10
N ILE A 479 31.91 49.08 -2.04
CA ILE A 479 32.77 49.04 -0.86
C ILE A 479 33.66 50.28 -0.85
N GLY A 480 33.87 50.84 0.34
CA GLY A 480 34.72 52.00 0.50
C GLY A 480 36.00 51.74 1.27
N GLY A 481 37.15 51.87 0.60
CA GLY A 481 38.44 51.63 1.22
C GLY A 481 38.88 50.18 1.11
N LEU A 482 39.80 49.82 2.01
CA LEU A 482 40.40 48.48 2.04
C LEU A 482 41.05 48.13 0.71
N GLU A 483 41.89 49.05 0.21
CA GLU A 483 42.53 48.85 -1.09
C GLU A 483 43.62 47.77 -1.00
N ASP A 484 44.31 47.67 0.13
CA ASP A 484 45.23 46.56 0.33
C ASP A 484 44.49 45.23 0.36
N VAL A 485 43.40 45.17 1.12
CA VAL A 485 42.54 43.98 1.13
C VAL A 485 41.98 43.75 -0.26
N LYS A 486 41.65 44.84 -0.97
CA LYS A 486 41.26 44.72 -2.38
C LYS A 486 42.29 43.93 -3.17
N ARG A 487 43.49 44.48 -3.33
CA ARG A 487 44.50 43.88 -4.21
C ARG A 487 44.84 42.46 -3.74
N GLU A 488 44.81 42.23 -2.42
CA GLU A 488 44.98 40.86 -1.93
C GLU A 488 43.89 39.94 -2.46
N LEU A 489 42.64 40.40 -2.43
CA LEU A 489 41.53 39.56 -2.90
C LEU A 489 41.61 39.29 -4.40
N GLN A 490 41.90 40.32 -5.21
CA GLN A 490 42.06 40.04 -6.64
C GLN A 490 43.19 39.05 -6.88
N GLU A 491 44.39 39.33 -6.34
CA GLU A 491 45.52 38.43 -6.57
C GLU A 491 45.21 37.02 -6.11
N LEU A 492 44.44 36.87 -5.02
CA LEU A 492 44.16 35.55 -4.51
C LEU A 492 43.17 34.79 -5.38
N VAL A 493 42.07 35.44 -5.79
CA VAL A 493 40.92 34.76 -6.35
C VAL A 493 40.79 35.01 -7.84
N GLN A 494 40.81 36.28 -8.26
CA GLN A 494 40.62 36.61 -9.66
C GLN A 494 41.82 36.22 -10.50
N TYR A 495 43.02 36.35 -9.96
CA TYR A 495 44.22 36.24 -10.78
C TYR A 495 44.45 34.86 -11.38
N PRO A 496 44.36 33.75 -10.63
CA PRO A 496 44.77 32.45 -11.23
C PRO A 496 43.94 32.04 -12.44
N VAL A 497 42.65 32.34 -12.45
CA VAL A 497 41.84 31.98 -13.61
C VAL A 497 42.21 32.83 -14.82
N GLU A 498 42.68 34.05 -14.57
CA GLU A 498 43.09 34.92 -15.68
C GLU A 498 44.33 34.38 -16.38
N HIS A 499 45.28 33.84 -15.62
CA HIS A 499 46.52 33.30 -16.17
C HIS A 499 46.79 31.91 -15.61
N PRO A 500 46.01 30.91 -16.06
CA PRO A 500 46.34 29.52 -15.67
C PRO A 500 47.69 29.07 -16.21
N ASP A 501 48.09 29.58 -17.37
CA ASP A 501 49.37 29.19 -17.96
C ASP A 501 50.53 29.64 -17.09
N LYS A 502 50.43 30.83 -16.50
CA LYS A 502 51.49 31.30 -15.60
C LYS A 502 51.61 30.40 -14.38
N PHE A 503 50.47 29.98 -13.81
CA PHE A 503 50.52 29.08 -12.66
C PHE A 503 51.10 27.72 -13.03
N LEU A 504 50.73 27.20 -14.21
CA LEU A 504 51.30 25.94 -14.66
C LEU A 504 52.81 26.05 -14.86
N LYS A 505 53.27 27.18 -15.43
CA LYS A 505 54.70 27.42 -15.57
C LYS A 505 55.38 27.46 -14.21
N PHE A 506 54.78 28.15 -13.24
CA PHE A 506 55.35 28.17 -11.89
C PHE A 506 55.08 26.86 -11.17
N GLY A 507 53.99 26.18 -11.52
CA GLY A 507 53.69 24.88 -10.95
C GLY A 507 53.02 24.91 -9.59
N MET A 508 52.54 26.06 -9.13
CA MET A 508 51.93 26.20 -7.82
C MET A 508 50.42 26.28 -7.94
N THR A 509 49.72 25.40 -7.22
CA THR A 509 48.26 25.44 -7.20
C THR A 509 47.79 26.65 -6.40
N PRO A 510 46.69 27.29 -6.80
CA PRO A 510 46.20 28.45 -6.05
C PRO A 510 45.57 28.03 -4.73
N SER A 511 45.74 28.91 -3.74
CA SER A 511 45.13 28.70 -2.43
C SER A 511 43.64 29.01 -2.50
N LYS A 512 42.84 28.30 -1.70
CA LYS A 512 41.40 28.45 -1.73
C LYS A 512 40.83 28.93 -0.39
N GLY A 513 41.67 29.33 0.55
CA GLY A 513 41.18 29.69 1.87
C GLY A 513 41.55 31.08 2.34
N VAL A 514 40.55 31.86 2.73
CA VAL A 514 40.74 33.19 3.29
C VAL A 514 39.91 33.31 4.56
N LEU A 515 40.50 33.85 5.62
CA LEU A 515 39.81 34.11 6.87
C LEU A 515 39.79 35.61 7.14
N PHE A 516 38.60 36.14 7.43
CA PHE A 516 38.42 37.53 7.80
C PHE A 516 38.00 37.61 9.25
N TYR A 517 38.74 38.36 10.06
CA TYR A 517 38.38 38.58 11.46
C TYR A 517 38.42 40.07 11.74
N GLY A 518 37.35 40.58 12.35
CA GLY A 518 37.26 41.99 12.67
C GLY A 518 35.97 42.33 13.41
N PRO A 519 35.83 43.59 13.78
CA PRO A 519 34.61 44.03 14.47
C PRO A 519 33.40 43.88 13.58
N PRO A 520 32.22 43.65 14.15
CA PRO A 520 31.02 43.43 13.33
C PRO A 520 30.65 44.65 12.52
N GLY A 521 30.09 44.41 11.34
CA GLY A 521 29.60 45.49 10.50
C GLY A 521 30.66 46.18 9.66
N CYS A 522 31.79 45.53 9.39
CA CYS A 522 32.87 46.14 8.65
C CYS A 522 32.93 45.70 7.19
N GLY A 523 31.91 45.03 6.69
CA GLY A 523 31.86 44.70 5.27
C GLY A 523 32.59 43.44 4.87
N LYS A 524 32.81 42.51 5.80
CA LYS A 524 33.43 41.24 5.44
C LYS A 524 32.56 40.45 4.45
N THR A 525 31.27 40.37 4.74
CA THR A 525 30.33 39.78 3.79
C THR A 525 30.32 40.57 2.49
N LEU A 526 30.43 41.90 2.58
CA LEU A 526 30.52 42.72 1.39
C LEU A 526 31.77 42.39 0.58
N LEU A 527 32.90 42.17 1.26
CA LEU A 527 34.13 41.80 0.55
C LEU A 527 33.98 40.45 -0.15
N ALA A 528 33.39 39.47 0.53
CA ALA A 528 33.19 38.17 -0.09
C ALA A 528 32.25 38.27 -1.30
N LYS A 529 31.16 39.01 -1.16
CA LYS A 529 30.26 39.21 -2.29
C LYS A 529 30.96 39.91 -3.43
N ALA A 530 31.80 40.89 -3.11
CA ALA A 530 32.51 41.64 -4.13
C ALA A 530 33.47 40.74 -4.91
N ILE A 531 34.23 39.91 -4.21
CA ILE A 531 35.17 39.03 -4.91
C ILE A 531 34.41 37.99 -5.74
N ALA A 532 33.31 37.45 -5.23
CA ALA A 532 32.54 36.48 -6.00
C ALA A 532 31.91 37.13 -7.23
N ASN A 533 31.45 38.38 -7.09
CA ASN A 533 30.91 39.11 -8.23
C ASN A 533 31.98 39.38 -9.27
N GLU A 534 33.17 39.79 -8.84
CA GLU A 534 34.24 40.07 -9.78
C GLU A 534 34.62 38.81 -10.56
N CYS A 535 34.71 37.66 -9.87
CA CYS A 535 35.08 36.44 -10.57
C CYS A 535 33.89 35.79 -11.27
N GLN A 536 32.69 36.35 -11.11
CA GLN A 536 31.50 35.91 -11.83
C GLN A 536 31.23 34.42 -11.60
N ALA A 537 31.11 34.04 -10.33
CA ALA A 537 30.86 32.65 -9.95
C ALA A 537 29.70 32.60 -8.95
N ASN A 538 29.15 31.41 -8.79
CA ASN A 538 28.05 31.22 -7.87
C ASN A 538 28.48 31.55 -6.44
N PHE A 539 27.56 32.13 -5.68
CA PHE A 539 27.82 32.52 -4.30
C PHE A 539 26.85 31.81 -3.38
N ILE A 540 27.39 31.06 -2.42
CA ILE A 540 26.60 30.39 -1.39
C ILE A 540 27.10 30.88 -0.04
N SER A 541 26.18 31.40 0.77
CA SER A 541 26.49 31.90 2.10
C SER A 541 25.73 31.07 3.14
N ILE A 542 26.45 30.59 4.15
CA ILE A 542 25.86 29.78 5.21
C ILE A 542 26.26 30.38 6.54
N LYS A 543 25.33 30.36 7.49
CA LYS A 543 25.56 30.87 8.84
C LYS A 543 25.99 29.72 9.74
N GLY A 544 26.78 30.04 10.76
CA GLY A 544 27.28 29.06 11.70
C GLY A 544 26.18 28.32 12.44
N PRO A 545 25.44 29.03 13.28
CA PRO A 545 24.39 28.35 14.08
C PRO A 545 23.26 27.76 13.25
N GLU A 546 23.13 28.12 11.98
CA GLU A 546 22.06 27.57 11.15
C GLU A 546 22.19 26.06 10.99
N LEU A 547 23.41 25.55 11.00
CA LEU A 547 23.68 24.14 10.72
C LEU A 547 23.75 23.27 11.97
N LEU A 548 23.64 23.86 13.16
CA LEU A 548 23.93 23.12 14.39
C LEU A 548 22.95 21.97 14.62
N THR A 549 21.65 22.26 14.58
CA THR A 549 20.59 21.28 14.79
C THR A 549 20.73 20.63 16.17
N MET A 550 19.82 19.74 16.55
CA MET A 550 19.89 19.06 17.84
C MET A 550 19.96 17.54 17.76
N TRP A 551 19.87 16.96 16.57
CA TRP A 551 19.91 15.51 16.44
C TRP A 551 21.35 15.01 16.36
N PHE A 552 21.50 13.69 16.39
CA PHE A 552 22.81 13.08 16.59
C PHE A 552 23.74 13.34 15.41
N GLY A 553 23.29 13.05 14.19
CA GLY A 553 24.16 13.15 13.05
C GLY A 553 23.81 14.26 12.07
N GLU A 554 22.78 15.05 12.43
CA GLU A 554 22.23 16.05 11.52
C GLU A 554 23.21 17.17 11.18
N SER A 555 24.00 17.62 12.16
CA SER A 555 24.90 18.74 11.93
C SER A 555 25.94 18.42 10.86
N GLU A 556 26.61 17.28 11.01
CA GLU A 556 27.62 16.87 10.03
C GLU A 556 26.98 16.57 8.69
N ALA A 557 25.75 16.07 8.69
CA ALA A 557 25.03 15.86 7.44
C ALA A 557 24.78 17.19 6.74
N ASN A 558 24.41 18.22 7.49
CA ASN A 558 24.21 19.54 6.88
C ASN A 558 25.51 20.11 6.33
N VAL A 559 26.61 19.93 7.07
CA VAL A 559 27.91 20.40 6.58
C VAL A 559 28.29 19.68 5.29
N ARG A 560 28.11 18.37 5.26
CA ARG A 560 28.39 17.61 4.04
C ARG A 560 27.49 18.06 2.90
N GLU A 561 26.22 18.37 3.20
CA GLU A 561 25.30 18.80 2.17
C GLU A 561 25.70 20.14 1.57
N ILE A 562 26.10 21.09 2.41
CA ILE A 562 26.49 22.41 1.88
C ILE A 562 27.78 22.30 1.08
N PHE A 563 28.71 21.44 1.52
CA PHE A 563 29.93 21.24 0.75
C PHE A 563 29.63 20.56 -0.60
N ASP A 564 28.71 19.61 -0.62
CA ASP A 564 28.31 18.99 -1.88
C ASP A 564 27.62 20.00 -2.80
N LYS A 565 26.81 20.90 -2.22
CA LYS A 565 26.19 21.95 -3.01
C LYS A 565 27.24 22.87 -3.61
N ALA A 566 28.27 23.20 -2.85
CA ALA A 566 29.39 23.96 -3.39
C ALA A 566 30.09 23.21 -4.50
N ARG A 567 30.21 21.88 -4.36
CA ARG A 567 30.78 21.06 -5.43
C ARG A 567 29.96 21.18 -6.70
N GLN A 568 28.63 21.09 -6.59
CA GLN A 568 27.78 21.11 -7.77
C GLN A 568 27.77 22.47 -8.44
N ALA A 569 27.89 23.54 -7.66
CA ALA A 569 27.88 24.90 -8.17
C ALA A 569 29.28 25.41 -8.52
N ALA A 570 30.23 24.50 -8.72
CA ALA A 570 31.58 24.92 -9.02
C ALA A 570 31.65 25.51 -10.43
N PRO A 571 32.40 26.60 -10.64
CA PRO A 571 33.15 27.33 -9.60
C PRO A 571 32.24 28.14 -8.68
N CYS A 572 32.58 28.18 -7.39
CA CYS A 572 31.73 28.81 -6.40
C CYS A 572 32.59 29.35 -5.26
N VAL A 573 32.01 30.28 -4.51
CA VAL A 573 32.63 30.83 -3.31
C VAL A 573 31.74 30.51 -2.13
N LEU A 574 32.29 29.83 -1.14
CA LEU A 574 31.57 29.41 0.06
C LEU A 574 31.95 30.32 1.21
N PHE A 575 30.96 31.00 1.78
CA PHE A 575 31.18 31.98 2.84
C PHE A 575 30.64 31.43 4.15
N PHE A 576 31.49 31.40 5.17
CA PHE A 576 31.12 30.90 6.50
C PHE A 576 31.07 32.06 7.46
N ASP A 577 29.86 32.57 7.72
CA ASP A 577 29.70 33.64 8.68
C ASP A 577 29.60 33.07 10.09
N GLN A 578 30.18 33.79 11.05
CA GLN A 578 30.27 33.35 12.43
C GLN A 578 30.94 31.98 12.53
N LEU A 579 32.16 31.91 12.00
CA LEU A 579 32.91 30.66 12.03
C LEU A 579 33.28 30.26 13.45
N ASP A 580 33.29 31.22 14.39
CA ASP A 580 33.64 30.91 15.76
C ASP A 580 32.60 29.98 16.39
N SER A 581 31.36 30.05 15.95
CA SER A 581 30.32 29.19 16.51
C SER A 581 30.47 27.76 16.01
N ILE A 582 30.77 27.60 14.72
CA ILE A 582 30.80 26.26 14.13
C ILE A 582 32.15 25.60 14.33
N ALA A 583 33.19 26.39 14.56
CA ALA A 583 34.55 25.88 14.78
C ALA A 583 35.10 26.44 16.07
N LYS A 584 35.49 25.56 16.99
CA LYS A 584 36.06 25.96 18.27
C LYS A 584 37.23 25.04 18.60
N ALA A 585 37.86 25.30 19.73
CA ALA A 585 38.91 24.42 20.22
C ALA A 585 38.29 23.11 20.68
N ARG A 586 38.72 22.01 20.06
CA ARG A 586 38.13 20.71 20.36
C ARG A 586 38.40 20.28 21.80
N GLY A 587 39.62 20.54 22.29
CA GLY A 587 39.97 20.11 23.63
C GLY A 587 39.20 20.83 24.71
N GLY A 588 38.94 22.13 24.51
CA GLY A 588 38.34 22.94 25.56
C GLY A 588 36.82 22.97 25.54
N ASN A 589 36.18 21.82 25.71
CA ASN A 589 34.72 21.76 25.84
C ASN A 589 34.35 20.48 26.55
N ILE A 590 33.89 20.61 27.80
CA ILE A 590 33.49 19.46 28.60
C ILE A 590 31.97 19.39 28.79
N GLY A 591 31.23 20.21 28.04
CA GLY A 591 29.78 20.21 28.18
C GLY A 591 29.12 19.07 27.44
N ASP A 592 27.78 19.08 27.48
CA ASP A 592 27.01 18.04 26.79
C ASP A 592 27.23 18.11 25.28
N GLY A 593 27.29 19.32 24.72
CA GLY A 593 27.47 19.50 23.31
C GLY A 593 28.91 19.54 22.82
N GLY A 594 29.87 19.25 23.70
CA GLY A 594 31.26 19.27 23.29
C GLY A 594 31.57 18.23 22.24
N GLY A 595 31.04 17.02 22.41
CA GLY A 595 31.26 15.97 21.43
C GLY A 595 30.69 16.31 20.06
N ALA A 596 29.48 16.86 20.04
CA ALA A 596 28.88 17.26 18.77
C ALA A 596 29.70 18.36 18.10
N ALA A 597 30.18 19.33 18.88
CA ALA A 597 31.02 20.38 18.31
C ALA A 597 32.30 19.80 17.73
N ASP A 598 32.94 18.87 18.45
CA ASP A 598 34.16 18.25 17.93
C ASP A 598 33.89 17.50 16.64
N ARG A 599 32.75 16.79 16.58
CA ARG A 599 32.41 16.06 15.37
C ARG A 599 32.16 17.01 14.20
N VAL A 600 31.53 18.15 14.46
CA VAL A 600 31.32 19.15 13.41
C VAL A 600 32.65 19.69 12.91
N ILE A 601 33.57 19.98 13.82
CA ILE A 601 34.88 20.48 13.40
C ILE A 601 35.61 19.43 12.56
N ASN A 602 35.55 18.16 12.98
CA ASN A 602 36.21 17.11 12.22
C ASN A 602 35.59 16.97 10.83
N GLN A 603 34.27 17.06 10.75
CA GLN A 603 33.60 16.99 9.45
C GLN A 603 34.02 18.15 8.56
N ILE A 604 34.14 19.35 9.12
CA ILE A 604 34.58 20.50 8.34
C ILE A 604 36.01 20.28 7.83
N LEU A 605 36.88 19.76 8.69
CA LEU A 605 38.27 19.50 8.27
C LEU A 605 38.33 18.49 7.14
N THR A 606 37.57 17.39 7.25
CA THR A 606 37.58 16.38 6.19
C THR A 606 36.99 16.93 4.90
N GLU A 607 35.95 17.76 5.01
CA GLU A 607 35.34 18.33 3.82
C GLU A 607 36.28 19.31 3.13
N MET A 608 37.06 20.07 3.91
CA MET A 608 38.05 20.95 3.29
C MET A 608 39.18 20.16 2.65
N ASP A 609 39.58 19.06 3.27
CA ASP A 609 40.56 18.17 2.62
C ASP A 609 40.01 17.64 1.30
N GLY A 610 38.71 17.36 1.26
CA GLY A 610 38.10 16.98 -0.01
C GLY A 610 38.09 18.11 -1.02
N MET A 611 37.77 19.33 -0.56
CA MET A 611 37.80 20.51 -1.42
C MET A 611 39.17 20.80 -1.98
N SER A 612 40.23 20.36 -1.31
CA SER A 612 41.58 20.58 -1.80
C SER A 612 41.76 20.03 -3.22
N THR A 613 41.01 18.98 -3.56
CA THR A 613 41.08 18.43 -4.91
C THR A 613 40.58 19.42 -5.95
N LYS A 614 39.48 20.12 -5.65
CA LYS A 614 38.85 21.03 -6.61
C LYS A 614 39.45 22.42 -6.45
N LYS A 615 40.17 22.88 -7.49
CA LYS A 615 40.78 24.20 -7.44
C LYS A 615 39.72 25.30 -7.50
N ASN A 616 38.67 25.10 -8.31
CA ASN A 616 37.72 26.18 -8.59
C ASN A 616 36.94 26.60 -7.36
N VAL A 617 36.59 25.65 -6.49
CA VAL A 617 35.81 25.99 -5.31
C VAL A 617 36.67 26.78 -4.34
N PHE A 618 36.13 27.91 -3.86
CA PHE A 618 36.85 28.80 -2.95
C PHE A 618 36.07 28.88 -1.64
N ILE A 619 36.80 28.90 -0.53
CA ILE A 619 36.20 28.95 0.81
C ILE A 619 36.67 30.21 1.51
N ILE A 620 35.72 30.98 2.03
CA ILE A 620 36.00 32.20 2.79
C ILE A 620 35.29 32.10 4.14
N GLY A 621 36.02 32.39 5.21
CA GLY A 621 35.45 32.33 6.54
C GLY A 621 35.56 33.65 7.28
N ALA A 622 34.49 34.06 7.94
CA ALA A 622 34.44 35.30 8.68
C ALA A 622 34.06 35.02 10.13
N THR A 623 34.83 35.57 11.06
CA THR A 623 34.58 35.41 12.49
C THR A 623 34.72 36.74 13.19
N ASN A 624 33.90 36.98 14.21
CA ASN A 624 34.04 38.18 15.02
C ASN A 624 35.26 38.08 15.93
N ARG A 625 35.45 36.94 16.58
CA ARG A 625 36.59 36.72 17.46
C ARG A 625 37.34 35.47 17.02
N PRO A 626 38.61 35.59 16.61
CA PRO A 626 39.37 34.42 16.14
C PRO A 626 40.20 33.73 17.22
N ASP A 627 40.08 34.13 18.48
CA ASP A 627 40.91 33.53 19.54
C ASP A 627 40.52 32.08 19.78
N ILE A 628 39.24 31.74 19.64
CA ILE A 628 38.77 30.38 19.93
C ILE A 628 38.78 29.48 18.71
N ILE A 629 39.24 29.96 17.55
CA ILE A 629 39.23 29.15 16.34
C ILE A 629 40.21 28.00 16.49
N ASP A 630 39.79 26.82 16.00
CA ASP A 630 40.64 25.64 16.08
C ASP A 630 41.90 25.85 15.26
N PRO A 631 43.08 25.60 15.84
CA PRO A 631 44.32 25.76 15.07
C PRO A 631 44.40 24.90 13.83
N ALA A 632 43.73 23.74 13.81
CA ALA A 632 43.74 22.90 12.61
C ALA A 632 43.03 23.59 11.45
N ILE A 633 42.03 24.43 11.75
CA ILE A 633 41.38 25.23 10.72
C ILE A 633 42.39 26.21 10.11
N LEU A 634 43.27 26.76 10.95
CA LEU A 634 44.17 27.82 10.50
C LEU A 634 45.38 27.24 9.78
N ARG A 635 45.46 25.92 9.68
CA ARG A 635 46.59 25.28 9.02
C ARG A 635 46.62 25.67 7.54
N PRO A 636 47.80 25.85 6.96
CA PRO A 636 47.89 26.10 5.51
C PRO A 636 47.27 24.94 4.73
N GLY A 637 46.60 25.30 3.64
CA GLY A 637 45.84 24.35 2.86
C GLY A 637 44.35 24.37 3.11
N ARG A 638 43.91 24.93 4.24
CA ARG A 638 42.49 25.10 4.52
C ARG A 638 42.09 26.57 4.57
N LEU A 639 42.69 27.35 5.47
CA LEU A 639 42.43 28.78 5.61
C LEU A 639 43.76 29.52 5.77
N ASP A 640 44.71 29.22 4.87
CA ASP A 640 46.07 29.71 5.04
C ASP A 640 46.14 31.22 5.05
N GLN A 641 45.37 31.89 4.21
CA GLN A 641 45.40 33.34 4.09
C GLN A 641 44.53 33.96 5.17
N LEU A 642 45.16 34.67 6.10
CA LEU A 642 44.46 35.40 7.15
C LEU A 642 44.56 36.90 6.87
N ILE A 643 43.41 37.54 6.73
CA ILE A 643 43.33 38.97 6.46
C ILE A 643 42.54 39.62 7.59
N TYR A 644 43.09 40.68 8.17
CA TYR A 644 42.46 41.39 9.27
C TYR A 644 41.72 42.62 8.73
N ILE A 645 40.46 42.75 9.11
CA ILE A 645 39.63 43.89 8.68
C ILE A 645 39.50 44.83 9.87
N PRO A 646 40.14 46.00 9.85
CA PRO A 646 40.01 46.93 10.96
C PRO A 646 38.89 47.95 10.76
N LEU A 647 38.75 48.81 11.77
CA LEU A 647 37.79 49.89 11.66
C LEU A 647 38.24 50.87 10.57
N PRO A 648 37.36 51.23 9.63
CA PRO A 648 37.77 52.08 8.51
C PRO A 648 38.32 53.43 8.95
N ASP A 649 39.34 53.91 8.25
CA ASP A 649 39.89 55.22 8.55
C ASP A 649 39.06 56.33 7.91
N GLU A 650 39.62 57.54 7.92
CA GLU A 650 38.86 58.70 7.46
C GLU A 650 38.52 58.61 5.97
N LYS A 651 39.50 58.30 5.13
CA LYS A 651 39.25 58.24 3.69
C LYS A 651 38.29 57.12 3.34
N SER A 652 38.48 55.95 3.95
CA SER A 652 37.54 54.84 3.74
C SER A 652 36.14 55.22 4.20
N ARG A 653 36.04 55.98 5.30
CA ARG A 653 34.73 56.39 5.78
C ARG A 653 34.07 57.39 4.84
N VAL A 654 34.85 58.29 4.26
CA VAL A 654 34.31 59.19 3.23
C VAL A 654 33.80 58.39 2.04
N ALA A 655 34.58 57.41 1.61
CA ALA A 655 34.15 56.56 0.49
C ALA A 655 32.87 55.79 0.83
N ILE A 656 32.78 55.29 2.06
CA ILE A 656 31.59 54.56 2.49
C ILE A 656 30.37 55.47 2.47
N LEU A 657 30.51 56.69 2.99
CA LEU A 657 29.38 57.63 2.97
C LEU A 657 28.97 57.98 1.55
N LYS A 658 29.95 58.19 0.66
CA LYS A 658 29.64 58.50 -0.72
C LYS A 658 28.90 57.34 -1.39
N ALA A 659 29.36 56.11 -1.14
CA ALA A 659 28.69 54.95 -1.71
C ALA A 659 27.26 54.81 -1.15
N ASN A 660 27.10 55.10 0.14
CA ASN A 660 25.77 55.04 0.75
C ASN A 660 24.81 56.03 0.11
N LEU A 661 25.28 57.25 -0.15
CA LEU A 661 24.41 58.25 -0.75
C LEU A 661 24.51 58.31 -2.28
N ARG A 662 25.15 57.32 -2.91
CA ARG A 662 25.12 57.25 -4.37
C ARG A 662 23.68 57.21 -4.89
N LYS A 663 22.78 56.57 -4.16
CA LYS A 663 21.37 56.49 -4.54
C LYS A 663 20.52 57.56 -3.87
N SER A 664 21.13 58.51 -3.17
CA SER A 664 20.40 59.52 -2.43
C SER A 664 20.70 60.91 -2.98
N PRO A 665 19.67 61.69 -3.33
CA PRO A 665 19.92 63.07 -3.79
C PRO A 665 20.26 63.99 -2.63
N VAL A 666 21.53 63.98 -2.21
CA VAL A 666 22.00 64.73 -1.06
C VAL A 666 22.37 66.14 -1.51
N ALA A 667 21.99 67.14 -0.71
CA ALA A 667 22.29 68.52 -1.04
C ALA A 667 23.78 68.79 -0.92
N LYS A 668 24.24 69.79 -1.67
CA LYS A 668 25.67 70.12 -1.68
C LYS A 668 26.10 70.80 -0.39
N ASP A 669 25.16 71.41 0.34
CA ASP A 669 25.51 72.06 1.60
C ASP A 669 25.99 71.06 2.64
N VAL A 670 25.51 69.82 2.54
CA VAL A 670 25.98 68.77 3.44
C VAL A 670 27.39 68.35 3.03
N ASP A 671 28.30 68.37 3.98
CA ASP A 671 29.71 68.05 3.74
C ASP A 671 30.03 66.70 4.35
N LEU A 672 30.40 65.73 3.50
CA LEU A 672 30.71 64.39 3.97
C LEU A 672 32.01 64.36 4.76
N GLU A 673 32.91 65.31 4.49
CA GLU A 673 34.22 65.31 5.14
C GLU A 673 34.09 65.43 6.65
N PHE A 674 33.26 66.38 7.12
CA PHE A 674 33.11 66.56 8.56
C PHE A 674 32.33 65.41 9.17
N LEU A 675 31.29 64.93 8.49
CA LEU A 675 30.52 63.79 8.99
C LEU A 675 31.41 62.58 9.15
N ALA A 676 32.43 62.44 8.31
CA ALA A 676 33.35 61.31 8.43
C ALA A 676 34.36 61.54 9.55
N LYS A 677 35.00 62.72 9.56
CA LYS A 677 36.07 62.96 10.53
C LYS A 677 35.55 62.98 11.96
N MET A 678 34.27 63.33 12.14
CA MET A 678 33.74 63.43 13.50
C MET A 678 33.67 62.06 14.17
N THR A 679 33.20 61.03 13.44
CA THR A 679 33.04 59.69 14.01
C THR A 679 34.20 58.79 13.59
N ASN A 680 35.32 58.99 14.27
CA ASN A 680 36.52 58.22 13.96
C ASN A 680 36.33 56.75 14.30
N GLY A 681 35.65 56.45 15.40
CA GLY A 681 35.49 55.09 15.87
C GLY A 681 34.21 54.39 15.47
N PHE A 682 33.31 55.05 14.75
CA PHE A 682 32.07 54.42 14.33
C PHE A 682 32.33 53.43 13.19
N SER A 683 31.60 52.31 13.22
CA SER A 683 31.75 51.30 12.19
C SER A 683 30.94 51.67 10.95
N GLY A 684 31.18 50.92 9.86
CA GLY A 684 30.47 51.18 8.62
C GLY A 684 28.97 50.94 8.74
N ALA A 685 28.57 49.99 9.59
CA ALA A 685 27.16 49.74 9.80
C ALA A 685 26.46 50.96 10.37
N ASP A 686 27.11 51.65 11.31
CA ASP A 686 26.55 52.89 11.86
C ASP A 686 26.40 53.94 10.78
N LEU A 687 27.40 54.05 9.89
CA LEU A 687 27.31 55.01 8.79
C LEU A 687 26.14 54.70 7.87
N THR A 688 25.96 53.42 7.53
CA THR A 688 24.84 53.04 6.68
C THR A 688 23.50 53.33 7.36
N GLU A 689 23.40 53.04 8.66
CA GLU A 689 22.18 53.35 9.38
C GLU A 689 21.91 54.85 9.40
N ILE A 690 22.95 55.65 9.60
CA ILE A 690 22.78 57.11 9.60
C ILE A 690 22.31 57.60 8.24
N CYS A 691 22.91 57.08 7.17
CA CYS A 691 22.49 57.50 5.82
C CYS A 691 21.06 57.10 5.53
N GLN A 692 20.67 55.87 5.90
CA GLN A 692 19.29 55.44 5.71
C GLN A 692 18.33 56.32 6.49
N ARG A 693 18.70 56.66 7.73
CA ARG A 693 17.86 57.51 8.58
C ARG A 693 17.72 58.91 8.00
N ALA A 694 18.83 59.48 7.50
CA ALA A 694 18.77 60.80 6.89
C ALA A 694 17.91 60.79 5.64
N CYS A 695 18.02 59.74 4.82
CA CYS A 695 17.17 59.63 3.64
C CYS A 695 15.70 59.52 4.04
N LYS A 696 15.40 58.74 5.08
CA LYS A 696 14.02 58.61 5.54
C LYS A 696 13.48 59.94 6.07
N LEU A 697 14.33 60.71 6.75
CA LEU A 697 13.88 62.00 7.26
C LEU A 697 13.68 63.00 6.14
N ALA A 698 14.49 62.92 5.08
CA ALA A 698 14.23 63.70 3.88
C ALA A 698 12.89 63.29 3.26
N ILE A 699 12.63 61.98 3.24
CA ILE A 699 11.33 61.48 2.80
C ILE A 699 10.20 62.12 3.59
N ARG A 700 10.33 62.13 4.92
CA ARG A 700 9.26 62.67 5.76
C ARG A 700 9.07 64.16 5.53
N GLU A 701 10.19 64.89 5.38
CA GLU A 701 10.09 66.33 5.10
C GLU A 701 9.38 66.59 3.78
N SER A 702 9.73 65.83 2.73
CA SER A 702 9.03 65.98 1.46
C SER A 702 7.56 65.62 1.58
N ILE A 703 7.25 64.57 2.34
CA ILE A 703 5.87 64.17 2.57
C ILE A 703 5.08 65.31 3.18
N GLU A 704 5.60 65.88 4.26
CA GLU A 704 4.87 66.93 4.97
C GLU A 704 4.79 68.20 4.14
N SER A 705 5.83 68.51 3.35
CA SER A 705 5.77 69.69 2.50
C SER A 705 4.71 69.54 1.42
N GLU A 706 4.64 68.36 0.78
CA GLU A 706 3.64 68.15 -0.26
C GLU A 706 2.23 68.15 0.32
N ILE A 707 2.05 67.52 1.48
CA ILE A 707 0.73 67.50 2.13
C ILE A 707 0.32 68.91 2.52
N ARG A 708 1.26 69.71 3.04
CA ARG A 708 0.95 71.08 3.41
C ARG A 708 0.61 71.93 2.20
N ARG A 709 1.30 71.69 1.07
CA ARG A 709 0.96 72.38 -0.17
C ARG A 709 -0.45 72.04 -0.62
N GLU A 710 -0.81 70.75 -0.57
CA GLU A 710 -2.17 70.36 -0.93
C GLU A 710 -3.19 71.00 0.00
N ARG A 711 -2.88 71.04 1.31
CA ARG A 711 -3.81 71.64 2.27
C ARG A 711 -3.99 73.13 2.04
N GLU A 712 -2.89 73.85 1.77
CA GLU A 712 -2.99 75.29 1.59
C GLU A 712 -3.64 75.64 0.26
N ARG A 713 -3.49 74.77 -0.74
CA ARG A 713 -4.18 75.00 -2.01
C ARG A 713 -5.68 74.99 -1.84
N GLN A 714 -6.20 74.06 -1.03
CA GLN A 714 -7.63 73.99 -0.76
C GLN A 714 -7.99 74.88 0.43
N PRO A 727 9.88 73.17 -2.83
CA PRO A 727 9.66 72.32 -1.66
C PRO A 727 10.96 71.77 -1.06
N VAL A 728 11.11 70.45 -1.08
CA VAL A 728 12.30 69.80 -0.52
C VAL A 728 12.95 68.95 -1.60
N PRO A 729 13.83 69.50 -2.42
CA PRO A 729 14.49 68.68 -3.45
C PRO A 729 15.55 67.74 -2.88
N GLU A 730 16.24 68.16 -1.82
CA GLU A 730 17.36 67.40 -1.28
C GLU A 730 17.36 67.46 0.24
N ILE A 731 18.08 66.51 0.85
CA ILE A 731 18.14 66.42 2.30
C ILE A 731 18.91 67.61 2.87
N ARG A 732 18.40 68.18 3.95
CA ARG A 732 19.07 69.29 4.61
C ARG A 732 20.01 68.79 5.69
N ARG A 733 20.88 69.69 6.15
CA ARG A 733 21.80 69.35 7.23
C ARG A 733 21.10 69.17 8.56
N ASP A 734 19.99 69.91 8.77
CA ASP A 734 19.29 69.86 10.06
C ASP A 734 18.87 68.44 10.40
N HIS A 735 18.22 67.75 9.46
CA HIS A 735 17.85 66.36 9.67
C HIS A 735 19.07 65.50 9.92
N PHE A 736 20.20 65.85 9.28
CA PHE A 736 21.42 65.11 9.53
C PHE A 736 21.83 65.19 10.99
N GLU A 737 21.91 66.40 11.56
CA GLU A 737 22.39 66.47 12.94
C GLU A 737 21.35 65.91 13.91
N GLU A 738 20.06 66.09 13.64
CA GLU A 738 19.07 65.58 14.59
C GLU A 738 18.90 64.07 14.43
N ALA A 739 19.45 63.50 13.36
CA ALA A 739 19.52 62.04 13.27
C ALA A 739 20.81 61.51 13.89
N MET A 740 21.87 62.33 13.90
CA MET A 740 23.15 61.87 14.43
C MET A 740 23.05 61.50 15.90
N ARG A 741 22.23 62.23 16.66
CA ARG A 741 22.22 62.04 18.12
C ARG A 741 21.72 60.65 18.50
N PHE A 742 20.86 60.05 17.68
CA PHE A 742 20.33 58.73 18.01
C PHE A 742 21.38 57.65 17.78
N ALA A 743 22.34 57.91 16.89
CA ALA A 743 23.37 56.92 16.60
C ALA A 743 24.30 56.73 17.79
N ARG A 744 24.87 55.55 17.90
CA ARG A 744 25.78 55.21 19.00
C ARG A 744 26.93 54.38 18.47
N ARG A 745 28.00 54.32 19.27
CA ARG A 745 29.20 53.56 18.92
C ARG A 745 28.90 52.08 19.01
N SER A 746 29.02 51.38 17.87
CA SER A 746 28.66 49.96 17.84
C SER A 746 29.69 49.11 18.57
N VAL A 747 30.98 49.37 18.33
CA VAL A 747 32.06 48.52 18.84
C VAL A 747 32.83 49.29 19.90
N SER A 748 33.03 48.66 21.05
CA SER A 748 33.76 49.29 22.14
C SER A 748 35.26 49.20 21.91
N ASP A 749 36.02 49.82 22.81
CA ASP A 749 37.48 49.87 22.66
C ASP A 749 38.10 48.51 23.00
N ASN A 750 37.48 47.76 23.91
CA ASN A 750 38.05 46.48 24.33
C ASN A 750 38.06 45.46 23.19
N ASP A 751 37.02 45.46 22.35
CA ASP A 751 37.02 44.57 21.19
C ASP A 751 38.16 44.90 20.25
N ILE A 752 38.40 46.19 20.01
CA ILE A 752 39.54 46.61 19.20
C ILE A 752 40.85 46.18 19.84
N ARG A 753 40.97 46.29 21.16
CA ARG A 753 42.18 45.86 21.85
C ARG A 753 42.42 44.38 21.64
N LYS A 754 41.37 43.57 21.78
CA LYS A 754 41.50 42.12 21.58
C LYS A 754 41.91 41.80 20.14
N TYR A 755 41.28 42.45 19.17
CA TYR A 755 41.60 42.17 17.77
C TYR A 755 43.03 42.58 17.44
N GLU A 756 43.47 43.74 17.94
CA GLU A 756 44.85 44.17 17.70
C GLU A 756 45.85 43.26 18.40
N MET A 757 45.49 42.76 19.60
CA MET A 757 46.37 41.82 20.28
C MET A 757 46.51 40.53 19.49
N PHE A 758 45.40 40.02 18.95
CA PHE A 758 45.47 38.81 18.13
C PHE A 758 46.29 39.05 16.88
N ALA A 759 46.12 40.21 16.24
CA ALA A 759 46.92 40.53 15.06
C ALA A 759 48.41 40.62 15.40
N GLN A 760 48.72 41.22 16.56
CA GLN A 760 50.11 41.29 16.99
C GLN A 760 50.68 39.90 17.25
N THR A 761 49.89 39.00 17.81
CA THR A 761 50.33 37.63 18.00
C THR A 761 50.68 36.97 16.67
N LEU A 762 49.90 37.25 15.62
CA LEU A 762 50.22 36.77 14.29
C LEU A 762 51.42 37.48 13.68
N GLN A 763 51.58 38.78 13.95
CA GLN A 763 52.74 39.50 13.42
C GLN A 763 54.04 38.96 14.00
N GLN A 764 54.05 38.66 15.31
CA GLN A 764 55.24 38.08 15.91
C GLN A 764 55.49 36.66 15.40
N SER A 765 54.42 35.96 15.00
CA SER A 765 54.58 34.62 14.47
C SER A 765 55.32 34.63 13.14
N ARG A 766 55.13 35.68 12.34
CA ARG A 766 55.80 35.77 11.04
C ARG A 766 57.31 35.83 11.22
N GLY A 767 57.79 36.76 12.04
CA GLY A 767 59.18 36.93 12.39
C GLY A 767 60.09 36.96 11.20
N PHE A 768 61.33 36.51 11.41
CA PHE A 768 62.40 36.31 10.45
C PHE A 768 62.99 37.63 9.95
N GLY A 769 62.41 38.78 10.29
CA GLY A 769 62.91 40.04 9.76
C GLY A 769 62.91 40.02 8.24
N SER A 770 64.09 40.20 7.65
CA SER A 770 64.30 40.04 6.21
C SER A 770 65.22 38.85 6.02
N PHE A 771 64.68 37.77 5.46
CA PHE A 771 65.44 36.53 5.32
C PHE A 771 66.39 36.64 4.14
N ARG A 772 67.67 36.37 4.39
CA ARG A 772 68.73 36.51 3.39
C ARG A 772 69.53 35.21 3.32
N PHE A 773 69.70 34.70 2.11
CA PHE A 773 70.54 33.53 1.90
C PHE A 773 72.01 33.92 2.08
N PRO A 774 72.89 32.96 2.42
CA PRO A 774 74.30 33.30 2.56
C PRO A 774 74.91 33.69 1.22
N SER A 775 75.93 34.56 1.28
CA SER A 775 76.64 35.05 0.10
C SER A 775 75.68 35.72 -0.89
N LEU B 12 38.85 -33.98 -2.30
CA LEU B 12 37.79 -34.75 -2.92
C LEU B 12 36.69 -33.84 -3.46
N SER B 13 36.73 -32.56 -3.08
CA SER B 13 35.74 -31.61 -3.55
C SER B 13 35.90 -31.33 -5.04
N THR B 14 37.14 -31.29 -5.52
CA THR B 14 37.44 -31.05 -6.93
C THR B 14 37.61 -32.35 -7.72
N ALA B 15 36.94 -33.43 -7.30
CA ALA B 15 37.09 -34.71 -7.98
C ALA B 15 36.48 -34.67 -9.37
N ILE B 16 35.48 -33.81 -9.59
CA ILE B 16 34.82 -33.76 -10.89
C ILE B 16 35.66 -32.98 -11.89
N LEU B 17 36.50 -32.05 -11.42
CA LEU B 17 37.30 -31.24 -12.34
C LEU B 17 38.47 -32.05 -12.91
N LYS B 18 38.97 -33.02 -12.16
CA LYS B 18 40.14 -33.77 -12.58
C LYS B 18 39.83 -34.64 -13.80
N GLN B 19 40.86 -34.98 -14.56
CA GLN B 19 40.76 -35.88 -15.70
C GLN B 19 41.95 -36.81 -15.71
N LYS B 20 41.77 -37.99 -16.30
CA LYS B 20 42.80 -38.99 -16.40
C LYS B 20 42.88 -39.51 -17.83
N ASN B 21 44.06 -40.02 -18.18
CA ASN B 21 44.30 -40.51 -19.53
C ASN B 21 43.45 -41.74 -19.82
N ARG B 22 42.83 -41.76 -21.00
CA ARG B 22 42.06 -42.90 -21.46
C ARG B 22 42.42 -43.19 -22.91
N PRO B 23 42.30 -44.46 -23.35
CA PRO B 23 42.66 -44.79 -24.73
C PRO B 23 41.85 -44.03 -25.78
N ASN B 24 40.56 -43.76 -25.51
CA ASN B 24 39.73 -43.08 -26.49
C ASN B 24 40.05 -41.58 -26.55
N ARG B 25 40.52 -41.01 -25.45
CA ARG B 25 40.84 -39.59 -25.42
C ARG B 25 42.02 -39.28 -26.33
N LEU B 26 41.86 -38.28 -27.18
CA LEU B 26 42.87 -37.91 -28.16
C LEU B 26 42.91 -36.39 -28.26
N ILE B 27 44.13 -35.84 -28.31
CA ILE B 27 44.30 -34.39 -28.43
C ILE B 27 44.09 -33.97 -29.87
N VAL B 28 43.32 -32.89 -30.08
CA VAL B 28 43.08 -32.38 -31.43
C VAL B 28 44.38 -31.83 -32.00
N ASP B 29 44.72 -32.23 -33.21
CA ASP B 29 45.95 -31.84 -33.87
C ASP B 29 45.64 -31.33 -35.28
N GLU B 30 46.57 -30.55 -35.82
CA GLU B 30 46.41 -29.98 -37.15
C GLU B 30 46.46 -31.07 -38.22
N ALA B 31 45.75 -30.84 -39.31
CA ALA B 31 45.71 -31.79 -40.41
C ALA B 31 46.80 -31.48 -41.44
N ILE B 32 47.17 -32.50 -42.21
CA ILE B 32 48.17 -32.34 -43.26
C ILE B 32 47.50 -32.46 -44.62
N ASN B 33 46.86 -33.61 -44.88
CA ASN B 33 46.16 -33.86 -46.13
C ASN B 33 44.74 -34.37 -45.91
N GLU B 34 44.24 -34.37 -44.68
CA GLU B 34 42.94 -34.93 -44.39
C GLU B 34 41.83 -34.05 -44.97
N ASP B 35 40.83 -34.69 -45.56
CA ASP B 35 39.66 -33.97 -46.06
C ASP B 35 38.59 -33.92 -44.98
N ASN B 36 37.38 -33.53 -45.35
CA ASN B 36 36.30 -33.38 -44.38
C ASN B 36 35.79 -34.72 -43.84
N SER B 37 36.16 -35.83 -44.47
CA SER B 37 35.55 -37.11 -44.15
C SER B 37 36.51 -38.13 -43.54
N VAL B 38 37.79 -37.81 -43.39
CA VAL B 38 38.75 -38.76 -42.85
C VAL B 38 39.50 -38.14 -41.67
N VAL B 39 39.99 -38.99 -40.79
CA VAL B 39 40.87 -38.61 -39.69
C VAL B 39 42.04 -39.58 -39.67
N SER B 40 43.16 -39.12 -39.12
CA SER B 40 44.39 -39.89 -39.08
C SER B 40 44.77 -40.25 -37.65
N LEU B 41 45.08 -41.52 -37.43
CA LEU B 41 45.50 -42.02 -36.14
C LEU B 41 46.79 -42.82 -36.28
N SER B 42 47.67 -42.68 -35.30
CA SER B 42 48.94 -43.40 -35.31
C SER B 42 48.70 -44.89 -35.12
N GLN B 43 49.59 -45.69 -35.71
CA GLN B 43 49.43 -47.14 -35.69
C GLN B 43 49.39 -47.76 -34.29
N PRO B 44 50.29 -47.40 -33.35
CA PRO B 44 50.23 -48.07 -32.03
C PRO B 44 48.91 -47.90 -31.31
N LYS B 45 48.29 -46.72 -31.37
CA LYS B 45 47.02 -46.53 -30.69
C LYS B 45 45.88 -47.17 -31.46
N MET B 46 46.00 -47.26 -32.79
CA MET B 46 45.01 -48.00 -33.56
C MET B 46 45.03 -49.48 -33.18
N ASP B 47 46.23 -50.04 -32.98
CA ASP B 47 46.31 -51.40 -32.45
C ASP B 47 45.75 -51.46 -31.03
N GLU B 48 46.01 -50.42 -30.23
CA GLU B 48 45.44 -50.38 -28.88
C GLU B 48 43.92 -50.28 -28.93
N LEU B 49 43.38 -49.47 -29.84
CA LEU B 49 41.94 -49.33 -30.01
C LEU B 49 41.33 -50.40 -30.89
N GLN B 50 42.14 -51.29 -31.45
CA GLN B 50 41.68 -52.37 -32.33
C GLN B 50 40.90 -51.82 -33.52
N LEU B 51 41.39 -50.72 -34.09
CA LEU B 51 40.76 -50.08 -35.24
C LEU B 51 41.53 -50.42 -36.51
N PHE B 52 40.79 -50.64 -37.60
CA PHE B 52 41.36 -50.95 -38.89
C PHE B 52 41.31 -49.74 -39.80
N ARG B 53 42.23 -49.68 -40.76
CA ARG B 53 42.23 -48.60 -41.73
C ARG B 53 41.00 -48.68 -42.62
N GLY B 54 40.34 -47.56 -42.83
CA GLY B 54 39.11 -47.49 -43.59
C GLY B 54 37.85 -47.65 -42.77
N ASP B 55 37.98 -48.00 -41.49
CA ASP B 55 36.81 -48.14 -40.64
C ASP B 55 36.19 -46.78 -40.34
N THR B 56 34.88 -46.77 -40.14
CA THR B 56 34.19 -45.55 -39.72
C THR B 56 34.08 -45.49 -38.21
N VAL B 57 34.28 -44.30 -37.66
CA VAL B 57 34.28 -44.09 -36.21
C VAL B 57 33.39 -42.90 -35.88
N LEU B 58 33.02 -42.79 -34.61
CA LEU B 58 32.20 -41.70 -34.12
C LEU B 58 33.03 -40.80 -33.21
N LEU B 59 33.04 -39.50 -33.51
CA LEU B 59 33.78 -38.52 -32.74
C LEU B 59 32.80 -37.64 -31.95
N LYS B 60 33.09 -37.46 -30.66
CA LYS B 60 32.24 -36.66 -29.78
C LYS B 60 33.01 -35.43 -29.34
N GLY B 61 32.35 -34.27 -29.41
CA GLY B 61 32.97 -33.02 -29.00
C GLY B 61 32.25 -32.36 -27.85
N LYS B 62 32.59 -31.09 -27.59
CA LYS B 62 31.96 -30.36 -26.50
C LYS B 62 30.54 -29.95 -26.89
N LYS B 63 29.73 -29.69 -25.86
CA LYS B 63 28.32 -29.30 -26.02
C LYS B 63 27.53 -30.35 -26.78
N ARG B 64 27.88 -31.62 -26.56
CA ARG B 64 27.14 -32.76 -27.12
C ARG B 64 27.09 -32.71 -28.65
N ARG B 65 28.25 -32.55 -29.27
CA ARG B 65 28.36 -32.54 -30.73
C ARG B 65 29.02 -33.84 -31.19
N GLU B 66 28.43 -34.46 -32.21
CA GLU B 66 28.91 -35.73 -32.73
C GLU B 66 29.27 -35.60 -34.21
N ALA B 67 30.30 -36.34 -34.61
CA ALA B 67 30.74 -36.37 -36.00
C ALA B 67 31.20 -37.78 -36.35
N VAL B 68 31.08 -38.13 -37.63
CA VAL B 68 31.48 -39.43 -38.14
C VAL B 68 32.54 -39.22 -39.22
N CYS B 69 33.64 -39.95 -39.11
CA CYS B 69 34.75 -39.84 -40.07
C CYS B 69 35.42 -41.20 -40.21
N ILE B 70 36.18 -41.34 -41.29
CA ILE B 70 36.94 -42.56 -41.57
C ILE B 70 38.32 -42.43 -40.93
N VAL B 71 38.75 -43.48 -40.23
CA VAL B 71 40.03 -43.49 -39.53
C VAL B 71 41.10 -44.05 -40.46
N LEU B 72 42.24 -43.36 -40.51
CA LEU B 72 43.37 -43.77 -41.34
C LEU B 72 44.62 -43.84 -40.48
N SER B 73 45.74 -44.16 -41.11
CA SER B 73 47.02 -44.28 -40.44
C SER B 73 47.98 -43.19 -40.90
N ASP B 74 48.71 -42.62 -39.93
CA ASP B 74 49.70 -41.58 -40.21
C ASP B 74 50.88 -41.82 -39.28
N ASP B 75 52.06 -42.04 -39.87
CA ASP B 75 53.26 -42.34 -39.10
C ASP B 75 53.83 -41.11 -38.40
N THR B 76 53.46 -39.90 -38.81
CA THR B 76 53.98 -38.69 -38.19
C THR B 76 53.10 -38.17 -37.06
N CYS B 77 51.99 -38.84 -36.77
CA CYS B 77 51.07 -38.39 -35.73
C CYS B 77 51.45 -38.97 -34.38
N SER B 78 51.25 -38.19 -33.32
CA SER B 78 51.58 -38.63 -31.98
C SER B 78 50.55 -39.65 -31.49
N ASP B 79 50.98 -40.46 -30.51
CA ASP B 79 50.10 -41.49 -29.97
C ASP B 79 48.94 -40.87 -29.18
N GLU B 80 49.10 -39.62 -28.73
CA GLU B 80 48.07 -38.93 -27.98
C GLU B 80 47.35 -37.86 -28.80
N LYS B 81 47.57 -37.81 -30.11
CA LYS B 81 47.01 -36.77 -30.95
C LYS B 81 46.24 -37.38 -32.12
N ILE B 82 45.23 -36.65 -32.59
CA ILE B 82 44.41 -37.05 -33.72
C ILE B 82 44.40 -35.92 -34.73
N ARG B 83 44.59 -36.24 -36.00
CA ARG B 83 44.68 -35.24 -37.05
C ARG B 83 43.32 -35.09 -37.74
N MET B 84 42.86 -33.85 -37.87
CA MET B 84 41.59 -33.54 -38.52
C MET B 84 41.64 -32.12 -39.04
N ASN B 85 40.86 -31.86 -40.09
CA ASN B 85 40.84 -30.53 -40.70
C ASN B 85 39.94 -29.58 -39.90
N ARG B 86 39.89 -28.33 -40.35
CA ARG B 86 39.14 -27.30 -39.64
C ARG B 86 37.64 -27.57 -39.69
N VAL B 87 37.17 -28.25 -40.75
CA VAL B 87 35.75 -28.51 -40.89
C VAL B 87 35.25 -29.42 -39.75
N VAL B 88 36.00 -30.48 -39.46
CA VAL B 88 35.62 -31.37 -38.36
C VAL B 88 35.73 -30.65 -37.03
N ARG B 89 36.74 -29.78 -36.89
CA ARG B 89 36.89 -29.00 -35.65
C ARG B 89 35.67 -28.11 -35.42
N ASN B 90 35.19 -27.46 -36.48
CA ASN B 90 33.98 -26.65 -36.35
C ASN B 90 32.76 -27.52 -36.10
N ASN B 91 32.73 -28.72 -36.68
CA ASN B 91 31.62 -29.64 -36.43
C ASN B 91 31.58 -30.08 -34.98
N LEU B 92 32.73 -30.34 -34.37
CA LEU B 92 32.81 -30.76 -32.98
C LEU B 92 32.91 -29.60 -32.01
N ARG B 93 32.91 -28.36 -32.51
CA ARG B 93 33.01 -27.16 -31.68
C ARG B 93 34.24 -27.21 -30.77
N VAL B 94 35.37 -27.63 -31.33
CA VAL B 94 36.62 -27.76 -30.59
C VAL B 94 37.71 -27.00 -31.32
N ARG B 95 38.74 -26.63 -30.55
CA ARG B 95 39.92 -25.95 -31.08
C ARG B 95 41.13 -26.85 -30.91
N LEU B 96 42.27 -26.38 -31.41
CA LEU B 96 43.51 -27.12 -31.27
C LEU B 96 43.89 -27.27 -29.81
N GLY B 97 44.21 -28.50 -29.41
CA GLY B 97 44.57 -28.83 -28.05
C GLY B 97 43.43 -29.38 -27.22
N ASP B 98 42.21 -29.40 -27.75
CA ASP B 98 41.06 -29.91 -27.00
C ASP B 98 41.10 -31.44 -26.94
N VAL B 99 40.23 -31.99 -26.09
CA VAL B 99 40.15 -33.42 -25.86
C VAL B 99 38.82 -33.95 -26.40
N ILE B 100 38.89 -35.00 -27.21
CA ILE B 100 37.71 -35.64 -27.78
C ILE B 100 37.81 -37.14 -27.48
N SER B 101 36.69 -37.83 -27.71
CA SER B 101 36.60 -39.27 -27.54
C SER B 101 36.23 -39.92 -28.86
N ILE B 102 36.92 -41.02 -29.18
CA ILE B 102 36.71 -41.76 -30.43
C ILE B 102 36.27 -43.18 -30.09
N GLN B 103 35.20 -43.62 -30.73
CA GLN B 103 34.68 -44.97 -30.58
C GLN B 103 34.22 -45.46 -31.94
N PRO B 104 34.23 -46.78 -32.17
CA PRO B 104 33.75 -47.31 -33.45
C PRO B 104 32.27 -47.03 -33.63
N CYS B 105 31.87 -46.91 -34.90
CA CYS B 105 30.49 -46.62 -35.28
C CYS B 105 30.04 -47.70 -36.25
N PRO B 106 29.66 -48.88 -35.75
CA PRO B 106 29.28 -49.98 -36.64
C PRO B 106 27.85 -49.83 -37.15
N ASP B 107 27.52 -50.69 -38.11
CA ASP B 107 26.16 -50.80 -38.66
C ASP B 107 25.69 -49.49 -39.29
N VAL B 108 26.59 -48.77 -39.96
CA VAL B 108 26.19 -47.59 -40.72
C VAL B 108 25.78 -48.04 -42.12
N LYS B 109 24.53 -47.75 -42.48
CA LYS B 109 23.97 -48.20 -43.76
C LYS B 109 24.11 -47.12 -44.82
N TYR B 110 23.96 -47.54 -46.08
CA TYR B 110 24.03 -46.60 -47.19
C TYR B 110 22.82 -45.68 -47.17
N GLY B 111 23.06 -44.40 -47.47
CA GLY B 111 21.99 -43.42 -47.43
C GLY B 111 21.00 -43.58 -48.57
N LYS B 112 19.74 -43.29 -48.26
CA LYS B 112 18.67 -43.31 -49.25
C LYS B 112 18.35 -41.93 -49.79
N ARG B 113 18.29 -40.93 -48.92
CA ARG B 113 18.01 -39.56 -49.32
C ARG B 113 18.54 -38.62 -48.24
N ILE B 114 19.36 -37.65 -48.65
CA ILE B 114 19.94 -36.68 -47.73
C ILE B 114 19.58 -35.29 -48.20
N HIS B 115 19.28 -34.41 -47.24
CA HIS B 115 18.93 -33.02 -47.51
C HIS B 115 19.98 -32.12 -46.90
N VAL B 116 20.56 -31.25 -47.73
CA VAL B 116 21.56 -30.28 -47.28
C VAL B 116 21.12 -28.89 -47.72
N LEU B 117 21.37 -27.92 -46.85
CA LEU B 117 21.00 -26.53 -47.13
C LEU B 117 22.22 -25.63 -46.96
N PRO B 118 22.47 -24.77 -47.94
CA PRO B 118 23.65 -23.90 -47.87
C PRO B 118 23.46 -22.76 -46.88
N ILE B 119 24.58 -22.16 -46.49
CA ILE B 119 24.57 -21.00 -45.61
C ILE B 119 24.44 -19.74 -46.46
N ASP B 120 23.63 -18.79 -45.99
CA ASP B 120 23.30 -17.61 -46.80
C ASP B 120 24.55 -16.82 -47.18
N ASP B 121 25.45 -16.58 -46.22
CA ASP B 121 26.64 -15.79 -46.50
C ASP B 121 27.60 -16.48 -47.45
N THR B 122 27.52 -17.81 -47.59
CA THR B 122 28.35 -18.52 -48.55
C THR B 122 27.75 -18.57 -49.95
N VAL B 123 26.49 -18.17 -50.11
CA VAL B 123 25.81 -18.21 -51.40
C VAL B 123 25.31 -16.85 -51.84
N GLU B 124 25.71 -15.78 -51.16
CA GLU B 124 25.31 -14.44 -51.57
C GLU B 124 25.88 -14.11 -52.95
N GLY B 125 25.00 -13.97 -53.93
CA GLY B 125 25.41 -13.75 -55.30
C GLY B 125 25.63 -14.99 -56.13
N ILE B 126 25.37 -16.18 -55.57
CA ILE B 126 25.51 -17.44 -56.28
C ILE B 126 24.15 -17.79 -56.87
N THR B 127 24.09 -17.90 -58.20
CA THR B 127 22.85 -18.18 -58.90
C THR B 127 22.87 -19.51 -59.63
N GLY B 128 24.03 -20.15 -59.74
CA GLY B 128 24.14 -21.40 -60.46
C GLY B 128 23.56 -22.57 -59.68
N ASN B 129 23.44 -23.71 -60.38
CA ASN B 129 22.90 -24.92 -59.78
C ASN B 129 23.89 -25.42 -58.73
N LEU B 130 23.46 -25.39 -57.47
CA LEU B 130 24.34 -25.82 -56.38
C LEU B 130 24.73 -27.29 -56.50
N PHE B 131 23.78 -28.14 -56.90
CA PHE B 131 24.04 -29.57 -56.97
C PHE B 131 25.24 -29.88 -57.87
N GLU B 132 25.12 -29.58 -59.16
CA GLU B 132 26.15 -29.96 -60.11
C GLU B 132 27.49 -29.30 -59.80
N VAL B 133 27.47 -28.03 -59.39
CA VAL B 133 28.71 -27.31 -59.16
C VAL B 133 29.44 -27.83 -57.92
N TYR B 134 28.71 -28.08 -56.83
CA TYR B 134 29.35 -28.39 -55.55
C TYR B 134 29.13 -29.81 -55.07
N LEU B 135 27.87 -30.26 -54.97
CA LEU B 135 27.57 -31.49 -54.24
C LEU B 135 27.98 -32.74 -55.02
N LYS B 136 27.72 -32.77 -56.33
CA LYS B 136 28.05 -33.95 -57.12
C LYS B 136 29.55 -34.25 -57.14
N PRO B 137 30.45 -33.30 -57.44
CA PRO B 137 31.88 -33.63 -57.36
C PRO B 137 32.33 -33.98 -55.95
N TYR B 138 31.71 -33.39 -54.92
CA TYR B 138 32.14 -33.64 -53.55
C TYR B 138 31.81 -35.06 -53.11
N PHE B 139 30.64 -35.58 -53.51
CA PHE B 139 30.20 -36.89 -53.08
C PHE B 139 30.41 -37.99 -54.12
N LEU B 140 31.01 -37.66 -55.26
CA LEU B 140 31.15 -38.63 -56.35
C LEU B 140 32.13 -39.73 -56.01
N GLU B 141 31.61 -40.95 -55.82
CA GLU B 141 32.42 -42.15 -55.58
C GLU B 141 33.33 -42.01 -54.36
N ALA B 142 32.91 -41.20 -53.38
CA ALA B 142 33.71 -40.98 -52.19
C ALA B 142 33.22 -41.70 -50.95
N TYR B 143 31.93 -42.07 -50.92
CA TYR B 143 31.34 -42.79 -49.78
C TYR B 143 31.57 -42.03 -48.47
N ARG B 144 31.33 -40.73 -48.52
CA ARG B 144 31.59 -39.89 -47.36
C ARG B 144 30.58 -40.15 -46.26
N PRO B 145 31.01 -40.45 -45.03
CA PRO B 145 30.06 -40.57 -43.93
C PRO B 145 29.64 -39.21 -43.41
N ILE B 146 28.32 -39.05 -43.19
CA ILE B 146 27.76 -37.79 -42.75
C ILE B 146 26.80 -38.04 -41.59
N ARG B 147 26.55 -36.99 -40.83
CA ARG B 147 25.61 -37.02 -39.70
C ARG B 147 24.71 -35.79 -39.78
N LYS B 148 23.49 -35.93 -39.28
CA LYS B 148 22.54 -34.83 -39.27
C LYS B 148 23.09 -33.66 -38.46
N GLY B 149 23.01 -32.47 -39.03
CA GLY B 149 23.53 -31.26 -38.41
C GLY B 149 24.98 -30.95 -38.76
N ASP B 150 25.65 -31.81 -39.53
CA ASP B 150 27.04 -31.57 -39.87
C ASP B 150 27.17 -30.37 -40.81
N ILE B 151 28.28 -29.64 -40.66
CA ILE B 151 28.62 -28.51 -41.51
C ILE B 151 29.91 -28.84 -42.25
N PHE B 152 29.84 -28.82 -43.58
CA PHE B 152 31.00 -29.13 -44.41
C PHE B 152 31.14 -28.09 -45.51
N LEU B 153 32.39 -27.82 -45.89
CA LEU B 153 32.73 -26.81 -46.87
C LEU B 153 33.18 -27.48 -48.17
N VAL B 154 32.63 -27.05 -49.29
CA VAL B 154 32.95 -27.61 -50.59
C VAL B 154 33.49 -26.51 -51.49
N ARG B 155 34.67 -26.76 -52.08
CA ARG B 155 35.24 -25.83 -53.04
C ARG B 155 34.63 -26.04 -54.42
N GLY B 156 34.63 -24.98 -55.21
CA GLY B 156 34.14 -25.05 -56.56
C GLY B 156 33.52 -23.74 -57.00
N GLY B 157 33.30 -23.64 -58.31
CA GLY B 157 32.70 -22.45 -58.88
C GLY B 157 33.57 -21.23 -58.64
N MET B 158 32.94 -20.14 -58.21
CA MET B 158 33.64 -18.89 -57.93
C MET B 158 33.93 -18.68 -56.46
N ARG B 159 33.28 -19.43 -55.57
CA ARG B 159 33.44 -19.24 -54.14
C ARG B 159 33.04 -20.52 -53.42
N ALA B 160 33.83 -20.90 -52.41
CA ALA B 160 33.51 -22.08 -51.62
C ALA B 160 32.21 -21.87 -50.85
N VAL B 161 31.39 -22.92 -50.77
CA VAL B 161 30.07 -22.85 -50.18
C VAL B 161 29.96 -23.89 -49.07
N GLU B 162 29.49 -23.46 -47.90
CA GLU B 162 29.21 -24.34 -46.78
C GLU B 162 27.80 -24.89 -46.88
N PHE B 163 27.60 -26.10 -46.35
CA PHE B 163 26.30 -26.76 -46.36
C PHE B 163 25.99 -27.30 -44.97
N LYS B 164 24.69 -27.38 -44.68
CA LYS B 164 24.19 -27.94 -43.43
C LYS B 164 23.34 -29.16 -43.72
N VAL B 165 23.70 -30.30 -43.13
CA VAL B 165 22.96 -31.54 -43.32
C VAL B 165 21.75 -31.50 -42.39
N VAL B 166 20.56 -31.33 -42.96
CA VAL B 166 19.36 -31.18 -42.15
C VAL B 166 18.52 -32.45 -42.10
N GLU B 167 18.67 -33.35 -43.07
CA GLU B 167 17.88 -34.58 -43.11
C GLU B 167 18.68 -35.69 -43.76
N THR B 168 18.59 -36.89 -43.20
CA THR B 168 19.26 -38.06 -43.74
C THR B 168 18.32 -39.26 -43.64
N ASP B 169 18.55 -40.23 -44.52
CA ASP B 169 17.82 -41.50 -44.51
C ASP B 169 18.78 -42.63 -44.85
N PRO B 170 19.16 -43.48 -43.89
CA PRO B 170 18.71 -43.45 -42.49
C PRO B 170 19.37 -42.34 -41.66
N SER B 171 18.86 -42.15 -40.44
CA SER B 171 19.27 -41.07 -39.56
C SER B 171 19.67 -41.64 -38.21
N PRO B 172 20.64 -41.02 -37.51
CA PRO B 172 21.42 -39.85 -37.94
C PRO B 172 22.69 -40.19 -38.70
N TYR B 173 22.99 -41.48 -38.85
CA TYR B 173 24.21 -41.92 -39.50
C TYR B 173 23.89 -42.64 -40.81
N CYS B 174 24.63 -42.30 -41.85
CA CYS B 174 24.44 -42.89 -43.17
C CYS B 174 25.70 -42.68 -43.99
N ILE B 175 25.79 -43.39 -45.11
CA ILE B 175 26.90 -43.28 -46.05
C ILE B 175 26.34 -42.75 -47.37
N VAL B 176 26.99 -41.73 -47.92
CA VAL B 176 26.56 -41.13 -49.17
C VAL B 176 27.02 -42.06 -50.30
N ALA B 177 26.14 -42.95 -50.72
CA ALA B 177 26.40 -43.92 -51.76
C ALA B 177 26.14 -43.32 -53.13
N PRO B 178 26.66 -43.92 -54.19
CA PRO B 178 26.38 -43.41 -55.55
C PRO B 178 24.91 -43.36 -55.89
N ASP B 179 24.09 -44.27 -55.36
CA ASP B 179 22.66 -44.27 -55.61
C ASP B 179 21.88 -43.41 -54.63
N THR B 180 22.57 -42.80 -53.66
CA THR B 180 21.89 -41.94 -52.70
C THR B 180 21.45 -40.65 -53.38
N VAL B 181 20.20 -40.25 -53.12
CA VAL B 181 19.65 -39.04 -53.71
C VAL B 181 20.09 -37.85 -52.88
N ILE B 182 20.71 -36.86 -53.54
CA ILE B 182 21.17 -35.65 -52.89
C ILE B 182 20.40 -34.47 -53.48
N HIS B 183 19.69 -33.72 -52.63
CA HIS B 183 18.94 -32.56 -53.05
C HIS B 183 19.22 -31.41 -52.09
N CYS B 184 19.21 -30.18 -52.64
CA CYS B 184 19.55 -29.01 -51.87
C CYS B 184 18.44 -27.97 -51.80
N GLU B 185 17.25 -28.26 -52.34
CA GLU B 185 16.16 -27.30 -52.31
C GLU B 185 15.66 -27.10 -50.89
N GLY B 186 15.22 -25.89 -50.60
CA GLY B 186 14.71 -25.56 -49.28
C GLY B 186 15.04 -24.12 -48.93
N GLU B 187 14.59 -23.73 -47.74
CA GLU B 187 14.83 -22.37 -47.27
C GLU B 187 16.31 -22.18 -46.93
N PRO B 188 16.93 -21.11 -47.41
CA PRO B 188 18.33 -20.83 -47.04
C PRO B 188 18.47 -20.61 -45.54
N ILE B 189 19.59 -21.08 -44.98
CA ILE B 189 19.83 -20.93 -43.56
C ILE B 189 20.27 -19.50 -43.26
N LYS B 190 19.98 -19.04 -42.05
CA LYS B 190 20.31 -17.68 -41.63
C LYS B 190 21.62 -17.70 -40.84
N ARG B 191 22.51 -16.76 -41.16
CA ARG B 191 23.83 -16.73 -40.53
C ARG B 191 23.73 -16.49 -39.03
N GLU B 192 22.84 -15.58 -38.61
CA GLU B 192 22.77 -15.22 -37.19
C GLU B 192 22.37 -16.42 -36.35
N ASP B 193 21.47 -17.26 -36.85
CA ASP B 193 21.07 -18.46 -36.12
C ASP B 193 22.25 -19.40 -35.90
N GLU B 194 23.06 -19.61 -36.93
CA GLU B 194 24.25 -20.44 -36.78
C GLU B 194 25.27 -19.79 -35.84
N GLU B 195 25.39 -18.47 -35.91
CA GLU B 195 26.33 -17.75 -35.06
C GLU B 195 25.94 -17.89 -33.59
N GLU B 196 24.63 -17.87 -33.30
CA GLU B 196 24.18 -18.06 -31.93
C GLU B 196 24.58 -19.43 -31.39
N SER B 197 24.43 -20.47 -32.21
CA SER B 197 24.83 -21.81 -31.79
C SER B 197 26.35 -21.91 -31.64
N LEU B 198 27.09 -21.26 -32.53
CA LEU B 198 28.54 -21.28 -32.44
C LEU B 198 29.02 -20.58 -31.18
N ASN B 199 28.40 -19.45 -30.83
CA ASN B 199 28.75 -18.68 -29.65
C ASN B 199 27.94 -19.11 -28.42
N GLU B 200 27.44 -20.34 -28.41
CA GLU B 200 26.66 -20.83 -27.26
C GLU B 200 27.53 -20.85 -26.02
N VAL B 201 26.94 -20.42 -24.90
CA VAL B 201 27.69 -20.34 -23.65
C VAL B 201 27.92 -21.74 -23.10
N GLY B 202 29.18 -22.06 -22.80
CA GLY B 202 29.53 -23.35 -22.24
C GLY B 202 30.33 -23.17 -20.97
N TYR B 203 30.77 -24.30 -20.42
CA TYR B 203 31.52 -24.27 -19.16
C TYR B 203 32.84 -23.51 -19.33
N ASP B 204 33.40 -23.53 -20.55
CA ASP B 204 34.68 -22.86 -20.78
C ASP B 204 34.54 -21.34 -20.67
N ASP B 205 33.35 -20.81 -20.97
CA ASP B 205 33.16 -19.37 -20.93
C ASP B 205 33.17 -18.84 -19.50
N ILE B 206 32.92 -19.71 -18.53
CA ILE B 206 32.93 -19.27 -17.13
C ILE B 206 34.36 -19.26 -16.62
N GLY B 207 34.77 -18.13 -16.05
CA GLY B 207 36.12 -18.00 -15.54
C GLY B 207 36.19 -17.55 -14.09
N GLY B 208 37.05 -18.18 -13.31
CA GLY B 208 37.25 -17.81 -11.92
C GLY B 208 36.37 -18.52 -10.91
N CYS B 209 35.51 -19.43 -11.37
CA CYS B 209 34.59 -20.15 -10.48
C CYS B 209 34.80 -21.66 -10.56
N ARG B 210 36.06 -22.11 -10.46
CA ARG B 210 36.35 -23.54 -10.64
C ARG B 210 35.64 -24.40 -9.60
N LYS B 211 35.72 -24.00 -8.32
CA LYS B 211 35.10 -24.81 -7.27
C LYS B 211 33.58 -24.74 -7.34
N GLN B 212 33.03 -23.55 -7.60
CA GLN B 212 31.58 -23.42 -7.75
C GLN B 212 31.08 -24.23 -8.93
N LEU B 213 31.80 -24.17 -10.05
CA LEU B 213 31.44 -24.99 -11.21
C LEU B 213 31.52 -26.47 -10.87
N ALA B 214 32.53 -26.86 -10.10
CA ALA B 214 32.64 -28.25 -9.69
C ALA B 214 31.43 -28.70 -8.90
N GLN B 215 31.04 -27.92 -7.89
CA GLN B 215 29.88 -28.28 -7.08
C GLN B 215 28.62 -28.37 -7.93
N ILE B 216 28.38 -27.35 -8.77
CA ILE B 216 27.18 -27.34 -9.58
C ILE B 216 27.17 -28.53 -10.54
N LYS B 217 28.34 -28.85 -11.12
CA LYS B 217 28.44 -30.01 -11.99
C LYS B 217 28.07 -31.29 -11.26
N GLU B 218 28.67 -31.54 -10.11
CA GLU B 218 28.35 -32.77 -9.38
C GLU B 218 26.87 -32.83 -9.02
N MET B 219 26.25 -31.68 -8.74
CA MET B 219 24.85 -31.74 -8.33
C MET B 219 23.89 -31.95 -9.51
N VAL B 220 24.17 -31.37 -10.68
CA VAL B 220 23.22 -31.37 -11.78
C VAL B 220 23.57 -32.41 -12.84
N GLU B 221 24.83 -32.44 -13.28
CA GLU B 221 25.18 -33.24 -14.45
C GLU B 221 25.54 -34.67 -14.06
N LEU B 222 26.23 -34.83 -12.94
CA LEU B 222 26.65 -36.17 -12.49
C LEU B 222 25.47 -37.12 -12.29
N PRO B 223 24.35 -36.73 -11.69
CA PRO B 223 23.24 -37.70 -11.56
C PRO B 223 22.74 -38.25 -12.88
N LEU B 224 22.69 -37.42 -13.92
CA LEU B 224 22.20 -37.89 -15.21
C LEU B 224 23.16 -38.89 -15.85
N ARG B 225 24.47 -38.65 -15.71
CA ARG B 225 25.45 -39.47 -16.40
C ARG B 225 25.50 -40.89 -15.85
N HIS B 226 25.43 -41.04 -14.54
CA HIS B 226 25.53 -42.35 -13.89
C HIS B 226 24.36 -42.53 -12.93
N PRO B 227 23.14 -42.71 -13.44
CA PRO B 227 21.99 -42.89 -12.54
C PRO B 227 22.00 -44.20 -11.77
N ALA B 228 22.56 -45.26 -12.37
CA ALA B 228 22.60 -46.55 -11.69
C ALA B 228 23.43 -46.47 -10.42
N LEU B 229 24.44 -45.59 -10.40
CA LEU B 229 25.23 -45.40 -9.19
C LEU B 229 24.37 -44.86 -8.06
N PHE B 230 23.53 -43.86 -8.35
CA PHE B 230 22.63 -43.32 -7.33
C PHE B 230 21.57 -44.34 -6.93
N LYS B 231 21.09 -45.15 -7.88
CA LYS B 231 20.13 -46.18 -7.53
C LYS B 231 20.73 -47.20 -6.57
N GLU B 232 21.98 -47.60 -6.81
CA GLU B 232 22.62 -48.59 -5.94
C GLU B 232 22.95 -48.00 -4.58
N ILE B 233 23.43 -46.76 -4.53
CA ILE B 233 23.73 -46.15 -3.23
C ILE B 233 22.46 -45.79 -2.48
N GLY B 234 21.32 -45.76 -3.17
CA GLY B 234 20.02 -45.61 -2.51
C GLY B 234 19.73 -44.23 -1.95
N VAL B 235 20.09 -43.18 -2.68
CA VAL B 235 19.77 -41.81 -2.31
C VAL B 235 19.35 -41.06 -3.57
N LYS B 236 18.67 -39.93 -3.36
CA LYS B 236 18.26 -39.06 -4.44
C LYS B 236 19.11 -37.80 -4.48
N PRO B 237 19.57 -37.36 -5.64
CA PRO B 237 20.43 -36.18 -5.69
C PRO B 237 19.66 -34.93 -5.32
N PRO B 238 20.34 -33.90 -4.79
CA PRO B 238 19.65 -32.65 -4.48
C PRO B 238 19.04 -32.01 -5.71
N ARG B 239 17.89 -31.38 -5.51
CA ARG B 239 17.15 -30.75 -6.59
C ARG B 239 17.08 -29.23 -6.47
N GLY B 240 17.84 -28.64 -5.55
CA GLY B 240 17.80 -27.20 -5.37
C GLY B 240 19.16 -26.53 -5.40
N ILE B 241 19.25 -25.40 -6.08
CA ILE B 241 20.49 -24.63 -6.19
C ILE B 241 20.16 -23.17 -5.88
N LEU B 242 20.94 -22.57 -4.99
CA LEU B 242 20.81 -21.15 -4.67
C LEU B 242 22.17 -20.49 -4.83
N LEU B 243 22.29 -19.62 -5.83
CA LEU B 243 23.52 -18.88 -6.09
C LEU B 243 23.32 -17.45 -5.60
N TYR B 244 24.21 -16.99 -4.73
CA TYR B 244 24.14 -15.64 -4.18
C TYR B 244 25.47 -14.94 -4.38
N GLY B 245 25.41 -13.67 -4.75
CA GLY B 245 26.58 -12.86 -4.95
C GLY B 245 26.23 -11.46 -5.39
N PRO B 246 27.24 -10.61 -5.57
CA PRO B 246 26.98 -9.26 -6.05
C PRO B 246 26.45 -9.27 -7.47
N PRO B 247 25.69 -8.25 -7.87
CA PRO B 247 25.16 -8.22 -9.24
C PRO B 247 26.28 -8.19 -10.28
N GLY B 248 26.03 -8.85 -11.41
CA GLY B 248 26.99 -8.92 -12.48
C GLY B 248 28.08 -9.97 -12.30
N THR B 249 28.02 -10.76 -11.24
CA THR B 249 29.10 -11.69 -10.95
C THR B 249 29.11 -12.88 -11.91
N GLY B 250 27.96 -13.20 -12.50
CA GLY B 250 27.88 -14.25 -13.50
C GLY B 250 27.07 -15.46 -13.13
N LYS B 251 26.11 -15.34 -12.21
CA LYS B 251 25.28 -16.48 -11.83
C LYS B 251 24.41 -16.93 -13.00
N THR B 252 23.82 -15.97 -13.71
CA THR B 252 23.00 -16.32 -14.88
C THR B 252 23.84 -16.99 -15.96
N LEU B 253 25.06 -16.52 -16.15
CA LEU B 253 25.93 -17.15 -17.15
C LEU B 253 26.31 -18.56 -16.75
N ILE B 254 26.54 -18.80 -15.46
CA ILE B 254 26.81 -20.16 -14.99
C ILE B 254 25.61 -21.06 -15.24
N ALA B 255 24.41 -20.56 -14.94
CA ALA B 255 23.21 -21.35 -15.18
C ALA B 255 23.03 -21.65 -16.67
N ARG B 256 23.26 -20.66 -17.52
CA ARG B 256 23.14 -20.89 -18.97
C ARG B 256 24.16 -21.90 -19.46
N ALA B 257 25.40 -21.80 -18.98
CA ALA B 257 26.42 -22.77 -19.38
C ALA B 257 26.05 -24.18 -18.94
N VAL B 258 25.56 -24.32 -17.72
CA VAL B 258 25.14 -25.63 -17.22
C VAL B 258 24.01 -26.19 -18.08
N ALA B 259 23.02 -25.34 -18.39
CA ALA B 259 21.87 -25.82 -19.15
C ALA B 259 22.23 -26.09 -20.61
N ASN B 260 23.28 -25.45 -21.11
CA ASN B 260 23.67 -25.65 -22.51
C ASN B 260 24.51 -26.91 -22.68
N GLU B 261 25.55 -27.07 -21.86
CA GLU B 261 26.41 -28.24 -22.03
C GLU B 261 25.69 -29.52 -21.63
N THR B 262 24.92 -29.48 -20.55
CA THR B 262 24.06 -30.61 -20.22
C THR B 262 22.80 -30.57 -21.08
N GLY B 263 22.33 -31.75 -21.47
CA GLY B 263 21.16 -31.83 -22.33
C GLY B 263 19.87 -31.49 -21.62
N ALA B 264 19.74 -30.23 -21.20
CA ALA B 264 18.58 -29.77 -20.43
C ALA B 264 18.07 -28.46 -21.04
N PHE B 265 16.77 -28.24 -20.94
CA PHE B 265 16.18 -27.02 -21.45
C PHE B 265 16.26 -25.89 -20.43
N PHE B 266 16.77 -24.75 -20.85
CA PHE B 266 16.94 -23.60 -19.97
C PHE B 266 15.68 -22.75 -20.01
N PHE B 267 15.02 -22.64 -18.87
CA PHE B 267 13.82 -21.82 -18.73
C PHE B 267 14.08 -20.75 -17.67
N LEU B 268 13.87 -19.49 -18.03
CA LEU B 268 14.22 -18.36 -17.19
C LEU B 268 12.97 -17.71 -16.64
N ILE B 269 13.00 -17.40 -15.34
CA ILE B 269 11.92 -16.71 -14.65
C ILE B 269 12.48 -15.46 -14.01
N ASN B 270 11.84 -14.32 -14.25
CA ASN B 270 12.22 -13.06 -13.61
C ASN B 270 11.24 -12.75 -12.50
N GLY B 271 11.77 -12.37 -11.32
CA GLY B 271 10.94 -12.10 -10.17
C GLY B 271 9.95 -10.98 -10.33
N PRO B 272 10.36 -9.78 -10.77
CA PRO B 272 9.39 -8.68 -10.91
C PRO B 272 8.27 -8.95 -11.91
N GLU B 273 8.54 -9.68 -13.00
CA GLU B 273 7.50 -9.88 -14.00
C GLU B 273 6.45 -10.88 -13.53
N ILE B 274 6.81 -11.73 -12.57
CA ILE B 274 5.83 -12.65 -11.98
C ILE B 274 4.78 -11.86 -11.21
N MET B 275 5.18 -10.74 -10.61
CA MET B 275 4.26 -9.94 -9.81
C MET B 275 3.04 -9.52 -10.62
N SER B 276 1.86 -9.67 -10.02
CA SER B 276 0.62 -9.29 -10.68
C SER B 276 -0.35 -8.71 -9.65
N LYS B 277 -1.01 -7.62 -10.03
CA LYS B 277 -1.99 -7.00 -9.15
C LYS B 277 -3.22 -7.88 -8.98
N LEU B 278 -3.62 -8.57 -10.05
CA LEU B 278 -4.78 -9.44 -9.99
C LEU B 278 -4.55 -10.58 -9.00
N ALA B 279 -5.60 -10.97 -8.29
CA ALA B 279 -5.49 -12.02 -7.29
C ALA B 279 -5.46 -13.38 -7.96
N GLY B 280 -4.45 -14.19 -7.64
CA GLY B 280 -4.33 -15.52 -8.16
C GLY B 280 -3.57 -15.65 -9.47
N GLU B 281 -3.16 -14.54 -10.08
CA GLU B 281 -2.47 -14.63 -11.37
C GLU B 281 -1.01 -15.05 -11.20
N SER B 282 -0.36 -14.58 -10.12
CA SER B 282 1.08 -14.80 -9.98
C SER B 282 1.42 -16.27 -9.75
N GLU B 283 0.75 -16.91 -8.80
CA GLU B 283 1.01 -18.33 -8.59
C GLU B 283 0.47 -19.17 -9.72
N SER B 284 -0.53 -18.67 -10.46
CA SER B 284 -0.93 -19.32 -11.69
C SER B 284 0.21 -19.31 -12.71
N ASN B 285 0.90 -18.18 -12.84
CA ASN B 285 2.06 -18.11 -13.73
C ASN B 285 3.16 -19.05 -13.26
N LEU B 286 3.39 -19.13 -11.95
CA LEU B 286 4.38 -20.06 -11.43
C LEU B 286 4.03 -21.50 -11.78
N ARG B 287 2.76 -21.87 -11.61
CA ARG B 287 2.32 -23.23 -11.96
C ARG B 287 2.50 -23.50 -13.45
N LYS B 288 2.15 -22.52 -14.29
CA LYS B 288 2.31 -22.70 -15.73
C LYS B 288 3.78 -22.88 -16.09
N ALA B 289 4.66 -22.10 -15.47
CA ALA B 289 6.09 -22.22 -15.72
C ALA B 289 6.60 -23.60 -15.32
N PHE B 290 6.19 -24.09 -14.15
CA PHE B 290 6.65 -25.40 -13.70
C PHE B 290 6.10 -26.51 -14.59
N GLU B 291 4.86 -26.40 -15.04
CA GLU B 291 4.31 -27.42 -15.94
C GLU B 291 5.02 -27.40 -17.29
N GLU B 292 5.34 -26.22 -17.81
CA GLU B 292 6.08 -26.15 -19.07
C GLU B 292 7.47 -26.77 -18.91
N ALA B 293 8.14 -26.50 -17.79
CA ALA B 293 9.44 -27.10 -17.55
C ALA B 293 9.34 -28.62 -17.43
N GLU B 294 8.29 -29.12 -16.77
CA GLU B 294 8.07 -30.55 -16.69
C GLU B 294 7.85 -31.16 -18.07
N LYS B 295 7.10 -30.44 -18.94
CA LYS B 295 6.90 -30.90 -20.30
C LYS B 295 8.22 -30.98 -21.06
N ASN B 296 9.08 -29.97 -20.89
CA ASN B 296 10.35 -29.91 -21.61
C ASN B 296 11.49 -30.59 -20.86
N ALA B 297 11.21 -31.61 -20.06
CA ALA B 297 12.26 -32.31 -19.34
C ALA B 297 13.17 -33.04 -20.33
N PRO B 298 14.50 -33.05 -20.11
CA PRO B 298 15.21 -32.42 -18.99
C PRO B 298 15.21 -30.89 -19.09
N ALA B 299 15.07 -30.22 -17.96
CA ALA B 299 15.00 -28.77 -17.98
C ALA B 299 15.62 -28.21 -16.71
N ILE B 300 16.00 -26.94 -16.79
CA ILE B 300 16.51 -26.19 -15.64
C ILE B 300 15.65 -24.94 -15.49
N ILE B 301 15.07 -24.76 -14.31
CA ILE B 301 14.28 -23.58 -14.00
C ILE B 301 15.17 -22.60 -13.26
N PHE B 302 15.33 -21.41 -13.83
CA PHE B 302 16.16 -20.37 -13.23
C PHE B 302 15.27 -19.18 -12.87
N ILE B 303 15.36 -18.74 -11.62
CA ILE B 303 14.56 -17.64 -11.11
C ILE B 303 15.50 -16.49 -10.77
N ASP B 304 15.35 -15.37 -11.45
CA ASP B 304 16.13 -14.18 -11.14
C ASP B 304 15.48 -13.40 -10.00
N GLU B 305 16.32 -12.94 -9.07
CA GLU B 305 15.88 -12.15 -7.93
C GLU B 305 14.83 -12.89 -7.11
N LEU B 306 15.25 -14.03 -6.53
CA LEU B 306 14.35 -14.81 -5.69
C LEU B 306 13.94 -14.03 -4.45
N ASP B 307 14.79 -13.08 -4.02
CA ASP B 307 14.47 -12.30 -2.84
C ASP B 307 13.25 -11.40 -3.07
N ALA B 308 13.12 -10.85 -4.28
CA ALA B 308 11.98 -9.99 -4.57
C ALA B 308 10.68 -10.78 -4.67
N ILE B 309 10.71 -11.93 -5.34
CA ILE B 309 9.50 -12.72 -5.50
C ILE B 309 9.09 -13.37 -4.19
N ALA B 310 10.06 -13.82 -3.39
CA ALA B 310 9.79 -14.65 -2.21
C ALA B 310 10.49 -14.08 -0.98
N PRO B 311 9.90 -13.08 -0.33
CA PRO B 311 10.42 -12.61 0.95
C PRO B 311 9.86 -13.44 2.10
N LYS B 312 10.28 -13.08 3.32
CA LYS B 312 9.81 -13.79 4.50
C LYS B 312 8.33 -13.54 4.73
N ARG B 313 7.59 -14.62 4.97
CA ARG B 313 6.13 -14.51 5.09
C ARG B 313 5.73 -13.75 6.36
N GLU B 314 6.47 -13.94 7.45
CA GLU B 314 6.10 -13.28 8.70
C GLU B 314 6.30 -11.77 8.62
N LYS B 315 7.30 -11.32 7.85
CA LYS B 315 7.59 -9.90 7.71
C LYS B 315 6.91 -9.26 6.52
N THR B 316 6.21 -10.03 5.69
CA THR B 316 5.55 -9.52 4.49
C THR B 316 4.10 -9.23 4.82
N HIS B 317 3.72 -7.95 4.74
CA HIS B 317 2.33 -7.58 4.98
C HIS B 317 1.44 -7.91 3.78
N GLY B 318 2.00 -7.81 2.57
CA GLY B 318 1.27 -8.11 1.35
C GLY B 318 0.82 -9.55 1.24
N GLU B 319 -0.44 -9.76 0.88
CA GLU B 319 -0.99 -11.11 0.78
C GLU B 319 -0.47 -11.83 -0.45
N VAL B 320 -0.31 -11.10 -1.57
CA VAL B 320 0.07 -11.73 -2.83
C VAL B 320 1.45 -12.39 -2.71
N GLU B 321 2.41 -11.68 -2.10
CA GLU B 321 3.76 -12.23 -1.97
C GLU B 321 3.77 -13.47 -1.08
N ARG B 322 3.00 -13.43 0.01
CA ARG B 322 2.92 -14.58 0.91
C ARG B 322 2.32 -15.79 0.20
N ARG B 323 1.26 -15.58 -0.59
CA ARG B 323 0.68 -16.68 -1.33
C ARG B 323 1.63 -17.19 -2.40
N ILE B 324 2.43 -16.31 -2.99
CA ILE B 324 3.45 -16.74 -3.94
C ILE B 324 4.48 -17.63 -3.27
N VAL B 325 4.93 -17.24 -2.07
CA VAL B 325 5.89 -18.07 -1.34
C VAL B 325 5.29 -19.43 -1.03
N SER B 326 4.03 -19.46 -0.58
CA SER B 326 3.39 -20.74 -0.27
C SER B 326 3.26 -21.61 -1.51
N GLN B 327 2.90 -21.00 -2.65
CA GLN B 327 2.81 -21.77 -3.90
C GLN B 327 4.17 -22.33 -4.30
N LEU B 328 5.23 -21.54 -4.16
CA LEU B 328 6.56 -22.04 -4.47
C LEU B 328 6.93 -23.21 -3.57
N LEU B 329 6.61 -23.10 -2.28
CA LEU B 329 6.89 -24.19 -1.35
C LEU B 329 6.17 -25.47 -1.79
N THR B 330 4.88 -25.35 -2.13
CA THR B 330 4.12 -26.52 -2.54
C THR B 330 4.64 -27.09 -3.87
N LEU B 331 5.05 -26.22 -4.79
CA LEU B 331 5.57 -26.69 -6.07
C LEU B 331 6.87 -27.48 -5.89
N MET B 332 7.76 -26.99 -5.03
CA MET B 332 9.01 -27.72 -4.80
C MET B 332 8.77 -29.01 -4.02
N ASP B 333 7.93 -28.97 -2.98
CA ASP B 333 7.71 -30.13 -2.13
C ASP B 333 6.24 -30.22 -1.74
N GLY B 334 5.69 -31.42 -1.78
CA GLY B 334 4.30 -31.65 -1.43
C GLY B 334 4.01 -33.14 -1.45
N LEU B 335 2.73 -33.47 -1.55
CA LEU B 335 2.35 -34.88 -1.72
C LEU B 335 2.89 -35.43 -3.04
N LYS B 336 2.80 -34.63 -4.10
CA LYS B 336 3.35 -35.03 -5.40
C LYS B 336 4.78 -34.53 -5.51
N GLN B 337 5.72 -35.46 -5.58
CA GLN B 337 7.14 -35.15 -5.66
C GLN B 337 7.53 -34.90 -7.12
N ARG B 338 8.10 -33.73 -7.38
CA ARG B 338 8.61 -33.45 -8.72
C ARG B 338 9.83 -34.32 -8.99
N ALA B 339 9.95 -34.78 -10.24
CA ALA B 339 11.03 -35.65 -10.63
C ALA B 339 11.71 -35.12 -11.88
N HIS B 340 13.04 -35.27 -11.92
CA HIS B 340 13.89 -34.92 -13.06
C HIS B 340 13.80 -33.43 -13.38
N VAL B 341 13.57 -32.58 -12.38
CA VAL B 341 13.50 -31.14 -12.55
C VAL B 341 14.44 -30.48 -11.54
N ILE B 342 15.28 -29.57 -12.02
CA ILE B 342 16.24 -28.85 -11.19
C ILE B 342 15.85 -27.38 -11.16
N VAL B 343 15.71 -26.82 -9.97
CA VAL B 343 15.36 -25.42 -9.78
C VAL B 343 16.60 -24.68 -9.29
N MET B 344 16.96 -23.61 -9.99
CA MET B 344 18.09 -22.77 -9.63
C MET B 344 17.61 -21.34 -9.44
N ALA B 345 18.14 -20.67 -8.43
CA ALA B 345 17.76 -19.31 -8.12
C ALA B 345 18.98 -18.45 -7.87
N ALA B 346 18.88 -17.17 -8.20
CA ALA B 346 19.95 -16.20 -7.99
C ALA B 346 19.39 -15.03 -7.20
N THR B 347 20.06 -14.69 -6.09
CA THR B 347 19.64 -13.60 -5.23
C THR B 347 20.85 -12.86 -4.71
N ASN B 348 20.73 -11.54 -4.58
CA ASN B 348 21.83 -10.76 -4.00
C ASN B 348 21.92 -10.95 -2.49
N ARG B 349 20.78 -10.96 -1.81
CA ARG B 349 20.74 -11.16 -0.36
C ARG B 349 20.05 -12.47 -0.03
N PRO B 350 20.80 -13.51 0.32
CA PRO B 350 20.15 -14.80 0.60
C PRO B 350 19.33 -14.80 1.88
N ASN B 351 19.67 -13.94 2.85
CA ASN B 351 18.98 -13.97 4.14
C ASN B 351 17.59 -13.38 4.03
N SER B 352 17.31 -12.63 2.96
CA SER B 352 15.97 -12.08 2.79
C SER B 352 14.95 -13.14 2.39
N ILE B 353 15.42 -14.27 1.87
CA ILE B 353 14.50 -15.33 1.46
C ILE B 353 13.84 -15.95 2.68
N ASP B 354 12.65 -16.49 2.47
CA ASP B 354 11.91 -17.13 3.55
C ASP B 354 12.69 -18.33 4.09
N PRO B 355 12.78 -18.50 5.41
CA PRO B 355 13.55 -19.62 5.96
C PRO B 355 13.03 -20.98 5.54
N ALA B 356 11.74 -21.10 5.23
CA ALA B 356 11.20 -22.38 4.79
C ALA B 356 11.78 -22.77 3.43
N LEU B 357 12.10 -21.77 2.60
CA LEU B 357 12.64 -22.06 1.27
C LEU B 357 14.09 -22.51 1.33
N ARG B 358 14.72 -22.40 2.51
CA ARG B 358 16.09 -22.85 2.66
C ARG B 358 16.18 -24.29 3.17
N ARG B 359 15.04 -24.96 3.32
CA ARG B 359 15.01 -26.30 3.88
C ARG B 359 15.52 -27.32 2.86
N PHE B 360 15.86 -28.51 3.35
CA PHE B 360 16.27 -29.59 2.48
C PHE B 360 15.12 -29.98 1.54
N GLY B 361 15.47 -30.31 0.31
CA GLY B 361 14.50 -30.63 -0.72
C GLY B 361 14.02 -29.43 -1.51
N ARG B 362 14.43 -28.23 -1.12
CA ARG B 362 14.02 -27.00 -1.78
C ARG B 362 15.13 -25.97 -1.59
N PHE B 363 15.94 -25.75 -2.63
CA PHE B 363 17.16 -24.95 -2.51
C PHE B 363 18.00 -25.42 -1.33
N ASP B 364 18.26 -26.73 -1.25
CA ASP B 364 18.90 -27.30 -0.07
C ASP B 364 20.37 -26.93 0.01
N ARG B 365 21.00 -26.62 -1.13
CA ARG B 365 22.41 -26.26 -1.18
C ARG B 365 22.56 -24.86 -1.74
N GLU B 366 23.39 -24.05 -1.08
CA GLU B 366 23.64 -22.67 -1.48
C GLU B 366 25.10 -22.52 -1.90
N VAL B 367 25.31 -21.93 -3.06
CA VAL B 367 26.65 -21.76 -3.63
C VAL B 367 26.93 -20.27 -3.74
N ASP B 368 28.10 -19.85 -3.26
CA ASP B 368 28.48 -18.45 -3.24
C ASP B 368 29.36 -18.14 -4.44
N ILE B 369 28.94 -17.16 -5.23
CA ILE B 369 29.71 -16.68 -6.37
C ILE B 369 30.30 -15.33 -6.00
N GLY B 370 31.54 -15.35 -5.51
CA GLY B 370 32.14 -14.13 -4.99
C GLY B 370 32.73 -13.25 -6.07
N ILE B 371 33.23 -12.09 -5.63
CA ILE B 371 33.87 -11.14 -6.54
C ILE B 371 35.11 -11.79 -7.14
N PRO B 372 35.34 -11.66 -8.45
CA PRO B 372 36.47 -12.36 -9.09
C PRO B 372 37.82 -11.98 -8.52
N ASP B 373 38.72 -12.96 -8.44
CA ASP B 373 40.08 -12.74 -7.98
C ASP B 373 40.91 -12.12 -9.10
N ALA B 374 42.17 -11.78 -8.78
CA ALA B 374 43.06 -11.23 -9.79
C ALA B 374 43.28 -12.22 -10.93
N THR B 375 43.60 -13.48 -10.61
CA THR B 375 43.76 -14.49 -11.65
C THR B 375 42.41 -14.83 -12.27
N GLY B 376 41.34 -14.78 -11.49
CA GLY B 376 40.01 -15.02 -12.05
C GLY B 376 39.61 -13.95 -13.04
N ARG B 377 39.87 -12.68 -12.72
CA ARG B 377 39.54 -11.61 -13.65
C ARG B 377 40.48 -11.60 -14.85
N LEU B 378 41.73 -12.06 -14.66
CA LEU B 378 42.61 -12.26 -15.80
C LEU B 378 42.05 -13.32 -16.75
N GLU B 379 41.53 -14.42 -16.19
CA GLU B 379 40.93 -15.45 -17.01
C GLU B 379 39.68 -14.95 -17.71
N ILE B 380 38.88 -14.12 -17.02
CA ILE B 380 37.71 -13.53 -17.64
C ILE B 380 38.11 -12.65 -18.82
N LEU B 381 39.17 -11.84 -18.64
CA LEU B 381 39.66 -11.00 -19.73
C LEU B 381 40.16 -11.85 -20.90
N GLN B 382 40.86 -12.94 -20.60
CA GLN B 382 41.34 -13.82 -21.67
C GLN B 382 40.17 -14.42 -22.44
N ILE B 383 39.12 -14.83 -21.74
CA ILE B 383 37.95 -15.41 -22.39
C ILE B 383 37.26 -14.36 -23.26
N HIS B 384 37.12 -13.14 -22.75
CA HIS B 384 36.39 -12.12 -23.50
C HIS B 384 37.19 -11.60 -24.69
N THR B 385 38.51 -11.63 -24.61
CA THR B 385 39.36 -11.09 -25.66
C THR B 385 39.82 -12.14 -26.66
N LYS B 386 39.34 -13.38 -26.55
CA LYS B 386 39.79 -14.42 -27.49
C LYS B 386 39.30 -14.13 -28.90
N ASN B 387 38.10 -13.57 -29.05
CA ASN B 387 37.60 -13.26 -30.38
C ASN B 387 38.24 -12.01 -30.94
N MET B 388 38.61 -11.06 -30.08
CA MET B 388 39.23 -9.82 -30.52
C MET B 388 40.67 -10.06 -30.95
N LYS B 389 41.24 -9.07 -31.62
CA LYS B 389 42.65 -9.10 -32.01
C LYS B 389 43.47 -8.31 -31.01
N LEU B 390 44.55 -8.92 -30.53
CA LEU B 390 45.40 -8.33 -29.50
C LEU B 390 46.80 -8.09 -30.06
N ALA B 391 47.33 -6.90 -29.82
CA ALA B 391 48.67 -6.56 -30.28
C ALA B 391 49.72 -7.21 -29.38
N ASP B 392 50.98 -7.05 -29.77
CA ASP B 392 52.08 -7.58 -28.96
C ASP B 392 52.35 -6.71 -27.74
N ASP B 393 52.09 -5.40 -27.86
CA ASP B 393 52.40 -4.48 -26.77
C ASP B 393 51.52 -4.73 -25.55
N VAL B 394 50.26 -5.11 -25.78
CA VAL B 394 49.29 -5.22 -24.69
C VAL B 394 49.63 -6.41 -23.81
N ASP B 395 49.47 -6.25 -22.49
CA ASP B 395 49.56 -7.33 -21.53
C ASP B 395 48.25 -7.36 -20.73
N LEU B 396 47.56 -8.50 -20.78
CA LEU B 396 46.28 -8.61 -20.08
C LEU B 396 46.48 -8.64 -18.57
N GLU B 397 47.63 -9.11 -18.12
CA GLU B 397 47.88 -9.17 -16.67
C GLU B 397 47.95 -7.77 -16.07
N GLN B 398 48.50 -6.80 -16.80
CA GLN B 398 48.50 -5.42 -16.33
C GLN B 398 47.07 -4.90 -16.19
N VAL B 399 46.21 -5.19 -17.17
CA VAL B 399 44.82 -4.75 -17.10
C VAL B 399 44.11 -5.40 -15.91
N ALA B 400 44.39 -6.69 -15.68
CA ALA B 400 43.81 -7.37 -14.53
C ALA B 400 44.26 -6.74 -13.22
N ASN B 401 45.55 -6.40 -13.13
CA ASN B 401 46.07 -5.78 -11.91
C ASN B 401 45.45 -4.41 -11.67
N GLU B 402 45.27 -3.62 -12.73
CA GLU B 402 44.74 -2.27 -12.55
C GLU B 402 43.24 -2.30 -12.24
N THR B 403 42.57 -3.41 -12.56
CA THR B 403 41.15 -3.56 -12.26
C THR B 403 40.97 -4.21 -10.88
N HIS B 404 41.07 -3.37 -9.85
CA HIS B 404 41.07 -3.88 -8.48
C HIS B 404 39.72 -4.45 -8.09
N GLY B 405 38.64 -3.70 -8.34
CA GLY B 405 37.31 -4.09 -7.94
C GLY B 405 36.33 -4.34 -9.06
N HIS B 406 36.82 -4.54 -10.29
CA HIS B 406 35.92 -4.73 -11.42
C HIS B 406 35.34 -6.14 -11.43
N VAL B 407 34.13 -6.27 -11.98
CA VAL B 407 33.46 -7.56 -12.09
C VAL B 407 33.47 -7.99 -13.56
N GLY B 408 33.08 -9.25 -13.81
CA GLY B 408 33.13 -9.78 -15.16
C GLY B 408 32.32 -8.95 -16.15
N ALA B 409 31.14 -8.48 -15.74
CA ALA B 409 30.37 -7.59 -16.58
C ALA B 409 31.13 -6.29 -16.84
N ASP B 410 31.78 -5.77 -15.80
CA ASP B 410 32.60 -4.58 -15.96
C ASP B 410 33.76 -4.82 -16.92
N LEU B 411 34.38 -6.01 -16.84
CA LEU B 411 35.46 -6.33 -17.76
C LEU B 411 34.97 -6.41 -19.20
N ALA B 412 33.80 -7.02 -19.42
CA ALA B 412 33.25 -7.08 -20.76
C ALA B 412 32.95 -5.69 -21.31
N ALA B 413 32.36 -4.82 -20.47
CA ALA B 413 32.11 -3.45 -20.89
C ALA B 413 33.42 -2.72 -21.17
N LEU B 414 34.46 -3.01 -20.40
CA LEU B 414 35.77 -2.41 -20.62
C LEU B 414 36.33 -2.81 -21.98
N CYS B 415 36.26 -4.09 -22.32
CA CYS B 415 36.75 -4.54 -23.63
C CYS B 415 35.95 -3.89 -24.76
N SER B 416 34.63 -3.83 -24.62
CA SER B 416 33.82 -3.21 -25.65
C SER B 416 34.16 -1.73 -25.83
N GLU B 417 34.31 -1.00 -24.72
CA GLU B 417 34.64 0.41 -24.79
C GLU B 417 36.02 0.64 -25.38
N ALA B 418 36.96 -0.27 -25.10
CA ALA B 418 38.30 -0.14 -25.67
C ALA B 418 38.29 -0.38 -27.17
N ALA B 419 37.51 -1.36 -27.63
CA ALA B 419 37.35 -1.53 -29.07
C ALA B 419 36.73 -0.30 -29.71
N LEU B 420 35.74 0.29 -29.04
CA LEU B 420 35.18 1.54 -29.53
C LEU B 420 36.24 2.63 -29.59
N GLN B 421 37.14 2.67 -28.60
CA GLN B 421 38.20 3.68 -28.60
C GLN B 421 39.15 3.47 -29.76
N ALA B 422 39.41 2.21 -30.12
CA ALA B 422 40.19 1.94 -31.33
C ALA B 422 39.47 2.46 -32.57
N ILE B 423 38.15 2.28 -32.62
CA ILE B 423 37.36 2.84 -33.72
C ILE B 423 37.49 4.37 -33.75
N ARG B 424 37.46 5.01 -32.58
CA ARG B 424 37.67 6.46 -32.51
C ARG B 424 39.06 6.84 -32.99
N LYS B 425 40.06 6.01 -32.70
CA LYS B 425 41.41 6.27 -33.18
C LYS B 425 41.46 6.25 -34.69
N LYS B 426 40.77 5.29 -35.32
CA LYS B 426 40.84 5.18 -36.77
C LYS B 426 39.79 5.98 -37.52
N MET B 427 38.83 6.62 -36.83
CA MET B 427 37.77 7.32 -37.55
C MET B 427 38.30 8.56 -38.29
N ASP B 428 39.28 9.25 -37.70
CA ASP B 428 39.78 10.47 -38.33
C ASP B 428 40.58 10.20 -39.59
N LEU B 429 41.11 8.99 -39.75
CA LEU B 429 41.84 8.67 -40.97
C LEU B 429 40.94 8.71 -42.20
N ILE B 430 39.74 8.14 -42.09
CA ILE B 430 38.85 8.03 -43.24
C ILE B 430 38.20 9.38 -43.52
N ASP B 431 38.07 9.72 -44.80
CA ASP B 431 37.41 10.97 -45.18
C ASP B 431 35.89 10.81 -45.16
N LEU B 432 35.40 9.57 -45.13
CA LEU B 432 34.01 9.18 -44.92
C LEU B 432 33.12 9.49 -46.13
N GLU B 433 33.64 10.11 -47.19
CA GLU B 433 32.80 10.42 -48.34
C GLU B 433 32.48 9.17 -49.14
N ASP B 434 33.34 8.15 -49.08
CA ASP B 434 33.08 6.91 -49.78
C ASP B 434 32.11 6.04 -49.00
N GLU B 435 31.27 5.30 -49.72
CA GLU B 435 30.34 4.38 -49.06
C GLU B 435 31.09 3.22 -48.40
N THR B 436 32.26 2.87 -48.93
CA THR B 436 33.07 1.79 -48.40
C THR B 436 34.48 2.29 -48.13
N ILE B 437 35.09 1.80 -47.05
CA ILE B 437 36.43 2.22 -46.68
C ILE B 437 37.46 1.46 -47.51
N ASP B 438 38.55 2.14 -47.87
CA ASP B 438 39.63 1.50 -48.59
C ASP B 438 40.28 0.41 -47.74
N ALA B 439 40.81 -0.61 -48.40
CA ALA B 439 41.29 -1.79 -47.69
C ALA B 439 42.52 -1.48 -46.84
N GLU B 440 43.33 -0.52 -47.25
CA GLU B 440 44.55 -0.22 -46.50
C GLU B 440 44.23 0.31 -45.11
N VAL B 441 43.29 1.25 -45.01
CA VAL B 441 42.87 1.73 -43.69
C VAL B 441 42.17 0.62 -42.92
N MET B 442 41.45 -0.25 -43.62
CA MET B 442 40.78 -1.37 -42.98
C MET B 442 41.79 -2.29 -42.29
N ASN B 443 42.91 -2.57 -42.94
CA ASN B 443 43.93 -3.42 -42.34
C ASN B 443 44.73 -2.66 -41.29
N SER B 444 44.85 -1.34 -41.45
CA SER B 444 45.66 -0.56 -40.51
C SER B 444 45.09 -0.59 -39.10
N LEU B 445 43.78 -0.74 -38.97
CA LEU B 445 43.14 -0.70 -37.66
C LEU B 445 43.59 -1.86 -36.78
N ALA B 446 43.90 -1.55 -35.52
CA ALA B 446 44.29 -2.56 -34.55
C ALA B 446 44.04 -2.01 -33.15
N VAL B 447 44.02 -2.92 -32.17
CA VAL B 447 43.78 -2.57 -30.77
C VAL B 447 45.10 -2.60 -30.03
N THR B 448 45.36 -1.56 -29.25
CA THR B 448 46.63 -1.39 -28.55
C THR B 448 46.38 -1.21 -27.05
N MET B 449 47.48 -1.15 -26.29
CA MET B 449 47.39 -1.00 -24.84
C MET B 449 46.82 0.35 -24.44
N ASP B 450 47.05 1.38 -25.27
CA ASP B 450 46.57 2.71 -24.94
C ASP B 450 45.06 2.76 -24.89
N ASP B 451 44.40 2.04 -25.80
CA ASP B 451 42.94 1.97 -25.77
C ASP B 451 42.45 1.33 -24.48
N PHE B 452 43.11 0.25 -24.05
CA PHE B 452 42.72 -0.38 -22.79
C PHE B 452 42.93 0.55 -21.61
N ARG B 453 44.02 1.31 -21.61
CA ARG B 453 44.27 2.25 -20.52
C ARG B 453 43.22 3.37 -20.49
N TRP B 454 42.83 3.86 -21.67
CA TRP B 454 41.77 4.86 -21.73
C TRP B 454 40.45 4.29 -21.23
N ALA B 455 40.15 3.04 -21.58
CA ALA B 455 38.94 2.40 -21.06
C ALA B 455 39.00 2.24 -19.56
N LEU B 456 40.17 1.89 -19.02
CA LEU B 456 40.34 1.78 -17.58
C LEU B 456 40.08 3.12 -16.90
N SER B 457 40.59 4.20 -17.48
CA SER B 457 40.34 5.53 -16.93
C SER B 457 38.85 5.86 -16.98
N GLN B 458 38.18 5.50 -18.08
CA GLN B 458 36.76 5.85 -18.22
C GLN B 458 35.86 4.93 -17.39
N SER B 459 36.24 3.66 -17.26
CA SER B 459 35.35 2.69 -16.63
C SER B 459 35.25 2.91 -15.13
N ASN B 460 34.14 2.43 -14.56
CA ASN B 460 33.85 2.56 -13.15
C ASN B 460 33.50 1.21 -12.56
N PRO B 461 34.23 0.74 -11.54
CA PRO B 461 33.89 -0.56 -10.92
C PRO B 461 32.49 -0.55 -10.33
N SER B 462 31.85 -1.71 -10.38
CA SER B 462 30.49 -1.86 -9.84
C SER B 462 30.48 -2.51 -8.46
N ALA B 463 31.54 -3.20 -8.06
CA ALA B 463 31.56 -3.84 -6.76
C ALA B 463 31.50 -2.83 -5.62
N LEU B 464 32.27 -1.75 -5.74
CA LEU B 464 32.29 -0.72 -4.70
C LEU B 464 32.28 0.68 -5.32
N ARG B 465 29.78 0.73 -7.17
CA ARG B 465 29.56 2.05 -7.73
C ARG B 465 29.23 3.06 -6.62
N GLU B 466 28.87 2.55 -5.45
CA GLU B 466 28.49 3.42 -4.35
C GLU B 466 29.69 4.20 -3.82
N THR B 467 30.81 3.52 -3.56
CA THR B 467 32.00 4.17 -3.03
C THR B 467 32.93 4.57 -4.18
N VAL B 468 32.54 5.64 -4.87
CA VAL B 468 33.32 6.21 -5.96
C VAL B 468 33.73 7.62 -5.57
N VAL B 469 35.01 7.93 -5.74
CA VAL B 469 35.56 9.22 -5.38
C VAL B 469 36.78 9.50 -6.25
N GLU B 470 37.08 10.78 -6.44
CA GLU B 470 38.21 11.17 -7.26
C GLU B 470 39.52 10.76 -6.58
N VAL B 471 40.48 10.34 -7.39
CA VAL B 471 41.79 9.89 -6.91
C VAL B 471 42.72 11.10 -6.90
N PRO B 472 43.24 11.52 -5.75
CA PRO B 472 44.14 12.68 -5.70
C PRO B 472 45.43 12.45 -6.49
N GLN B 473 45.77 11.18 -6.73
CA GLN B 473 46.94 10.80 -7.52
C GLN B 473 48.23 11.32 -6.88
N VAL B 474 48.53 10.83 -5.68
CA VAL B 474 49.78 11.14 -5.02
C VAL B 474 50.72 9.95 -5.12
N THR B 475 52.03 10.23 -5.18
CA THR B 475 53.04 9.20 -5.33
C THR B 475 53.98 9.25 -4.13
N TRP B 476 54.69 8.14 -3.88
CA TRP B 476 55.66 8.11 -2.80
C TRP B 476 56.75 9.15 -3.00
N GLU B 477 57.02 9.52 -4.25
CA GLU B 477 58.01 10.56 -4.53
C GLU B 477 57.49 11.93 -4.08
N ASP B 478 56.17 12.12 -4.09
CA ASP B 478 55.60 13.38 -3.62
C ASP B 478 55.91 13.60 -2.14
N ILE B 479 55.83 12.53 -1.34
CA ILE B 479 56.05 12.64 0.09
C ILE B 479 57.55 12.72 0.37
N GLY B 480 57.93 13.70 1.19
CA GLY B 480 59.32 13.90 1.58
C GLY B 480 59.54 13.46 3.01
N GLY B 481 60.65 12.76 3.23
CA GLY B 481 60.93 12.20 4.53
C GLY B 481 60.09 10.97 4.81
N LEU B 482 60.04 10.61 6.10
CA LEU B 482 59.26 9.46 6.57
C LEU B 482 59.63 8.19 5.82
N GLU B 483 60.93 7.98 5.63
CA GLU B 483 61.39 6.81 4.88
C GLU B 483 61.03 5.51 5.60
N ASP B 484 61.16 5.49 6.92
CA ASP B 484 60.79 4.30 7.68
C ASP B 484 59.29 4.04 7.60
N VAL B 485 58.48 5.10 7.68
CA VAL B 485 57.03 4.95 7.62
C VAL B 485 56.60 4.48 6.24
N LYS B 486 57.27 4.96 5.20
CA LYS B 486 56.94 4.52 3.84
C LYS B 486 57.16 3.02 3.67
N ARG B 487 58.27 2.50 4.19
CA ARG B 487 58.57 1.08 4.02
C ARG B 487 57.57 0.21 4.76
N GLU B 488 57.23 0.58 6.00
CA GLU B 488 56.29 -0.21 6.79
C GLU B 488 54.91 -0.22 6.16
N LEU B 489 54.47 0.91 5.62
CA LEU B 489 53.18 0.95 4.93
C LEU B 489 53.19 0.06 3.70
N GLN B 490 54.29 0.07 2.94
CA GLN B 490 54.38 -0.76 1.76
C GLN B 490 54.43 -2.24 2.13
N GLU B 491 55.18 -2.59 3.18
CA GLU B 491 55.31 -3.99 3.56
C GLU B 491 54.02 -4.56 4.10
N LEU B 492 53.26 -3.76 4.85
CA LEU B 492 52.06 -4.27 5.52
C LEU B 492 50.98 -4.67 4.53
N VAL B 493 50.90 -3.97 3.40
CA VAL B 493 49.88 -4.29 2.41
C VAL B 493 50.38 -5.34 1.44
N GLN B 494 51.65 -5.26 1.04
CA GLN B 494 52.16 -6.13 -0.03
C GLN B 494 52.48 -7.52 0.46
N TYR B 495 53.06 -7.66 1.65
CA TYR B 495 53.51 -8.98 2.11
C TYR B 495 52.39 -10.01 2.20
N PRO B 496 51.24 -9.74 2.85
CA PRO B 496 50.19 -10.78 2.93
C PRO B 496 49.62 -11.19 1.58
N VAL B 497 49.58 -10.27 0.61
CA VAL B 497 48.96 -10.58 -0.66
C VAL B 497 49.98 -11.14 -1.65
N GLU B 498 51.20 -10.62 -1.63
CA GLU B 498 52.22 -11.10 -2.57
C GLU B 498 52.86 -12.39 -2.08
N HIS B 499 52.90 -12.61 -0.76
CA HIS B 499 53.54 -13.78 -0.18
C HIS B 499 52.61 -14.45 0.82
N PRO B 500 51.50 -15.03 0.36
CA PRO B 500 50.65 -15.81 1.28
C PRO B 500 51.38 -17.01 1.88
N ASP B 501 52.29 -17.61 1.12
CA ASP B 501 52.94 -18.85 1.57
C ASP B 501 53.97 -18.58 2.65
N LYS B 502 54.58 -17.39 2.64
CA LYS B 502 55.58 -17.06 3.65
C LYS B 502 54.98 -17.05 5.05
N PHE B 503 53.77 -16.48 5.18
CA PHE B 503 53.10 -16.49 6.48
C PHE B 503 52.62 -17.89 6.84
N LEU B 504 52.19 -18.67 5.84
CA LEU B 504 51.75 -20.02 6.10
C LEU B 504 52.89 -20.89 6.62
N LYS B 505 54.09 -20.72 6.06
CA LYS B 505 55.25 -21.47 6.53
C LYS B 505 55.56 -21.15 7.98
N PHE B 506 55.57 -19.85 8.33
CA PHE B 506 55.78 -19.47 9.73
C PHE B 506 54.52 -19.70 10.56
N GLY B 507 53.37 -19.79 9.90
CA GLY B 507 52.16 -20.22 10.56
C GLY B 507 51.42 -19.17 11.37
N MET B 508 51.71 -17.89 11.18
CA MET B 508 51.05 -16.83 11.93
C MET B 508 50.51 -15.77 10.97
N THR B 509 49.38 -15.18 11.34
CA THR B 509 48.69 -14.24 10.47
C THR B 509 49.41 -12.89 10.49
N PRO B 510 49.32 -12.11 9.40
CA PRO B 510 49.95 -10.80 9.36
C PRO B 510 49.18 -9.77 10.20
N SER B 511 49.88 -8.69 10.55
CA SER B 511 49.23 -7.56 11.21
C SER B 511 48.49 -6.71 10.19
N LYS B 512 47.36 -6.13 10.60
CA LYS B 512 46.51 -5.36 9.71
C LYS B 512 46.00 -4.06 10.33
N GLY B 513 46.75 -3.46 11.25
CA GLY B 513 46.31 -2.26 11.94
C GLY B 513 47.42 -1.22 12.01
N VAL B 514 47.06 0.01 11.64
CA VAL B 514 47.97 1.15 11.68
C VAL B 514 47.19 2.37 12.16
N LEU B 515 47.80 3.18 13.01
CA LEU B 515 47.25 4.46 13.43
C LEU B 515 48.31 5.53 13.30
N PHE B 516 47.96 6.63 12.64
CA PHE B 516 48.84 7.80 12.51
C PHE B 516 48.33 8.89 13.44
N TYR B 517 49.19 9.38 14.32
CA TYR B 517 48.87 10.50 15.19
C TYR B 517 50.04 11.48 15.15
N GLY B 518 49.72 12.77 15.04
CA GLY B 518 50.73 13.80 15.00
C GLY B 518 50.13 15.18 14.85
N PRO B 519 50.99 16.20 14.89
CA PRO B 519 50.51 17.58 14.71
C PRO B 519 49.98 17.79 13.31
N PRO B 520 49.06 18.73 13.12
CA PRO B 520 48.47 18.94 11.80
C PRO B 520 49.51 19.35 10.76
N GLY B 521 49.28 18.91 9.52
CA GLY B 521 50.13 19.28 8.41
C GLY B 521 51.41 18.50 8.27
N CYS B 522 51.51 17.32 8.89
CA CYS B 522 52.74 16.53 8.83
C CYS B 522 52.63 15.34 7.88
N GLY B 523 51.57 15.24 7.10
CA GLY B 523 51.48 14.23 6.07
C GLY B 523 50.75 12.95 6.46
N LYS B 524 49.89 12.98 7.48
CA LYS B 524 49.17 11.77 7.86
C LYS B 524 48.22 11.31 6.75
N THR B 525 47.38 12.22 6.25
CA THR B 525 46.48 11.85 5.17
C THR B 525 47.19 11.84 3.81
N LEU B 526 48.35 12.49 3.72
CA LEU B 526 49.15 12.40 2.49
C LEU B 526 49.68 10.98 2.30
N LEU B 527 50.11 10.34 3.39
CA LEU B 527 50.58 8.96 3.30
C LEU B 527 49.46 8.02 2.85
N ALA B 528 48.24 8.24 3.35
CA ALA B 528 47.12 7.39 2.99
C ALA B 528 46.79 7.52 1.50
N LYS B 529 46.88 8.74 0.96
CA LYS B 529 46.56 8.95 -0.44
C LYS B 529 47.58 8.29 -1.35
N ALA B 530 48.83 8.15 -0.89
CA ALA B 530 49.84 7.46 -1.68
C ALA B 530 49.59 5.95 -1.67
N ILE B 531 49.00 5.43 -0.60
CA ILE B 531 48.70 4.00 -0.51
C ILE B 531 47.66 3.61 -1.56
N ALA B 532 46.72 4.51 -1.84
CA ALA B 532 45.64 4.20 -2.77
C ALA B 532 46.16 3.84 -4.15
N ASN B 533 47.25 4.49 -4.57
CA ASN B 533 47.75 4.26 -5.93
C ASN B 533 48.69 3.07 -5.99
N GLU B 534 49.73 3.05 -5.16
CA GLU B 534 50.82 2.10 -5.35
C GLU B 534 50.36 0.66 -5.11
N CYS B 535 49.52 0.45 -4.10
CA CYS B 535 49.09 -0.89 -3.73
C CYS B 535 48.06 -1.42 -4.73
N GLN B 536 48.12 -2.73 -4.95
CA GLN B 536 47.13 -3.40 -5.79
C GLN B 536 46.00 -3.94 -4.90
N ALA B 537 45.41 -3.02 -4.14
CA ALA B 537 44.32 -3.33 -3.25
C ALA B 537 43.28 -2.22 -3.31
N ASN B 538 42.03 -2.60 -3.05
CA ASN B 538 40.95 -1.63 -3.02
C ASN B 538 41.14 -0.67 -1.85
N PHE B 539 40.66 0.56 -2.03
CA PHE B 539 40.80 1.60 -1.03
C PHE B 539 39.44 2.23 -0.76
N ILE B 540 39.04 2.24 0.51
CA ILE B 540 37.81 2.88 0.95
C ILE B 540 38.16 3.94 1.98
N SER B 541 37.72 5.17 1.74
CA SER B 541 38.00 6.29 2.63
C SER B 541 36.70 6.71 3.31
N ILE B 542 36.74 6.78 4.64
CA ILE B 542 35.57 7.15 5.44
C ILE B 542 35.91 8.41 6.21
N LYS B 543 35.16 9.48 5.96
CA LYS B 543 35.21 10.65 6.83
C LYS B 543 34.56 10.29 8.16
N GLY B 544 35.08 10.87 9.24
CA GLY B 544 34.72 10.44 10.57
C GLY B 544 33.24 10.37 10.85
N PRO B 545 32.57 11.52 10.90
CA PRO B 545 31.14 11.51 11.25
C PRO B 545 30.22 11.13 10.10
N GLU B 546 30.76 10.57 9.00
CA GLU B 546 29.92 10.23 7.87
C GLU B 546 28.97 9.08 8.20
N LEU B 547 29.41 8.17 9.06
CA LEU B 547 28.63 6.97 9.35
C LEU B 547 27.46 7.24 10.29
N LEU B 548 27.50 8.33 11.06
CA LEU B 548 26.50 8.59 12.07
C LEU B 548 25.16 8.97 11.42
N THR B 549 24.07 8.55 12.05
CA THR B 549 22.73 8.77 11.54
C THR B 549 21.80 9.13 12.68
N MET B 550 20.77 9.92 12.37
CA MET B 550 19.82 10.35 13.38
C MET B 550 19.01 9.20 13.95
N TRP B 551 18.78 8.16 13.16
CA TRP B 551 17.88 7.08 13.57
C TRP B 551 18.52 6.16 14.60
N PHE B 552 17.69 5.34 15.23
CA PHE B 552 18.09 4.64 16.46
C PHE B 552 19.19 3.62 16.21
N GLY B 553 19.00 2.74 15.24
CA GLY B 553 19.96 1.67 15.03
C GLY B 553 20.68 1.74 13.70
N GLU B 554 20.66 2.90 13.05
CA GLU B 554 21.20 3.00 11.71
C GLU B 554 22.64 3.49 11.72
N SER B 555 23.07 4.11 12.82
CA SER B 555 24.47 4.47 12.95
C SER B 555 25.35 3.23 12.99
N GLU B 556 24.92 2.20 13.73
CA GLU B 556 25.67 0.95 13.79
C GLU B 556 25.47 0.12 12.53
N ALA B 557 24.32 0.26 11.89
CA ALA B 557 24.08 -0.47 10.64
C ALA B 557 25.01 0.01 9.54
N ASN B 558 25.39 1.29 9.58
CA ASN B 558 26.36 1.81 8.62
C ASN B 558 27.75 1.25 8.85
N VAL B 559 28.14 1.03 10.10
CA VAL B 559 29.45 0.46 10.40
C VAL B 559 29.53 -0.97 9.86
N ARG B 560 28.47 -1.75 10.04
CA ARG B 560 28.47 -3.12 9.54
C ARG B 560 28.54 -3.15 8.01
N GLU B 561 27.88 -2.20 7.35
CA GLU B 561 27.88 -2.18 5.89
C GLU B 561 29.26 -1.86 5.34
N ILE B 562 29.99 -0.95 6.01
CA ILE B 562 31.33 -0.59 5.56
C ILE B 562 32.27 -1.78 5.66
N PHE B 563 32.22 -2.49 6.80
CA PHE B 563 33.12 -3.61 6.99
C PHE B 563 32.71 -4.81 6.13
N ASP B 564 31.43 -4.91 5.80
CA ASP B 564 30.99 -5.99 4.92
C ASP B 564 31.49 -5.78 3.50
N LYS B 565 31.43 -4.53 3.01
CA LYS B 565 31.95 -4.23 1.68
C LYS B 565 33.45 -4.45 1.61
N ALA B 566 34.18 -4.08 2.66
CA ALA B 566 35.63 -4.29 2.67
C ALA B 566 35.97 -5.78 2.66
N ARG B 567 35.21 -6.59 3.38
CA ARG B 567 35.45 -8.03 3.38
C ARG B 567 35.18 -8.63 2.01
N GLN B 568 34.13 -8.16 1.32
CA GLN B 568 33.83 -8.67 -0.01
C GLN B 568 34.93 -8.32 -1.01
N ALA B 569 35.46 -7.11 -0.92
CA ALA B 569 36.49 -6.63 -1.84
C ALA B 569 37.90 -6.84 -1.33
N ALA B 570 38.12 -7.85 -0.49
CA ALA B 570 39.45 -8.11 0.02
C ALA B 570 40.37 -8.54 -1.11
N PRO B 571 41.63 -8.07 -1.16
CA PRO B 571 42.24 -7.16 -0.18
C PRO B 571 41.80 -5.71 -0.33
N CYS B 572 41.35 -5.10 0.76
CA CYS B 572 40.87 -3.73 0.75
C CYS B 572 41.49 -2.97 1.91
N VAL B 573 41.85 -1.71 1.67
CA VAL B 573 42.41 -0.85 2.70
C VAL B 573 41.29 0.07 3.19
N LEU B 574 40.99 -0.02 4.47
CA LEU B 574 39.92 0.75 5.09
C LEU B 574 40.54 1.89 5.89
N PHE B 575 40.46 3.10 5.36
CA PHE B 575 41.13 4.26 5.95
C PHE B 575 40.11 5.13 6.66
N PHE B 576 40.35 5.39 7.95
CA PHE B 576 39.49 6.22 8.77
C PHE B 576 40.20 7.55 9.04
N ASP B 577 39.70 8.62 8.43
CA ASP B 577 40.24 9.96 8.64
C ASP B 577 39.51 10.61 9.81
N GLN B 578 40.29 11.22 10.71
CA GLN B 578 39.76 11.76 11.96
C GLN B 578 39.05 10.67 12.75
N LEU B 579 39.81 9.64 13.13
CA LEU B 579 39.24 8.51 13.85
C LEU B 579 38.75 8.91 15.24
N ASP B 580 39.21 10.05 15.75
CA ASP B 580 38.81 10.49 17.09
C ASP B 580 37.33 10.84 17.16
N SER B 581 36.69 11.08 16.01
CA SER B 581 35.30 11.51 16.01
C SER B 581 34.36 10.36 16.34
N ILE B 582 34.63 9.17 15.79
CA ILE B 582 33.74 8.04 16.02
C ILE B 582 34.23 7.19 17.19
N ALA B 583 35.53 7.22 17.48
CA ALA B 583 36.11 6.47 18.57
C ALA B 583 36.39 7.40 19.74
N LYS B 584 35.82 7.08 20.90
CA LYS B 584 36.00 7.84 22.11
C LYS B 584 36.15 6.90 23.29
N ALA B 585 36.49 7.45 24.46
CA ALA B 585 36.79 6.62 25.62
C ALA B 585 35.57 5.92 26.19
N ARG B 586 34.37 6.17 25.64
CA ARG B 586 33.11 5.58 26.07
C ARG B 586 32.68 6.12 27.43
N GLY B 587 31.38 6.27 27.63
CA GLY B 587 30.86 6.87 28.84
C GLY B 587 31.24 8.33 29.00
N GLY B 588 31.37 9.06 27.89
CA GLY B 588 31.70 10.47 27.98
C GLY B 588 30.58 11.31 28.53
N ASN B 589 29.36 11.12 28.02
CA ASN B 589 28.22 11.89 28.48
C ASN B 589 26.95 11.11 28.17
N ILE B 590 25.87 11.48 28.85
CA ILE B 590 24.56 10.85 28.63
C ILE B 590 23.78 11.49 27.49
N GLY B 591 24.18 12.68 27.04
CA GLY B 591 23.51 13.38 25.97
C GLY B 591 24.02 13.11 24.58
N ASP B 592 24.92 12.12 24.42
CA ASP B 592 25.49 11.80 23.12
C ASP B 592 24.54 10.88 22.35
N GLY B 593 23.40 11.46 21.99
CA GLY B 593 22.39 10.71 21.24
C GLY B 593 21.80 9.55 22.00
N GLY B 594 21.66 9.69 23.32
CA GLY B 594 21.15 8.60 24.13
C GLY B 594 22.02 7.36 24.10
N GLY B 595 23.33 7.53 24.19
CA GLY B 595 24.25 6.41 24.16
C GLY B 595 24.56 5.87 22.77
N ALA B 596 24.16 6.58 21.72
CA ALA B 596 24.42 6.10 20.36
C ALA B 596 25.90 6.15 20.03
N ALA B 597 26.61 7.16 20.55
CA ALA B 597 28.05 7.24 20.32
C ALA B 597 28.78 6.08 20.97
N ASP B 598 28.36 5.69 22.18
CA ASP B 598 28.95 4.54 22.84
C ASP B 598 28.63 3.26 22.08
N ARG B 599 27.44 3.18 21.48
CA ARG B 599 27.00 1.95 20.83
C ARG B 599 27.70 1.76 19.50
N VAL B 600 28.09 2.85 18.84
CA VAL B 600 28.82 2.75 17.57
C VAL B 600 30.21 2.18 17.80
N ILE B 601 30.84 2.56 18.91
CA ILE B 601 32.17 2.04 19.23
C ILE B 601 32.13 0.53 19.42
N ASN B 602 31.11 0.05 20.12
CA ASN B 602 30.98 -1.38 20.37
C ASN B 602 30.81 -2.16 19.06
N GLN B 603 30.07 -1.58 18.11
CA GLN B 603 29.93 -2.21 16.81
C GLN B 603 31.26 -2.23 16.06
N ILE B 604 32.04 -1.16 16.18
CA ILE B 604 33.36 -1.12 15.54
C ILE B 604 34.28 -2.17 16.16
N LEU B 605 34.16 -2.40 17.46
CA LEU B 605 35.02 -3.36 18.13
C LEU B 605 34.80 -4.77 17.59
N THR B 606 33.53 -5.16 17.41
CA THR B 606 33.23 -6.51 16.93
C THR B 606 33.68 -6.69 15.48
N GLU B 607 33.52 -5.67 14.64
CA GLU B 607 33.87 -5.79 13.23
C GLU B 607 35.37 -5.96 13.05
N MET B 608 36.17 -5.20 13.81
CA MET B 608 37.62 -5.26 13.66
C MET B 608 38.18 -6.55 14.26
N ASP B 609 37.62 -7.00 15.37
CA ASP B 609 38.07 -8.21 16.04
C ASP B 609 36.89 -8.84 16.77
N GLY B 610 36.30 -9.86 16.17
CA GLY B 610 35.18 -10.56 16.77
C GLY B 610 35.32 -12.04 16.52
N MET B 611 34.18 -12.73 16.46
CA MET B 611 34.19 -14.16 16.14
C MET B 611 33.93 -14.40 14.67
N SER B 612 34.76 -13.83 13.81
CA SER B 612 34.67 -14.06 12.38
C SER B 612 36.07 -14.22 11.81
N THR B 613 36.16 -14.98 10.72
CA THR B 613 37.44 -15.20 10.08
C THR B 613 38.00 -13.88 9.57
N LYS B 614 39.29 -13.65 9.81
CA LYS B 614 39.95 -12.41 9.44
C LYS B 614 40.34 -12.46 7.97
N LYS B 615 39.75 -11.58 7.17
CA LYS B 615 40.08 -11.47 5.76
C LYS B 615 41.28 -10.52 5.61
N ASN B 616 41.68 -10.28 4.36
CA ASN B 616 42.81 -9.39 4.07
C ASN B 616 42.31 -7.94 4.01
N VAL B 617 41.77 -7.49 5.15
CA VAL B 617 41.27 -6.12 5.31
C VAL B 617 42.21 -5.38 6.24
N PHE B 618 42.78 -4.28 5.74
CA PHE B 618 43.75 -3.48 6.48
C PHE B 618 43.09 -2.17 6.88
N ILE B 619 43.14 -1.86 8.16
CA ILE B 619 42.49 -0.68 8.72
C ILE B 619 43.56 0.33 9.11
N ILE B 620 43.46 1.52 8.56
CA ILE B 620 44.39 2.61 8.85
C ILE B 620 43.60 3.78 9.40
N GLY B 621 44.04 4.31 10.53
CA GLY B 621 43.38 5.46 11.13
C GLY B 621 44.31 6.65 11.27
N ALA B 622 43.84 7.81 10.83
CA ALA B 622 44.61 9.05 10.95
C ALA B 622 43.89 9.94 11.96
N THR B 623 44.42 9.99 13.18
CA THR B 623 43.83 10.77 14.26
C THR B 623 44.75 11.93 14.58
N ASN B 624 44.16 13.03 15.06
CA ASN B 624 44.97 14.19 15.43
C ASN B 624 45.18 14.22 16.95
N ARG B 625 44.17 13.83 17.71
CA ARG B 625 44.27 13.73 19.17
C ARG B 625 44.08 12.29 19.61
N PRO B 626 45.15 11.53 19.84
CA PRO B 626 44.98 10.09 20.07
C PRO B 626 44.64 9.74 21.51
N ASP B 627 44.80 10.67 22.45
CA ASP B 627 44.60 10.34 23.85
C ASP B 627 43.13 10.10 24.18
N ILE B 628 42.21 10.63 23.38
CA ILE B 628 40.79 10.46 23.66
C ILE B 628 40.26 9.16 23.08
N ILE B 629 41.07 8.49 22.26
CA ILE B 629 40.61 7.29 21.58
C ILE B 629 40.43 6.15 22.58
N ASP B 630 39.45 5.30 22.32
CA ASP B 630 39.15 4.18 23.20
C ASP B 630 40.37 3.26 23.31
N PRO B 631 40.78 2.88 24.52
CA PRO B 631 41.90 1.93 24.63
C PRO B 631 41.65 0.60 23.98
N ALA B 632 40.39 0.18 23.84
CA ALA B 632 40.08 -1.08 23.18
C ALA B 632 40.38 -1.00 21.68
N ILE B 633 40.21 0.17 21.07
CA ILE B 633 40.55 0.35 19.67
C ILE B 633 42.05 0.17 19.47
N LEU B 634 42.86 0.74 20.36
CA LEU B 634 44.31 0.73 20.19
C LEU B 634 44.93 -0.61 20.61
N ARG B 635 44.11 -1.56 21.04
CA ARG B 635 44.60 -2.87 21.44
C ARG B 635 45.22 -3.57 20.23
N PRO B 636 46.32 -4.30 20.43
CA PRO B 636 46.86 -5.13 19.33
C PRO B 636 45.83 -6.14 18.85
N GLY B 637 45.81 -6.35 17.54
CA GLY B 637 44.74 -7.10 16.91
C GLY B 637 43.67 -6.23 16.29
N ARG B 638 43.56 -4.96 16.69
CA ARG B 638 42.68 -4.02 16.02
C ARG B 638 43.49 -2.92 15.36
N LEU B 639 44.28 -2.19 16.17
CA LEU B 639 45.25 -1.21 15.68
C LEU B 639 46.54 -1.44 16.46
N ASP B 640 47.39 -2.34 15.97
CA ASP B 640 48.50 -2.81 16.78
C ASP B 640 49.76 -1.98 16.56
N GLN B 641 49.84 -1.29 15.43
CA GLN B 641 51.03 -0.49 15.11
C GLN B 641 50.67 0.99 15.22
N LEU B 642 51.21 1.66 16.22
CA LEU B 642 50.98 3.08 16.45
C LEU B 642 52.20 3.86 15.96
N ILE B 643 52.00 4.64 14.91
CA ILE B 643 53.09 5.37 14.26
C ILE B 643 52.91 6.85 14.55
N TYR B 644 53.95 7.48 15.10
CA TYR B 644 53.94 8.90 15.40
C TYR B 644 54.56 9.66 14.23
N ILE B 645 53.78 10.58 13.65
CA ILE B 645 54.24 11.39 12.53
C ILE B 645 54.59 12.77 13.08
N PRO B 646 55.86 13.04 13.40
CA PRO B 646 56.20 14.30 14.08
C PRO B 646 56.44 15.43 13.09
N LEU B 647 56.79 16.58 13.66
CA LEU B 647 57.23 17.69 12.84
C LEU B 647 58.56 17.34 12.17
N PRO B 648 58.69 17.59 10.87
CA PRO B 648 59.91 17.17 10.16
C PRO B 648 61.15 17.84 10.72
N ASP B 649 62.22 17.05 10.84
CA ASP B 649 63.49 17.58 11.30
C ASP B 649 64.27 18.15 10.12
N GLU B 650 65.50 18.58 10.40
CA GLU B 650 66.29 19.30 9.40
C GLU B 650 66.55 18.43 8.17
N LYS B 651 66.87 17.15 8.38
CA LYS B 651 67.11 16.26 7.25
C LYS B 651 65.84 16.06 6.43
N SER B 652 64.69 15.88 7.10
CA SER B 652 63.45 15.66 6.37
C SER B 652 62.99 16.92 5.64
N ARG B 653 63.23 18.08 6.23
CA ARG B 653 62.79 19.33 5.62
C ARG B 653 63.46 19.55 4.27
N VAL B 654 64.74 19.20 4.16
CA VAL B 654 65.43 19.28 2.88
C VAL B 654 64.74 18.40 1.85
N ALA B 655 64.37 17.18 2.25
CA ALA B 655 63.65 16.29 1.35
C ALA B 655 62.29 16.85 0.98
N ILE B 656 61.60 17.48 1.94
CA ILE B 656 60.30 18.08 1.65
C ILE B 656 60.47 19.22 0.65
N LEU B 657 61.47 20.07 0.85
CA LEU B 657 61.70 21.16 -0.09
C LEU B 657 62.07 20.65 -1.48
N LYS B 658 62.93 19.63 -1.54
CA LYS B 658 63.31 19.06 -2.83
C LYS B 658 62.11 18.40 -3.52
N ALA B 659 61.26 17.73 -2.74
CA ALA B 659 60.13 17.01 -3.33
C ALA B 659 59.17 17.96 -4.02
N ASN B 660 58.88 19.11 -3.39
CA ASN B 660 57.97 20.07 -4.01
C ASN B 660 58.63 20.75 -5.21
N LEU B 661 59.96 20.89 -5.18
CA LEU B 661 60.69 21.69 -6.15
C LEU B 661 61.14 20.90 -7.38
N ARG B 662 60.95 19.58 -7.41
CA ARG B 662 61.44 18.81 -8.54
C ARG B 662 60.66 19.16 -9.81
N LYS B 663 59.35 19.40 -9.68
CA LYS B 663 58.53 19.70 -10.84
C LYS B 663 58.79 21.11 -11.37
N SER B 664 58.90 22.08 -10.48
CA SER B 664 59.10 23.47 -10.88
C SER B 664 60.59 23.77 -11.05
N PRO B 665 61.00 24.27 -12.21
CA PRO B 665 62.41 24.63 -12.40
C PRO B 665 62.84 25.70 -11.39
N VAL B 666 64.08 25.57 -10.91
CA VAL B 666 64.62 26.47 -9.91
C VAL B 666 66.03 26.88 -10.33
N ALA B 667 66.45 28.06 -9.87
CA ALA B 667 67.80 28.51 -10.12
C ALA B 667 68.80 27.73 -9.27
N LYS B 668 69.99 27.52 -9.82
CA LYS B 668 71.05 26.84 -9.08
C LYS B 668 71.48 27.66 -7.86
N ASP B 669 71.25 28.97 -7.91
CA ASP B 669 71.69 29.84 -6.83
C ASP B 669 70.96 29.55 -5.52
N VAL B 670 69.77 28.93 -5.61
CA VAL B 670 68.97 28.68 -4.43
C VAL B 670 69.61 27.58 -3.59
N ASP B 671 69.75 27.84 -2.28
CA ASP B 671 70.29 26.89 -1.33
C ASP B 671 69.15 26.37 -0.47
N LEU B 672 68.68 25.15 -0.78
CA LEU B 672 67.58 24.58 -0.03
C LEU B 672 68.00 24.19 1.39
N GLU B 673 69.27 23.81 1.57
CA GLU B 673 69.74 23.40 2.88
C GLU B 673 69.67 24.56 3.88
N PHE B 674 69.95 25.78 3.42
CA PHE B 674 69.91 26.93 4.32
C PHE B 674 68.49 27.22 4.79
N LEU B 675 67.50 27.00 3.91
CA LEU B 675 66.12 27.19 4.31
C LEU B 675 65.71 26.23 5.43
N ALA B 676 66.15 24.97 5.34
CA ALA B 676 65.77 23.98 6.34
C ALA B 676 66.31 24.34 7.72
N LYS B 677 67.52 24.88 7.77
CA LYS B 677 68.12 25.21 9.07
C LYS B 677 67.34 26.30 9.79
N MET B 678 66.91 27.32 9.05
CA MET B 678 66.19 28.42 9.68
C MET B 678 64.75 28.02 10.03
N THR B 679 64.15 27.15 9.22
CA THR B 679 62.76 26.74 9.38
C THR B 679 62.67 25.60 10.41
N ASN B 680 62.92 25.94 11.67
CA ASN B 680 63.05 24.93 12.70
C ASN B 680 61.72 24.21 12.97
N GLY B 681 60.66 24.97 13.21
CA GLY B 681 59.41 24.41 13.66
C GLY B 681 58.30 24.29 12.64
N PHE B 682 58.59 24.47 11.36
CA PHE B 682 57.56 24.42 10.34
C PHE B 682 57.22 22.98 9.97
N SER B 683 55.93 22.74 9.71
CA SER B 683 55.48 21.44 9.28
C SER B 683 55.58 21.30 7.77
N GLY B 684 55.09 20.17 7.25
CA GLY B 684 55.07 19.99 5.82
C GLY B 684 54.16 20.97 5.11
N ALA B 685 53.00 21.26 5.72
CA ALA B 685 52.09 22.23 5.14
C ALA B 685 52.66 23.64 5.19
N ASP B 686 53.34 23.98 6.27
CA ASP B 686 53.94 25.31 6.39
C ASP B 686 55.01 25.53 5.32
N LEU B 687 55.86 24.53 5.08
CA LEU B 687 56.84 24.64 4.01
C LEU B 687 56.17 24.74 2.65
N THR B 688 55.12 23.96 2.43
CA THR B 688 54.39 24.02 1.16
C THR B 688 53.78 25.41 0.94
N GLU B 689 53.39 26.07 2.03
CA GLU B 689 52.92 27.45 1.90
C GLU B 689 54.03 28.36 1.40
N ILE B 690 55.26 28.15 1.90
CA ILE B 690 56.41 28.88 1.38
C ILE B 690 56.65 28.52 -0.08
N CYS B 691 56.42 27.26 -0.43
CA CYS B 691 56.54 26.84 -1.82
C CYS B 691 55.56 27.59 -2.71
N GLN B 692 54.32 27.78 -2.24
CA GLN B 692 53.32 28.44 -3.06
C GLN B 692 53.58 29.94 -3.16
N ARG B 693 53.99 30.57 -2.05
CA ARG B 693 54.22 32.01 -2.05
C ARG B 693 55.39 32.37 -2.97
N ALA B 694 56.44 31.55 -2.97
CA ALA B 694 57.61 31.84 -3.79
C ALA B 694 57.26 31.84 -5.27
N CYS B 695 56.49 30.86 -5.73
CA CYS B 695 56.07 30.83 -7.12
C CYS B 695 55.05 31.93 -7.41
N LYS B 696 54.16 32.21 -6.46
CA LYS B 696 53.16 33.25 -6.66
C LYS B 696 53.80 34.63 -6.72
N LEU B 697 54.89 34.82 -5.98
CA LEU B 697 55.59 36.11 -6.02
C LEU B 697 56.26 36.31 -7.37
N ALA B 698 56.29 37.56 -7.82
CA ALA B 698 56.82 38.01 -9.10
C ALA B 698 55.99 37.50 -10.27
N ILE B 699 54.80 36.94 -10.01
CA ILE B 699 53.91 36.56 -11.11
C ILE B 699 53.37 37.80 -11.80
N ARG B 700 53.26 38.90 -11.05
CA ARG B 700 52.98 40.19 -11.66
C ARG B 700 54.12 40.61 -12.58
N GLU B 701 55.36 40.33 -12.18
CA GLU B 701 56.51 40.58 -13.04
C GLU B 701 56.47 39.71 -14.28
N SER B 702 55.86 38.52 -14.18
CA SER B 702 55.74 37.64 -15.34
C SER B 702 54.89 38.28 -16.43
N ILE B 703 53.79 38.93 -16.05
CA ILE B 703 52.98 39.65 -17.04
C ILE B 703 53.74 40.86 -17.56
N GLU B 704 54.48 41.54 -16.68
CA GLU B 704 55.26 42.70 -17.10
C GLU B 704 56.31 42.30 -18.13
N SER B 705 56.86 41.09 -18.00
CA SER B 705 57.81 40.60 -19.00
C SER B 705 57.14 40.39 -20.35
N GLU B 706 55.97 39.75 -20.36
CA GLU B 706 55.29 39.50 -21.63
C GLU B 706 54.65 40.78 -22.18
N ILE B 707 54.28 41.70 -21.29
CA ILE B 707 53.81 43.01 -21.75
C ILE B 707 54.94 43.76 -22.43
N ARG B 708 56.15 43.67 -21.87
CA ARG B 708 57.31 44.29 -22.49
C ARG B 708 57.54 43.72 -23.90
N ARG B 709 57.26 42.43 -24.09
CA ARG B 709 57.34 41.85 -25.43
C ARG B 709 56.34 42.51 -26.37
N GLU B 710 55.12 42.74 -25.90
CA GLU B 710 54.13 43.43 -26.73
C GLU B 710 54.52 44.88 -26.97
N ARG B 711 55.13 45.53 -25.98
CA ARG B 711 55.52 46.93 -26.12
C ARG B 711 56.55 47.12 -27.21
N GLU B 712 57.55 46.24 -27.28
CA GLU B 712 58.61 46.40 -28.28
C GLU B 712 58.11 46.03 -29.67
N ARG B 713 57.12 45.14 -29.76
CA ARG B 713 56.55 44.80 -31.06
C ARG B 713 55.84 46.01 -31.68
N GLN B 714 55.11 46.76 -30.88
CA GLN B 714 54.40 47.95 -31.36
C GLN B 714 55.37 49.09 -31.62
N PRO B 727 58.78 36.01 -14.88
CA PRO B 727 59.73 36.67 -15.78
C PRO B 727 60.79 35.71 -16.31
N VAL B 728 60.96 34.59 -15.63
CA VAL B 728 61.99 33.60 -15.99
C VAL B 728 61.56 32.23 -15.48
N PRO B 729 61.77 31.18 -16.30
CA PRO B 729 61.31 29.85 -15.90
C PRO B 729 61.87 29.38 -14.55
N GLU B 730 63.12 29.68 -14.24
CA GLU B 730 63.67 29.28 -12.96
C GLU B 730 63.39 30.35 -11.90
N ILE B 731 62.86 29.91 -10.76
CA ILE B 731 62.54 30.83 -9.67
C ILE B 731 63.84 31.19 -8.95
N ARG B 732 64.09 32.49 -8.82
CA ARG B 732 65.38 32.98 -8.37
C ARG B 732 65.51 32.90 -6.85
N ARG B 733 66.71 33.24 -6.38
CA ARG B 733 66.93 33.41 -4.94
C ARG B 733 66.06 34.53 -4.38
N ASP B 734 65.87 35.60 -5.15
CA ASP B 734 65.13 36.76 -4.65
C ASP B 734 63.69 36.41 -4.34
N HIS B 735 63.07 35.53 -5.13
CA HIS B 735 61.69 35.15 -4.90
C HIS B 735 61.51 34.46 -3.55
N PHE B 736 62.47 33.60 -3.20
CA PHE B 736 62.38 32.89 -1.92
C PHE B 736 62.48 33.85 -0.74
N GLU B 737 63.33 34.86 -0.85
CA GLU B 737 63.54 35.77 0.27
C GLU B 737 62.27 36.53 0.62
N GLU B 738 61.52 36.97 -0.39
CA GLU B 738 60.28 37.69 -0.13
C GLU B 738 59.22 36.77 0.49
N ALA B 739 59.18 35.51 0.05
CA ALA B 739 58.17 34.58 0.55
C ALA B 739 58.38 34.28 2.03
N MET B 740 59.64 34.18 2.46
CA MET B 740 59.93 33.87 3.86
C MET B 740 59.43 34.96 4.80
N ARG B 741 59.24 36.19 4.30
CA ARG B 741 58.74 37.26 5.15
C ARG B 741 57.33 36.97 5.64
N PHE B 742 56.49 36.40 4.79
CA PHE B 742 55.13 36.05 5.16
C PHE B 742 55.02 34.70 5.85
N ALA B 743 56.11 33.93 5.91
CA ALA B 743 56.05 32.59 6.49
C ALA B 743 55.79 32.65 7.98
N ARG B 744 54.91 31.78 8.46
CA ARG B 744 54.60 31.66 9.88
C ARG B 744 54.39 30.19 10.22
N ARG B 745 54.62 29.85 11.47
CA ARG B 745 54.49 28.47 11.94
C ARG B 745 53.06 28.25 12.43
N SER B 746 52.35 27.32 11.79
CA SER B 746 50.96 27.08 12.17
C SER B 746 50.85 26.29 13.47
N VAL B 747 51.73 25.32 13.67
CA VAL B 747 51.67 24.45 14.85
C VAL B 747 52.42 25.15 15.99
N SER B 748 51.68 25.62 16.98
CA SER B 748 52.28 26.29 18.13
C SER B 748 53.03 25.29 19.00
N ASP B 749 53.94 25.81 19.82
CA ASP B 749 54.74 24.95 20.70
C ASP B 749 53.87 24.28 21.75
N ASN B 750 52.82 24.97 22.19
CA ASN B 750 51.90 24.37 23.17
C ASN B 750 51.20 23.15 22.58
N ASP B 751 50.83 23.23 21.30
CA ASP B 751 50.25 22.07 20.63
C ASP B 751 51.27 20.94 20.53
N ILE B 752 52.54 21.27 20.27
CA ILE B 752 53.57 20.26 20.08
C ILE B 752 53.70 19.37 21.32
N ARG B 753 53.62 19.98 22.51
CA ARG B 753 53.86 19.24 23.74
C ARG B 753 52.83 18.14 23.94
N LYS B 754 51.61 18.35 23.45
CA LYS B 754 50.55 17.36 23.67
C LYS B 754 50.86 16.05 22.96
N TYR B 755 51.36 16.13 21.73
CA TYR B 755 51.74 14.91 21.00
C TYR B 755 53.00 14.30 21.57
N GLU B 756 53.93 15.14 22.04
CA GLU B 756 55.17 14.63 22.61
C GLU B 756 54.92 13.84 23.89
N MET B 757 53.95 14.28 24.69
CA MET B 757 53.63 13.58 25.92
C MET B 757 53.05 12.19 25.65
N PHE B 758 52.16 12.08 24.67
CA PHE B 758 51.52 10.79 24.38
C PHE B 758 52.55 9.77 23.90
N ALA B 759 53.45 10.18 23.02
CA ALA B 759 54.48 9.26 22.53
C ALA B 759 55.42 8.84 23.65
N GLN B 760 55.63 9.71 24.63
CA GLN B 760 56.51 9.38 25.75
C GLN B 760 55.89 8.30 26.62
N THR B 761 54.57 8.33 26.79
CA THR B 761 53.90 7.33 27.62
C THR B 761 54.07 5.92 27.04
N LEU B 762 54.03 5.80 25.71
CA LEU B 762 54.21 4.50 25.07
C LEU B 762 55.58 3.93 25.37
N GLN B 763 56.63 4.75 25.30
CA GLN B 763 57.97 4.28 25.62
C GLN B 763 58.11 3.92 27.08
N GLN B 764 57.48 4.70 27.97
CA GLN B 764 57.59 4.42 29.40
C GLN B 764 56.74 3.20 29.78
N SER B 765 55.65 2.96 29.06
CA SER B 765 54.76 1.85 29.39
C SER B 765 55.46 0.51 29.19
N ARG B 766 56.21 0.36 28.10
CA ARG B 766 56.85 -0.93 27.80
C ARG B 766 57.92 -1.26 28.82
N GLY B 767 58.71 -0.29 29.23
CA GLY B 767 59.83 -0.60 30.11
C GLY B 767 60.92 -1.36 29.38
N PHE B 768 61.78 -2.02 30.18
CA PHE B 768 62.91 -2.82 29.72
C PHE B 768 63.61 -2.22 28.49
N GLY B 769 64.10 -0.99 28.66
CA GLY B 769 64.85 -0.35 27.59
C GLY B 769 66.07 -1.19 27.22
N SER B 770 66.26 -1.36 25.91
CA SER B 770 67.35 -2.17 25.37
C SER B 770 67.25 -3.62 25.86
N PHE B 771 66.15 -4.28 25.51
CA PHE B 771 65.94 -5.66 25.91
C PHE B 771 66.89 -6.58 25.15
N ARG B 772 67.57 -7.46 25.89
CA ARG B 772 68.49 -8.42 25.30
C ARG B 772 68.33 -9.76 26.01
N PHE B 773 68.33 -10.84 25.23
CA PHE B 773 68.28 -12.17 25.82
C PHE B 773 69.58 -12.46 26.56
N PRO B 774 69.52 -13.17 27.69
CA PRO B 774 70.74 -13.44 28.45
C PRO B 774 71.59 -14.49 27.76
N SER B 775 72.90 -14.28 27.77
CA SER B 775 73.83 -15.21 27.14
C SER B 775 73.99 -16.47 27.97
N LEU C 12 -1.80 -44.22 28.47
CA LEU C 12 -3.07 -44.40 27.77
C LEU C 12 -3.08 -43.64 26.44
N SER C 13 -2.23 -42.62 26.35
CA SER C 13 -2.16 -41.83 25.12
C SER C 13 -1.67 -42.68 23.95
N THR C 14 -0.67 -43.52 24.18
CA THR C 14 -0.11 -44.38 23.15
C THR C 14 -0.67 -45.80 23.19
N ALA C 15 -1.86 -45.99 23.75
CA ALA C 15 -2.45 -47.33 23.82
C ALA C 15 -2.76 -47.88 22.43
N ILE C 16 -3.21 -47.01 21.52
CA ILE C 16 -3.58 -47.47 20.19
C ILE C 16 -2.36 -47.94 19.41
N LEU C 17 -1.21 -47.28 19.60
CA LEU C 17 0.02 -47.74 18.96
C LEU C 17 0.49 -49.06 19.53
N LYS C 18 0.28 -49.29 20.83
CA LYS C 18 0.74 -50.52 21.44
C LYS C 18 0.04 -51.72 20.82
N GLN C 19 0.79 -52.52 20.07
CA GLN C 19 0.22 -53.67 19.39
C GLN C 19 -0.22 -54.73 20.38
N LYS C 20 -1.29 -55.44 20.03
CA LYS C 20 -1.87 -56.48 20.87
C LYS C 20 -1.54 -57.84 20.27
N ASN C 21 -1.01 -58.74 21.10
CA ASN C 21 -0.62 -60.06 20.61
C ASN C 21 -1.84 -60.85 20.20
N ARG C 22 -1.79 -61.41 18.99
CA ARG C 22 -2.87 -62.20 18.44
C ARG C 22 -2.30 -63.49 17.86
N PRO C 23 -3.08 -64.57 17.85
CA PRO C 23 -2.60 -65.81 17.21
C PRO C 23 -2.34 -65.65 15.72
N ASN C 24 -3.01 -64.70 15.06
CA ASN C 24 -2.78 -64.51 13.63
C ASN C 24 -1.46 -63.80 13.37
N ARG C 25 -0.99 -63.01 14.34
CA ARG C 25 0.27 -62.29 14.17
C ARG C 25 1.43 -63.26 14.03
N LEU C 26 2.22 -63.09 12.98
CA LEU C 26 3.35 -63.97 12.68
C LEU C 26 4.53 -63.13 12.22
N ILE C 27 5.73 -63.50 12.67
CA ILE C 27 6.94 -62.81 12.22
C ILE C 27 7.33 -63.33 10.84
N VAL C 28 7.64 -62.43 9.93
CA VAL C 28 8.07 -62.81 8.60
C VAL C 28 9.45 -63.44 8.68
N ASP C 29 9.61 -64.62 8.09
CA ASP C 29 10.85 -65.37 8.13
C ASP C 29 11.26 -65.77 6.71
N GLU C 30 12.55 -66.04 6.54
CA GLU C 30 13.07 -66.42 5.23
C GLU C 30 12.51 -67.77 4.79
N ALA C 31 12.25 -67.88 3.49
CA ALA C 31 11.74 -69.11 2.92
C ALA C 31 12.88 -70.08 2.63
N ILE C 32 12.57 -71.37 2.67
CA ILE C 32 13.55 -72.41 2.38
C ILE C 32 13.25 -72.99 1.00
N ASN C 33 12.05 -73.54 0.82
CA ASN C 33 11.63 -74.09 -0.45
C ASN C 33 10.29 -73.54 -0.92
N GLU C 34 9.78 -72.49 -0.28
CA GLU C 34 8.49 -71.95 -0.63
C GLU C 34 8.56 -71.18 -1.94
N ASP C 35 7.57 -71.40 -2.82
CA ASP C 35 7.47 -70.67 -4.07
C ASP C 35 6.59 -69.44 -3.86
N ASN C 36 6.16 -68.81 -4.96
CA ASN C 36 5.40 -67.57 -4.87
C ASN C 36 3.98 -67.79 -4.35
N SER C 37 3.53 -69.03 -4.23
CA SER C 37 2.13 -69.30 -3.94
C SER C 37 1.88 -70.03 -2.62
N VAL C 38 2.93 -70.35 -1.86
CA VAL C 38 2.76 -71.09 -0.61
C VAL C 38 3.47 -70.37 0.52
N VAL C 39 3.00 -70.62 1.74
CA VAL C 39 3.62 -70.16 2.97
C VAL C 39 3.66 -71.32 3.95
N SER C 40 4.57 -71.24 4.92
CA SER C 40 4.78 -72.32 5.87
C SER C 40 4.53 -71.83 7.29
N LEU C 41 3.83 -72.66 8.07
CA LEU C 41 3.55 -72.40 9.47
C LEU C 41 3.89 -73.64 10.29
N SER C 42 4.27 -73.41 11.54
CA SER C 42 4.57 -74.51 12.44
C SER C 42 3.29 -75.28 12.78
N GLN C 43 3.45 -76.58 13.05
CA GLN C 43 2.28 -77.40 13.36
C GLN C 43 1.53 -76.94 14.60
N PRO C 44 2.16 -76.60 15.73
CA PRO C 44 1.38 -76.07 16.86
C PRO C 44 0.62 -74.80 16.51
N LYS C 45 1.22 -73.90 15.72
CA LYS C 45 0.53 -72.69 15.33
C LYS C 45 -0.62 -72.99 14.36
N MET C 46 -0.42 -73.95 13.47
CA MET C 46 -1.50 -74.38 12.58
C MET C 46 -2.67 -74.95 13.37
N ASP C 47 -2.37 -75.78 14.38
CA ASP C 47 -3.44 -76.34 15.21
C ASP C 47 -4.13 -75.26 16.03
N GLU C 48 -3.37 -74.27 16.50
CA GLU C 48 -3.98 -73.16 17.23
C GLU C 48 -4.92 -72.36 16.33
N LEU C 49 -4.52 -72.15 15.07
CA LEU C 49 -5.32 -71.41 14.11
C LEU C 49 -6.37 -72.26 13.42
N GLN C 50 -6.43 -73.56 13.73
CA GLN C 50 -7.39 -74.48 13.13
C GLN C 50 -7.26 -74.49 11.60
N LEU C 51 -6.02 -74.45 11.12
CA LEU C 51 -5.73 -74.44 9.70
C LEU C 51 -5.30 -75.82 9.24
N PHE C 52 -5.70 -76.18 8.03
CA PHE C 52 -5.35 -77.46 7.43
C PHE C 52 -4.35 -77.26 6.30
N ARG C 53 -3.52 -78.27 6.07
CA ARG C 53 -2.59 -78.24 4.95
C ARG C 53 -3.36 -78.25 3.64
N GLY C 54 -2.99 -77.36 2.72
CA GLY C 54 -3.68 -77.18 1.47
C GLY C 54 -4.75 -76.10 1.48
N ASP C 55 -5.10 -75.58 2.66
CA ASP C 55 -6.09 -74.51 2.75
C ASP C 55 -5.52 -73.21 2.20
N THR C 56 -6.39 -72.41 1.60
CA THR C 56 -6.01 -71.07 1.17
C THR C 56 -6.27 -70.07 2.29
N VAL C 57 -5.35 -69.12 2.45
CA VAL C 57 -5.41 -68.15 3.53
C VAL C 57 -5.26 -66.75 2.95
N LEU C 58 -5.75 -65.77 3.70
CA LEU C 58 -5.68 -64.36 3.33
C LEU C 58 -4.61 -63.67 4.15
N LEU C 59 -3.62 -63.09 3.48
CA LEU C 59 -2.50 -62.42 4.13
C LEU C 59 -2.64 -60.92 3.97
N LYS C 60 -2.49 -60.19 5.08
CA LYS C 60 -2.61 -58.74 5.11
C LYS C 60 -1.28 -58.14 5.52
N GLY C 61 -0.83 -57.14 4.76
CA GLY C 61 0.43 -56.48 5.06
C GLY C 61 0.29 -54.99 5.26
N LYS C 62 1.41 -54.26 5.17
CA LYS C 62 1.38 -52.82 5.36
C LYS C 62 0.78 -52.13 4.12
N LYS C 63 0.31 -50.90 4.35
CA LYS C 63 -0.25 -50.04 3.30
C LYS C 63 -1.44 -50.70 2.60
N ARG C 64 -2.25 -51.44 3.38
CA ARG C 64 -3.46 -52.07 2.88
C ARG C 64 -3.19 -52.96 1.67
N ARG C 65 -2.12 -53.76 1.78
CA ARG C 65 -1.76 -54.72 0.75
C ARG C 65 -2.20 -56.12 1.19
N GLU C 66 -2.81 -56.87 0.27
CA GLU C 66 -3.34 -58.19 0.56
C GLU C 66 -2.76 -59.21 -0.41
N ALA C 67 -2.61 -60.44 0.07
CA ALA C 67 -2.11 -61.54 -0.74
C ALA C 67 -2.78 -62.83 -0.31
N VAL C 68 -2.90 -63.77 -1.26
CA VAL C 68 -3.50 -65.07 -1.01
C VAL C 68 -2.46 -66.15 -1.34
N CYS C 69 -2.33 -67.11 -0.43
CA CYS C 69 -1.36 -68.19 -0.59
C CYS C 69 -1.92 -69.46 0.04
N ILE C 70 -1.19 -70.55 -0.13
CA ILE C 70 -1.56 -71.84 0.44
C ILE C 70 -0.67 -72.11 1.66
N VAL C 71 -1.30 -72.46 2.78
CA VAL C 71 -0.60 -72.68 4.04
C VAL C 71 -0.10 -74.12 4.07
N LEU C 72 1.15 -74.29 4.48
CA LEU C 72 1.77 -75.61 4.59
C LEU C 72 2.38 -75.77 5.98
N SER C 73 3.00 -76.93 6.20
CA SER C 73 3.61 -77.26 7.47
C SER C 73 5.12 -77.35 7.33
N ASP C 74 5.83 -76.88 8.36
CA ASP C 74 7.29 -76.91 8.40
C ASP C 74 7.72 -77.07 9.84
N ASP C 75 8.36 -78.21 10.14
CA ASP C 75 8.80 -78.48 11.50
C ASP C 75 9.95 -77.60 11.97
N THR C 76 10.72 -77.02 11.04
CA THR C 76 11.84 -76.16 11.40
C THR C 76 11.44 -74.70 11.54
N CYS C 77 10.19 -74.36 11.23
CA CYS C 77 9.72 -72.99 11.38
C CYS C 77 9.25 -72.73 12.80
N SER C 78 9.54 -71.53 13.30
CA SER C 78 9.13 -71.16 14.65
C SER C 78 7.61 -70.97 14.71
N ASP C 79 7.07 -71.09 15.91
CA ASP C 79 5.63 -70.93 16.11
C ASP C 79 5.18 -69.51 15.76
N GLU C 80 5.96 -68.51 16.16
CA GLU C 80 5.64 -67.12 15.92
C GLU C 80 6.13 -66.62 14.57
N LYS C 81 6.75 -67.48 13.77
CA LYS C 81 7.31 -67.09 12.49
C LYS C 81 6.58 -67.78 11.34
N ILE C 82 6.61 -67.14 10.17
CA ILE C 82 6.01 -67.66 8.95
C ILE C 82 7.03 -67.52 7.83
N ARG C 83 7.12 -68.54 6.98
CA ARG C 83 8.09 -68.56 5.90
C ARG C 83 7.43 -68.19 4.58
N MET C 84 8.06 -67.25 3.87
CA MET C 84 7.56 -66.79 2.58
C MET C 84 8.74 -66.25 1.77
N ASN C 85 8.64 -66.36 0.45
CA ASN C 85 9.74 -65.95 -0.41
C ASN C 85 9.73 -64.43 -0.62
N ARG C 86 10.65 -63.98 -1.47
CA ARG C 86 10.79 -62.55 -1.71
C ARG C 86 9.57 -61.97 -2.44
N VAL C 87 8.95 -62.76 -3.32
CA VAL C 87 7.80 -62.28 -4.08
C VAL C 87 6.63 -61.99 -3.15
N VAL C 88 6.34 -62.91 -2.22
CA VAL C 88 5.23 -62.71 -1.29
C VAL C 88 5.50 -61.51 -0.39
N ARG C 89 6.75 -61.34 0.05
CA ARG C 89 7.11 -60.18 0.86
C ARG C 89 6.90 -58.89 0.09
N ASN C 90 7.29 -58.87 -1.19
CA ASN C 90 7.14 -57.65 -1.99
C ASN C 90 5.68 -57.36 -2.28
N ASN C 91 4.85 -58.42 -2.42
CA ASN C 91 3.43 -58.21 -2.66
C ASN C 91 2.75 -57.57 -1.45
N LEU C 92 3.19 -57.90 -0.25
CA LEU C 92 2.64 -57.34 0.97
C LEU C 92 3.43 -56.12 1.46
N ARG C 93 4.46 -55.70 0.74
CA ARG C 93 5.30 -54.56 1.13
C ARG C 93 5.87 -54.77 2.53
N VAL C 94 6.36 -55.98 2.81
CA VAL C 94 6.91 -56.32 4.11
C VAL C 94 8.33 -56.80 3.94
N ARG C 95 9.10 -56.69 5.02
CA ARG C 95 10.47 -57.15 5.07
C ARG C 95 10.64 -58.18 6.17
N LEU C 96 11.84 -58.76 6.25
CA LEU C 96 12.14 -59.73 7.29
C LEU C 96 12.02 -59.10 8.67
N GLY C 97 11.35 -59.80 9.57
CA GLY C 97 11.11 -59.34 10.92
C GLY C 97 9.81 -58.59 11.11
N ASP C 98 9.13 -58.25 10.02
CA ASP C 98 7.85 -57.55 10.12
C ASP C 98 6.75 -58.51 10.56
N VAL C 99 5.62 -57.93 10.97
CA VAL C 99 4.50 -58.69 11.51
C VAL C 99 3.31 -58.55 10.57
N ILE C 100 2.73 -59.68 10.17
CA ILE C 100 1.54 -59.70 9.35
C ILE C 100 0.49 -60.58 10.04
N SER C 101 -0.72 -60.55 9.50
CA SER C 101 -1.83 -61.32 10.02
C SER C 101 -2.31 -62.33 8.99
N ILE C 102 -2.54 -63.56 9.44
CA ILE C 102 -3.02 -64.64 8.59
C ILE C 102 -4.40 -65.07 9.06
N GLN C 103 -5.33 -65.16 8.13
CA GLN C 103 -6.71 -65.54 8.41
C GLN C 103 -7.20 -66.44 7.29
N PRO C 104 -8.17 -67.30 7.57
CA PRO C 104 -8.74 -68.13 6.50
C PRO C 104 -9.43 -67.28 5.44
N CYS C 105 -9.36 -67.75 4.19
CA CYS C 105 -9.98 -67.06 3.06
C CYS C 105 -10.89 -68.06 2.35
N PRO C 106 -12.10 -68.27 2.87
CA PRO C 106 -12.99 -69.26 2.27
C PRO C 106 -13.65 -68.74 1.00
N ASP C 107 -14.32 -69.67 0.31
CA ASP C 107 -15.14 -69.37 -0.86
C ASP C 107 -14.33 -68.72 -1.99
N VAL C 108 -13.08 -69.15 -2.17
CA VAL C 108 -12.30 -68.70 -3.32
C VAL C 108 -12.66 -69.57 -4.52
N LYS C 109 -13.12 -68.94 -5.59
CA LYS C 109 -13.63 -69.64 -6.75
C LYS C 109 -12.55 -69.75 -7.83
N TYR C 110 -12.76 -70.70 -8.74
CA TYR C 110 -11.83 -70.91 -9.84
C TYR C 110 -11.89 -69.73 -10.81
N GLY C 111 -10.73 -69.32 -11.30
CA GLY C 111 -10.67 -68.17 -12.18
C GLY C 111 -11.28 -68.46 -13.54
N LYS C 112 -12.04 -67.48 -14.05
CA LYS C 112 -12.64 -67.58 -15.37
C LYS C 112 -11.77 -66.94 -16.44
N ARG C 113 -11.23 -65.76 -16.16
CA ARG C 113 -10.36 -65.05 -17.09
C ARG C 113 -9.51 -64.07 -16.30
N ILE C 114 -8.19 -64.18 -16.44
CA ILE C 114 -7.26 -63.31 -15.74
C ILE C 114 -6.39 -62.60 -16.76
N HIS C 115 -6.15 -61.31 -16.50
CA HIS C 115 -5.31 -60.47 -17.34
C HIS C 115 -4.06 -60.10 -16.56
N VAL C 116 -2.90 -60.38 -17.15
CA VAL C 116 -1.61 -60.04 -16.55
C VAL C 116 -0.81 -59.24 -17.55
N LEU C 117 -0.04 -58.29 -17.02
CA LEU C 117 0.81 -57.43 -17.84
C LEU C 117 2.23 -57.44 -17.30
N PRO C 118 3.22 -57.57 -18.17
CA PRO C 118 4.60 -57.68 -17.69
C PRO C 118 5.20 -56.31 -17.35
N ILE C 119 6.26 -56.34 -16.57
CA ILE C 119 7.01 -55.14 -16.22
C ILE C 119 8.03 -54.86 -17.30
N ASP C 120 8.14 -53.60 -17.71
CA ASP C 120 8.95 -53.24 -18.87
C ASP C 120 10.42 -53.59 -18.67
N ASP C 121 10.96 -53.30 -17.49
CA ASP C 121 12.39 -53.51 -17.25
C ASP C 121 12.80 -54.97 -17.28
N THR C 122 11.88 -55.91 -17.04
CA THR C 122 12.18 -57.33 -17.16
C THR C 122 11.89 -57.87 -18.55
N VAL C 123 11.37 -57.05 -19.47
CA VAL C 123 11.01 -57.47 -20.82
C VAL C 123 11.86 -56.79 -21.88
N GLU C 124 12.55 -55.71 -21.52
CA GLU C 124 13.40 -54.99 -22.48
C GLU C 124 14.39 -55.94 -23.14
N GLY C 125 14.26 -56.11 -24.45
CA GLY C 125 15.07 -57.06 -25.18
C GLY C 125 14.46 -58.43 -25.35
N ILE C 126 13.31 -58.70 -24.74
CA ILE C 126 12.62 -59.98 -24.88
C ILE C 126 11.49 -59.79 -25.87
N THR C 127 11.52 -60.53 -26.97
CA THR C 127 10.54 -60.40 -28.03
C THR C 127 9.75 -61.68 -28.30
N GLY C 128 9.99 -62.74 -27.51
CA GLY C 128 9.29 -63.99 -27.68
C GLY C 128 7.88 -63.94 -27.13
N ASN C 129 7.16 -65.04 -27.34
CA ASN C 129 5.79 -65.17 -26.86
C ASN C 129 5.83 -65.29 -25.34
N LEU C 130 5.31 -64.29 -24.64
CA LEU C 130 5.34 -64.29 -23.19
C LEU C 130 4.53 -65.43 -22.61
N PHE C 131 3.35 -65.71 -23.17
CA PHE C 131 2.47 -66.72 -22.61
C PHE C 131 3.14 -68.08 -22.54
N GLU C 132 3.48 -68.67 -23.70
CA GLU C 132 4.01 -70.03 -23.72
C GLU C 132 5.32 -70.14 -22.95
N VAL C 133 6.19 -69.14 -23.08
CA VAL C 133 7.51 -69.22 -22.45
C VAL C 133 7.40 -69.12 -20.92
N TYR C 134 6.55 -68.22 -20.41
CA TYR C 134 6.53 -67.95 -18.98
C TYR C 134 5.25 -68.38 -18.27
N LEU C 135 4.09 -67.93 -18.73
CA LEU C 135 2.85 -68.10 -17.96
C LEU C 135 2.34 -69.53 -17.97
N LYS C 136 2.38 -70.20 -19.12
CA LYS C 136 1.84 -71.55 -19.21
C LYS C 136 2.58 -72.54 -18.32
N PRO C 137 3.92 -72.66 -18.35
CA PRO C 137 4.58 -73.56 -17.39
C PRO C 137 4.39 -73.14 -15.95
N TYR C 138 4.30 -71.82 -15.69
CA TYR C 138 4.15 -71.35 -14.31
C TYR C 138 2.82 -71.78 -13.72
N PHE C 139 1.74 -71.68 -14.49
CA PHE C 139 0.40 -72.01 -14.00
C PHE C 139 -0.04 -73.41 -14.37
N LEU C 140 0.82 -74.22 -14.99
CA LEU C 140 0.43 -75.55 -15.44
C LEU C 140 0.16 -76.49 -14.27
N GLU C 141 -1.11 -76.84 -14.07
CA GLU C 141 -1.53 -77.80 -13.05
C GLU C 141 -1.05 -77.42 -11.65
N ALA C 142 -0.96 -76.12 -11.38
CA ALA C 142 -0.48 -75.65 -10.08
C ALA C 142 -1.59 -75.13 -9.18
N TYR C 143 -2.70 -74.66 -9.75
CA TYR C 143 -3.82 -74.13 -8.98
C TYR C 143 -3.38 -73.01 -8.04
N ARG C 144 -2.52 -72.13 -8.56
CA ARG C 144 -1.98 -71.05 -7.75
C ARG C 144 -3.08 -70.05 -7.39
N PRO C 145 -3.20 -69.66 -6.13
CA PRO C 145 -4.12 -68.57 -5.79
C PRO C 145 -3.49 -67.21 -6.07
N ILE C 146 -4.23 -66.37 -6.79
CA ILE C 146 -3.76 -65.04 -7.17
C ILE C 146 -4.82 -64.01 -6.81
N ARG C 147 -4.37 -62.76 -6.67
CA ARG C 147 -5.23 -61.63 -6.35
C ARG C 147 -4.91 -60.49 -7.30
N LYS C 148 -5.84 -59.54 -7.41
CA LYS C 148 -5.63 -58.39 -8.28
C LYS C 148 -4.53 -57.49 -7.73
N GLY C 149 -3.51 -57.26 -8.54
CA GLY C 149 -2.45 -56.32 -8.22
C GLY C 149 -1.15 -56.94 -7.77
N ASP C 150 -1.08 -58.26 -7.61
CA ASP C 150 0.16 -58.89 -7.16
C ASP C 150 1.22 -58.87 -8.26
N ILE C 151 2.48 -58.83 -7.85
CA ILE C 151 3.62 -58.89 -8.75
C ILE C 151 4.36 -60.19 -8.47
N PHE C 152 4.47 -61.04 -9.49
CA PHE C 152 5.11 -62.34 -9.36
C PHE C 152 6.16 -62.53 -10.44
N LEU C 153 7.29 -63.10 -10.06
CA LEU C 153 8.42 -63.32 -10.96
C LEU C 153 8.41 -64.77 -11.43
N VAL C 154 8.58 -64.96 -12.73
CA VAL C 154 8.56 -66.28 -13.35
C VAL C 154 9.89 -66.52 -14.05
N ARG C 155 10.56 -67.62 -13.70
CA ARG C 155 11.81 -67.99 -14.37
C ARG C 155 11.52 -68.59 -15.74
N GLY C 156 12.46 -68.42 -16.65
CA GLY C 156 12.35 -68.98 -17.97
C GLY C 156 12.98 -68.09 -19.01
N GLY C 157 13.13 -68.65 -20.21
CA GLY C 157 13.68 -67.89 -21.32
C GLY C 157 15.09 -67.43 -21.06
N MET C 158 15.42 -66.24 -21.55
CA MET C 158 16.74 -65.66 -21.36
C MET C 158 16.85 -64.83 -20.09
N ARG C 159 15.72 -64.40 -19.52
CA ARG C 159 15.73 -63.58 -18.32
C ARG C 159 14.39 -63.71 -17.62
N ALA C 160 14.43 -63.78 -16.29
CA ALA C 160 13.20 -63.85 -15.51
C ALA C 160 12.36 -62.59 -15.71
N VAL C 161 11.05 -62.77 -15.84
CA VAL C 161 10.13 -61.70 -16.20
C VAL C 161 9.08 -61.57 -15.11
N GLU C 162 8.88 -60.35 -14.63
CA GLU C 162 7.83 -60.03 -13.67
C GLU C 162 6.54 -59.68 -14.40
N PHE C 163 5.41 -60.00 -13.75
CA PHE C 163 4.10 -59.72 -14.30
C PHE C 163 3.24 -59.03 -13.26
N LYS C 164 2.27 -58.24 -13.74
CA LYS C 164 1.33 -57.54 -12.89
C LYS C 164 -0.09 -58.00 -13.23
N VAL C 165 -0.83 -58.43 -12.21
CA VAL C 165 -2.21 -58.88 -12.38
C VAL C 165 -3.10 -57.65 -12.37
N VAL C 166 -3.73 -57.35 -13.50
CA VAL C 166 -4.51 -56.13 -13.62
C VAL C 166 -6.02 -56.37 -13.55
N GLU C 167 -6.47 -57.59 -13.86
CA GLU C 167 -7.90 -57.88 -13.85
C GLU C 167 -8.11 -59.37 -13.60
N THR C 168 -9.06 -59.69 -12.72
CA THR C 168 -9.41 -61.07 -12.41
C THR C 168 -10.92 -61.22 -12.40
N ASP C 169 -11.37 -62.41 -12.82
CA ASP C 169 -12.78 -62.78 -12.79
C ASP C 169 -12.91 -64.19 -12.26
N PRO C 170 -13.44 -64.40 -11.05
CA PRO C 170 -13.98 -63.35 -10.17
C PRO C 170 -12.91 -62.49 -9.51
N SER C 171 -13.34 -61.39 -8.90
CA SER C 171 -12.46 -60.40 -8.30
C SER C 171 -12.79 -60.23 -6.82
N PRO C 172 -11.78 -59.95 -5.98
CA PRO C 172 -10.36 -59.87 -6.33
C PRO C 172 -9.61 -61.19 -6.18
N TYR C 173 -10.29 -62.23 -5.73
CA TYR C 173 -9.66 -63.51 -5.43
C TYR C 173 -10.15 -64.57 -6.40
N CYS C 174 -9.22 -65.40 -6.89
CA CYS C 174 -9.55 -66.47 -7.81
C CYS C 174 -8.45 -67.51 -7.76
N ILE C 175 -8.77 -68.70 -8.26
CA ILE C 175 -7.82 -69.81 -8.38
C ILE C 175 -7.54 -70.04 -9.85
N VAL C 176 -6.26 -70.11 -10.22
CA VAL C 176 -5.86 -70.31 -11.60
C VAL C 176 -6.08 -71.79 -11.91
N ALA C 177 -7.22 -72.10 -12.51
CA ALA C 177 -7.61 -73.45 -12.87
C ALA C 177 -7.07 -73.79 -14.25
N PRO C 178 -7.03 -75.08 -14.59
CA PRO C 178 -6.57 -75.47 -15.94
C PRO C 178 -7.39 -74.86 -17.07
N ASP C 179 -8.68 -74.61 -16.85
CA ASP C 179 -9.53 -73.99 -17.85
C ASP C 179 -9.56 -72.46 -17.73
N THR C 180 -8.80 -71.89 -16.79
CA THR C 180 -8.74 -70.44 -16.65
C THR C 180 -8.00 -69.84 -17.84
N VAL C 181 -8.58 -68.79 -18.42
CA VAL C 181 -7.99 -68.14 -19.59
C VAL C 181 -6.92 -67.16 -19.12
N ILE C 182 -5.71 -67.30 -19.65
CA ILE C 182 -4.59 -66.42 -19.32
C ILE C 182 -4.14 -65.71 -20.59
N HIS C 183 -4.23 -64.38 -20.58
CA HIS C 183 -3.80 -63.57 -21.71
C HIS C 183 -2.96 -62.39 -21.20
N CYS C 184 -1.99 -61.98 -22.01
CA CYS C 184 -1.05 -60.94 -21.62
C CYS C 184 -1.02 -59.74 -22.55
N GLU C 185 -1.93 -59.65 -23.52
CA GLU C 185 -1.93 -58.50 -24.42
C GLU C 185 -2.35 -57.24 -23.68
N GLY C 186 -1.81 -56.12 -24.10
CA GLY C 186 -2.14 -54.84 -23.49
C GLY C 186 -0.91 -53.94 -23.42
N GLU C 187 -1.12 -52.77 -22.83
CA GLU C 187 -0.04 -51.81 -22.68
C GLU C 187 0.93 -52.31 -21.61
N PRO C 188 2.24 -52.33 -21.89
CA PRO C 188 3.20 -52.76 -20.88
C PRO C 188 3.22 -51.82 -19.68
N ILE C 189 3.51 -52.38 -18.51
CA ILE C 189 3.59 -51.60 -17.29
C ILE C 189 4.86 -50.76 -17.29
N LYS C 190 4.77 -49.55 -16.76
CA LYS C 190 5.89 -48.62 -16.70
C LYS C 190 6.72 -48.92 -15.45
N ARG C 191 8.04 -48.81 -15.57
CA ARG C 191 8.91 -49.01 -14.42
C ARG C 191 8.68 -47.94 -13.36
N GLU C 192 8.44 -46.70 -13.79
CA GLU C 192 8.25 -45.60 -12.84
C GLU C 192 7.05 -45.85 -11.93
N ASP C 193 5.94 -46.32 -12.49
CA ASP C 193 4.75 -46.56 -11.68
C ASP C 193 4.98 -47.66 -10.66
N GLU C 194 5.65 -48.75 -11.09
CA GLU C 194 5.94 -49.84 -10.16
C GLU C 194 6.88 -49.40 -9.06
N GLU C 195 7.91 -48.61 -9.41
CA GLU C 195 8.84 -48.12 -8.40
C GLU C 195 8.14 -47.19 -7.42
N GLU C 196 7.26 -46.32 -7.91
CA GLU C 196 6.51 -45.44 -7.02
C GLU C 196 5.61 -46.24 -6.09
N SER C 197 4.92 -47.26 -6.62
CA SER C 197 4.05 -48.07 -5.78
C SER C 197 4.85 -48.82 -4.72
N LEU C 198 6.04 -49.32 -5.09
CA LEU C 198 6.90 -49.96 -4.11
C LEU C 198 7.35 -48.97 -3.04
N ASN C 199 7.67 -47.73 -3.45
CA ASN C 199 8.16 -46.72 -2.53
C ASN C 199 7.00 -45.80 -2.14
N GLU C 200 6.21 -46.24 -1.18
CA GLU C 200 5.12 -45.45 -0.62
C GLU C 200 5.40 -45.16 0.85
N VAL C 201 4.84 -44.04 1.32
CA VAL C 201 5.01 -43.65 2.71
C VAL C 201 3.96 -44.32 3.58
N GLY C 202 4.40 -44.90 4.69
CA GLY C 202 3.49 -45.47 5.66
C GLY C 202 3.79 -44.95 7.05
N TYR C 203 3.05 -45.47 8.03
CA TYR C 203 3.26 -45.04 9.40
C TYR C 203 4.64 -45.46 9.91
N ASP C 204 5.25 -46.46 9.26
CA ASP C 204 6.59 -46.88 9.66
C ASP C 204 7.65 -45.89 9.21
N ASP C 205 7.30 -44.99 8.30
CA ASP C 205 8.29 -44.04 7.79
C ASP C 205 8.43 -42.83 8.70
N ILE C 206 7.51 -42.65 9.65
CA ILE C 206 7.59 -41.53 10.56
C ILE C 206 8.29 -41.96 11.86
N GLY C 207 9.27 -41.18 12.28
CA GLY C 207 9.99 -41.47 13.51
C GLY C 207 10.05 -40.29 14.46
N GLY C 208 10.04 -40.55 15.76
CA GLY C 208 10.10 -39.50 16.74
C GLY C 208 8.79 -38.83 17.05
N CYS C 209 7.69 -39.27 16.44
CA CYS C 209 6.37 -38.68 16.63
C CYS C 209 5.37 -39.71 17.16
N ARG C 210 5.77 -40.47 18.18
CA ARG C 210 4.94 -41.59 18.63
C ARG C 210 3.61 -41.10 19.21
N LYS C 211 3.66 -40.12 20.12
CA LYS C 211 2.43 -39.58 20.69
C LYS C 211 1.61 -38.84 19.64
N GLN C 212 2.28 -38.10 18.75
CA GLN C 212 1.58 -37.42 17.68
C GLN C 212 0.89 -38.41 16.76
N LEU C 213 1.59 -39.50 16.41
CA LEU C 213 0.98 -40.54 15.59
C LEU C 213 -0.20 -41.19 16.33
N ALA C 214 -0.08 -41.37 17.64
CA ALA C 214 -1.18 -41.92 18.41
C ALA C 214 -2.41 -41.03 18.32
N GLN C 215 -2.23 -39.73 18.51
CA GLN C 215 -3.36 -38.80 18.42
C GLN C 215 -3.97 -38.82 17.02
N ILE C 216 -3.12 -38.75 15.99
CA ILE C 216 -3.63 -38.70 14.62
C ILE C 216 -4.38 -39.98 14.27
N LYS C 217 -3.86 -41.14 14.69
CA LYS C 217 -4.60 -42.38 14.47
C LYS C 217 -5.91 -42.39 15.22
N GLU C 218 -5.93 -41.88 16.46
CA GLU C 218 -7.17 -41.84 17.21
C GLU C 218 -8.24 -41.03 16.50
N MET C 219 -7.86 -39.89 15.90
CA MET C 219 -8.86 -39.11 15.18
C MET C 219 -9.23 -39.75 13.83
N VAL C 220 -8.27 -40.35 13.13
CA VAL C 220 -8.46 -40.76 11.74
C VAL C 220 -8.92 -42.22 11.63
N GLU C 221 -8.09 -43.15 12.08
CA GLU C 221 -8.34 -44.56 11.79
C GLU C 221 -9.40 -45.15 12.71
N LEU C 222 -9.37 -44.79 13.99
CA LEU C 222 -10.27 -45.43 14.97
C LEU C 222 -11.74 -45.23 14.65
N PRO C 223 -12.23 -44.02 14.35
CA PRO C 223 -13.66 -43.91 13.99
C PRO C 223 -14.04 -44.71 12.76
N LEU C 224 -13.14 -44.82 11.78
CA LEU C 224 -13.46 -45.53 10.55
C LEU C 224 -13.48 -47.04 10.77
N ARG C 225 -12.52 -47.56 11.53
CA ARG C 225 -12.45 -49.01 11.74
C ARG C 225 -13.53 -49.46 12.71
N HIS C 226 -13.75 -48.72 13.79
CA HIS C 226 -14.72 -49.09 14.83
C HIS C 226 -15.65 -47.91 15.10
N PRO C 227 -16.62 -47.67 14.23
CA PRO C 227 -17.60 -46.60 14.50
C PRO C 227 -18.65 -47.02 15.51
N ALA C 228 -18.88 -48.33 15.66
CA ALA C 228 -19.87 -48.81 16.61
C ALA C 228 -19.52 -48.42 18.04
N LEU C 229 -18.22 -48.31 18.34
CA LEU C 229 -17.80 -47.88 19.67
C LEU C 229 -18.26 -46.46 19.95
N PHE C 230 -18.05 -45.55 19.00
CA PHE C 230 -18.47 -44.17 19.18
C PHE C 230 -19.99 -44.05 19.19
N LYS C 231 -20.68 -44.88 18.39
CA LYS C 231 -22.13 -44.90 18.43
C LYS C 231 -22.64 -45.34 19.79
N GLU C 232 -22.00 -46.36 20.37
CA GLU C 232 -22.41 -46.85 21.68
C GLU C 232 -22.20 -45.80 22.77
N ILE C 233 -21.03 -45.15 22.77
CA ILE C 233 -20.76 -44.14 23.79
C ILE C 233 -21.51 -42.84 23.51
N GLY C 234 -22.13 -42.71 22.33
CA GLY C 234 -22.99 -41.58 22.05
C GLY C 234 -22.29 -40.24 21.89
N VAL C 235 -21.16 -40.22 21.20
CA VAL C 235 -20.43 -38.99 20.92
C VAL C 235 -19.98 -39.02 19.47
N LYS C 236 -19.75 -37.83 18.91
CA LYS C 236 -19.19 -37.69 17.58
C LYS C 236 -17.69 -37.49 17.68
N PRO C 237 -16.88 -38.33 17.01
CA PRO C 237 -15.44 -38.16 17.09
C PRO C 237 -15.00 -36.87 16.42
N PRO C 238 -13.88 -36.28 16.86
CA PRO C 238 -13.40 -35.06 16.21
C PRO C 238 -13.14 -35.27 14.73
N ARG C 239 -13.50 -34.27 13.93
CA ARG C 239 -13.38 -34.35 12.48
C ARG C 239 -12.45 -33.31 11.90
N GLY C 240 -11.73 -32.57 12.74
CA GLY C 240 -10.76 -31.59 12.25
C GLY C 240 -9.43 -31.71 12.97
N ILE C 241 -8.35 -31.80 12.20
CA ILE C 241 -7.00 -31.92 12.74
C ILE C 241 -6.14 -30.82 12.15
N LEU C 242 -5.40 -30.12 13.01
CA LEU C 242 -4.45 -29.12 12.59
C LEU C 242 -3.06 -29.53 13.05
N LEU C 243 -2.14 -29.70 12.10
CA LEU C 243 -0.75 -30.04 12.40
C LEU C 243 0.10 -28.79 12.23
N TYR C 244 0.87 -28.46 13.26
CA TYR C 244 1.73 -27.29 13.22
C TYR C 244 3.11 -27.64 13.74
N GLY C 245 4.10 -26.86 13.28
CA GLY C 245 5.47 -27.06 13.66
C GLY C 245 6.42 -26.40 12.69
N PRO C 246 7.70 -26.35 13.04
CA PRO C 246 8.69 -25.72 12.16
C PRO C 246 8.87 -26.53 10.89
N PRO C 247 9.39 -25.91 9.82
CA PRO C 247 9.59 -26.64 8.57
C PRO C 247 10.50 -27.84 8.70
N GLY C 248 10.17 -28.93 8.01
CA GLY C 248 10.98 -30.12 8.03
C GLY C 248 10.67 -31.13 9.10
N THR C 249 9.63 -30.92 9.90
CA THR C 249 9.27 -31.83 10.97
C THR C 249 8.46 -33.03 10.50
N GLY C 250 7.92 -33.00 9.28
CA GLY C 250 7.22 -34.14 8.73
C GLY C 250 5.71 -34.04 8.72
N LYS C 251 5.14 -32.85 8.62
CA LYS C 251 3.69 -32.72 8.56
C LYS C 251 3.15 -33.27 7.24
N THR C 252 3.75 -32.87 6.13
CA THR C 252 3.33 -33.41 4.83
C THR C 252 3.64 -34.89 4.73
N LEU C 253 4.71 -35.34 5.40
CA LEU C 253 5.00 -36.78 5.43
C LEU C 253 3.91 -37.55 6.14
N ILE C 254 3.42 -37.03 7.27
CA ILE C 254 2.33 -37.70 7.98
C ILE C 254 1.06 -37.66 7.16
N ALA C 255 0.82 -36.56 6.44
CA ALA C 255 -0.34 -36.51 5.55
C ALA C 255 -0.25 -37.57 4.46
N ARG C 256 0.93 -37.73 3.87
CA ARG C 256 1.12 -38.77 2.85
C ARG C 256 0.92 -40.16 3.42
N ALA C 257 1.43 -40.41 4.62
CA ALA C 257 1.26 -41.71 5.25
C ALA C 257 -0.21 -41.99 5.54
N VAL C 258 -0.95 -40.98 6.01
CA VAL C 258 -2.38 -41.15 6.24
C VAL C 258 -3.10 -41.44 4.94
N ALA C 259 -2.74 -40.71 3.87
CA ALA C 259 -3.37 -40.93 2.58
C ALA C 259 -3.12 -42.34 2.06
N ASN C 260 -1.90 -42.85 2.23
CA ASN C 260 -1.58 -44.17 1.70
C ASN C 260 -2.19 -45.28 2.56
N GLU C 261 -2.26 -45.09 3.87
CA GLU C 261 -2.60 -46.17 4.79
C GLU C 261 -4.10 -46.30 5.04
N THR C 262 -4.92 -45.35 4.58
CA THR C 262 -6.34 -45.33 4.92
C THR C 262 -7.16 -45.86 3.76
N GLY C 263 -8.28 -46.50 4.08
CA GLY C 263 -9.20 -46.96 3.06
C GLY C 263 -10.33 -46.00 2.80
N ALA C 264 -10.00 -44.71 2.66
CA ALA C 264 -11.00 -43.68 2.43
C ALA C 264 -10.52 -42.74 1.34
N PHE C 265 -11.47 -42.06 0.71
CA PHE C 265 -11.15 -41.11 -0.34
C PHE C 265 -10.29 -39.99 0.21
N PHE C 266 -9.23 -39.65 -0.51
CA PHE C 266 -8.29 -38.62 -0.09
C PHE C 266 -8.25 -37.52 -1.14
N PHE C 267 -8.41 -36.28 -0.70
CA PHE C 267 -8.37 -35.11 -1.58
C PHE C 267 -7.29 -34.17 -1.09
N LEU C 268 -6.54 -33.61 -2.03
CA LEU C 268 -5.45 -32.68 -1.73
C LEU C 268 -5.86 -31.27 -2.13
N ILE C 269 -5.63 -30.32 -1.24
CA ILE C 269 -5.90 -28.90 -1.50
C ILE C 269 -4.65 -28.13 -1.11
N ASN C 270 -3.86 -27.74 -2.10
CA ASN C 270 -2.80 -26.78 -1.86
C ASN C 270 -3.41 -25.40 -1.67
N GLY C 271 -2.78 -24.60 -0.81
CA GLY C 271 -3.34 -23.32 -0.42
C GLY C 271 -3.59 -22.37 -1.58
N PRO C 272 -2.51 -21.86 -2.19
CA PRO C 272 -2.67 -20.85 -3.25
C PRO C 272 -3.36 -21.36 -4.50
N GLU C 273 -3.41 -22.68 -4.72
CA GLU C 273 -3.98 -23.19 -5.96
C GLU C 273 -5.47 -22.92 -6.05
N ILE C 274 -6.11 -22.64 -4.91
CA ILE C 274 -7.55 -22.34 -4.91
C ILE C 274 -7.81 -20.98 -5.56
N MET C 275 -6.87 -20.05 -5.42
CA MET C 275 -7.12 -18.66 -5.79
C MET C 275 -7.40 -18.53 -7.29
N SER C 276 -8.33 -17.63 -7.62
CA SER C 276 -8.67 -17.32 -9.00
C SER C 276 -9.00 -15.84 -9.11
N LYS C 277 -8.74 -15.28 -10.30
CA LYS C 277 -9.00 -13.86 -10.51
C LYS C 277 -10.49 -13.60 -10.70
N LEU C 278 -11.22 -14.55 -11.26
CA LEU C 278 -12.65 -14.38 -11.46
C LEU C 278 -13.37 -14.33 -10.12
N ALA C 279 -14.40 -13.48 -10.04
CA ALA C 279 -15.14 -13.30 -8.79
C ALA C 279 -15.94 -14.56 -8.48
N GLY C 280 -15.83 -15.03 -7.23
CA GLY C 280 -16.60 -16.17 -6.78
C GLY C 280 -16.06 -17.52 -7.20
N GLU C 281 -14.89 -17.58 -7.84
CA GLU C 281 -14.41 -18.86 -8.34
C GLU C 281 -13.57 -19.59 -7.30
N SER C 282 -12.94 -18.85 -6.38
CA SER C 282 -12.19 -19.51 -5.30
C SER C 282 -13.12 -20.25 -4.35
N GLU C 283 -14.20 -19.58 -3.94
CA GLU C 283 -15.21 -20.25 -3.12
C GLU C 283 -15.85 -21.39 -3.89
N SER C 284 -16.00 -21.24 -5.21
CA SER C 284 -16.53 -22.32 -6.03
C SER C 284 -15.59 -23.52 -6.02
N ASN C 285 -14.28 -23.29 -6.09
CA ASN C 285 -13.31 -24.38 -6.03
C ASN C 285 -13.38 -25.09 -4.67
N LEU C 286 -13.46 -24.32 -3.58
CA LEU C 286 -13.59 -24.93 -2.26
C LEU C 286 -14.86 -25.75 -2.15
N ARG C 287 -15.98 -25.22 -2.65
CA ARG C 287 -17.25 -25.95 -2.63
C ARG C 287 -17.16 -27.24 -3.43
N LYS C 288 -16.54 -27.18 -4.62
CA LYS C 288 -16.42 -28.37 -5.44
C LYS C 288 -15.56 -29.43 -4.77
N ALA C 289 -14.46 -29.01 -4.13
CA ALA C 289 -13.63 -29.97 -3.41
C ALA C 289 -14.41 -30.64 -2.29
N PHE C 290 -15.12 -29.85 -1.48
CA PHE C 290 -15.88 -30.45 -0.39
C PHE C 290 -16.99 -31.35 -0.91
N GLU C 291 -17.68 -30.94 -1.98
CA GLU C 291 -18.74 -31.77 -2.54
C GLU C 291 -18.21 -33.09 -3.06
N GLU C 292 -17.03 -33.07 -3.69
CA GLU C 292 -16.37 -34.32 -4.05
C GLU C 292 -16.07 -35.14 -2.80
N ALA C 293 -15.78 -34.47 -1.68
CA ALA C 293 -15.50 -35.20 -0.44
C ALA C 293 -16.73 -35.94 0.07
N GLU C 294 -17.87 -35.26 0.21
CA GLU C 294 -19.05 -35.99 0.68
C GLU C 294 -19.57 -36.98 -0.37
N LYS C 295 -19.29 -36.73 -1.65
CA LYS C 295 -19.75 -37.64 -2.69
C LYS C 295 -19.12 -39.02 -2.52
N ASN C 296 -17.83 -39.06 -2.22
CA ASN C 296 -17.10 -40.30 -1.96
C ASN C 296 -16.80 -40.37 -0.47
N ALA C 297 -17.75 -40.87 0.31
CA ALA C 297 -17.62 -40.91 1.75
C ALA C 297 -17.42 -42.34 2.22
N PRO C 298 -16.63 -42.55 3.29
CA PRO C 298 -15.89 -41.53 4.05
C PRO C 298 -14.69 -40.97 3.28
N ALA C 299 -14.32 -39.72 3.57
CA ALA C 299 -13.26 -39.04 2.85
C ALA C 299 -12.39 -38.26 3.81
N ILE C 300 -11.18 -37.96 3.37
CA ILE C 300 -10.24 -37.12 4.11
C ILE C 300 -9.79 -36.00 3.19
N ILE C 301 -9.88 -34.76 3.69
CA ILE C 301 -9.43 -33.57 2.97
C ILE C 301 -8.19 -33.05 3.67
N PHE C 302 -7.11 -32.88 2.91
CA PHE C 302 -5.89 -32.29 3.43
C PHE C 302 -5.64 -30.94 2.76
N ILE C 303 -5.46 -29.92 3.59
CA ILE C 303 -5.15 -28.57 3.13
C ILE C 303 -3.74 -28.23 3.58
N ASP C 304 -2.83 -28.11 2.63
CA ASP C 304 -1.43 -27.82 2.94
C ASP C 304 -1.18 -26.33 2.79
N GLU C 305 -0.38 -25.79 3.72
CA GLU C 305 -0.14 -24.36 3.83
C GLU C 305 -1.45 -23.61 4.01
N LEU C 306 -2.13 -23.92 5.12
CA LEU C 306 -3.42 -23.31 5.42
C LEU C 306 -3.31 -21.82 5.74
N ASP C 307 -2.16 -21.36 6.25
CA ASP C 307 -2.01 -19.96 6.59
C ASP C 307 -2.12 -19.06 5.37
N ALA C 308 -1.81 -19.60 4.19
CA ALA C 308 -1.94 -18.82 2.96
C ALA C 308 -3.39 -18.59 2.58
N ILE C 309 -4.25 -19.59 2.81
CA ILE C 309 -5.61 -19.52 2.32
C ILE C 309 -6.54 -18.91 3.36
N ALA C 310 -6.19 -19.02 4.64
CA ALA C 310 -7.08 -18.64 5.73
C ALA C 310 -6.38 -17.70 6.70
N PRO C 311 -6.24 -16.42 6.34
CA PRO C 311 -5.76 -15.43 7.30
C PRO C 311 -6.90 -14.92 8.17
N LYS C 312 -6.53 -14.07 9.12
CA LYS C 312 -7.54 -13.45 9.98
C LYS C 312 -8.36 -12.45 9.18
N ARG C 313 -9.69 -12.57 9.28
CA ARG C 313 -10.56 -11.67 8.52
C ARG C 313 -10.45 -10.24 9.04
N GLU C 314 -10.16 -10.07 10.33
CA GLU C 314 -10.08 -8.74 10.91
C GLU C 314 -8.85 -7.98 10.40
N LYS C 315 -7.73 -8.68 10.23
CA LYS C 315 -6.47 -8.04 9.89
C LYS C 315 -6.16 -8.08 8.39
N THR C 316 -7.02 -8.66 7.57
CA THR C 316 -6.80 -8.74 6.13
C THR C 316 -7.67 -7.68 5.45
N HIS C 317 -7.16 -7.10 4.36
CA HIS C 317 -7.86 -5.99 3.73
C HIS C 317 -8.64 -6.44 2.50
N GLY C 318 -8.11 -7.40 1.75
CA GLY C 318 -8.77 -7.90 0.56
C GLY C 318 -10.10 -8.59 0.84
N GLU C 319 -11.13 -8.25 0.05
CA GLU C 319 -12.44 -8.85 0.26
C GLU C 319 -12.45 -10.32 -0.17
N VAL C 320 -11.65 -10.67 -1.18
CA VAL C 320 -11.63 -12.04 -1.67
C VAL C 320 -11.13 -12.99 -0.56
N GLU C 321 -10.09 -12.59 0.16
CA GLU C 321 -9.58 -13.42 1.24
C GLU C 321 -10.62 -13.62 2.33
N ARG C 322 -11.32 -12.54 2.71
CA ARG C 322 -12.36 -12.66 3.71
C ARG C 322 -13.48 -13.60 3.25
N ARG C 323 -13.88 -13.48 1.99
CA ARG C 323 -14.94 -14.33 1.47
C ARG C 323 -14.52 -15.79 1.44
N ILE C 324 -13.24 -16.05 1.12
CA ILE C 324 -12.75 -17.43 1.11
C ILE C 324 -12.72 -17.99 2.52
N VAL C 325 -12.27 -17.19 3.49
CA VAL C 325 -12.27 -17.64 4.88
C VAL C 325 -13.69 -17.94 5.34
N SER C 326 -14.64 -17.08 4.97
CA SER C 326 -16.04 -17.31 5.34
C SER C 326 -16.60 -18.57 4.69
N GLN C 327 -16.24 -18.80 3.42
CA GLN C 327 -16.71 -19.99 2.72
C GLN C 327 -16.17 -21.26 3.38
N LEU C 328 -14.88 -21.27 3.70
CA LEU C 328 -14.30 -22.42 4.38
C LEU C 328 -14.92 -22.61 5.76
N LEU C 329 -15.19 -21.49 6.45
CA LEU C 329 -15.80 -21.53 7.77
C LEU C 329 -17.18 -22.17 7.71
N THR C 330 -17.97 -21.80 6.70
CA THR C 330 -19.30 -22.37 6.53
C THR C 330 -19.24 -23.83 6.10
N LEU C 331 -18.29 -24.18 5.23
CA LEU C 331 -18.15 -25.56 4.78
C LEU C 331 -17.78 -26.48 5.94
N MET C 332 -16.89 -26.02 6.82
CA MET C 332 -16.46 -26.86 7.92
C MET C 332 -17.56 -27.03 8.96
N ASP C 333 -18.22 -25.94 9.34
CA ASP C 333 -19.31 -25.97 10.30
C ASP C 333 -20.38 -24.96 9.88
N GLY C 334 -21.50 -25.46 9.37
CA GLY C 334 -22.59 -24.62 8.93
C GLY C 334 -23.91 -25.23 9.33
N LEU C 335 -24.98 -24.74 8.72
CA LEU C 335 -26.30 -25.30 9.02
C LEU C 335 -26.42 -26.72 8.50
N LYS C 336 -25.81 -27.01 7.35
CA LYS C 336 -25.78 -28.35 6.81
C LYS C 336 -24.56 -29.06 7.38
N GLN C 337 -24.78 -29.96 8.33
CA GLN C 337 -23.68 -30.64 9.00
C GLN C 337 -23.05 -31.68 8.09
N ARG C 338 -21.72 -31.77 8.14
CA ARG C 338 -20.97 -32.81 7.46
C ARG C 338 -20.69 -33.93 8.45
N ALA C 339 -20.83 -35.18 8.00
CA ALA C 339 -20.74 -36.33 8.88
C ALA C 339 -19.53 -37.22 8.62
N HIS C 340 -19.29 -37.63 7.37
CA HIS C 340 -18.31 -38.64 7.06
C HIS C 340 -16.99 -38.07 6.52
N VAL C 341 -16.80 -36.75 6.60
CA VAL C 341 -15.62 -36.09 6.05
C VAL C 341 -14.73 -35.63 7.18
N ILE C 342 -13.43 -35.88 7.06
CA ILE C 342 -12.43 -35.46 8.02
C ILE C 342 -11.47 -34.51 7.32
N VAL C 343 -11.24 -33.34 7.91
CA VAL C 343 -10.41 -32.30 7.31
C VAL C 343 -9.12 -32.19 8.12
N MET C 344 -7.99 -32.27 7.43
CA MET C 344 -6.68 -32.07 8.04
C MET C 344 -6.03 -30.85 7.40
N ALA C 345 -5.19 -30.16 8.18
CA ALA C 345 -4.47 -28.99 7.69
C ALA C 345 -3.07 -28.99 8.30
N ALA C 346 -2.12 -28.41 7.57
CA ALA C 346 -0.74 -28.29 8.03
C ALA C 346 -0.27 -26.86 7.79
N THR C 347 0.39 -26.27 8.79
CA THR C 347 0.90 -24.91 8.68
C THR C 347 2.04 -24.71 9.65
N ASN C 348 3.00 -23.86 9.27
CA ASN C 348 4.11 -23.56 10.17
C ASN C 348 3.69 -22.62 11.29
N ARG C 349 2.86 -21.63 10.97
CA ARG C 349 2.42 -20.64 11.95
C ARG C 349 0.94 -20.79 12.23
N PRO C 350 0.55 -21.37 13.36
CA PRO C 350 -0.89 -21.52 13.62
C PRO C 350 -1.57 -20.24 14.08
N ASN C 351 -0.81 -19.30 14.64
CA ASN C 351 -1.43 -18.10 15.20
C ASN C 351 -1.89 -17.14 14.11
N SER C 352 -1.43 -17.34 12.88
CA SER C 352 -1.87 -16.48 11.78
C SER C 352 -3.24 -16.89 11.27
N ILE C 353 -3.72 -18.07 11.66
CA ILE C 353 -5.00 -18.56 11.19
C ILE C 353 -6.14 -17.83 11.90
N ASP C 354 -7.27 -17.70 11.22
CA ASP C 354 -8.42 -17.02 11.79
C ASP C 354 -8.89 -17.74 13.05
N PRO C 355 -9.18 -17.02 14.13
CA PRO C 355 -9.57 -17.69 15.38
C PRO C 355 -10.84 -18.52 15.27
N ALA C 356 -11.76 -18.14 14.39
CA ALA C 356 -13.00 -18.91 14.24
C ALA C 356 -12.74 -20.29 13.67
N LEU C 357 -11.62 -20.48 12.99
CA LEU C 357 -11.27 -21.78 12.43
C LEU C 357 -10.62 -22.70 13.45
N ARG C 358 -10.24 -22.19 14.63
CA ARG C 358 -9.66 -22.99 15.70
C ARG C 358 -10.73 -23.13 16.78
N ARG C 359 -11.56 -24.16 16.64
CA ARG C 359 -12.77 -24.28 17.43
C ARG C 359 -13.23 -25.73 17.38
N PHE C 360 -14.29 -26.03 18.13
CA PHE C 360 -14.92 -27.33 18.00
C PHE C 360 -15.84 -27.33 16.79
N GLY C 361 -15.70 -28.35 15.95
CA GLY C 361 -16.38 -28.42 14.68
C GLY C 361 -15.55 -27.89 13.52
N ARG C 362 -14.48 -27.16 13.81
CA ARG C 362 -13.55 -26.67 12.80
C ARG C 362 -12.15 -26.83 13.38
N PHE C 363 -11.41 -27.85 12.92
CA PHE C 363 -10.09 -28.15 13.44
C PHE C 363 -10.14 -28.37 14.95
N ASP C 364 -10.83 -29.45 15.32
CA ASP C 364 -11.14 -29.72 16.73
C ASP C 364 -9.88 -29.84 17.56
N ARG C 365 -8.88 -30.57 17.06
CA ARG C 365 -7.65 -30.84 17.78
C ARG C 365 -6.45 -30.30 17.03
N GLU C 366 -5.45 -29.85 17.80
CA GLU C 366 -4.21 -29.32 17.25
C GLU C 366 -3.06 -30.20 17.73
N VAL C 367 -2.25 -30.68 16.79
CA VAL C 367 -1.17 -31.60 17.08
C VAL C 367 0.16 -30.91 16.74
N ASP C 368 1.07 -30.93 17.70
CA ASP C 368 2.36 -30.23 17.57
C ASP C 368 3.41 -31.24 17.13
N ILE C 369 3.86 -31.12 15.88
CA ILE C 369 4.96 -31.94 15.36
C ILE C 369 6.26 -31.21 15.64
N GLY C 370 6.83 -31.44 16.83
CA GLY C 370 7.97 -30.66 17.26
C GLY C 370 9.29 -31.24 16.80
N ILE C 371 10.36 -30.59 17.28
CA ILE C 371 11.73 -31.03 16.94
C ILE C 371 12.01 -32.34 17.66
N PRO C 372 12.50 -33.38 16.97
CA PRO C 372 12.81 -34.63 17.65
C PRO C 372 14.00 -34.49 18.59
N ASP C 373 14.01 -35.33 19.63
CA ASP C 373 15.13 -35.42 20.54
C ASP C 373 16.13 -36.46 20.02
N ALA C 374 17.09 -36.82 20.85
CA ALA C 374 18.12 -37.77 20.43
C ALA C 374 17.51 -39.14 20.10
N THR C 375 16.61 -39.63 20.95
CA THR C 375 15.99 -40.92 20.72
C THR C 375 15.13 -40.91 19.46
N GLY C 376 14.35 -39.84 19.27
CA GLY C 376 13.51 -39.76 18.08
C GLY C 376 14.32 -39.62 16.80
N ARG C 377 15.38 -38.82 16.85
CA ARG C 377 16.19 -38.61 15.65
C ARG C 377 17.03 -39.85 15.33
N LEU C 378 17.36 -40.66 16.34
CA LEU C 378 17.95 -41.96 16.05
C LEU C 378 17.00 -42.85 15.28
N GLU C 379 15.72 -42.86 15.66
CA GLU C 379 14.72 -43.62 14.92
C GLU C 379 14.55 -43.08 13.52
N ILE C 380 14.59 -41.76 13.36
CA ILE C 380 14.51 -41.16 12.02
C ILE C 380 15.68 -41.62 11.16
N LEU C 381 16.89 -41.64 11.74
CA LEU C 381 18.06 -42.10 11.00
C LEU C 381 17.93 -43.57 10.62
N GLN C 382 17.42 -44.40 11.53
CA GLN C 382 17.23 -45.82 11.22
C GLN C 382 16.23 -46.01 10.09
N ILE C 383 15.15 -45.22 10.10
CA ILE C 383 14.17 -45.31 9.01
C ILE C 383 14.79 -44.87 7.69
N HIS C 384 15.54 -43.76 7.70
CA HIS C 384 16.10 -43.23 6.47
C HIS C 384 17.14 -44.17 5.87
N THR C 385 17.97 -44.79 6.72
CA THR C 385 19.10 -45.57 6.24
C THR C 385 18.78 -47.04 6.02
N LYS C 386 17.52 -47.45 6.14
CA LYS C 386 17.18 -48.84 5.90
C LYS C 386 17.37 -49.23 4.45
N ASN C 387 17.11 -48.29 3.53
CA ASN C 387 17.33 -48.57 2.11
C ASN C 387 18.80 -48.47 1.74
N MET C 388 19.57 -47.66 2.45
CA MET C 388 20.96 -47.44 2.11
C MET C 388 21.82 -48.63 2.52
N LYS C 389 22.99 -48.73 1.88
CA LYS C 389 23.98 -49.74 2.23
C LYS C 389 24.96 -49.15 3.23
N LEU C 390 25.07 -49.77 4.39
CA LEU C 390 25.91 -49.27 5.48
C LEU C 390 26.92 -50.32 5.88
N ALA C 391 28.14 -49.89 6.15
CA ALA C 391 29.17 -50.80 6.63
C ALA C 391 29.01 -51.05 8.13
N ASP C 392 29.82 -51.98 8.65
CA ASP C 392 29.71 -52.36 10.05
C ASP C 392 30.18 -51.25 10.99
N ASP C 393 31.17 -50.46 10.55
CA ASP C 393 31.73 -49.44 11.43
C ASP C 393 30.73 -48.31 11.67
N VAL C 394 29.72 -48.19 10.82
CA VAL C 394 28.76 -47.11 10.96
C VAL C 394 27.82 -47.39 12.13
N ASP C 395 27.75 -46.45 13.06
CA ASP C 395 26.83 -46.52 14.18
C ASP C 395 25.93 -45.29 14.16
N LEU C 396 24.62 -45.50 14.10
CA LEU C 396 23.70 -44.39 13.97
C LEU C 396 23.49 -43.65 15.28
N GLU C 397 23.81 -44.30 16.40
CA GLU C 397 23.63 -43.66 17.70
C GLU C 397 24.56 -42.45 17.85
N GLN C 398 25.81 -42.57 17.41
CA GLN C 398 26.73 -41.45 17.49
C GLN C 398 26.28 -40.28 16.62
N VAL C 399 25.82 -40.57 15.41
CA VAL C 399 25.32 -39.52 14.52
C VAL C 399 24.10 -38.85 15.13
N ALA C 400 23.22 -39.64 15.74
CA ALA C 400 22.05 -39.07 16.41
C ALA C 400 22.46 -38.17 17.57
N ASN C 401 23.47 -38.59 18.34
CA ASN C 401 23.91 -37.78 19.48
C ASN C 401 24.59 -36.50 19.02
N GLU C 402 25.25 -36.53 17.86
CA GLU C 402 26.03 -35.37 17.43
C GLU C 402 25.21 -34.37 16.63
N THR C 403 23.94 -34.68 16.36
CA THR C 403 23.06 -33.76 15.63
C THR C 403 22.02 -33.17 16.58
N HIS C 404 22.38 -32.02 17.17
CA HIS C 404 21.60 -31.51 18.30
C HIS C 404 20.30 -30.86 17.85
N GLY C 405 20.38 -29.81 17.04
CA GLY C 405 19.19 -29.11 16.61
C GLY C 405 18.56 -29.63 15.34
N HIS C 406 19.03 -30.76 14.82
CA HIS C 406 18.60 -31.24 13.52
C HIS C 406 17.16 -31.74 13.57
N VAL C 407 16.44 -31.53 12.47
CA VAL C 407 15.07 -31.98 12.31
C VAL C 407 15.10 -33.06 11.23
N GLY C 408 13.95 -33.66 10.92
CA GLY C 408 13.94 -34.77 9.97
C GLY C 408 14.51 -34.41 8.61
N ALA C 409 14.19 -33.23 8.11
CA ALA C 409 14.76 -32.78 6.84
C ALA C 409 16.27 -32.61 6.94
N ASP C 410 16.74 -32.11 8.08
CA ASP C 410 18.18 -31.97 8.28
C ASP C 410 18.86 -33.34 8.30
N LEU C 411 18.22 -34.33 8.91
CA LEU C 411 18.78 -35.68 8.92
C LEU C 411 18.82 -36.28 7.52
N ALA C 412 17.76 -36.04 6.74
CA ALA C 412 17.76 -36.52 5.36
C ALA C 412 18.87 -35.85 4.55
N ALA C 413 19.06 -34.55 4.75
CA ALA C 413 20.16 -33.86 4.08
C ALA C 413 21.51 -34.42 4.50
N LEU C 414 21.67 -34.74 5.78
CA LEU C 414 22.91 -35.33 6.25
C LEU C 414 23.17 -36.68 5.60
N CYS C 415 22.13 -37.51 5.51
CA CYS C 415 22.29 -38.81 4.86
C CYS C 415 22.66 -38.67 3.40
N SER C 416 22.00 -37.73 2.69
CA SER C 416 22.33 -37.51 1.29
C SER C 416 23.76 -37.00 1.12
N GLU C 417 24.19 -36.07 1.97
CA GLU C 417 25.55 -35.55 1.88
C GLU C 417 26.58 -36.64 2.17
N ALA C 418 26.28 -37.51 3.14
CA ALA C 418 27.17 -38.63 3.41
C ALA C 418 27.25 -39.57 2.22
N ALA C 419 26.12 -39.82 1.56
CA ALA C 419 26.14 -40.68 0.38
C ALA C 419 26.95 -40.06 -0.75
N LEU C 420 26.81 -38.76 -0.98
CA LEU C 420 27.61 -38.09 -2.01
C LEU C 420 29.09 -38.10 -1.66
N GLN C 421 29.42 -37.91 -0.38
CA GLN C 421 30.81 -38.07 0.05
C GLN C 421 31.32 -39.48 -0.26
N ALA C 422 30.45 -40.48 -0.08
CA ALA C 422 30.85 -41.85 -0.38
C ALA C 422 31.17 -42.02 -1.87
N ILE C 423 30.37 -41.40 -2.74
CA ILE C 423 30.64 -41.45 -4.17
C ILE C 423 31.94 -40.72 -4.49
N ARG C 424 32.18 -39.60 -3.81
CA ARG C 424 33.38 -38.79 -4.02
C ARG C 424 34.65 -39.62 -3.88
N LYS C 425 34.65 -40.57 -2.95
CA LYS C 425 35.82 -41.44 -2.79
C LYS C 425 36.05 -42.29 -4.02
N LYS C 426 34.98 -42.84 -4.60
CA LYS C 426 35.13 -43.63 -5.83
C LYS C 426 35.39 -42.74 -7.03
N MET C 427 35.14 -41.43 -6.90
CA MET C 427 35.37 -40.52 -8.02
C MET C 427 36.84 -40.43 -8.37
N ASP C 428 37.72 -40.50 -7.36
CA ASP C 428 39.15 -40.42 -7.61
C ASP C 428 39.64 -41.58 -8.47
N LEU C 429 39.14 -42.78 -8.20
CA LEU C 429 39.62 -43.95 -8.93
C LEU C 429 39.23 -43.89 -10.41
N ILE C 430 38.00 -43.50 -10.70
CA ILE C 430 37.53 -43.53 -12.09
C ILE C 430 37.85 -42.21 -12.78
N ASP C 431 37.87 -42.25 -14.12
CA ASP C 431 38.15 -41.07 -14.91
C ASP C 431 36.92 -40.15 -14.98
N LEU C 432 35.73 -40.70 -14.74
CA LEU C 432 34.42 -40.07 -14.80
C LEU C 432 33.97 -39.83 -16.24
N GLU C 433 34.85 -40.00 -17.22
CA GLU C 433 34.50 -39.79 -18.62
C GLU C 433 34.06 -41.07 -19.30
N ASP C 434 33.99 -42.17 -18.55
CA ASP C 434 33.51 -43.43 -19.11
C ASP C 434 32.02 -43.33 -19.42
N GLU C 435 31.59 -44.05 -20.46
CA GLU C 435 30.17 -44.05 -20.81
C GLU C 435 29.33 -44.70 -19.72
N THR C 436 29.90 -45.64 -18.98
CA THR C 436 29.21 -46.30 -17.88
C THR C 436 30.19 -46.63 -16.77
N ILE C 437 29.64 -46.82 -15.57
CA ILE C 437 30.46 -47.16 -14.41
C ILE C 437 30.67 -48.67 -14.37
N ASP C 438 31.88 -49.08 -14.00
CA ASP C 438 32.20 -50.50 -13.89
C ASP C 438 31.43 -51.14 -12.74
N ALA C 439 31.06 -52.40 -12.91
CA ALA C 439 30.28 -53.10 -11.89
C ALA C 439 31.10 -53.35 -10.64
N GLU C 440 32.39 -53.65 -10.80
CA GLU C 440 33.25 -53.88 -9.64
C GLU C 440 33.37 -52.63 -8.78
N VAL C 441 33.54 -51.47 -9.41
CA VAL C 441 33.58 -50.21 -8.66
C VAL C 441 32.23 -49.94 -8.01
N MET C 442 31.14 -50.31 -8.70
CA MET C 442 29.80 -50.14 -8.13
C MET C 442 29.64 -50.94 -6.85
N ASN C 443 30.07 -52.22 -6.87
CA ASN C 443 29.98 -53.04 -5.67
C ASN C 443 30.95 -52.57 -4.60
N SER C 444 32.07 -51.99 -5.01
CA SER C 444 33.05 -51.48 -4.04
C SER C 444 32.48 -50.33 -3.22
N LEU C 445 31.52 -49.60 -3.79
CA LEU C 445 30.99 -48.42 -3.12
C LEU C 445 30.05 -48.81 -1.97
N ALA C 446 30.27 -48.20 -0.81
CA ALA C 446 29.38 -48.34 0.33
C ALA C 446 29.56 -47.12 1.22
N VAL C 447 28.56 -46.88 2.06
CA VAL C 447 28.59 -45.74 2.98
C VAL C 447 29.45 -46.10 4.18
N THR C 448 30.46 -45.27 4.45
CA THR C 448 31.41 -45.51 5.52
C THR C 448 31.19 -44.47 6.61
N MET C 449 31.57 -44.82 7.84
CA MET C 449 31.44 -43.90 8.96
C MET C 449 32.22 -42.61 8.70
N ASP C 450 33.29 -42.69 7.91
CA ASP C 450 34.03 -41.48 7.56
C ASP C 450 33.18 -40.52 6.75
N ASP C 451 32.36 -41.06 5.84
CA ASP C 451 31.44 -40.22 5.08
C ASP C 451 30.43 -39.54 6.00
N PHE C 452 29.92 -40.28 6.98
CA PHE C 452 29.00 -39.68 7.94
C PHE C 452 29.68 -38.60 8.77
N ARG C 453 30.95 -38.82 9.14
CA ARG C 453 31.68 -37.79 9.89
C ARG C 453 31.87 -36.53 9.05
N TRP C 454 32.20 -36.70 7.77
CA TRP C 454 32.35 -35.54 6.89
C TRP C 454 31.03 -34.80 6.73
N ALA C 455 29.93 -35.54 6.57
CA ALA C 455 28.62 -34.90 6.49
C ALA C 455 28.28 -34.18 7.78
N LEU C 456 28.60 -34.79 8.92
CA LEU C 456 28.37 -34.16 10.22
C LEU C 456 29.13 -32.85 10.34
N SER C 457 30.38 -32.82 9.87
CA SER C 457 31.13 -31.58 9.83
C SER C 457 30.43 -30.56 8.93
N GLN C 458 29.93 -31.01 7.78
CA GLN C 458 29.27 -30.08 6.85
C GLN C 458 27.86 -29.74 7.30
N SER C 459 27.21 -30.63 8.03
CA SER C 459 25.79 -30.47 8.36
C SER C 459 25.58 -29.32 9.33
N ASN C 460 24.54 -28.53 9.07
CA ASN C 460 24.07 -27.48 9.96
C ASN C 460 22.55 -27.47 9.96
N PRO C 461 21.92 -27.23 11.11
CA PRO C 461 20.45 -27.14 11.14
C PRO C 461 19.94 -26.03 10.25
N SER C 462 18.80 -26.27 9.60
CA SER C 462 18.24 -25.29 8.69
C SER C 462 17.66 -24.10 9.44
N ALA C 463 17.30 -24.30 10.72
CA ALA C 463 16.70 -23.22 11.49
C ALA C 463 17.68 -22.08 11.72
N LEU C 464 18.92 -22.39 12.06
CA LEU C 464 19.91 -21.36 12.35
C LEU C 464 21.10 -21.41 11.41
N ARG C 465 19.52 -20.80 8.91
CA ARG C 465 20.75 -20.63 8.16
C ARG C 465 21.19 -19.17 8.19
N GLU C 466 20.34 -18.32 8.78
CA GLU C 466 20.65 -16.89 8.85
C GLU C 466 21.76 -16.62 9.85
N THR C 467 21.70 -17.25 11.02
CA THR C 467 22.66 -16.99 12.10
C THR C 467 23.83 -17.99 12.04
N VAL C 468 24.59 -17.90 10.95
CA VAL C 468 25.75 -18.76 10.74
C VAL C 468 26.95 -17.87 10.43
N VAL C 469 28.04 -18.07 11.16
CA VAL C 469 29.29 -17.35 10.94
C VAL C 469 30.43 -18.35 10.85
N GLU C 470 31.52 -17.93 10.22
CA GLU C 470 32.69 -18.79 10.04
C GLU C 470 33.66 -18.54 11.19
N VAL C 471 33.69 -19.46 12.15
CA VAL C 471 34.55 -19.37 13.32
C VAL C 471 35.97 -19.74 12.91
N PRO C 472 36.99 -19.06 13.45
CA PRO C 472 38.38 -19.33 13.02
C PRO C 472 38.97 -20.67 13.47
N GLN C 473 38.16 -21.59 13.99
CA GLN C 473 38.64 -22.93 14.40
C GLN C 473 39.71 -22.82 15.49
N VAL C 474 39.30 -22.32 16.66
CA VAL C 474 40.20 -22.25 17.80
C VAL C 474 39.98 -23.46 18.70
N THR C 475 41.06 -24.00 19.23
CA THR C 475 41.04 -25.17 20.10
C THR C 475 41.35 -24.75 21.53
N TRP C 476 40.97 -25.60 22.48
CA TRP C 476 41.30 -25.35 23.89
C TRP C 476 42.80 -25.28 24.09
N GLU C 477 43.57 -25.95 23.24
CA GLU C 477 45.03 -25.90 23.36
C GLU C 477 45.59 -24.56 22.91
N ASP C 478 44.86 -23.86 22.03
CA ASP C 478 45.32 -22.56 21.56
C ASP C 478 45.29 -21.52 22.68
N ILE C 479 44.43 -21.75 23.68
CA ILE C 479 44.34 -20.81 24.80
C ILE C 479 45.36 -21.20 25.87
N GLY C 480 46.19 -20.24 26.27
CA GLY C 480 47.18 -20.45 27.30
C GLY C 480 46.69 -19.86 28.62
N GLY C 481 46.82 -20.66 29.68
CA GLY C 481 46.29 -20.26 30.97
C GLY C 481 44.79 -20.49 31.06
N LEU C 482 44.18 -19.81 32.02
CA LEU C 482 42.74 -19.90 32.26
C LEU C 482 42.29 -21.35 32.45
N GLU C 483 43.07 -22.10 33.24
CA GLU C 483 42.76 -23.50 33.44
C GLU C 483 41.45 -23.69 34.19
N ASP C 484 41.20 -22.89 35.23
CA ASP C 484 39.95 -23.00 35.97
C ASP C 484 38.76 -22.54 35.13
N VAL C 485 38.95 -21.50 34.31
CA VAL C 485 37.87 -21.02 33.45
C VAL C 485 37.52 -22.06 32.40
N LYS C 486 38.54 -22.74 31.85
CA LYS C 486 38.29 -23.75 30.84
C LYS C 486 37.45 -24.89 31.38
N ARG C 487 37.76 -25.35 32.59
CA ARG C 487 37.03 -26.49 33.17
C ARG C 487 35.56 -26.15 33.38
N GLU C 488 35.28 -24.95 33.87
CA GLU C 488 33.90 -24.55 34.08
C GLU C 488 33.15 -24.44 32.76
N LEU C 489 33.81 -23.93 31.72
CA LEU C 489 33.16 -23.78 30.43
C LEU C 489 32.80 -25.12 29.80
N GLN C 490 33.70 -26.10 29.90
CA GLN C 490 33.39 -27.44 29.39
C GLN C 490 32.28 -28.09 30.20
N GLU C 491 32.31 -27.92 31.53
CA GLU C 491 31.32 -28.57 32.37
C GLU C 491 29.95 -27.94 32.23
N LEU C 492 29.90 -26.65 31.88
CA LEU C 492 28.62 -25.95 31.83
C LEU C 492 27.72 -26.51 30.73
N VAL C 493 28.29 -26.83 29.58
CA VAL C 493 27.48 -27.34 28.47
C VAL C 493 27.39 -28.86 28.54
N GLN C 494 28.47 -29.51 28.94
CA GLN C 494 28.53 -30.97 28.86
C GLN C 494 27.67 -31.63 29.93
N TYR C 495 27.65 -31.08 31.15
CA TYR C 495 26.97 -31.75 32.26
C TYR C 495 25.47 -31.91 32.03
N PRO C 496 24.69 -30.85 31.69
CA PRO C 496 23.25 -31.05 31.51
C PRO C 496 22.91 -31.87 30.28
N VAL C 497 23.79 -31.87 29.29
CA VAL C 497 23.51 -32.56 28.04
C VAL C 497 23.89 -34.03 28.14
N GLU C 498 25.07 -34.33 28.67
CA GLU C 498 25.54 -35.71 28.69
C GLU C 498 25.10 -36.45 29.94
N HIS C 499 24.71 -35.72 30.98
CA HIS C 499 24.25 -36.31 32.25
C HIS C 499 22.95 -35.66 32.69
N PRO C 500 21.86 -35.81 31.92
CA PRO C 500 20.58 -35.28 32.39
C PRO C 500 20.01 -36.03 33.58
N ASP C 501 20.38 -37.30 33.74
CA ASP C 501 19.83 -38.10 34.84
C ASP C 501 20.42 -37.70 36.18
N LYS C 502 21.65 -37.18 36.18
CA LYS C 502 22.25 -36.73 37.44
C LYS C 502 21.48 -35.57 38.04
N PHE C 503 21.04 -34.62 37.21
CA PHE C 503 20.30 -33.47 37.71
C PHE C 503 18.92 -33.90 38.20
N LEU C 504 18.29 -34.85 37.52
CA LEU C 504 17.00 -35.36 37.97
C LEU C 504 17.14 -36.07 39.32
N LYS C 505 18.24 -36.80 39.51
CA LYS C 505 18.46 -37.50 40.77
C LYS C 505 18.61 -36.51 41.93
N PHE C 506 19.41 -35.46 41.73
CA PHE C 506 19.59 -34.47 42.78
C PHE C 506 18.44 -33.47 42.78
N GLY C 507 17.66 -33.42 41.71
CA GLY C 507 16.44 -32.64 41.70
C GLY C 507 16.58 -31.16 41.44
N MET C 508 17.69 -30.71 40.85
CA MET C 508 17.92 -29.29 40.60
C MET C 508 18.20 -29.05 39.13
N THR C 509 17.73 -27.91 38.63
CA THR C 509 18.02 -27.52 37.25
C THR C 509 19.45 -27.00 37.14
N PRO C 510 20.06 -27.04 35.96
CA PRO C 510 21.43 -26.55 35.83
C PRO C 510 21.50 -25.03 35.83
N SER C 511 22.72 -24.52 35.95
CA SER C 511 23.00 -23.10 35.82
C SER C 511 23.48 -22.84 34.39
N LYS C 512 22.91 -21.83 33.75
CA LYS C 512 23.11 -21.64 32.31
C LYS C 512 23.52 -20.21 31.94
N GLY C 513 24.21 -19.50 32.82
CA GLY C 513 24.63 -18.14 32.55
C GLY C 513 26.07 -17.89 32.93
N VAL C 514 26.81 -17.21 32.04
CA VAL C 514 28.19 -16.83 32.28
C VAL C 514 28.40 -15.41 31.74
N LEU C 515 29.13 -14.60 32.51
CA LEU C 515 29.57 -13.29 32.05
C LEU C 515 31.09 -13.22 32.16
N PHE C 516 31.75 -12.83 31.07
CA PHE C 516 33.19 -12.60 31.04
C PHE C 516 33.44 -11.11 31.05
N TYR C 517 34.26 -10.64 31.99
CA TYR C 517 34.64 -9.23 32.05
C TYR C 517 36.12 -9.12 32.39
N GLY C 518 36.79 -8.15 31.80
CA GLY C 518 38.20 -7.93 32.04
C GLY C 518 38.79 -6.92 31.08
N PRO C 519 40.09 -6.66 31.21
CA PRO C 519 40.73 -5.71 30.29
C PRO C 519 40.77 -6.26 28.88
N PRO C 520 40.83 -5.39 27.87
CA PRO C 520 40.86 -5.88 26.49
C PRO C 520 42.07 -6.74 26.20
N GLY C 521 41.87 -7.75 25.35
CA GLY C 521 42.96 -8.60 24.89
C GLY C 521 43.34 -9.73 25.83
N CYS C 522 42.46 -10.15 26.71
CA CYS C 522 42.81 -11.15 27.72
C CYS C 522 42.18 -12.52 27.47
N GLY C 523 41.38 -12.67 26.41
CA GLY C 523 40.89 -13.99 26.04
C GLY C 523 39.40 -14.21 26.19
N LYS C 524 38.60 -13.15 26.29
CA LYS C 524 37.16 -13.32 26.43
C LYS C 524 36.53 -13.87 25.16
N THR C 525 36.87 -13.27 24.02
CA THR C 525 36.31 -13.74 22.75
C THR C 525 36.99 -15.03 22.30
N LEU C 526 38.24 -15.24 22.71
CA LEU C 526 38.94 -16.47 22.37
C LEU C 526 38.28 -17.69 23.00
N LEU C 527 37.80 -17.55 24.24
CA LEU C 527 37.10 -18.66 24.89
C LEU C 527 35.81 -19.00 24.15
N ALA C 528 35.10 -18.00 23.65
CA ALA C 528 33.87 -18.24 22.91
C ALA C 528 34.14 -18.98 21.61
N LYS C 529 35.27 -18.69 20.96
CA LYS C 529 35.63 -19.41 19.75
C LYS C 529 35.92 -20.88 20.04
N ALA C 530 36.56 -21.16 21.17
CA ALA C 530 36.81 -22.55 21.55
C ALA C 530 35.50 -23.29 21.82
N ILE C 531 34.55 -22.61 22.46
CA ILE C 531 33.24 -23.22 22.71
C ILE C 531 32.53 -23.49 21.39
N ALA C 532 32.63 -22.56 20.44
CA ALA C 532 31.93 -22.71 19.17
C ALA C 532 32.38 -23.95 18.42
N ASN C 533 33.61 -24.41 18.69
CA ASN C 533 34.11 -25.61 18.04
C ASN C 533 34.00 -26.83 18.95
N GLU C 534 34.60 -26.77 20.13
CA GLU C 534 34.78 -27.96 20.94
C GLU C 534 33.46 -28.43 21.57
N CYS C 535 32.67 -27.49 22.08
CA CYS C 535 31.45 -27.87 22.78
C CYS C 535 30.45 -28.51 21.83
N GLN C 536 29.71 -29.50 22.33
CA GLN C 536 28.72 -30.22 21.53
C GLN C 536 27.33 -29.63 21.76
N ALA C 537 27.15 -28.43 21.20
CA ALA C 537 25.87 -27.75 21.21
C ALA C 537 25.87 -26.73 20.08
N ASN C 538 24.67 -26.35 19.66
CA ASN C 538 24.54 -25.32 18.64
C ASN C 538 25.07 -23.99 19.19
N PHE C 539 25.59 -23.16 18.30
CA PHE C 539 26.19 -21.88 18.69
C PHE C 539 25.59 -20.77 17.85
N ILE C 540 25.13 -19.72 18.52
CA ILE C 540 24.65 -18.51 17.86
C ILE C 540 25.48 -17.34 18.37
N SER C 541 26.10 -16.61 17.45
CA SER C 541 26.95 -15.47 17.76
C SER C 541 26.17 -14.19 17.49
N ILE C 542 26.12 -13.31 18.47
CA ILE C 542 25.37 -12.06 18.39
C ILE C 542 26.31 -10.90 18.67
N LYS C 543 26.49 -10.03 17.68
CA LYS C 543 27.12 -8.75 17.93
C LYS C 543 26.15 -7.86 18.70
N GLY C 544 26.69 -6.92 19.47
CA GLY C 544 25.87 -6.13 20.37
C GLY C 544 24.74 -5.39 19.68
N PRO C 545 25.07 -4.36 18.89
CA PRO C 545 24.03 -3.56 18.24
C PRO C 545 23.42 -4.23 17.02
N GLU C 546 23.67 -5.53 16.80
CA GLU C 546 23.17 -6.21 15.61
C GLU C 546 21.65 -6.27 15.60
N LEU C 547 21.02 -6.23 16.78
CA LEU C 547 19.60 -6.48 16.92
C LEU C 547 18.76 -5.21 16.96
N LEU C 548 19.32 -4.05 16.65
CA LEU C 548 18.64 -2.77 16.81
C LEU C 548 18.10 -2.30 15.47
N THR C 549 16.88 -1.77 15.49
CA THR C 549 16.20 -1.30 14.29
C THR C 549 15.55 0.03 14.61
N MET C 550 15.46 0.90 13.59
CA MET C 550 14.88 2.21 13.81
C MET C 550 13.36 2.17 13.92
N TRP C 551 12.75 1.07 13.48
CA TRP C 551 11.29 0.95 13.58
C TRP C 551 10.86 0.75 15.03
N PHE C 552 9.59 1.04 15.30
CA PHE C 552 9.13 1.22 16.67
C PHE C 552 9.24 -0.07 17.49
N GLY C 553 8.71 -1.17 16.96
CA GLY C 553 8.67 -2.39 17.74
C GLY C 553 9.58 -3.49 17.24
N GLU C 554 10.38 -3.21 16.22
CA GLU C 554 11.19 -4.26 15.60
C GLU C 554 12.44 -4.58 16.41
N SER C 555 12.92 -3.64 17.22
CA SER C 555 14.10 -3.91 18.04
C SER C 555 13.84 -5.01 19.06
N GLU C 556 12.68 -5.01 19.69
CA GLU C 556 12.30 -6.03 20.66
C GLU C 556 11.86 -7.31 19.97
N ALA C 557 11.33 -7.20 18.75
CA ALA C 557 10.93 -8.36 17.96
C ALA C 557 12.14 -9.18 17.56
N ASN C 558 13.26 -8.52 17.26
CA ASN C 558 14.49 -9.23 16.94
C ASN C 558 15.00 -10.00 18.14
N VAL C 559 14.81 -9.47 19.35
CA VAL C 559 15.22 -10.17 20.55
C VAL C 559 14.42 -11.45 20.73
N ARG C 560 13.11 -11.39 20.50
CA ARG C 560 12.29 -12.60 20.62
C ARG C 560 12.68 -13.64 19.59
N GLU C 561 12.97 -13.22 18.36
CA GLU C 561 13.30 -14.19 17.31
C GLU C 561 14.60 -14.92 17.62
N ILE C 562 15.62 -14.20 18.10
CA ILE C 562 16.90 -14.83 18.35
C ILE C 562 16.83 -15.75 19.56
N PHE C 563 15.98 -15.41 20.54
CA PHE C 563 15.81 -16.27 21.69
C PHE C 563 14.92 -17.46 21.35
N ASP C 564 13.93 -17.26 20.47
CA ASP C 564 13.12 -18.38 20.01
C ASP C 564 13.92 -19.32 19.13
N LYS C 565 14.83 -18.77 18.33
CA LYS C 565 15.68 -19.62 17.49
C LYS C 565 16.57 -20.51 18.33
N ALA C 566 17.04 -20.01 19.48
CA ALA C 566 17.89 -20.81 20.36
C ALA C 566 17.10 -21.89 21.07
N ARG C 567 15.81 -21.65 21.32
CA ARG C 567 14.99 -22.64 22.00
C ARG C 567 14.70 -23.83 21.10
N GLN C 568 14.48 -23.59 19.80
CA GLN C 568 14.20 -24.69 18.89
C GLN C 568 15.42 -25.57 18.70
N ALA C 569 16.61 -24.99 18.73
CA ALA C 569 17.84 -25.74 18.50
C ALA C 569 18.54 -26.13 19.79
N ALA C 570 17.82 -26.26 20.89
CA ALA C 570 18.43 -26.65 22.15
C ALA C 570 19.01 -28.05 22.05
N PRO C 571 20.19 -28.31 22.64
CA PRO C 571 20.98 -27.34 23.40
C PRO C 571 21.74 -26.36 22.51
N CYS C 572 21.64 -25.07 22.83
CA CYS C 572 22.26 -24.01 22.04
C CYS C 572 22.98 -23.05 22.96
N VAL C 573 24.08 -22.48 22.46
CA VAL C 573 24.87 -21.50 23.20
C VAL C 573 24.67 -20.14 22.54
N LEU C 574 24.13 -19.19 23.29
CA LEU C 574 23.85 -17.85 22.79
C LEU C 574 24.91 -16.91 23.36
N PHE C 575 25.79 -16.42 22.50
CA PHE C 575 26.91 -15.59 22.93
C PHE C 575 26.66 -14.15 22.53
N PHE C 576 26.73 -13.23 23.50
CA PHE C 576 26.56 -11.80 23.27
C PHE C 576 27.91 -11.13 23.41
N ASP C 577 28.54 -10.83 22.28
CA ASP C 577 29.77 -10.06 22.29
C ASP C 577 29.47 -8.58 22.50
N GLN C 578 30.24 -7.94 23.38
CA GLN C 578 30.00 -6.56 23.79
C GLN C 578 28.58 -6.40 24.33
N LEU C 579 28.32 -7.07 25.45
CA LEU C 579 26.98 -7.11 26.02
C LEU C 579 26.55 -5.75 26.52
N ASP C 580 27.50 -4.86 26.81
CA ASP C 580 27.18 -3.57 27.41
C ASP C 580 26.45 -2.65 26.44
N SER C 581 26.43 -3.00 25.16
CA SER C 581 25.75 -2.15 24.17
C SER C 581 24.24 -2.28 24.28
N ILE C 582 23.75 -3.51 24.48
CA ILE C 582 22.30 -3.71 24.57
C ILE C 582 21.85 -3.76 26.01
N ALA C 583 22.76 -4.03 26.95
CA ALA C 583 22.45 -4.07 28.36
C ALA C 583 22.89 -2.77 29.01
N LYS C 584 21.95 -2.07 29.64
CA LYS C 584 22.23 -0.79 30.28
C LYS C 584 21.34 -0.67 31.51
N ALA C 585 21.72 0.20 32.43
CA ALA C 585 21.06 0.28 33.73
C ALA C 585 19.64 0.84 33.63
N ARG C 586 19.27 1.34 32.46
CA ARG C 586 17.96 1.96 32.20
C ARG C 586 17.84 3.31 32.90
N GLY C 587 17.13 4.24 32.28
CA GLY C 587 17.03 5.58 32.84
C GLY C 587 18.28 6.41 32.70
N GLY C 588 19.21 6.00 31.83
CA GLY C 588 20.46 6.73 31.68
C GLY C 588 20.26 8.12 31.10
N ASN C 589 19.36 8.24 30.13
CA ASN C 589 19.11 9.51 29.45
C ASN C 589 17.62 9.76 29.38
N ILE C 590 17.26 11.05 29.31
CA ILE C 590 15.85 11.43 29.16
C ILE C 590 15.31 10.90 27.84
N GLY C 591 16.08 11.05 26.76
CA GLY C 591 15.70 10.49 25.48
C GLY C 591 16.81 9.69 24.84
N ASP C 592 16.59 8.38 24.68
CA ASP C 592 17.56 7.48 24.05
C ASP C 592 16.83 6.67 22.98
N GLY C 593 16.73 7.25 21.79
CA GLY C 593 15.99 6.60 20.70
C GLY C 593 14.53 6.41 21.01
N GLY C 594 13.93 7.34 21.75
CA GLY C 594 12.54 7.22 22.15
C GLY C 594 12.25 6.17 23.19
N GLY C 595 13.24 5.78 23.99
CA GLY C 595 13.05 4.74 24.97
C GLY C 595 13.18 3.33 24.47
N ALA C 596 13.61 3.14 23.22
CA ALA C 596 13.72 1.80 22.66
C ALA C 596 14.85 1.02 23.32
N ALA C 597 15.90 1.72 23.75
CA ALA C 597 17.03 1.04 24.39
C ALA C 597 16.61 0.41 25.71
N ASP C 598 15.85 1.15 26.52
CA ASP C 598 15.35 0.59 27.77
C ASP C 598 14.33 -0.51 27.52
N ARG C 599 13.59 -0.40 26.41
CA ARG C 599 12.55 -1.38 26.12
C ARG C 599 13.15 -2.69 25.61
N VAL C 600 14.33 -2.61 24.99
CA VAL C 600 15.00 -3.83 24.53
C VAL C 600 15.51 -4.62 25.74
N ILE C 601 15.99 -3.93 26.77
CA ILE C 601 16.47 -4.62 27.97
C ILE C 601 15.34 -5.37 28.64
N ASN C 602 14.15 -4.76 28.70
CA ASN C 602 13.00 -5.42 29.32
C ASN C 602 12.61 -6.68 28.55
N GLN C 603 12.70 -6.64 27.22
CA GLN C 603 12.42 -7.84 26.44
C GLN C 603 13.46 -8.92 26.71
N ILE C 604 14.73 -8.54 26.85
CA ILE C 604 15.78 -9.51 27.14
C ILE C 604 15.54 -10.15 28.50
N LEU C 605 15.04 -9.36 29.46
CA LEU C 605 14.83 -9.87 30.82
C LEU C 605 13.80 -11.00 30.84
N THR C 606 12.72 -10.85 30.08
CA THR C 606 11.68 -11.87 30.08
C THR C 606 12.14 -13.13 29.34
N GLU C 607 12.98 -12.97 28.32
CA GLU C 607 13.44 -14.13 27.55
C GLU C 607 14.32 -15.02 28.39
N MET C 608 15.23 -14.43 29.19
CA MET C 608 16.11 -15.24 30.02
C MET C 608 15.34 -15.90 31.16
N ASP C 609 14.51 -15.13 31.86
CA ASP C 609 13.74 -15.63 32.99
C ASP C 609 12.38 -14.96 33.00
N GLY C 610 11.37 -15.68 32.53
CA GLY C 610 10.01 -15.18 32.50
C GLY C 610 9.07 -16.29 32.90
N MET C 611 7.84 -16.21 32.41
CA MET C 611 6.83 -17.23 32.71
C MET C 611 6.79 -18.25 31.56
N SER C 612 7.88 -19.00 31.43
CA SER C 612 7.97 -20.04 30.43
C SER C 612 8.93 -21.11 30.92
N THR C 613 8.76 -22.32 30.40
CA THR C 613 9.60 -23.43 30.78
C THR C 613 11.03 -23.20 30.31
N LYS C 614 11.99 -23.53 31.17
CA LYS C 614 13.40 -23.33 30.83
C LYS C 614 13.90 -24.47 29.94
N LYS C 615 14.70 -24.11 28.95
CA LYS C 615 15.31 -25.06 28.02
C LYS C 615 16.81 -25.06 28.24
N ASN C 616 17.50 -25.94 27.52
CA ASN C 616 18.97 -25.99 27.56
C ASN C 616 19.56 -24.92 26.64
N VAL C 617 19.35 -23.67 27.03
CA VAL C 617 19.90 -22.52 26.32
C VAL C 617 20.88 -21.84 27.26
N PHE C 618 22.13 -21.71 26.84
CA PHE C 618 23.19 -21.15 27.65
C PHE C 618 23.56 -19.79 27.09
N ILE C 619 23.42 -18.75 27.91
CA ILE C 619 23.69 -17.38 27.51
C ILE C 619 25.05 -16.97 28.06
N ILE C 620 25.97 -16.65 27.18
CA ILE C 620 27.32 -16.21 27.55
C ILE C 620 27.49 -14.77 27.06
N GLY C 621 27.93 -13.89 27.95
CA GLY C 621 28.17 -12.52 27.58
C GLY C 621 29.57 -12.07 27.90
N ALA C 622 30.25 -11.46 26.93
CA ALA C 622 31.57 -10.90 27.13
C ALA C 622 31.45 -9.38 27.10
N THR C 623 31.69 -8.75 28.25
CA THR C 623 31.60 -7.31 28.37
C THR C 623 32.96 -6.76 28.72
N ASN C 624 33.25 -5.54 28.26
CA ASN C 624 34.54 -4.94 28.55
C ASN C 624 34.45 -4.03 29.77
N ARG C 625 33.32 -3.36 29.93
CA ARG C 625 33.05 -2.56 31.13
C ARG C 625 31.77 -3.09 31.78
N PRO C 626 31.85 -3.84 32.87
CA PRO C 626 30.66 -4.44 33.46
C PRO C 626 29.92 -3.57 34.47
N ASP C 627 30.42 -2.36 34.76
CA ASP C 627 29.79 -1.53 35.77
C ASP C 627 28.52 -0.85 35.26
N ILE C 628 28.35 -0.79 33.94
CA ILE C 628 27.16 -0.15 33.38
C ILE C 628 26.04 -1.14 33.09
N ILE C 629 26.28 -2.45 33.27
CA ILE C 629 25.27 -3.43 32.92
C ILE C 629 24.14 -3.40 33.93
N ASP C 630 22.93 -3.68 33.45
CA ASP C 630 21.74 -3.66 34.29
C ASP C 630 21.88 -4.68 35.42
N PRO C 631 21.65 -4.27 36.68
CA PRO C 631 21.73 -5.24 37.78
C PRO C 631 20.73 -6.39 37.67
N ALA C 632 19.63 -6.21 36.94
CA ALA C 632 18.66 -7.28 36.78
C ALA C 632 19.22 -8.40 35.90
N ILE C 633 20.06 -8.05 34.93
CA ILE C 633 20.63 -9.06 34.05
C ILE C 633 21.65 -9.92 34.78
N LEU C 634 22.45 -9.30 35.65
CA LEU C 634 23.47 -10.03 36.39
C LEU C 634 22.89 -10.89 37.50
N ARG C 635 21.58 -10.84 37.70
CA ARG C 635 20.92 -11.63 38.73
C ARG C 635 21.04 -13.12 38.42
N PRO C 636 21.23 -13.96 39.44
CA PRO C 636 21.24 -15.41 39.21
C PRO C 636 19.93 -15.90 38.62
N GLY C 637 20.03 -16.90 37.76
CA GLY C 637 18.95 -17.29 36.89
C GLY C 637 19.00 -16.66 35.52
N ARG C 638 19.77 -15.58 35.37
CA ARG C 638 20.00 -14.96 34.07
C ARG C 638 21.46 -15.04 33.66
N LEU C 639 22.36 -14.46 34.45
CA LEU C 639 23.81 -14.49 34.20
C LEU C 639 24.53 -14.79 35.52
N ASP C 640 24.08 -15.86 36.19
CA ASP C 640 24.43 -16.10 37.58
C ASP C 640 25.94 -16.11 37.82
N GLN C 641 26.69 -16.76 36.96
CA GLN C 641 28.12 -16.96 37.19
C GLN C 641 28.91 -15.87 36.49
N LEU C 642 29.60 -15.03 37.27
CA LEU C 642 30.43 -13.94 36.77
C LEU C 642 31.89 -14.34 36.87
N ILE C 643 32.58 -14.35 35.73
CA ILE C 643 33.96 -14.79 35.65
C ILE C 643 34.82 -13.61 35.20
N TYR C 644 35.90 -13.34 35.93
CA TYR C 644 36.78 -12.22 35.67
C TYR C 644 38.03 -12.74 34.97
N ILE C 645 38.29 -12.24 33.76
CA ILE C 645 39.45 -12.63 32.97
C ILE C 645 40.51 -11.55 33.12
N PRO C 646 41.50 -11.72 33.99
CA PRO C 646 42.47 -10.66 34.26
C PRO C 646 43.65 -10.73 33.30
N LEU C 647 44.58 -9.80 33.48
CA LEU C 647 45.86 -9.89 32.78
C LEU C 647 46.62 -11.13 33.22
N PRO C 648 47.22 -11.86 32.29
CA PRO C 648 47.92 -13.09 32.65
C PRO C 648 49.09 -12.81 33.59
N ASP C 649 49.29 -13.70 34.55
CA ASP C 649 50.45 -13.64 35.42
C ASP C 649 51.66 -14.28 34.72
N GLU C 650 52.76 -14.38 35.45
CA GLU C 650 54.01 -14.86 34.85
C GLU C 650 53.86 -16.28 34.34
N LYS C 651 53.20 -17.16 35.10
CA LYS C 651 53.04 -18.54 34.67
C LYS C 651 52.16 -18.61 33.42
N SER C 652 51.10 -17.81 33.36
CA SER C 652 50.19 -17.86 32.22
C SER C 652 50.85 -17.27 30.97
N ARG C 653 51.69 -16.26 31.15
CA ARG C 653 52.34 -15.64 29.99
C ARG C 653 53.27 -16.62 29.28
N VAL C 654 53.92 -17.50 30.04
CA VAL C 654 54.73 -18.55 29.44
C VAL C 654 53.84 -19.48 28.61
N ALA C 655 52.66 -19.82 29.13
CA ALA C 655 51.74 -20.69 28.41
C ALA C 655 51.22 -20.02 27.14
N ILE C 656 51.00 -18.70 27.20
CA ILE C 656 50.53 -17.98 26.01
C ILE C 656 51.60 -18.00 24.93
N LEU C 657 52.87 -17.84 25.32
CA LEU C 657 53.95 -17.81 24.33
C LEU C 657 54.09 -19.14 23.61
N LYS C 658 54.00 -20.26 24.35
CA LYS C 658 54.05 -21.56 23.70
C LYS C 658 52.85 -21.78 22.80
N ALA C 659 51.66 -21.33 23.22
CA ALA C 659 50.47 -21.53 22.40
C ALA C 659 50.57 -20.80 21.08
N ASN C 660 51.11 -19.57 21.09
CA ASN C 660 51.26 -18.82 19.85
C ASN C 660 52.37 -19.38 18.98
N LEU C 661 53.47 -19.81 19.60
CA LEU C 661 54.65 -20.27 18.87
C LEU C 661 54.67 -21.76 18.63
N ARG C 662 53.60 -22.49 18.98
CA ARG C 662 53.58 -23.94 18.79
C ARG C 662 53.68 -24.30 17.32
N LYS C 663 52.95 -23.58 16.47
CA LYS C 663 52.95 -23.88 15.04
C LYS C 663 54.23 -23.39 14.37
N SER C 664 54.75 -22.25 14.80
CA SER C 664 55.88 -21.64 14.12
C SER C 664 57.16 -22.41 14.39
N PRO C 665 58.05 -22.54 13.41
CA PRO C 665 59.38 -23.11 13.67
C PRO C 665 60.29 -22.10 14.32
N VAL C 666 60.65 -22.34 15.58
CA VAL C 666 61.43 -21.40 16.36
C VAL C 666 62.67 -22.10 16.89
N ALA C 667 63.78 -21.37 16.92
CA ALA C 667 65.05 -21.93 17.36
C ALA C 667 65.01 -22.29 18.83
N LYS C 668 65.83 -23.26 19.22
CA LYS C 668 65.86 -23.71 20.61
C LYS C 668 66.53 -22.68 21.51
N ASP C 669 67.36 -21.82 20.94
CA ASP C 669 68.18 -20.92 21.76
C ASP C 669 67.34 -19.82 22.40
N VAL C 670 66.14 -19.56 21.88
CA VAL C 670 65.28 -18.54 22.47
C VAL C 670 64.71 -19.07 23.78
N ASP C 671 64.60 -18.19 24.77
CA ASP C 671 64.10 -18.55 26.10
C ASP C 671 62.75 -17.87 26.31
N LEU C 672 61.69 -18.66 26.38
CA LEU C 672 60.36 -18.10 26.61
C LEU C 672 60.15 -17.71 28.07
N GLU C 673 60.82 -18.42 28.99
CA GLU C 673 60.68 -18.09 30.41
C GLU C 673 61.21 -16.71 30.72
N PHE C 674 62.37 -16.36 30.15
CA PHE C 674 62.88 -14.99 30.32
C PHE C 674 62.03 -13.99 29.55
N LEU C 675 61.49 -14.41 28.41
CA LEU C 675 60.67 -13.52 27.59
C LEU C 675 59.41 -13.10 28.33
N ALA C 676 58.80 -14.04 29.06
CA ALA C 676 57.59 -13.73 29.80
C ALA C 676 57.89 -12.95 31.07
N LYS C 677 59.06 -13.18 31.67
CA LYS C 677 59.41 -12.50 32.91
C LYS C 677 59.51 -10.99 32.72
N MET C 678 60.10 -10.55 31.61
CA MET C 678 60.31 -9.13 31.40
C MET C 678 59.01 -8.42 31.04
N THR C 679 58.09 -9.13 30.39
CA THR C 679 56.80 -8.57 29.97
C THR C 679 55.80 -8.71 31.12
N ASN C 680 55.98 -7.85 32.13
CA ASN C 680 55.21 -7.99 33.36
C ASN C 680 53.72 -7.75 33.15
N GLY C 681 53.37 -6.62 32.53
CA GLY C 681 51.99 -6.21 32.42
C GLY C 681 51.33 -6.42 31.08
N PHE C 682 51.93 -7.20 30.19
CA PHE C 682 51.39 -7.36 28.85
C PHE C 682 50.13 -8.23 28.86
N SER C 683 49.25 -7.97 27.90
CA SER C 683 48.04 -8.76 27.72
C SER C 683 48.35 -10.04 26.95
N GLY C 684 47.32 -10.82 26.70
CA GLY C 684 47.45 -11.94 25.77
C GLY C 684 47.68 -11.47 24.34
N ALA C 685 47.03 -10.36 23.96
CA ALA C 685 47.20 -9.82 22.63
C ALA C 685 48.55 -9.11 22.48
N ASP C 686 49.06 -8.55 23.58
CA ASP C 686 50.38 -7.93 23.54
C ASP C 686 51.47 -8.96 23.26
N LEU C 687 51.37 -10.13 23.89
CA LEU C 687 52.35 -11.19 23.65
C LEU C 687 52.24 -11.72 22.22
N THR C 688 51.03 -11.77 21.68
CA THR C 688 50.84 -12.25 20.32
C THR C 688 51.46 -11.28 19.32
N GLU C 689 51.39 -9.98 19.59
CA GLU C 689 51.94 -8.99 18.67
C GLU C 689 53.47 -9.10 18.61
N ILE C 690 54.11 -9.44 19.73
CA ILE C 690 55.55 -9.65 19.73
C ILE C 690 55.92 -10.81 18.81
N CYS C 691 55.17 -11.92 18.89
CA CYS C 691 55.47 -13.07 18.05
C CYS C 691 55.18 -12.80 16.59
N GLN C 692 54.12 -12.06 16.29
CA GLN C 692 53.84 -11.69 14.90
C GLN C 692 54.89 -10.75 14.35
N ARG C 693 55.39 -9.83 15.17
CA ARG C 693 56.44 -8.92 14.72
C ARG C 693 57.72 -9.68 14.40
N ALA C 694 58.03 -10.71 15.17
CA ALA C 694 59.20 -11.53 14.87
C ALA C 694 59.06 -12.23 13.53
N CYS C 695 57.85 -12.70 13.21
CA CYS C 695 57.62 -13.34 11.92
C CYS C 695 57.84 -12.36 10.77
N LYS C 696 57.36 -11.13 10.92
CA LYS C 696 57.52 -10.13 9.86
C LYS C 696 58.99 -9.84 9.59
N LEU C 697 59.79 -9.73 10.65
CA LEU C 697 61.22 -9.51 10.48
C LEU C 697 61.88 -10.70 9.79
N ALA C 698 61.46 -11.91 10.14
CA ALA C 698 61.98 -13.10 9.47
C ALA C 698 61.58 -13.13 7.99
N ILE C 699 60.33 -12.74 7.69
CA ILE C 699 59.90 -12.69 6.30
C ILE C 699 60.65 -11.61 5.53
N ARG C 700 60.91 -10.47 6.19
CA ARG C 700 61.71 -9.43 5.54
C ARG C 700 63.11 -9.92 5.21
N GLU C 701 63.74 -10.64 6.14
CA GLU C 701 65.09 -11.15 5.90
C GLU C 701 65.07 -12.22 4.81
N SER C 702 64.03 -13.05 4.78
CA SER C 702 63.94 -14.09 3.75
C SER C 702 63.75 -13.49 2.37
N ILE C 703 62.92 -12.43 2.27
CA ILE C 703 62.62 -11.84 0.96
C ILE C 703 63.85 -11.16 0.38
N GLU C 704 64.60 -10.42 1.21
CA GLU C 704 65.80 -9.76 0.70
C GLU C 704 66.87 -10.77 0.33
N SER C 705 66.89 -11.92 1.01
CA SER C 705 67.88 -12.95 0.70
C SER C 705 67.61 -13.58 -0.66
N GLU C 706 66.34 -13.90 -0.95
CA GLU C 706 66.03 -14.51 -2.24
C GLU C 706 66.14 -13.50 -3.37
N ILE C 707 65.88 -12.22 -3.09
CA ILE C 707 66.10 -11.18 -4.08
C ILE C 707 67.59 -11.07 -4.40
N ARG C 708 68.44 -11.14 -3.37
CA ARG C 708 69.88 -11.09 -3.58
C ARG C 708 70.37 -12.26 -4.42
N ARG C 709 69.83 -13.46 -4.16
CA ARG C 709 70.25 -14.63 -4.92
C ARG C 709 69.87 -14.52 -6.39
N GLU C 710 68.69 -13.97 -6.67
CA GLU C 710 68.30 -13.77 -8.07
C GLU C 710 69.14 -12.69 -8.73
N ARG C 711 69.54 -11.68 -7.96
CA ARG C 711 70.30 -10.56 -8.53
C ARG C 711 71.66 -11.02 -9.06
N GLU C 712 72.36 -11.88 -8.30
CA GLU C 712 73.69 -12.30 -8.73
C GLU C 712 73.61 -13.21 -9.94
N ARG C 713 72.57 -14.03 -10.05
CA ARG C 713 72.41 -14.88 -11.23
C ARG C 713 72.19 -14.05 -12.49
N GLN C 714 71.40 -12.99 -12.40
CA GLN C 714 71.14 -12.13 -13.54
C GLN C 714 72.27 -11.13 -13.74
N PRO C 727 68.02 -19.76 3.98
CA PRO C 727 68.30 -18.44 4.54
C PRO C 727 67.73 -18.27 5.95
N VAL C 728 66.40 -18.35 6.06
CA VAL C 728 65.73 -18.23 7.35
C VAL C 728 64.86 -19.47 7.53
N PRO C 729 65.41 -20.56 8.05
CA PRO C 729 64.57 -21.74 8.31
C PRO C 729 63.67 -21.57 9.53
N GLU C 730 64.09 -20.77 10.50
CA GLU C 730 63.38 -20.60 11.76
C GLU C 730 63.63 -19.21 12.31
N ILE C 731 62.77 -18.82 13.26
CA ILE C 731 62.90 -17.50 13.87
C ILE C 731 64.06 -17.50 14.86
N ARG C 732 64.92 -16.51 14.74
CA ARG C 732 66.15 -16.42 15.52
C ARG C 732 65.96 -15.48 16.70
N ARG C 733 66.94 -15.47 17.61
CA ARG C 733 66.87 -14.61 18.79
C ARG C 733 66.82 -13.13 18.40
N ASP C 734 67.62 -12.73 17.41
CA ASP C 734 67.67 -11.33 17.03
C ASP C 734 66.33 -10.85 16.48
N HIS C 735 65.53 -11.77 15.91
CA HIS C 735 64.20 -11.40 15.47
C HIS C 735 63.31 -11.03 16.65
N PHE C 736 63.39 -11.79 17.74
CA PHE C 736 62.60 -11.47 18.93
C PHE C 736 63.13 -10.20 19.61
N GLU C 737 64.45 -10.04 19.66
CA GLU C 737 65.03 -8.87 20.32
C GLU C 737 64.65 -7.58 19.59
N GLU C 738 64.67 -7.61 18.26
CA GLU C 738 64.26 -6.43 17.51
C GLU C 738 62.75 -6.19 17.62
N ALA C 739 61.98 -7.28 17.77
CA ALA C 739 60.54 -7.15 17.87
C ALA C 739 60.12 -6.52 19.19
N MET C 740 60.93 -6.70 20.24
CA MET C 740 60.56 -6.22 21.57
C MET C 740 60.62 -4.70 21.66
N ARG C 741 61.55 -4.07 20.92
CA ARG C 741 61.66 -2.62 21.01
C ARG C 741 60.42 -1.93 20.45
N PHE C 742 59.66 -2.63 19.61
CA PHE C 742 58.40 -2.07 19.13
C PHE C 742 57.26 -2.40 20.08
N ALA C 743 57.46 -3.38 20.96
CA ALA C 743 56.39 -3.84 21.84
C ALA C 743 56.04 -2.78 22.88
N ARG C 744 54.75 -2.68 23.19
CA ARG C 744 54.24 -1.74 24.18
C ARG C 744 53.04 -2.35 24.89
N ARG C 745 52.80 -1.88 26.10
CA ARG C 745 51.73 -2.39 26.95
C ARG C 745 50.44 -1.63 26.63
N SER C 746 49.44 -2.35 26.11
CA SER C 746 48.22 -1.69 25.68
C SER C 746 47.34 -1.31 26.86
N VAL C 747 47.25 -2.16 27.87
CA VAL C 747 46.40 -1.89 29.03
C VAL C 747 47.22 -1.12 30.07
N SER C 748 46.82 0.13 30.32
CA SER C 748 47.53 0.99 31.24
C SER C 748 47.24 0.59 32.70
N ASP C 749 48.03 1.16 33.61
CA ASP C 749 47.84 0.88 35.03
C ASP C 749 46.52 1.46 35.54
N ASN C 750 46.13 2.63 35.03
CA ASN C 750 44.87 3.24 35.44
C ASN C 750 43.68 2.37 35.04
N ASP C 751 43.74 1.78 33.84
CA ASP C 751 42.67 0.91 33.39
C ASP C 751 42.56 -0.34 34.26
N ILE C 752 43.70 -0.84 34.75
CA ILE C 752 43.69 -2.06 35.56
C ILE C 752 42.90 -1.86 36.85
N ARG C 753 43.09 -0.71 37.51
CA ARG C 753 42.40 -0.47 38.77
C ARG C 753 40.89 -0.48 38.61
N LYS C 754 40.40 -0.09 37.43
CA LYS C 754 38.96 -0.08 37.19
C LYS C 754 38.38 -1.48 37.27
N TYR C 755 39.06 -2.46 36.66
CA TYR C 755 38.56 -3.83 36.68
C TYR C 755 38.76 -4.48 38.05
N GLU C 756 39.85 -4.14 38.72
CA GLU C 756 40.08 -4.66 40.07
C GLU C 756 39.05 -4.12 41.04
N MET C 757 38.53 -2.92 40.77
CA MET C 757 37.51 -2.34 41.64
C MET C 757 36.20 -3.12 41.57
N PHE C 758 35.75 -3.47 40.36
CA PHE C 758 34.50 -4.21 40.22
C PHE C 758 34.63 -5.60 40.83
N ALA C 759 35.77 -6.25 40.65
CA ALA C 759 35.99 -7.56 41.26
C ALA C 759 36.04 -7.45 42.78
N GLN C 760 36.59 -6.35 43.28
CA GLN C 760 36.66 -6.14 44.73
C GLN C 760 35.27 -6.02 45.34
N THR C 761 34.35 -5.34 44.65
CA THR C 761 32.99 -5.23 45.15
C THR C 761 32.31 -6.59 45.22
N LEU C 762 32.54 -7.44 44.21
CA LEU C 762 31.93 -8.76 44.21
C LEU C 762 32.42 -9.61 45.38
N GLN C 763 33.73 -9.59 45.63
CA GLN C 763 34.28 -10.34 46.75
C GLN C 763 33.79 -9.79 48.08
N GLN C 764 33.73 -8.46 48.23
CA GLN C 764 33.29 -7.86 49.47
C GLN C 764 31.79 -8.04 49.69
N SER C 765 31.02 -8.18 48.61
CA SER C 765 29.58 -8.37 48.75
C SER C 765 29.25 -9.71 49.39
N ARG C 766 30.11 -10.72 49.20
CA ARG C 766 29.85 -12.04 49.77
C ARG C 766 29.79 -11.99 51.29
N GLY C 767 30.52 -11.08 51.91
CA GLY C 767 30.54 -10.98 53.36
C GLY C 767 31.78 -11.62 53.96
N PHE C 768 31.61 -12.27 55.12
CA PHE C 768 32.74 -12.94 55.76
C PHE C 768 33.22 -14.10 54.91
N GLY C 769 34.54 -14.21 54.75
CA GLY C 769 35.12 -15.28 53.97
C GLY C 769 35.29 -16.56 54.77
N SER C 770 35.64 -17.62 54.05
CA SER C 770 35.89 -18.95 54.63
C SER C 770 34.67 -19.43 55.43
N PHE C 771 33.57 -19.66 54.71
CA PHE C 771 32.37 -20.22 55.34
C PHE C 771 32.66 -21.62 55.88
N ARG C 772 32.19 -21.88 57.09
CA ARG C 772 32.39 -23.17 57.74
C ARG C 772 31.20 -23.48 58.64
N PHE C 773 30.62 -24.66 58.46
CA PHE C 773 29.57 -25.10 59.35
C PHE C 773 30.15 -25.35 60.74
N PRO C 774 29.38 -25.06 61.79
CA PRO C 774 29.91 -25.19 63.15
C PRO C 774 30.05 -26.66 63.54
N SER C 775 31.03 -26.92 64.41
CA SER C 775 31.32 -28.26 64.90
C SER C 775 31.58 -29.24 63.76
N LEU D 12 -41.22 -11.12 32.85
CA LEU D 12 -42.07 -10.73 31.73
C LEU D 12 -41.33 -10.88 30.40
N SER D 13 -40.00 -10.86 30.46
CA SER D 13 -39.20 -11.01 29.26
C SER D 13 -39.26 -12.43 28.71
N THR D 14 -39.35 -13.43 29.59
CA THR D 14 -39.44 -14.83 29.20
C THR D 14 -40.82 -15.41 29.43
N ALA D 15 -41.87 -14.60 29.31
CA ALA D 15 -43.22 -15.08 29.57
C ALA D 15 -43.66 -16.12 28.54
N ILE D 16 -43.16 -16.01 27.31
CA ILE D 16 -43.57 -16.92 26.26
C ILE D 16 -43.02 -18.32 26.51
N LEU D 17 -41.91 -18.42 27.24
CA LEU D 17 -41.23 -19.70 27.40
C LEU D 17 -42.04 -20.66 28.27
N LYS D 18 -42.69 -20.16 29.32
CA LYS D 18 -43.39 -21.04 30.24
C LYS D 18 -44.54 -21.76 29.55
N GLN D 19 -44.65 -23.07 29.81
CA GLN D 19 -45.59 -23.91 29.08
C GLN D 19 -47.01 -23.76 29.63
N LYS D 20 -47.14 -23.30 30.87
CA LYS D 20 -48.42 -23.16 31.56
C LYS D 20 -49.05 -24.52 31.85
N ASN D 21 -50.19 -24.52 32.54
CA ASN D 21 -50.85 -25.75 32.95
C ASN D 21 -52.16 -25.90 32.18
N ARG D 22 -52.30 -27.02 31.46
CA ARG D 22 -53.51 -27.34 30.72
C ARG D 22 -53.89 -28.79 31.00
N PRO D 23 -55.19 -29.12 30.95
CA PRO D 23 -55.60 -30.53 31.00
C PRO D 23 -55.09 -31.35 29.82
N ASN D 24 -54.81 -30.72 28.68
CA ASN D 24 -54.27 -31.45 27.54
C ASN D 24 -52.90 -32.02 27.83
N ARG D 25 -52.13 -31.35 28.69
CA ARG D 25 -50.75 -31.74 28.96
C ARG D 25 -50.68 -33.01 29.81
N LEU D 26 -49.92 -33.99 29.35
CA LEU D 26 -49.73 -35.26 30.05
C LEU D 26 -48.26 -35.64 30.02
N ILE D 27 -47.79 -36.21 31.13
CA ILE D 27 -46.42 -36.71 31.20
C ILE D 27 -46.33 -38.04 30.47
N VAL D 28 -45.31 -38.20 29.64
CA VAL D 28 -45.09 -39.46 28.95
C VAL D 28 -44.65 -40.52 29.94
N ASP D 29 -45.29 -41.68 29.89
CA ASP D 29 -45.06 -42.76 30.84
C ASP D 29 -44.88 -44.07 30.10
N GLU D 30 -44.21 -45.01 30.75
CA GLU D 30 -43.93 -46.32 30.16
C GLU D 30 -45.21 -47.13 29.99
N ALA D 31 -45.24 -47.96 28.96
CA ALA D 31 -46.39 -48.80 28.67
C ALA D 31 -46.27 -50.15 29.38
N ILE D 32 -47.42 -50.78 29.62
CA ILE D 32 -47.47 -52.09 30.24
C ILE D 32 -47.81 -53.13 29.19
N ASN D 33 -48.99 -52.99 28.58
CA ASN D 33 -49.44 -53.91 27.54
C ASN D 33 -49.90 -53.19 26.27
N GLU D 34 -49.68 -51.88 26.18
CA GLU D 34 -50.13 -51.13 25.02
C GLU D 34 -49.31 -51.51 23.78
N ASP D 35 -50.00 -51.67 22.65
CA ASP D 35 -49.34 -51.97 21.39
C ASP D 35 -49.01 -50.66 20.66
N ASN D 36 -48.66 -50.77 19.38
CA ASN D 36 -48.22 -49.60 18.63
C ASN D 36 -49.34 -48.62 18.32
N SER D 37 -50.60 -48.98 18.58
CA SER D 37 -51.72 -48.17 18.14
C SER D 37 -52.62 -47.66 19.27
N VAL D 38 -52.32 -47.97 20.53
CA VAL D 38 -53.18 -47.56 21.62
C VAL D 38 -52.37 -46.83 22.68
N VAL D 39 -53.06 -45.98 23.45
CA VAL D 39 -52.50 -45.28 24.59
C VAL D 39 -53.49 -45.41 25.75
N SER D 40 -52.99 -45.18 26.96
CA SER D 40 -53.78 -45.37 28.17
C SER D 40 -53.84 -44.08 28.97
N LEU D 41 -55.03 -43.79 29.52
CA LEU D 41 -55.27 -42.66 30.39
C LEU D 41 -56.09 -43.12 31.60
N SER D 42 -55.99 -42.35 32.68
CA SER D 42 -56.79 -42.66 33.86
C SER D 42 -58.24 -42.24 33.65
N GLN D 43 -59.15 -42.93 34.35
CA GLN D 43 -60.57 -42.63 34.22
C GLN D 43 -60.93 -41.20 34.60
N PRO D 44 -60.45 -40.62 35.72
CA PRO D 44 -60.80 -39.22 36.00
C PRO D 44 -60.37 -38.26 34.91
N LYS D 45 -59.23 -38.52 34.25
CA LYS D 45 -58.78 -37.61 33.20
C LYS D 45 -59.67 -37.69 31.97
N MET D 46 -59.99 -38.90 31.51
CA MET D 46 -60.87 -39.02 30.36
C MET D 46 -62.27 -38.52 30.67
N ASP D 47 -62.69 -38.60 31.93
CA ASP D 47 -63.91 -37.91 32.35
C ASP D 47 -63.75 -36.40 32.23
N GLU D 48 -62.57 -35.88 32.63
CA GLU D 48 -62.30 -34.46 32.51
C GLU D 48 -62.16 -34.05 31.04
N LEU D 49 -61.52 -34.89 30.22
CA LEU D 49 -61.33 -34.61 28.81
C LEU D 49 -62.52 -35.04 27.96
N GLN D 50 -63.55 -35.64 28.57
CA GLN D 50 -64.73 -36.13 27.86
C GLN D 50 -64.34 -37.10 26.75
N LEU D 51 -63.38 -37.98 27.06
CA LEU D 51 -62.90 -38.98 26.11
C LEU D 51 -63.43 -40.35 26.49
N PHE D 52 -64.00 -41.05 25.51
CA PHE D 52 -64.56 -42.37 25.69
C PHE D 52 -63.54 -43.44 25.33
N ARG D 53 -63.69 -44.61 25.93
CA ARG D 53 -62.83 -45.74 25.60
C ARG D 53 -63.10 -46.19 24.17
N GLY D 54 -62.02 -46.44 23.42
CA GLY D 54 -62.11 -46.79 22.02
C GLY D 54 -62.10 -45.61 21.07
N ASP D 55 -62.18 -44.39 21.59
CA ASP D 55 -62.11 -43.21 20.74
C ASP D 55 -60.71 -43.05 20.17
N THR D 56 -60.64 -42.50 18.96
CA THR D 56 -59.35 -42.14 18.37
C THR D 56 -58.96 -40.72 18.77
N VAL D 57 -57.70 -40.54 19.11
CA VAL D 57 -57.19 -39.27 19.62
C VAL D 57 -55.95 -38.87 18.83
N LEU D 58 -55.66 -37.58 18.85
CA LEU D 58 -54.50 -37.02 18.15
C LEU D 58 -53.44 -36.63 19.16
N LEU D 59 -52.23 -37.18 18.98
CA LEU D 59 -51.10 -36.89 19.85
C LEU D 59 -50.13 -35.98 19.13
N LYS D 60 -49.74 -34.87 19.78
CA LYS D 60 -48.80 -33.92 19.24
C LYS D 60 -47.51 -33.98 20.03
N GLY D 61 -46.38 -34.09 19.32
CA GLY D 61 -45.09 -34.18 19.94
C GLY D 61 -44.20 -33.02 19.56
N LYS D 62 -42.90 -33.22 19.75
CA LYS D 62 -41.92 -32.17 19.45
C LYS D 62 -41.63 -32.13 17.96
N LYS D 63 -41.21 -30.95 17.49
CA LYS D 63 -40.78 -30.74 16.11
C LYS D 63 -41.88 -31.06 15.11
N ARG D 64 -43.09 -30.55 15.38
CA ARG D 64 -44.23 -30.68 14.45
C ARG D 64 -44.55 -32.13 14.14
N ARG D 65 -44.51 -32.98 15.16
CA ARG D 65 -44.77 -34.42 14.99
C ARG D 65 -46.13 -34.76 15.57
N GLU D 66 -46.91 -35.54 14.82
CA GLU D 66 -48.26 -35.93 15.21
C GLU D 66 -48.42 -37.44 15.11
N ALA D 67 -49.37 -37.96 15.88
CA ALA D 67 -49.70 -39.37 15.86
C ALA D 67 -51.17 -39.55 16.21
N VAL D 68 -51.74 -40.66 15.73
CA VAL D 68 -53.13 -41.02 16.01
C VAL D 68 -53.16 -42.38 16.69
N CYS D 69 -53.90 -42.49 17.79
CA CYS D 69 -53.96 -43.71 18.58
C CYS D 69 -55.33 -43.83 19.22
N ILE D 70 -55.62 -45.01 19.73
CA ILE D 70 -56.87 -45.30 20.43
C ILE D 70 -56.63 -45.16 21.93
N VAL D 71 -57.48 -44.37 22.59
CA VAL D 71 -57.35 -44.09 24.01
C VAL D 71 -58.12 -45.17 24.79
N LEU D 72 -57.48 -45.72 25.81
CA LEU D 72 -58.07 -46.76 26.65
C LEU D 72 -58.01 -46.32 28.11
N SER D 73 -58.43 -47.22 28.99
CA SER D 73 -58.44 -46.96 30.43
C SER D 73 -57.42 -47.84 31.14
N ASP D 74 -56.83 -47.29 32.19
CA ASP D 74 -55.87 -48.01 33.02
C ASP D 74 -55.99 -47.50 34.44
N ASP D 75 -56.42 -48.37 35.36
CA ASP D 75 -56.60 -47.99 36.75
C ASP D 75 -55.29 -47.72 37.47
N THR D 76 -54.16 -48.22 36.96
CA THR D 76 -52.86 -48.02 37.57
C THR D 76 -52.11 -46.84 37.00
N CYS D 77 -52.69 -46.12 36.05
CA CYS D 77 -52.03 -44.99 35.43
C CYS D 77 -52.28 -43.71 36.22
N SER D 78 -51.24 -42.90 36.35
CA SER D 78 -51.38 -41.62 37.05
C SER D 78 -52.18 -40.64 36.20
N ASP D 79 -52.80 -39.68 36.87
CA ASP D 79 -53.65 -38.71 36.18
C ASP D 79 -52.85 -37.87 35.19
N GLU D 80 -51.69 -37.37 35.61
CA GLU D 80 -50.86 -36.51 34.78
C GLU D 80 -49.98 -37.30 33.81
N LYS D 81 -50.10 -38.62 33.77
CA LYS D 81 -49.24 -39.46 32.96
C LYS D 81 -50.05 -40.21 31.91
N ILE D 82 -49.41 -40.46 30.77
CA ILE D 82 -50.00 -41.20 29.66
C ILE D 82 -49.06 -42.32 29.27
N ARG D 83 -49.61 -43.53 29.09
CA ARG D 83 -48.81 -44.71 28.81
C ARG D 83 -48.76 -44.98 27.31
N MET D 84 -47.56 -45.24 26.79
CA MET D 84 -47.37 -45.54 25.38
C MET D 84 -46.06 -46.30 25.21
N ASN D 85 -45.98 -47.08 24.14
CA ASN D 85 -44.79 -47.89 23.89
C ASN D 85 -43.69 -47.04 23.26
N ARG D 86 -42.58 -47.71 22.92
CA ARG D 86 -41.43 -47.01 22.35
C ARG D 86 -41.73 -46.54 20.93
N VAL D 87 -42.59 -47.25 20.21
CA VAL D 87 -42.89 -46.91 18.83
C VAL D 87 -43.55 -45.53 18.74
N VAL D 88 -44.54 -45.29 19.59
CA VAL D 88 -45.24 -44.00 19.57
C VAL D 88 -44.29 -42.88 20.01
N ARG D 89 -43.48 -43.14 21.03
CA ARG D 89 -42.51 -42.13 21.49
C ARG D 89 -41.54 -41.76 20.38
N ASN D 90 -41.06 -42.76 19.64
CA ASN D 90 -40.18 -42.48 18.51
C ASN D 90 -40.90 -41.72 17.41
N ASN D 91 -42.18 -42.04 17.18
CA ASN D 91 -42.96 -41.31 16.19
C ASN D 91 -43.12 -39.85 16.55
N LEU D 92 -43.35 -39.55 17.84
CA LEU D 92 -43.55 -38.19 18.30
C LEU D 92 -42.25 -37.49 18.69
N ARG D 93 -41.12 -38.20 18.62
CA ARG D 93 -39.82 -37.67 19.03
C ARG D 93 -39.85 -37.19 20.48
N VAL D 94 -40.46 -37.99 21.35
CA VAL D 94 -40.61 -37.67 22.77
C VAL D 94 -39.98 -38.80 23.58
N ARG D 95 -39.48 -38.43 24.76
CA ARG D 95 -38.89 -39.37 25.69
C ARG D 95 -39.67 -39.39 26.99
N LEU D 96 -39.24 -40.25 27.91
CA LEU D 96 -39.91 -40.37 29.20
C LEU D 96 -39.77 -39.09 30.02
N GLY D 97 -40.88 -38.63 30.58
CA GLY D 97 -40.91 -37.47 31.43
C GLY D 97 -41.33 -36.19 30.76
N ASP D 98 -41.39 -36.17 29.42
CA ASP D 98 -41.75 -34.96 28.71
C ASP D 98 -43.27 -34.80 28.65
N VAL D 99 -43.70 -33.69 28.06
CA VAL D 99 -45.10 -33.27 28.07
C VAL D 99 -45.62 -33.24 26.64
N ILE D 100 -46.76 -33.88 26.42
CA ILE D 100 -47.45 -33.84 25.14
C ILE D 100 -48.91 -33.48 25.39
N SER D 101 -49.60 -33.15 24.29
CA SER D 101 -51.03 -32.88 24.33
C SER D 101 -51.78 -34.00 23.62
N ILE D 102 -52.94 -34.35 24.16
CA ILE D 102 -53.85 -35.31 23.55
C ILE D 102 -55.19 -34.65 23.31
N GLN D 103 -55.72 -34.80 22.11
CA GLN D 103 -56.97 -34.19 21.71
C GLN D 103 -57.76 -35.16 20.84
N PRO D 104 -59.09 -35.06 20.83
CA PRO D 104 -59.88 -35.92 19.95
C PRO D 104 -59.59 -35.63 18.49
N CYS D 105 -59.71 -36.68 17.67
CA CYS D 105 -59.51 -36.58 16.22
C CYS D 105 -60.78 -37.10 15.56
N PRO D 106 -61.76 -36.23 15.34
CA PRO D 106 -63.02 -36.68 14.76
C PRO D 106 -62.94 -36.88 13.25
N ASP D 107 -63.93 -37.61 12.74
CA ASP D 107 -64.12 -37.81 11.31
C ASP D 107 -62.92 -38.47 10.64
N VAL D 108 -62.32 -39.46 11.31
CA VAL D 108 -61.26 -40.24 10.68
C VAL D 108 -61.89 -41.36 9.86
N LYS D 109 -61.67 -41.32 8.55
CA LYS D 109 -62.34 -42.20 7.61
C LYS D 109 -61.50 -43.44 7.32
N TYR D 110 -62.16 -44.46 6.77
CA TYR D 110 -61.47 -45.67 6.39
C TYR D 110 -60.55 -45.42 5.20
N GLY D 111 -59.32 -45.92 5.29
CA GLY D 111 -58.37 -45.70 4.22
C GLY D 111 -58.70 -46.50 2.97
N LYS D 112 -58.45 -45.88 1.82
CA LYS D 112 -58.66 -46.55 0.54
C LYS D 112 -57.39 -47.20 0.01
N ARG D 113 -56.25 -46.53 0.13
CA ARG D 113 -54.97 -47.06 -0.33
C ARG D 113 -53.85 -46.40 0.46
N ILE D 114 -53.03 -47.22 1.11
CA ILE D 114 -51.90 -46.75 1.88
C ILE D 114 -50.64 -47.42 1.34
N HIS D 115 -49.55 -46.64 1.30
CA HIS D 115 -48.26 -47.11 0.82
C HIS D 115 -47.28 -47.10 1.96
N VAL D 116 -46.64 -48.25 2.22
CA VAL D 116 -45.65 -48.39 3.27
C VAL D 116 -44.35 -48.90 2.66
N LEU D 117 -43.24 -48.53 3.29
CA LEU D 117 -41.93 -48.94 2.82
C LEU D 117 -41.05 -49.33 4.00
N PRO D 118 -40.40 -50.48 3.91
CA PRO D 118 -39.58 -50.95 5.04
C PRO D 118 -38.28 -50.17 5.16
N ILE D 119 -37.71 -50.21 6.36
CA ILE D 119 -36.40 -49.61 6.62
C ILE D 119 -35.34 -50.58 6.12
N ASP D 120 -34.28 -50.03 5.50
CA ASP D 120 -33.30 -50.86 4.80
C ASP D 120 -32.63 -51.86 5.73
N ASP D 121 -32.18 -51.40 6.90
CA ASP D 121 -31.46 -52.30 7.81
C ASP D 121 -32.36 -53.32 8.47
N THR D 122 -33.68 -53.09 8.53
CA THR D 122 -34.61 -54.06 9.08
C THR D 122 -34.92 -55.20 8.11
N VAL D 123 -34.59 -55.05 6.83
CA VAL D 123 -34.88 -56.06 5.82
C VAL D 123 -33.63 -56.57 5.14
N GLU D 124 -32.45 -56.15 5.58
CA GLU D 124 -31.20 -56.67 5.01
C GLU D 124 -31.08 -58.15 5.29
N GLY D 125 -31.12 -58.95 4.23
CA GLY D 125 -31.14 -60.39 4.36
C GLY D 125 -32.52 -61.01 4.41
N ILE D 126 -33.58 -60.20 4.41
CA ILE D 126 -34.95 -60.70 4.40
C ILE D 126 -35.44 -60.66 2.96
N THR D 127 -35.76 -61.83 2.40
CA THR D 127 -36.14 -61.95 1.00
C THR D 127 -37.57 -62.43 0.80
N GLY D 128 -38.29 -62.72 1.89
CA GLY D 128 -39.65 -63.20 1.78
C GLY D 128 -40.64 -62.08 1.44
N ASN D 129 -41.89 -62.49 1.26
CA ASN D 129 -42.96 -61.55 0.97
C ASN D 129 -43.24 -60.72 2.22
N LEU D 130 -42.94 -59.42 2.15
CA LEU D 130 -43.15 -58.55 3.30
C LEU D 130 -44.63 -58.49 3.69
N PHE D 131 -45.52 -58.40 2.71
CA PHE D 131 -46.95 -58.25 3.00
C PHE D 131 -47.47 -59.41 3.85
N GLU D 132 -47.45 -60.62 3.30
CA GLU D 132 -48.05 -61.77 3.97
C GLU D 132 -47.40 -62.05 5.32
N VAL D 133 -46.07 -61.97 5.39
CA VAL D 133 -45.37 -62.30 6.63
C VAL D 133 -45.61 -61.25 7.70
N TYR D 134 -45.58 -59.97 7.35
CA TYR D 134 -45.55 -58.91 8.35
C TYR D 134 -46.80 -58.05 8.41
N LEU D 135 -47.26 -57.51 7.28
CA LEU D 135 -48.29 -56.47 7.31
C LEU D 135 -49.69 -57.03 7.47
N LYS D 136 -50.03 -58.09 6.74
CA LYS D 136 -51.38 -58.65 6.81
C LYS D 136 -51.73 -59.14 8.21
N PRO D 137 -50.91 -59.94 8.90
CA PRO D 137 -51.26 -60.28 10.29
C PRO D 137 -51.30 -59.09 11.21
N TYR D 138 -50.48 -58.06 10.96
CA TYR D 138 -50.45 -56.88 11.82
C TYR D 138 -51.74 -56.08 11.70
N PHE D 139 -52.24 -55.91 10.47
CA PHE D 139 -53.42 -55.09 10.24
C PHE D 139 -54.72 -55.90 10.15
N LEU D 140 -54.66 -57.21 10.36
CA LEU D 140 -55.85 -58.05 10.21
C LEU D 140 -56.88 -57.77 11.29
N GLU D 141 -58.01 -57.16 10.88
CA GLU D 141 -59.13 -56.90 11.78
C GLU D 141 -58.73 -56.09 13.00
N ALA D 142 -57.74 -55.21 12.86
CA ALA D 142 -57.26 -54.43 13.99
C ALA D 142 -57.74 -52.98 13.97
N TYR D 143 -58.07 -52.44 12.80
CA TYR D 143 -58.58 -51.07 12.66
C TYR D 143 -57.60 -50.06 13.27
N ARG D 144 -56.31 -50.30 13.02
CA ARG D 144 -55.29 -49.43 13.59
C ARG D 144 -55.31 -48.06 12.91
N PRO D 145 -55.40 -46.97 13.67
CA PRO D 145 -55.26 -45.65 13.06
C PRO D 145 -53.81 -45.32 12.79
N ILE D 146 -53.54 -44.84 11.58
CA ILE D 146 -52.19 -44.51 11.15
C ILE D 146 -52.19 -43.10 10.57
N ARG D 147 -50.99 -42.51 10.52
CA ARG D 147 -50.78 -41.18 9.99
C ARG D 147 -49.58 -41.20 9.05
N LYS D 148 -49.57 -40.30 8.08
CA LYS D 148 -48.46 -40.22 7.13
C LYS D 148 -47.16 -39.91 7.85
N GLY D 149 -46.11 -40.65 7.49
CA GLY D 149 -44.81 -40.50 8.11
C GLY D 149 -44.60 -41.31 9.37
N ASP D 150 -45.60 -42.06 9.80
CA ASP D 150 -45.47 -42.85 11.03
C ASP D 150 -44.49 -44.00 10.83
N ILE D 151 -43.79 -44.35 11.90
CA ILE D 151 -42.88 -45.50 11.93
C ILE D 151 -43.44 -46.50 12.92
N PHE D 152 -43.67 -47.73 12.46
CA PHE D 152 -44.19 -48.79 13.32
C PHE D 152 -43.38 -50.06 13.11
N LEU D 153 -43.21 -50.82 14.19
CA LEU D 153 -42.45 -52.05 14.20
C LEU D 153 -43.39 -53.24 14.31
N VAL D 154 -43.21 -54.23 13.45
CA VAL D 154 -44.03 -55.43 13.42
C VAL D 154 -43.13 -56.64 13.57
N ARG D 155 -43.44 -57.48 14.55
CA ARG D 155 -42.70 -58.73 14.74
C ARG D 155 -43.17 -59.79 13.74
N GLY D 156 -42.26 -60.68 13.40
CA GLY D 156 -42.57 -61.77 12.49
C GLY D 156 -41.37 -62.17 11.69
N GLY D 157 -41.54 -63.26 10.93
CA GLY D 157 -40.47 -63.75 10.08
C GLY D 157 -39.25 -64.14 10.88
N MET D 158 -38.07 -63.78 10.35
CA MET D 158 -36.82 -64.06 11.04
C MET D 158 -36.31 -62.88 11.86
N ARG D 159 -36.82 -61.68 11.61
CA ARG D 159 -36.36 -60.48 12.28
C ARG D 159 -37.45 -59.42 12.20
N ALA D 160 -37.63 -58.67 13.29
CA ALA D 160 -38.63 -57.61 13.31
C ALA D 160 -38.27 -56.53 12.29
N VAL D 161 -39.29 -56.01 11.61
CA VAL D 161 -39.10 -55.08 10.51
C VAL D 161 -39.90 -53.82 10.78
N GLU D 162 -39.25 -52.67 10.64
CA GLU D 162 -39.90 -51.36 10.74
C GLU D 162 -40.33 -50.89 9.37
N PHE D 163 -41.44 -50.15 9.34
CA PHE D 163 -42.00 -49.62 8.10
C PHE D 163 -42.26 -48.13 8.25
N LYS D 164 -42.26 -47.44 7.10
CA LYS D 164 -42.56 -46.02 7.04
C LYS D 164 -43.78 -45.80 6.15
N VAL D 165 -44.76 -45.07 6.66
CA VAL D 165 -45.96 -44.75 5.90
C VAL D 165 -45.65 -43.54 5.04
N VAL D 166 -45.62 -43.73 3.72
CA VAL D 166 -45.23 -42.65 2.82
C VAL D 166 -46.43 -41.99 2.15
N GLU D 167 -47.60 -42.64 2.17
CA GLU D 167 -48.78 -42.08 1.52
C GLU D 167 -50.04 -42.71 2.13
N THR D 168 -51.07 -41.88 2.28
CA THR D 168 -52.35 -42.34 2.80
C THR D 168 -53.48 -41.75 1.97
N ASP D 169 -54.55 -42.53 1.82
CA ASP D 169 -55.75 -42.08 1.12
C ASP D 169 -56.98 -42.55 1.88
N PRO D 170 -57.67 -41.66 2.60
CA PRO D 170 -57.41 -40.22 2.69
C PRO D 170 -56.19 -39.87 3.54
N SER D 171 -55.74 -38.63 3.44
CA SER D 171 -54.52 -38.15 4.06
C SER D 171 -54.82 -36.95 4.94
N PRO D 172 -54.08 -36.77 6.05
CA PRO D 172 -53.04 -37.66 6.56
C PRO D 172 -53.56 -38.72 7.54
N TYR D 173 -54.85 -38.66 7.86
CA TYR D 173 -55.45 -39.57 8.83
C TYR D 173 -56.39 -40.54 8.14
N CYS D 174 -56.27 -41.81 8.50
CA CYS D 174 -57.09 -42.86 7.93
C CYS D 174 -57.11 -44.05 8.88
N ILE D 175 -58.10 -44.91 8.70
CA ILE D 175 -58.25 -46.13 9.47
C ILE D 175 -57.99 -47.31 8.55
N VAL D 176 -57.13 -48.23 8.98
CA VAL D 176 -56.81 -49.41 8.19
C VAL D 176 -57.98 -50.37 8.35
N ALA D 177 -58.89 -50.33 7.38
CA ALA D 177 -60.08 -51.16 7.33
C ALA D 177 -59.77 -52.50 6.69
N PRO D 178 -60.65 -53.49 6.87
CA PRO D 178 -60.43 -54.78 6.18
C PRO D 178 -60.32 -54.67 4.67
N ASP D 179 -61.02 -53.72 4.05
CA ASP D 179 -60.95 -53.52 2.60
C ASP D 179 -59.87 -52.52 2.20
N THR D 180 -59.12 -51.97 3.15
CA THR D 180 -58.07 -51.03 2.82
C THR D 180 -56.91 -51.75 2.15
N VAL D 181 -56.50 -51.25 0.99
CA VAL D 181 -55.44 -51.87 0.21
C VAL D 181 -54.09 -51.46 0.78
N ILE D 182 -53.24 -52.44 1.07
CA ILE D 182 -51.90 -52.20 1.58
C ILE D 182 -50.89 -52.78 0.58
N HIS D 183 -50.01 -51.93 0.06
CA HIS D 183 -48.97 -52.34 -0.86
C HIS D 183 -47.64 -51.79 -0.38
N CYS D 184 -46.58 -52.58 -0.59
CA CYS D 184 -45.26 -52.24 -0.06
C CYS D 184 -44.17 -52.13 -1.12
N GLU D 185 -44.51 -52.19 -2.40
CA GLU D 185 -43.50 -52.05 -3.45
C GLU D 185 -42.99 -50.61 -3.49
N GLY D 186 -41.71 -50.46 -3.80
CA GLY D 186 -41.09 -49.15 -3.89
C GLY D 186 -39.65 -49.19 -3.43
N GLU D 187 -39.03 -48.02 -3.45
CA GLU D 187 -37.64 -47.91 -3.05
C GLU D 187 -37.52 -48.03 -1.53
N PRO D 188 -36.57 -48.82 -1.03
CA PRO D 188 -36.37 -48.93 0.42
C PRO D 188 -35.93 -47.60 1.02
N ILE D 189 -36.32 -47.37 2.28
CA ILE D 189 -35.95 -46.14 2.97
C ILE D 189 -34.58 -46.30 3.59
N LYS D 190 -33.73 -45.29 3.39
CA LYS D 190 -32.37 -45.34 3.90
C LYS D 190 -32.36 -45.16 5.42
N ARG D 191 -31.41 -45.83 6.08
CA ARG D 191 -31.24 -45.71 7.52
C ARG D 191 -30.71 -44.33 7.90
N GLU D 192 -29.79 -43.78 7.09
CA GLU D 192 -29.17 -42.51 7.44
C GLU D 192 -30.21 -41.39 7.52
N ASP D 193 -31.17 -41.38 6.60
CA ASP D 193 -32.21 -40.35 6.61
C ASP D 193 -33.04 -40.45 7.89
N GLU D 194 -33.43 -41.66 8.29
CA GLU D 194 -34.22 -41.83 9.50
C GLU D 194 -33.43 -41.42 10.73
N GLU D 195 -32.16 -41.82 10.80
CA GLU D 195 -31.33 -41.45 11.94
C GLU D 195 -31.16 -39.93 12.04
N GLU D 196 -30.91 -39.27 10.90
CA GLU D 196 -30.77 -37.82 10.91
C GLU D 196 -32.07 -37.15 11.34
N SER D 197 -33.21 -37.64 10.84
CA SER D 197 -34.50 -37.07 11.23
C SER D 197 -34.76 -37.24 12.71
N LEU D 198 -34.41 -38.41 13.26
CA LEU D 198 -34.58 -38.64 14.68
C LEU D 198 -33.69 -37.72 15.50
N ASN D 199 -32.44 -37.55 15.08
CA ASN D 199 -31.48 -36.69 15.79
C ASN D 199 -31.42 -35.33 15.11
N GLU D 200 -32.43 -34.52 15.39
CA GLU D 200 -32.51 -33.15 14.89
C GLU D 200 -32.51 -32.18 16.05
N VAL D 201 -32.09 -30.95 15.75
CA VAL D 201 -32.02 -29.91 16.78
C VAL D 201 -33.36 -29.22 16.93
N GLY D 202 -33.76 -29.00 18.18
CA GLY D 202 -34.95 -28.22 18.46
C GLY D 202 -34.61 -27.09 19.41
N TYR D 203 -35.65 -26.40 19.88
CA TYR D 203 -35.44 -25.30 20.83
C TYR D 203 -34.97 -25.82 22.18
N ASP D 204 -35.15 -27.12 22.43
CA ASP D 204 -34.70 -27.68 23.70
C ASP D 204 -33.20 -27.94 23.70
N ASP D 205 -32.57 -27.91 22.53
CA ASP D 205 -31.14 -28.19 22.45
C ASP D 205 -30.30 -26.95 22.77
N ILE D 206 -30.93 -25.78 22.82
CA ILE D 206 -30.21 -24.56 23.15
C ILE D 206 -30.30 -24.32 24.65
N GLY D 207 -29.16 -24.07 25.28
CA GLY D 207 -29.12 -23.81 26.71
C GLY D 207 -28.33 -22.55 27.01
N GLY D 208 -28.69 -21.92 28.12
CA GLY D 208 -28.05 -20.71 28.57
C GLY D 208 -28.49 -19.45 27.85
N CYS D 209 -29.53 -19.51 27.02
CA CYS D 209 -29.99 -18.39 26.22
C CYS D 209 -31.51 -18.26 26.36
N ARG D 210 -32.00 -18.29 27.60
CA ARG D 210 -33.43 -18.26 27.84
C ARG D 210 -34.07 -16.99 27.29
N LYS D 211 -33.48 -15.82 27.62
CA LYS D 211 -34.01 -14.56 27.11
C LYS D 211 -33.87 -14.49 25.59
N GLN D 212 -32.75 -14.95 25.05
CA GLN D 212 -32.55 -14.92 23.60
C GLN D 212 -33.54 -15.82 22.89
N LEU D 213 -33.76 -17.03 23.39
CA LEU D 213 -34.77 -17.91 22.81
C LEU D 213 -36.16 -17.30 22.94
N ALA D 214 -36.45 -16.65 24.06
CA ALA D 214 -37.75 -16.00 24.21
C ALA D 214 -37.96 -14.93 23.15
N GLN D 215 -36.95 -14.09 22.92
CA GLN D 215 -37.07 -13.06 21.90
C GLN D 215 -37.22 -13.69 20.51
N ILE D 216 -36.40 -14.68 20.18
CA ILE D 216 -36.45 -15.29 18.86
C ILE D 216 -37.80 -15.95 18.61
N LYS D 217 -38.36 -16.61 19.63
CA LYS D 217 -39.70 -17.16 19.51
C LYS D 217 -40.74 -16.06 19.36
N GLU D 218 -40.52 -14.91 20.01
CA GLU D 218 -41.46 -13.80 19.87
C GLU D 218 -41.50 -13.29 18.45
N MET D 219 -40.34 -13.14 17.80
CA MET D 219 -40.35 -12.67 16.42
C MET D 219 -40.75 -13.77 15.43
N VAL D 220 -40.37 -15.02 15.70
CA VAL D 220 -40.54 -16.06 14.69
C VAL D 220 -41.84 -16.83 14.89
N GLU D 221 -41.99 -17.51 16.04
CA GLU D 221 -43.13 -18.40 16.20
C GLU D 221 -44.42 -17.63 16.46
N LEU D 222 -44.37 -16.59 17.29
CA LEU D 222 -45.60 -15.93 17.73
C LEU D 222 -46.40 -15.31 16.58
N PRO D 223 -45.82 -14.55 15.64
CA PRO D 223 -46.65 -14.00 14.55
C PRO D 223 -47.32 -15.07 13.71
N LEU D 224 -46.65 -16.19 13.47
CA LEU D 224 -47.24 -17.25 12.65
C LEU D 224 -48.32 -18.00 13.42
N ARG D 225 -48.08 -18.27 14.70
CA ARG D 225 -49.03 -19.04 15.48
C ARG D 225 -50.33 -18.27 15.72
N HIS D 226 -50.23 -16.99 16.04
CA HIS D 226 -51.38 -16.15 16.35
C HIS D 226 -51.32 -14.86 15.55
N PRO D 227 -51.54 -14.93 14.24
CA PRO D 227 -51.46 -13.71 13.42
C PRO D 227 -52.58 -12.71 13.70
N ALA D 228 -53.73 -13.19 14.18
CA ALA D 228 -54.84 -12.28 14.44
C ALA D 228 -54.54 -11.36 15.61
N LEU D 229 -53.60 -11.76 16.47
CA LEU D 229 -53.24 -10.94 17.62
C LEU D 229 -52.56 -9.64 17.19
N PHE D 230 -51.59 -9.75 16.27
CA PHE D 230 -50.92 -8.56 15.76
C PHE D 230 -51.85 -7.72 14.89
N LYS D 231 -52.78 -8.37 14.18
CA LYS D 231 -53.79 -7.63 13.45
C LYS D 231 -54.72 -6.89 14.41
N GLU D 232 -55.07 -7.51 15.53
CA GLU D 232 -55.93 -6.86 16.50
C GLU D 232 -55.24 -5.66 17.13
N ILE D 233 -53.96 -5.80 17.50
CA ILE D 233 -53.25 -4.69 18.14
C ILE D 233 -52.92 -3.59 17.13
N GLY D 234 -52.89 -3.90 15.84
CA GLY D 234 -52.74 -2.87 14.82
C GLY D 234 -51.32 -2.56 14.42
N VAL D 235 -50.39 -3.50 14.60
CA VAL D 235 -49.00 -3.33 14.19
C VAL D 235 -48.55 -4.56 13.43
N LYS D 236 -47.42 -4.41 12.74
CA LYS D 236 -46.77 -5.53 12.11
C LYS D 236 -45.60 -6.00 12.95
N PRO D 237 -45.43 -7.31 13.16
CA PRO D 237 -44.31 -7.78 13.97
C PRO D 237 -43.00 -7.52 13.25
N PRO D 238 -41.89 -7.42 14.00
CA PRO D 238 -40.58 -7.24 13.34
C PRO D 238 -40.26 -8.41 12.42
N ARG D 239 -39.66 -8.10 11.28
CA ARG D 239 -39.37 -9.09 10.26
C ARG D 239 -37.88 -9.20 9.95
N GLY D 240 -37.02 -8.71 10.86
CA GLY D 240 -35.59 -8.83 10.68
C GLY D 240 -34.88 -9.11 11.99
N ILE D 241 -34.07 -10.15 12.05
CA ILE D 241 -33.33 -10.53 13.24
C ILE D 241 -31.85 -10.68 12.86
N LEU D 242 -30.97 -10.08 13.65
CA LEU D 242 -29.53 -10.26 13.49
C LEU D 242 -28.97 -10.86 14.77
N LEU D 243 -28.38 -12.04 14.65
CA LEU D 243 -27.74 -12.72 15.77
C LEU D 243 -26.24 -12.49 15.70
N TYR D 244 -25.66 -11.97 16.77
CA TYR D 244 -24.23 -11.70 16.82
C TYR D 244 -23.66 -12.21 18.13
N GLY D 245 -22.37 -12.55 18.12
CA GLY D 245 -21.69 -13.00 19.30
C GLY D 245 -20.35 -13.61 18.97
N PRO D 246 -19.57 -13.97 19.98
CA PRO D 246 -18.29 -14.64 19.74
C PRO D 246 -18.50 -16.02 19.15
N PRO D 247 -17.49 -16.57 18.47
CA PRO D 247 -17.65 -17.89 17.86
C PRO D 247 -17.96 -18.96 18.89
N GLY D 248 -18.78 -19.93 18.49
CA GLY D 248 -19.11 -21.06 19.32
C GLY D 248 -20.23 -20.85 20.32
N THR D 249 -20.96 -19.74 20.25
CA THR D 249 -21.99 -19.44 21.22
C THR D 249 -23.37 -19.98 20.83
N GLY D 250 -23.52 -20.52 19.63
CA GLY D 250 -24.77 -21.14 19.24
C GLY D 250 -25.70 -20.31 18.40
N LYS D 251 -25.19 -19.63 17.37
CA LYS D 251 -26.07 -18.90 16.46
C LYS D 251 -26.56 -19.81 15.33
N THR D 252 -25.65 -20.59 14.75
CA THR D 252 -26.05 -21.57 13.75
C THR D 252 -26.91 -22.67 14.38
N LEU D 253 -26.67 -22.98 15.65
CA LEU D 253 -27.52 -23.94 16.34
C LEU D 253 -28.95 -23.43 16.46
N ILE D 254 -29.11 -22.16 16.81
CA ILE D 254 -30.44 -21.56 16.87
C ILE D 254 -31.06 -21.52 15.49
N ALA D 255 -30.26 -21.27 14.46
CA ALA D 255 -30.78 -21.29 13.09
C ALA D 255 -31.30 -22.68 12.72
N ARG D 256 -30.55 -23.73 13.07
CA ARG D 256 -31.01 -25.09 12.79
C ARG D 256 -32.28 -25.41 13.57
N ALA D 257 -32.36 -24.98 14.82
CA ALA D 257 -33.56 -25.22 15.62
C ALA D 257 -34.77 -24.54 15.00
N VAL D 258 -34.61 -23.29 14.54
CA VAL D 258 -35.70 -22.58 13.88
C VAL D 258 -36.10 -23.30 12.61
N ALA D 259 -35.11 -23.73 11.81
CA ALA D 259 -35.41 -24.40 10.55
C ALA D 259 -36.17 -25.70 10.78
N ASN D 260 -35.80 -26.46 11.81
CA ASN D 260 -36.46 -27.73 12.06
C ASN D 260 -37.85 -27.55 12.66
N GLU D 261 -38.02 -26.59 13.57
CA GLU D 261 -39.26 -26.48 14.32
C GLU D 261 -40.15 -25.34 13.86
N THR D 262 -40.15 -24.99 12.57
CA THR D 262 -41.04 -23.98 12.03
C THR D 262 -41.91 -24.59 10.94
N GLY D 263 -43.13 -24.07 10.78
CA GLY D 263 -43.98 -24.50 9.70
C GLY D 263 -43.77 -23.72 8.43
N ALA D 264 -43.12 -22.57 8.52
CA ALA D 264 -42.89 -21.73 7.35
C ALA D 264 -41.81 -22.33 6.46
N PHE D 265 -41.82 -21.93 5.19
CA PHE D 265 -40.78 -22.33 4.26
C PHE D 265 -39.45 -21.69 4.67
N PHE D 266 -38.40 -22.49 4.73
CA PHE D 266 -37.09 -22.04 5.19
C PHE D 266 -36.11 -22.06 4.03
N PHE D 267 -35.48 -20.91 3.78
CA PHE D 267 -34.46 -20.77 2.76
C PHE D 267 -33.15 -20.39 3.43
N LEU D 268 -32.11 -21.19 3.17
CA LEU D 268 -30.81 -20.97 3.78
C LEU D 268 -29.86 -20.38 2.74
N ILE D 269 -29.22 -19.27 3.08
CA ILE D 269 -28.22 -18.63 2.23
C ILE D 269 -26.90 -18.61 2.98
N ASN D 270 -25.87 -19.20 2.37
CA ASN D 270 -24.51 -19.07 2.85
C ASN D 270 -23.87 -17.89 2.15
N GLY D 271 -23.14 -17.07 2.91
CA GLY D 271 -22.65 -15.80 2.42
C GLY D 271 -21.96 -15.86 1.08
N PRO D 272 -20.78 -16.47 1.02
CA PRO D 272 -19.99 -16.43 -0.22
C PRO D 272 -20.61 -17.19 -1.39
N GLU D 273 -21.62 -18.03 -1.16
CA GLU D 273 -22.21 -18.79 -2.25
C GLU D 273 -22.92 -17.90 -3.26
N ILE D 274 -23.26 -16.66 -2.86
CA ILE D 274 -23.93 -15.75 -3.77
C ILE D 274 -23.01 -15.35 -4.92
N MET D 275 -21.71 -15.22 -4.64
CA MET D 275 -20.76 -14.69 -5.59
C MET D 275 -20.73 -15.51 -6.88
N SER D 276 -20.69 -14.80 -8.01
CA SER D 276 -20.60 -15.42 -9.32
C SER D 276 -19.74 -14.56 -10.23
N LYS D 277 -19.11 -15.19 -11.22
CA LYS D 277 -18.16 -14.48 -12.07
C LYS D 277 -18.86 -13.61 -13.10
N LEU D 278 -20.02 -14.04 -13.59
CA LEU D 278 -20.74 -13.27 -14.60
C LEU D 278 -21.29 -11.99 -13.99
N ALA D 279 -21.34 -10.93 -14.81
CA ALA D 279 -21.81 -9.64 -14.33
C ALA D 279 -23.30 -9.69 -14.04
N GLY D 280 -23.69 -9.21 -12.86
CA GLY D 280 -25.08 -9.18 -12.46
C GLY D 280 -25.64 -10.50 -11.97
N GLU D 281 -24.81 -11.54 -11.86
CA GLU D 281 -25.31 -12.85 -11.47
C GLU D 281 -25.45 -12.98 -9.95
N SER D 282 -24.61 -12.27 -9.19
CA SER D 282 -24.76 -12.31 -7.74
C SER D 282 -26.04 -11.64 -7.29
N GLU D 283 -26.30 -10.44 -7.82
CA GLU D 283 -27.57 -9.77 -7.54
C GLU D 283 -28.74 -10.59 -8.06
N SER D 284 -28.55 -11.28 -9.19
CA SER D 284 -29.58 -12.16 -9.71
C SER D 284 -29.87 -13.31 -8.75
N ASN D 285 -28.83 -13.89 -8.16
CA ASN D 285 -29.04 -14.96 -7.18
C ASN D 285 -29.76 -14.45 -5.94
N LEU D 286 -29.38 -13.26 -5.46
CA LEU D 286 -30.09 -12.69 -4.32
C LEU D 286 -31.56 -12.45 -4.63
N ARG D 287 -31.84 -11.88 -5.81
CA ARG D 287 -33.21 -11.62 -6.22
C ARG D 287 -33.99 -12.92 -6.35
N LYS D 288 -33.37 -13.95 -6.91
CA LYS D 288 -34.06 -15.24 -7.06
C LYS D 288 -34.37 -15.86 -5.71
N ALA D 289 -33.43 -15.77 -4.75
CA ALA D 289 -33.69 -16.29 -3.41
C ALA D 289 -34.86 -15.56 -2.76
N PHE D 290 -34.89 -14.23 -2.86
CA PHE D 290 -35.99 -13.49 -2.25
C PHE D 290 -37.31 -13.76 -2.96
N GLU D 291 -37.28 -13.93 -4.29
CA GLU D 291 -38.51 -14.25 -5.03
C GLU D 291 -39.03 -15.63 -4.64
N GLU D 292 -38.14 -16.61 -4.48
CA GLU D 292 -38.56 -17.93 -4.04
C GLU D 292 -39.15 -17.87 -2.64
N ALA D 293 -38.56 -17.06 -1.76
CA ALA D 293 -39.11 -16.92 -0.41
C ALA D 293 -40.50 -16.28 -0.45
N GLU D 294 -40.68 -15.24 -1.26
CA GLU D 294 -41.96 -14.55 -1.32
C GLU D 294 -43.03 -15.40 -1.99
N LYS D 295 -42.61 -16.29 -2.90
CA LYS D 295 -43.56 -17.17 -3.56
C LYS D 295 -44.22 -18.13 -2.58
N ASN D 296 -43.45 -18.62 -1.61
CA ASN D 296 -43.94 -19.58 -0.62
C ASN D 296 -44.19 -18.95 0.74
N ALA D 297 -44.66 -17.71 0.77
CA ALA D 297 -44.89 -17.03 2.05
C ALA D 297 -45.99 -17.73 2.83
N PRO D 298 -45.90 -17.78 4.17
CA PRO D 298 -44.84 -17.23 5.02
C PRO D 298 -43.52 -17.99 4.91
N ALA D 299 -42.40 -17.27 4.98
CA ALA D 299 -41.10 -17.87 4.79
C ALA D 299 -40.07 -17.20 5.70
N ILE D 300 -38.98 -17.92 5.94
CA ILE D 300 -37.85 -17.41 6.71
C ILE D 300 -36.59 -17.57 5.88
N ILE D 301 -35.81 -16.51 5.77
CA ILE D 301 -34.51 -16.52 5.10
C ILE D 301 -33.44 -16.37 6.15
N PHE D 302 -32.48 -17.29 6.15
CA PHE D 302 -31.32 -17.21 7.04
C PHE D 302 -30.08 -17.00 6.20
N ILE D 303 -29.32 -15.94 6.51
CA ILE D 303 -28.09 -15.62 5.82
C ILE D 303 -26.95 -15.81 6.79
N ASP D 304 -26.26 -16.95 6.68
CA ASP D 304 -25.11 -17.23 7.53
C ASP D 304 -23.89 -16.48 7.02
N GLU D 305 -23.08 -15.99 7.97
CA GLU D 305 -21.91 -15.17 7.66
C GLU D 305 -22.32 -13.94 6.85
N LEU D 306 -23.14 -13.09 7.47
CA LEU D 306 -23.63 -11.89 6.79
C LEU D 306 -22.49 -10.94 6.46
N ASP D 307 -21.48 -10.85 7.32
CA ASP D 307 -20.37 -9.93 7.09
C ASP D 307 -19.58 -10.27 5.84
N ALA D 308 -19.74 -11.50 5.32
CA ALA D 308 -19.05 -11.88 4.10
C ALA D 308 -19.58 -11.10 2.90
N ILE D 309 -20.89 -10.86 2.85
CA ILE D 309 -21.51 -10.23 1.70
C ILE D 309 -22.11 -8.86 2.01
N ALA D 310 -22.00 -8.39 3.25
CA ALA D 310 -22.56 -7.10 3.64
C ALA D 310 -21.52 -6.25 4.36
N PRO D 311 -20.47 -5.82 3.68
CA PRO D 311 -19.54 -4.86 4.28
C PRO D 311 -20.03 -3.44 4.05
N LYS D 312 -19.34 -2.49 4.68
CA LYS D 312 -19.68 -1.09 4.52
C LYS D 312 -19.35 -0.62 3.11
N ARG D 313 -20.30 0.07 2.48
CA ARG D 313 -20.09 0.54 1.11
C ARG D 313 -19.02 1.62 1.06
N GLU D 314 -18.86 2.38 2.14
CA GLU D 314 -17.84 3.43 2.18
C GLU D 314 -16.44 2.85 2.15
N LYS D 315 -16.24 1.70 2.79
CA LYS D 315 -14.92 1.10 2.92
C LYS D 315 -14.66 -0.02 1.93
N THR D 316 -15.54 -0.20 0.95
CA THR D 316 -15.41 -1.28 -0.03
C THR D 316 -14.95 -0.68 -1.37
N HIS D 317 -13.94 -1.30 -1.97
CA HIS D 317 -13.42 -0.80 -3.25
C HIS D 317 -14.08 -1.52 -4.42
N GLY D 318 -14.31 -2.82 -4.30
CA GLY D 318 -14.94 -3.59 -5.36
C GLY D 318 -16.33 -3.13 -5.71
N GLU D 319 -16.61 -2.98 -7.00
CA GLU D 319 -17.94 -2.54 -7.43
C GLU D 319 -18.98 -3.63 -7.21
N VAL D 320 -18.59 -4.90 -7.40
CA VAL D 320 -19.54 -5.99 -7.25
C VAL D 320 -20.03 -6.08 -5.80
N GLU D 321 -19.13 -5.94 -4.84
CA GLU D 321 -19.52 -6.02 -3.43
C GLU D 321 -20.48 -4.90 -3.05
N ARG D 322 -20.18 -3.67 -3.50
CA ARG D 322 -21.07 -2.56 -3.22
C ARG D 322 -22.43 -2.76 -3.87
N ARG D 323 -22.44 -3.29 -5.10
CA ARG D 323 -23.71 -3.55 -5.77
C ARG D 323 -24.51 -4.62 -5.05
N ILE D 324 -23.82 -5.62 -4.48
CA ILE D 324 -24.51 -6.65 -3.70
C ILE D 324 -25.12 -6.04 -2.44
N VAL D 325 -24.38 -5.17 -1.76
CA VAL D 325 -24.91 -4.53 -0.56
C VAL D 325 -26.13 -3.68 -0.92
N SER D 326 -26.06 -2.94 -2.03
CA SER D 326 -27.18 -2.13 -2.45
C SER D 326 -28.39 -2.99 -2.82
N GLN D 327 -28.15 -4.12 -3.48
CA GLN D 327 -29.24 -5.03 -3.81
C GLN D 327 -29.91 -5.59 -2.55
N LEU D 328 -29.10 -5.94 -1.55
CA LEU D 328 -29.68 -6.41 -0.29
C LEU D 328 -30.49 -5.30 0.37
N LEU D 329 -29.98 -4.07 0.36
CA LEU D 329 -30.72 -2.95 0.93
C LEU D 329 -32.07 -2.78 0.24
N THR D 330 -32.07 -2.84 -1.08
CA THR D 330 -33.32 -2.63 -1.84
C THR D 330 -34.29 -3.79 -1.63
N LEU D 331 -33.80 -5.02 -1.68
CA LEU D 331 -34.68 -6.18 -1.53
C LEU D 331 -35.30 -6.22 -0.14
N MET D 332 -34.50 -5.96 0.89
CA MET D 332 -34.97 -6.15 2.25
C MET D 332 -35.91 -5.03 2.68
N ASP D 333 -35.71 -3.82 2.14
CA ASP D 333 -36.63 -2.71 2.33
C ASP D 333 -36.53 -1.77 1.14
N GLY D 334 -37.56 -1.77 0.29
CA GLY D 334 -37.55 -0.94 -0.90
C GLY D 334 -38.95 -0.46 -1.21
N LEU D 335 -39.12 -0.01 -2.46
CA LEU D 335 -40.41 0.51 -2.88
C LEU D 335 -41.49 -0.58 -2.85
N LYS D 336 -41.15 -1.79 -3.28
CA LYS D 336 -42.04 -2.93 -3.21
C LYS D 336 -41.77 -3.67 -1.91
N GLN D 337 -42.73 -3.64 -1.00
CA GLN D 337 -42.53 -4.18 0.34
C GLN D 337 -42.58 -5.71 0.34
N ARG D 338 -41.96 -6.30 1.36
CA ARG D 338 -41.93 -7.75 1.49
C ARG D 338 -43.32 -8.30 1.80
N ALA D 339 -43.58 -9.50 1.30
CA ALA D 339 -44.87 -10.17 1.49
C ALA D 339 -44.75 -11.12 2.68
N HIS D 340 -44.57 -10.55 3.87
CA HIS D 340 -44.45 -11.33 5.10
C HIS D 340 -43.32 -12.36 5.00
N VAL D 341 -42.10 -11.86 4.88
CA VAL D 341 -40.91 -12.69 4.83
C VAL D 341 -40.00 -12.28 5.98
N ILE D 342 -39.62 -13.24 6.80
CA ILE D 342 -38.70 -13.01 7.92
C ILE D 342 -37.29 -13.27 7.45
N VAL D 343 -36.38 -12.35 7.74
CA VAL D 343 -34.96 -12.49 7.36
C VAL D 343 -34.13 -12.55 8.62
N MET D 344 -33.34 -13.61 8.74
CA MET D 344 -32.43 -13.82 9.86
C MET D 344 -31.00 -13.82 9.36
N ALA D 345 -30.07 -13.42 10.23
CA ALA D 345 -28.66 -13.42 9.88
C ALA D 345 -27.82 -13.68 11.13
N ALA D 346 -26.62 -14.19 10.92
CA ALA D 346 -25.66 -14.45 11.98
C ALA D 346 -24.30 -13.94 11.55
N THR D 347 -23.60 -13.26 12.45
CA THR D 347 -22.29 -12.71 12.16
C THR D 347 -21.46 -12.61 13.44
N ASN D 348 -20.15 -12.84 13.31
CA ASN D 348 -19.26 -12.64 14.44
C ASN D 348 -18.96 -11.16 14.66
N ARG D 349 -18.94 -10.38 13.59
CA ARG D 349 -18.57 -8.97 13.65
C ARG D 349 -19.75 -8.11 13.21
N PRO D 350 -20.66 -7.75 14.10
CA PRO D 350 -21.78 -6.89 13.67
C PRO D 350 -21.36 -5.50 13.25
N ASN D 351 -20.21 -5.02 13.73
CA ASN D 351 -19.78 -3.67 13.42
C ASN D 351 -19.23 -3.56 12.00
N SER D 352 -19.01 -4.70 11.32
CA SER D 352 -18.58 -4.65 9.94
C SER D 352 -19.77 -4.54 8.98
N ILE D 353 -20.98 -4.73 9.50
CA ILE D 353 -22.17 -4.66 8.65
C ILE D 353 -22.43 -3.20 8.26
N ASP D 354 -23.02 -3.03 7.09
CA ASP D 354 -23.34 -1.68 6.61
C ASP D 354 -24.34 -1.02 7.55
N PRO D 355 -24.14 0.26 7.90
CA PRO D 355 -25.06 0.92 8.83
C PRO D 355 -26.49 0.99 8.34
N ALA D 356 -26.73 1.01 7.03
CA ALA D 356 -28.08 1.12 6.51
C ALA D 356 -28.84 -0.20 6.68
N LEU D 357 -28.12 -1.29 6.95
CA LEU D 357 -28.77 -2.60 7.09
C LEU D 357 -29.25 -2.84 8.51
N ARG D 358 -29.04 -1.88 9.42
CA ARG D 358 -29.34 -2.14 10.82
C ARG D 358 -30.58 -1.38 11.30
N ARG D 359 -31.03 -0.39 10.54
CA ARG D 359 -32.19 0.40 10.95
C ARG D 359 -33.47 -0.42 10.80
N PHE D 360 -34.51 0.01 11.52
CA PHE D 360 -35.78 -0.73 11.55
C PHE D 360 -36.41 -0.77 10.16
N GLY D 361 -37.05 -1.90 9.86
CA GLY D 361 -37.45 -2.23 8.51
C GLY D 361 -36.39 -3.00 7.75
N ARG D 362 -35.23 -3.18 8.35
CA ARG D 362 -34.09 -3.84 7.72
C ARG D 362 -33.23 -4.40 8.84
N PHE D 363 -33.38 -5.70 9.15
CA PHE D 363 -32.81 -6.27 10.37
C PHE D 363 -33.28 -5.48 11.59
N ASP D 364 -34.58 -5.57 11.88
CA ASP D 364 -35.20 -4.77 12.92
C ASP D 364 -34.51 -4.95 14.27
N ARG D 365 -34.33 -6.19 14.70
CA ARG D 365 -33.89 -6.51 16.05
C ARG D 365 -32.54 -7.20 16.01
N GLU D 366 -31.66 -6.82 16.94
CA GLU D 366 -30.35 -7.44 17.09
C GLU D 366 -30.31 -8.19 18.41
N VAL D 367 -29.96 -9.48 18.35
CA VAL D 367 -29.96 -10.36 19.50
C VAL D 367 -28.53 -10.79 19.79
N ASP D 368 -28.09 -10.62 21.03
CA ASP D 368 -26.72 -10.90 21.43
C ASP D 368 -26.66 -12.29 22.07
N ILE D 369 -26.02 -13.22 21.37
CA ILE D 369 -25.76 -14.56 21.90
C ILE D 369 -24.38 -14.53 22.55
N GLY D 370 -24.35 -14.43 23.88
CA GLY D 370 -23.12 -14.18 24.60
C GLY D 370 -22.61 -15.42 25.31
N ILE D 371 -21.50 -15.24 26.01
CA ILE D 371 -20.86 -16.34 26.75
C ILE D 371 -21.74 -16.72 27.94
N PRO D 372 -22.08 -18.00 28.13
CA PRO D 372 -22.92 -18.38 29.25
C PRO D 372 -22.18 -18.26 30.58
N ASP D 373 -22.97 -18.13 31.65
CA ASP D 373 -22.43 -18.15 33.00
C ASP D 373 -22.41 -19.59 33.52
N ALA D 374 -22.16 -19.74 34.83
CA ALA D 374 -22.04 -21.08 35.41
C ALA D 374 -23.34 -21.86 35.28
N THR D 375 -24.48 -21.22 35.58
CA THR D 375 -25.76 -21.91 35.44
C THR D 375 -26.07 -22.20 33.98
N GLY D 376 -25.76 -21.26 33.09
CA GLY D 376 -26.01 -21.49 31.68
C GLY D 376 -25.20 -22.64 31.13
N ARG D 377 -23.92 -22.73 31.52
CA ARG D 377 -23.10 -23.82 31.02
C ARG D 377 -23.45 -25.15 31.70
N LEU D 378 -23.98 -25.09 32.93
CA LEU D 378 -24.53 -26.30 33.53
C LEU D 378 -25.75 -26.79 32.72
N GLU D 379 -26.61 -25.86 32.31
CA GLU D 379 -27.74 -26.23 31.46
C GLU D 379 -27.27 -26.81 30.13
N ILE D 380 -26.23 -26.21 29.54
CA ILE D 380 -25.68 -26.73 28.30
C ILE D 380 -25.15 -28.14 28.48
N LEU D 381 -24.44 -28.39 29.59
CA LEU D 381 -23.91 -29.73 29.87
C LEU D 381 -25.04 -30.73 30.05
N GLN D 382 -26.09 -30.35 30.77
CA GLN D 382 -27.22 -31.26 30.97
C GLN D 382 -27.90 -31.58 29.65
N ILE D 383 -28.03 -30.58 28.77
CA ILE D 383 -28.59 -30.85 27.44
C ILE D 383 -27.69 -31.78 26.65
N HIS D 384 -26.38 -31.56 26.70
CA HIS D 384 -25.44 -32.36 25.91
C HIS D 384 -25.41 -33.81 26.37
N THR D 385 -25.47 -34.04 27.68
CA THR D 385 -25.23 -35.38 28.23
C THR D 385 -26.49 -36.23 28.30
N LYS D 386 -27.64 -35.75 27.81
CA LYS D 386 -28.83 -36.59 27.82
C LYS D 386 -28.71 -37.72 26.82
N ASN D 387 -28.05 -37.47 25.68
CA ASN D 387 -27.81 -38.54 24.71
C ASN D 387 -26.67 -39.45 25.16
N MET D 388 -25.64 -38.87 25.77
CA MET D 388 -24.49 -39.64 26.21
C MET D 388 -24.86 -40.58 27.35
N LYS D 389 -24.19 -41.73 27.41
CA LYS D 389 -24.35 -42.63 28.54
C LYS D 389 -23.20 -42.40 29.53
N LEU D 390 -23.56 -42.20 30.80
CA LEU D 390 -22.60 -41.84 31.83
C LEU D 390 -22.73 -42.76 33.02
N ALA D 391 -21.64 -42.91 33.76
CA ALA D 391 -21.68 -43.65 35.01
C ALA D 391 -22.37 -42.80 36.09
N ASP D 392 -22.59 -43.43 37.24
CA ASP D 392 -23.36 -42.77 38.30
C ASP D 392 -22.52 -41.76 39.08
N ASP D 393 -21.19 -41.83 38.97
CA ASP D 393 -20.34 -40.98 39.80
C ASP D 393 -20.12 -39.61 39.18
N VAL D 394 -20.57 -39.42 37.93
CA VAL D 394 -20.34 -38.15 37.25
C VAL D 394 -21.16 -37.05 37.92
N ASP D 395 -20.54 -35.88 38.08
CA ASP D 395 -21.18 -34.72 38.69
C ASP D 395 -21.02 -33.54 37.74
N LEU D 396 -22.13 -33.12 37.13
CA LEU D 396 -22.07 -32.04 36.15
C LEU D 396 -21.93 -30.68 36.84
N GLU D 397 -22.28 -30.60 38.12
CA GLU D 397 -22.11 -29.35 38.86
C GLU D 397 -20.65 -28.96 38.95
N GLN D 398 -19.78 -29.91 39.28
CA GLN D 398 -18.35 -29.62 39.38
C GLN D 398 -17.77 -29.25 38.03
N VAL D 399 -18.19 -29.94 36.97
CA VAL D 399 -17.71 -29.61 35.63
C VAL D 399 -18.14 -28.21 35.23
N ALA D 400 -19.39 -27.85 35.54
CA ALA D 400 -19.89 -26.52 35.22
C ALA D 400 -19.14 -25.45 36.00
N ASN D 401 -18.80 -25.73 37.26
CA ASN D 401 -18.07 -24.75 38.06
C ASN D 401 -16.62 -24.60 37.59
N GLU D 402 -16.01 -25.70 37.14
CA GLU D 402 -14.58 -25.67 36.83
C GLU D 402 -14.30 -24.94 35.53
N THR D 403 -15.19 -25.06 34.54
CA THR D 403 -15.02 -24.40 33.24
C THR D 403 -15.43 -22.94 33.38
N HIS D 404 -14.44 -22.05 33.27
CA HIS D 404 -14.70 -20.64 33.56
C HIS D 404 -15.11 -19.85 32.32
N GLY D 405 -14.27 -19.84 31.29
CA GLY D 405 -14.56 -19.06 30.10
C GLY D 405 -15.12 -19.84 28.93
N HIS D 406 -15.65 -21.04 29.16
CA HIS D 406 -16.04 -21.92 28.07
C HIS D 406 -17.37 -21.50 27.47
N VAL D 407 -17.52 -21.74 26.16
CA VAL D 407 -18.77 -21.56 25.44
C VAL D 407 -19.29 -22.94 25.09
N GLY D 408 -20.47 -23.01 24.47
CA GLY D 408 -21.07 -24.30 24.17
C GLY D 408 -20.17 -25.21 23.35
N ALA D 409 -19.44 -24.63 22.39
CA ALA D 409 -18.49 -25.42 21.60
C ALA D 409 -17.40 -25.99 22.47
N ASP D 410 -16.90 -25.21 23.44
CA ASP D 410 -15.85 -25.70 24.33
C ASP D 410 -16.36 -26.84 25.22
N LEU D 411 -17.61 -26.72 25.69
CA LEU D 411 -18.18 -27.80 26.50
C LEU D 411 -18.39 -29.06 25.67
N ALA D 412 -18.81 -28.90 24.41
CA ALA D 412 -18.93 -30.05 23.53
C ALA D 412 -17.57 -30.71 23.29
N ALA D 413 -16.52 -29.90 23.13
CA ALA D 413 -15.17 -30.45 22.98
C ALA D 413 -14.76 -31.20 24.24
N LEU D 414 -15.11 -30.66 25.41
CA LEU D 414 -14.79 -31.34 26.67
C LEU D 414 -15.48 -32.70 26.75
N CYS D 415 -16.76 -32.74 26.37
CA CYS D 415 -17.49 -34.01 26.38
C CYS D 415 -16.86 -35.01 25.41
N SER D 416 -16.50 -34.56 24.21
CA SER D 416 -15.88 -35.45 23.24
C SER D 416 -14.54 -35.98 23.74
N GLU D 417 -13.73 -35.12 24.36
CA GLU D 417 -12.44 -35.56 24.88
C GLU D 417 -12.61 -36.56 26.01
N ALA D 418 -13.60 -36.34 26.89
CA ALA D 418 -13.85 -37.30 27.96
C ALA D 418 -14.28 -38.66 27.39
N ALA D 419 -15.13 -38.65 26.38
CA ALA D 419 -15.53 -39.91 25.75
C ALA D 419 -14.35 -40.60 25.10
N LEU D 420 -13.47 -39.83 24.46
CA LEU D 420 -12.27 -40.42 23.86
C LEU D 420 -11.37 -41.04 24.93
N GLN D 421 -11.27 -40.39 26.10
CA GLN D 421 -10.51 -40.97 27.20
C GLN D 421 -11.13 -42.27 27.68
N ALA D 422 -12.46 -42.33 27.73
CA ALA D 422 -13.11 -43.60 28.09
C ALA D 422 -12.77 -44.70 27.09
N ILE D 423 -12.83 -44.37 25.80
CA ILE D 423 -12.48 -45.34 24.77
C ILE D 423 -11.03 -45.80 24.93
N ARG D 424 -10.12 -44.86 25.22
CA ARG D 424 -8.74 -45.22 25.48
C ARG D 424 -8.62 -46.15 26.68
N LYS D 425 -9.42 -45.93 27.72
CA LYS D 425 -9.41 -46.84 28.86
C LYS D 425 -9.83 -48.24 28.45
N LYS D 426 -10.80 -48.35 27.55
CA LYS D 426 -11.21 -49.66 27.06
C LYS D 426 -10.38 -50.16 25.88
N MET D 427 -9.19 -49.59 25.65
CA MET D 427 -8.42 -49.94 24.47
C MET D 427 -7.73 -51.29 24.62
N ASP D 428 -7.22 -51.60 25.81
CA ASP D 428 -6.40 -52.80 25.97
C ASP D 428 -7.24 -54.07 25.90
N LEU D 429 -8.57 -53.94 25.91
CA LEU D 429 -9.42 -55.09 25.63
C LEU D 429 -9.51 -55.35 24.13
N ILE D 430 -9.77 -54.31 23.34
CA ILE D 430 -10.07 -54.48 21.93
C ILE D 430 -8.78 -54.45 21.10
N ASP D 431 -8.88 -54.89 19.85
CA ASP D 431 -7.79 -54.87 18.90
C ASP D 431 -8.19 -54.02 17.71
N LEU D 432 -7.24 -53.25 17.18
CA LEU D 432 -7.55 -52.34 16.07
C LEU D 432 -7.96 -53.11 14.82
N GLU D 433 -7.32 -54.24 14.56
CA GLU D 433 -7.56 -55.00 13.34
C GLU D 433 -8.72 -55.98 13.45
N ASP D 434 -9.38 -56.06 14.61
CA ASP D 434 -10.53 -56.94 14.74
C ASP D 434 -11.70 -56.45 13.90
N GLU D 435 -12.53 -57.40 13.46
CA GLU D 435 -13.66 -57.04 12.61
C GLU D 435 -14.74 -56.31 13.39
N THR D 436 -14.87 -56.60 14.69
CA THR D 436 -15.91 -55.98 15.50
C THR D 436 -15.49 -55.98 16.96
N ILE D 437 -16.19 -55.17 17.76
CA ILE D 437 -15.92 -55.08 19.19
C ILE D 437 -16.74 -56.11 19.94
N ASP D 438 -16.13 -56.68 20.99
CA ASP D 438 -16.84 -57.63 21.84
C ASP D 438 -18.00 -56.95 22.56
N ALA D 439 -19.09 -57.70 22.71
CA ALA D 439 -20.30 -57.13 23.31
C ALA D 439 -20.07 -56.72 24.76
N GLU D 440 -19.31 -57.52 25.51
CA GLU D 440 -19.06 -57.21 26.92
C GLU D 440 -18.31 -55.89 27.07
N VAL D 441 -17.31 -55.65 26.22
CA VAL D 441 -16.57 -54.41 26.27
C VAL D 441 -17.48 -53.24 25.89
N MET D 442 -18.35 -53.43 24.91
CA MET D 442 -19.30 -52.39 24.54
C MET D 442 -20.23 -52.04 25.70
N ASN D 443 -20.72 -53.06 26.41
CA ASN D 443 -21.60 -52.81 27.54
C ASN D 443 -20.85 -52.12 28.68
N SER D 444 -19.60 -52.52 28.93
CA SER D 444 -18.83 -51.91 30.01
C SER D 444 -18.41 -50.48 29.67
N LEU D 445 -18.57 -50.07 28.41
CA LEU D 445 -18.12 -48.75 27.99
C LEU D 445 -19.06 -47.67 28.52
N ALA D 446 -18.52 -46.78 29.34
CA ALA D 446 -19.28 -45.66 29.88
C ALA D 446 -18.32 -44.55 30.26
N VAL D 447 -18.85 -43.34 30.36
CA VAL D 447 -18.05 -42.16 30.69
C VAL D 447 -18.15 -41.94 32.20
N THR D 448 -17.01 -42.01 32.87
CA THR D 448 -16.96 -41.85 34.32
C THR D 448 -16.54 -40.42 34.69
N MET D 449 -16.41 -40.19 35.99
CA MET D 449 -16.02 -38.86 36.45
C MET D 449 -14.52 -38.62 36.23
N ASP D 450 -13.72 -39.68 36.25
CA ASP D 450 -12.29 -39.53 36.01
C ASP D 450 -12.02 -39.07 34.58
N ASP D 451 -12.79 -39.56 33.62
CA ASP D 451 -12.66 -39.09 32.25
C ASP D 451 -12.98 -37.61 32.14
N PHE D 452 -14.01 -37.15 32.84
CA PHE D 452 -14.33 -35.73 32.83
C PHE D 452 -13.25 -34.92 33.52
N ARG D 453 -12.64 -35.46 34.58
CA ARG D 453 -11.53 -34.76 35.23
C ARG D 453 -10.34 -34.61 34.29
N TRP D 454 -10.02 -35.67 33.55
CA TRP D 454 -8.91 -35.59 32.60
C TRP D 454 -9.23 -34.60 31.48
N ALA D 455 -10.46 -34.62 30.98
CA ALA D 455 -10.86 -33.67 29.95
C ALA D 455 -10.78 -32.24 30.46
N LEU D 456 -11.20 -32.01 31.71
CA LEU D 456 -11.08 -30.69 32.31
C LEU D 456 -9.63 -30.27 32.42
N SER D 457 -8.75 -31.22 32.75
CA SER D 457 -7.32 -30.91 32.79
C SER D 457 -6.82 -30.49 31.42
N GLN D 458 -7.27 -31.16 30.37
CA GLN D 458 -6.83 -30.79 29.02
C GLN D 458 -7.63 -29.62 28.47
N SER D 459 -8.75 -29.27 29.11
CA SER D 459 -9.65 -28.27 28.56
C SER D 459 -9.06 -26.87 28.65
N ASN D 460 -9.37 -26.05 27.65
CA ASN D 460 -8.98 -24.65 27.58
C ASN D 460 -9.92 -23.94 26.62
N PRO D 461 -10.32 -22.70 26.95
CA PRO D 461 -11.22 -21.97 26.07
C PRO D 461 -10.62 -21.76 24.68
N SER D 462 -11.48 -21.84 23.66
CA SER D 462 -11.02 -21.66 22.29
C SER D 462 -10.61 -20.22 22.02
N ALA D 463 -11.19 -19.26 22.75
CA ALA D 463 -10.76 -17.87 22.60
C ALA D 463 -9.34 -17.66 23.11
N LEU D 464 -9.01 -18.27 24.25
CA LEU D 464 -7.68 -18.15 24.83
C LEU D 464 -6.72 -19.13 24.20
N ARG D 465 -6.90 -19.65 21.23
CA ARG D 465 -5.89 -20.68 21.37
C ARG D 465 -4.50 -20.06 21.16
N GLU D 466 -4.49 -18.72 21.03
CA GLU D 466 -3.24 -18.03 20.72
C GLU D 466 -2.48 -17.65 21.99
N THR D 467 -3.19 -17.12 22.99
CA THR D 467 -2.56 -16.63 24.21
C THR D 467 -2.40 -17.77 25.21
N VAL D 468 -1.66 -18.79 24.77
CA VAL D 468 -1.39 -19.97 25.59
C VAL D 468 0.13 -20.13 25.70
N VAL D 469 0.62 -20.28 26.93
CA VAL D 469 2.03 -20.50 27.20
C VAL D 469 2.16 -21.67 28.15
N GLU D 470 3.34 -22.30 28.15
CA GLU D 470 3.60 -23.43 29.02
C GLU D 470 4.21 -22.94 30.32
N VAL D 471 3.45 -23.03 31.41
CA VAL D 471 3.87 -22.58 32.73
C VAL D 471 4.69 -23.69 33.38
N PRO D 472 5.78 -23.38 34.09
CA PRO D 472 6.65 -24.44 34.63
C PRO D 472 6.11 -25.18 35.84
N GLN D 473 4.81 -25.09 36.11
CA GLN D 473 4.18 -25.86 37.19
C GLN D 473 4.79 -25.51 38.55
N VAL D 474 4.55 -24.26 38.98
CA VAL D 474 4.92 -23.85 40.32
C VAL D 474 3.68 -23.88 41.22
N THR D 475 3.87 -24.31 42.46
CA THR D 475 2.80 -24.36 43.44
C THR D 475 3.12 -23.41 44.59
N TRP D 476 2.14 -23.22 45.47
CA TRP D 476 2.34 -22.31 46.61
C TRP D 476 3.39 -22.84 47.57
N GLU D 477 3.63 -24.16 47.55
CA GLU D 477 4.66 -24.72 48.42
C GLU D 477 6.05 -24.41 47.90
N ASP D 478 6.18 -24.19 46.58
CA ASP D 478 7.48 -23.87 46.01
C ASP D 478 7.98 -22.51 46.49
N ILE D 479 7.07 -21.65 46.93
CA ILE D 479 7.45 -20.31 47.36
C ILE D 479 7.67 -20.31 48.87
N GLY D 480 8.84 -19.83 49.30
CA GLY D 480 9.14 -19.73 50.71
C GLY D 480 8.93 -18.33 51.24
N GLY D 481 8.22 -18.23 52.37
CA GLY D 481 7.88 -16.93 52.89
C GLY D 481 6.72 -16.30 52.14
N LEU D 482 6.59 -14.99 52.27
CA LEU D 482 5.54 -14.21 51.62
C LEU D 482 4.16 -14.74 51.98
N GLU D 483 3.97 -15.12 53.24
CA GLU D 483 2.70 -15.69 53.67
C GLU D 483 1.57 -14.68 53.56
N ASP D 484 1.83 -13.42 53.93
CA ASP D 484 0.82 -12.38 53.82
C ASP D 484 0.48 -12.09 52.35
N VAL D 485 1.50 -12.07 51.49
CA VAL D 485 1.26 -11.82 50.07
C VAL D 485 0.51 -12.99 49.44
N LYS D 486 0.82 -14.21 49.88
CA LYS D 486 0.13 -15.38 49.34
C LYS D 486 -1.37 -15.33 49.64
N ARG D 487 -1.72 -14.95 50.88
CA ARG D 487 -3.12 -14.91 51.26
C ARG D 487 -3.89 -13.87 50.46
N GLU D 488 -3.30 -12.70 50.24
CA GLU D 488 -3.96 -11.66 49.47
C GLU D 488 -4.19 -12.09 48.02
N LEU D 489 -3.21 -12.77 47.43
CA LEU D 489 -3.33 -13.19 46.04
C LEU D 489 -4.44 -14.23 45.87
N GLN D 490 -4.52 -15.18 46.80
CA GLN D 490 -5.58 -16.19 46.73
C GLN D 490 -6.95 -15.56 46.93
N GLU D 491 -7.07 -14.64 47.91
CA GLU D 491 -8.36 -14.06 48.22
C GLU D 491 -8.85 -13.14 47.12
N LEU D 492 -7.92 -12.52 46.38
CA LEU D 492 -8.31 -11.52 45.39
C LEU D 492 -9.05 -12.16 44.21
N VAL D 493 -8.68 -13.40 43.86
CA VAL D 493 -9.37 -14.08 42.77
C VAL D 493 -10.51 -14.94 43.30
N GLN D 494 -10.33 -15.52 44.49
CA GLN D 494 -11.30 -16.45 45.03
C GLN D 494 -12.58 -15.74 45.49
N TYR D 495 -12.44 -14.63 46.20
CA TYR D 495 -13.61 -13.98 46.79
C TYR D 495 -14.64 -13.50 45.76
N PRO D 496 -14.27 -12.76 44.71
CA PRO D 496 -15.29 -12.34 43.74
C PRO D 496 -15.97 -13.49 43.03
N VAL D 497 -15.29 -14.61 42.86
CA VAL D 497 -15.80 -15.75 42.08
C VAL D 497 -16.63 -16.69 42.94
N GLU D 498 -16.10 -17.10 44.10
CA GLU D 498 -16.78 -18.10 44.90
C GLU D 498 -17.84 -17.47 45.80
N HIS D 499 -17.70 -16.18 46.12
CA HIS D 499 -18.63 -15.48 47.00
C HIS D 499 -19.07 -14.17 46.35
N PRO D 500 -19.82 -14.23 45.25
CA PRO D 500 -20.34 -12.99 44.66
C PRO D 500 -21.44 -12.36 45.49
N ASP D 501 -22.15 -13.17 46.28
CA ASP D 501 -23.27 -12.65 47.06
C ASP D 501 -22.78 -11.83 48.26
N LYS D 502 -21.57 -12.14 48.75
CA LYS D 502 -21.03 -11.40 49.89
C LYS D 502 -20.82 -9.94 49.54
N PHE D 503 -20.33 -9.67 48.33
CA PHE D 503 -20.12 -8.29 47.91
C PHE D 503 -21.44 -7.57 47.69
N LEU D 504 -22.46 -8.30 47.20
CA LEU D 504 -23.77 -7.69 47.00
C LEU D 504 -24.38 -7.27 48.33
N LYS D 505 -24.28 -8.11 49.36
CA LYS D 505 -24.83 -7.77 50.66
C LYS D 505 -24.15 -6.56 51.27
N PHE D 506 -22.82 -6.49 51.15
CA PHE D 506 -22.09 -5.35 51.70
C PHE D 506 -22.10 -4.17 50.72
N GLY D 507 -22.53 -4.41 49.49
CA GLY D 507 -22.78 -3.34 48.54
C GLY D 507 -21.57 -2.68 47.93
N MET D 508 -20.39 -3.33 47.97
CA MET D 508 -19.17 -2.76 47.43
C MET D 508 -18.60 -3.69 46.36
N THR D 509 -18.03 -3.10 45.31
CA THR D 509 -17.45 -3.89 44.23
C THR D 509 -16.09 -4.44 44.65
N PRO D 510 -15.66 -5.55 44.06
CA PRO D 510 -14.34 -6.10 44.41
C PRO D 510 -13.21 -5.25 43.87
N SER D 511 -12.05 -5.41 44.50
CA SER D 511 -10.81 -4.78 44.06
C SER D 511 -10.02 -5.79 43.22
N LYS D 512 -9.58 -5.35 42.04
CA LYS D 512 -8.96 -6.26 41.08
C LYS D 512 -7.71 -5.68 40.42
N GLY D 513 -6.80 -5.10 41.20
CA GLY D 513 -5.53 -4.62 40.68
C GLY D 513 -4.39 -4.84 41.64
N VAL D 514 -3.26 -5.32 41.14
CA VAL D 514 -2.09 -5.61 41.96
C VAL D 514 -0.83 -5.20 41.20
N LEU D 515 0.09 -4.56 41.90
CA LEU D 515 1.42 -4.29 41.37
C LEU D 515 2.46 -4.87 42.31
N PHE D 516 3.36 -5.68 41.77
CA PHE D 516 4.52 -6.21 42.50
C PHE D 516 5.73 -5.37 42.11
N TYR D 517 6.41 -4.81 43.10
CA TYR D 517 7.65 -4.07 42.86
C TYR D 517 8.66 -4.45 43.94
N GLY D 518 9.92 -4.59 43.53
CA GLY D 518 10.97 -4.94 44.45
C GLY D 518 12.27 -5.23 43.75
N PRO D 519 13.30 -5.60 44.51
CA PRO D 519 14.60 -5.93 43.92
C PRO D 519 14.52 -7.21 43.10
N PRO D 520 15.40 -7.39 42.13
CA PRO D 520 15.36 -8.59 41.29
C PRO D 520 15.55 -9.87 42.08
N GLY D 521 14.85 -10.93 41.66
CA GLY D 521 15.05 -12.25 42.21
C GLY D 521 14.35 -12.53 43.51
N CYS D 522 13.33 -11.75 43.88
CA CYS D 522 12.71 -11.87 45.18
C CYS D 522 11.34 -12.55 45.15
N GLY D 523 10.94 -13.10 44.01
CA GLY D 523 9.72 -13.89 43.95
C GLY D 523 8.55 -13.24 43.25
N LYS D 524 8.76 -12.16 42.49
CA LYS D 524 7.64 -11.52 41.81
C LYS D 524 7.04 -12.42 40.74
N THR D 525 7.88 -13.10 39.96
CA THR D 525 7.37 -13.92 38.87
C THR D 525 6.96 -15.30 39.35
N LEU D 526 7.52 -15.76 40.48
CA LEU D 526 7.05 -17.02 41.07
C LEU D 526 5.60 -16.90 41.50
N LEU D 527 5.22 -15.76 42.08
CA LEU D 527 3.84 -15.56 42.53
C LEU D 527 2.87 -15.64 41.36
N ALA D 528 3.29 -15.14 40.20
CA ALA D 528 2.47 -15.26 39.01
C ALA D 528 2.42 -16.69 38.48
N LYS D 529 3.53 -17.42 38.62
CA LYS D 529 3.55 -18.82 38.19
C LYS D 529 2.65 -19.68 39.06
N ALA D 530 2.61 -19.41 40.36
CA ALA D 530 1.72 -20.14 41.25
C ALA D 530 0.26 -19.82 40.95
N ILE D 531 -0.02 -18.56 40.61
CA ILE D 531 -1.37 -18.18 40.22
C ILE D 531 -1.79 -18.88 38.93
N ALA D 532 -0.86 -18.99 37.98
CA ALA D 532 -1.17 -19.63 36.70
C ALA D 532 -1.58 -21.08 36.88
N ASN D 533 -1.16 -21.70 37.98
CA ASN D 533 -1.54 -23.09 38.23
C ASN D 533 -2.65 -23.20 39.26
N GLU D 534 -2.42 -22.67 40.47
CA GLU D 534 -3.30 -22.98 41.59
C GLU D 534 -4.60 -22.21 41.53
N CYS D 535 -4.56 -20.97 41.05
CA CYS D 535 -5.75 -20.13 41.06
C CYS D 535 -6.81 -20.68 40.10
N GLN D 536 -8.08 -20.50 40.49
CA GLN D 536 -9.21 -20.98 39.70
C GLN D 536 -9.79 -19.88 38.82
N ALA D 537 -8.99 -19.42 37.86
CA ALA D 537 -9.41 -18.45 36.87
C ALA D 537 -8.51 -18.57 35.65
N ASN D 538 -8.98 -18.06 34.53
CA ASN D 538 -8.16 -18.03 33.32
C ASN D 538 -6.96 -17.13 33.53
N PHE D 539 -5.86 -17.45 32.85
CA PHE D 539 -4.62 -16.71 32.99
C PHE D 539 -4.10 -16.33 31.61
N ILE D 540 -3.77 -15.05 31.43
CA ILE D 540 -3.12 -14.56 30.24
C ILE D 540 -1.80 -13.91 30.65
N SER D 541 -0.71 -14.37 30.03
CA SER D 541 0.63 -13.87 30.34
C SER D 541 1.07 -12.98 29.19
N ILE D 542 1.52 -11.77 29.52
CA ILE D 542 1.94 -10.78 28.54
C ILE D 542 3.37 -10.37 28.82
N LYS D 543 4.27 -10.69 27.90
CA LYS D 543 5.57 -10.05 27.87
C LYS D 543 5.37 -8.60 27.43
N GLY D 544 6.13 -7.69 28.06
CA GLY D 544 5.88 -6.27 27.89
C GLY D 544 5.86 -5.78 26.47
N PRO D 545 6.98 -5.77 25.77
CA PRO D 545 7.01 -5.17 24.43
C PRO D 545 6.42 -6.03 23.32
N GLU D 546 5.69 -7.09 23.67
CA GLU D 546 5.04 -7.91 22.64
C GLU D 546 4.02 -7.12 21.85
N LEU D 547 3.27 -6.25 22.52
CA LEU D 547 2.11 -5.63 21.90
C LEU D 547 2.49 -4.56 20.90
N LEU D 548 3.71 -4.03 21.01
CA LEU D 548 4.13 -2.91 20.17
C LEU D 548 4.39 -3.37 18.74
N THR D 549 4.08 -2.51 17.78
CA THR D 549 4.14 -2.88 16.37
C THR D 549 4.67 -1.70 15.56
N MET D 550 5.23 -2.01 14.39
CA MET D 550 5.70 -0.99 13.46
C MET D 550 4.60 -0.01 13.08
N TRP D 551 3.40 -0.52 12.83
CA TRP D 551 2.37 0.21 12.11
C TRP D 551 1.69 1.24 13.01
N PHE D 552 0.98 2.16 12.35
CA PHE D 552 0.54 3.39 13.02
C PHE D 552 -0.42 3.11 14.17
N GLY D 553 -1.47 2.35 13.91
CA GLY D 553 -2.50 2.17 14.92
C GLY D 553 -2.64 0.75 15.44
N GLU D 554 -1.71 -0.14 15.05
CA GLU D 554 -1.85 -1.54 15.44
C GLU D 554 -1.34 -1.78 16.85
N SER D 555 -0.45 -0.92 17.35
CA SER D 555 0.04 -1.08 18.71
C SER D 555 -1.08 -0.94 19.72
N GLU D 556 -1.95 0.06 19.54
CA GLU D 556 -3.09 0.24 20.43
C GLU D 556 -4.19 -0.77 20.13
N ALA D 557 -4.24 -1.28 18.90
CA ALA D 557 -5.21 -2.31 18.57
C ALA D 557 -4.89 -3.62 19.28
N ASN D 558 -3.60 -3.90 19.50
CA ASN D 558 -3.21 -5.08 20.25
C ASN D 558 -3.62 -4.96 21.70
N VAL D 559 -3.56 -3.75 22.27
CA VAL D 559 -4.00 -3.55 23.64
C VAL D 559 -5.51 -3.80 23.76
N ARG D 560 -6.29 -3.29 22.81
CA ARG D 560 -7.73 -3.51 22.83
C ARG D 560 -8.06 -4.98 22.67
N GLU D 561 -7.34 -5.68 21.79
CA GLU D 561 -7.62 -7.09 21.55
C GLU D 561 -7.31 -7.95 22.77
N ILE D 562 -6.20 -7.67 23.46
CA ILE D 562 -5.84 -8.49 24.61
C ILE D 562 -6.75 -8.21 25.80
N PHE D 563 -7.26 -6.99 25.91
CA PHE D 563 -8.19 -6.68 26.99
C PHE D 563 -9.58 -7.22 26.69
N ASP D 564 -9.97 -7.25 25.41
CA ASP D 564 -11.25 -7.84 25.04
C ASP D 564 -11.19 -9.35 25.14
N LYS D 565 -10.03 -9.94 24.90
CA LYS D 565 -9.86 -11.37 25.07
C LYS D 565 -9.98 -11.77 26.53
N ALA D 566 -9.53 -10.90 27.44
CA ALA D 566 -9.65 -11.18 28.86
C ALA D 566 -11.08 -11.01 29.36
N ARG D 567 -11.83 -10.10 28.74
CA ARG D 567 -13.22 -9.88 29.14
C ARG D 567 -14.09 -11.06 28.72
N GLN D 568 -13.79 -11.68 27.59
CA GLN D 568 -14.58 -12.81 27.12
C GLN D 568 -14.38 -14.03 28.02
N ALA D 569 -13.17 -14.22 28.51
CA ALA D 569 -12.84 -15.38 29.34
C ALA D 569 -12.89 -15.08 30.83
N ALA D 570 -13.64 -14.07 31.24
CA ALA D 570 -13.75 -13.74 32.65
C ALA D 570 -14.41 -14.88 33.41
N PRO D 571 -13.95 -15.21 34.64
CA PRO D 571 -12.85 -14.55 35.36
C PRO D 571 -11.47 -14.89 34.82
N CYS D 572 -10.72 -13.86 34.43
CA CYS D 572 -9.41 -14.03 33.79
C CYS D 572 -8.40 -13.15 34.50
N VAL D 573 -7.19 -13.66 34.66
CA VAL D 573 -6.08 -12.91 35.26
C VAL D 573 -5.15 -12.47 34.14
N LEU D 574 -4.94 -11.16 34.05
CA LEU D 574 -4.07 -10.56 33.04
C LEU D 574 -2.77 -10.14 33.72
N PHE D 575 -1.67 -10.78 33.34
CA PHE D 575 -0.38 -10.56 33.98
C PHE D 575 0.55 -9.82 33.02
N PHE D 576 1.13 -8.73 33.50
CA PHE D 576 2.09 -7.92 32.74
C PHE D 576 3.45 -8.07 33.41
N ASP D 577 4.31 -8.91 32.82
CA ASP D 577 5.69 -9.00 33.27
C ASP D 577 6.50 -7.84 32.73
N GLN D 578 7.31 -7.23 33.57
CA GLN D 578 8.06 -6.02 33.25
C GLN D 578 7.11 -4.93 32.75
N LEU D 579 6.24 -4.50 33.66
CA LEU D 579 5.21 -3.51 33.30
C LEU D 579 5.82 -2.17 32.93
N ASP D 580 7.02 -1.86 33.42
CA ASP D 580 7.64 -0.56 33.16
C ASP D 580 7.98 -0.39 31.68
N SER D 581 8.05 -1.48 30.94
CA SER D 581 8.30 -1.38 29.50
C SER D 581 7.11 -0.75 28.78
N ILE D 582 5.89 -1.08 29.21
CA ILE D 582 4.70 -0.59 28.52
C ILE D 582 4.15 0.64 29.20
N ALA D 583 4.06 0.62 30.53
CA ALA D 583 3.48 1.72 31.30
C ALA D 583 4.60 2.62 31.78
N LYS D 584 5.02 3.55 30.93
CA LYS D 584 6.06 4.52 31.24
C LYS D 584 5.45 5.91 31.19
N ALA D 585 5.98 6.78 32.05
CA ALA D 585 5.41 8.12 32.22
C ALA D 585 5.40 8.88 30.90
N ARG D 586 4.26 9.50 30.59
CA ARG D 586 4.08 10.18 29.32
C ARG D 586 4.93 11.45 29.25
N GLY D 587 5.36 11.80 28.05
CA GLY D 587 6.18 12.97 27.83
C GLY D 587 7.67 12.76 27.97
N GLY D 588 8.10 11.55 28.34
CA GLY D 588 9.52 11.31 28.52
C GLY D 588 10.31 11.36 27.23
N ASN D 589 9.76 10.82 26.16
CA ASN D 589 10.45 10.67 24.88
C ASN D 589 9.93 11.70 23.89
N ILE D 590 10.85 12.45 23.26
CA ILE D 590 10.45 13.43 22.26
C ILE D 590 9.94 12.75 21.00
N GLY D 591 10.66 11.73 20.53
CA GLY D 591 10.27 11.06 19.30
C GLY D 591 10.24 9.54 19.43
N ASP D 592 9.06 8.95 19.24
CA ASP D 592 8.91 7.50 19.34
C ASP D 592 8.49 6.91 18.00
N GLY D 594 6.16 8.06 16.15
CA GLY D 594 6.01 9.34 16.79
C GLY D 594 4.84 9.39 17.76
N GLY D 595 5.13 9.30 19.05
CA GLY D 595 4.10 9.29 20.06
C GLY D 595 3.41 7.95 20.26
N ALA D 596 3.89 6.90 19.61
CA ALA D 596 3.23 5.59 19.73
C ALA D 596 3.35 5.04 21.13
N ALA D 597 4.50 5.27 21.79
CA ALA D 597 4.68 4.79 23.15
C ALA D 597 3.71 5.48 24.11
N ASP D 598 3.51 6.78 23.96
CA ASP D 598 2.59 7.50 24.82
C ASP D 598 1.14 7.19 24.45
N ARG D 599 0.90 6.78 23.21
CA ARG D 599 -0.46 6.46 22.79
C ARG D 599 -0.89 5.10 23.30
N VAL D 600 0.05 4.17 23.46
CA VAL D 600 -0.28 2.84 23.94
C VAL D 600 -0.75 2.89 25.39
N ILE D 601 -0.06 3.67 26.23
CA ILE D 601 -0.44 3.77 27.63
C ILE D 601 -1.79 4.45 27.79
N ASN D 602 -2.11 5.37 26.87
CA ASN D 602 -3.42 6.03 26.91
C ASN D 602 -4.53 5.03 26.65
N GLN D 603 -4.27 4.04 25.79
CA GLN D 603 -5.27 3.00 25.55
C GLN D 603 -5.49 2.13 26.78
N ILE D 604 -4.42 1.83 27.51
CA ILE D 604 -4.54 0.99 28.70
C ILE D 604 -5.37 1.69 29.77
N LEU D 605 -5.23 3.01 29.87
CA LEU D 605 -5.96 3.78 30.88
C LEU D 605 -7.47 3.65 30.69
N THR D 606 -7.92 3.73 29.43
CA THR D 606 -9.35 3.57 29.15
C THR D 606 -9.80 2.14 29.34
N GLU D 607 -8.94 1.17 29.04
CA GLU D 607 -9.31 -0.24 29.20
C GLU D 607 -9.41 -0.60 30.67
N MET D 608 -8.44 -0.16 31.48
CA MET D 608 -8.44 -0.52 32.90
C MET D 608 -9.57 0.18 33.63
N ASP D 609 -9.81 1.45 33.32
CA ASP D 609 -10.86 2.23 33.97
C ASP D 609 -11.38 3.26 32.98
N GLY D 610 -12.54 2.97 32.40
CA GLY D 610 -13.15 3.88 31.45
C GLY D 610 -14.65 3.87 31.63
N MET D 611 -15.36 4.21 30.57
CA MET D 611 -16.82 4.23 30.60
C MET D 611 -17.37 2.89 30.09
N SER D 612 -17.14 1.86 30.90
CA SER D 612 -17.65 0.53 30.60
C SER D 612 -17.83 -0.22 31.91
N THR D 613 -18.75 -1.18 31.89
CA THR D 613 -19.02 -1.96 33.10
C THR D 613 -17.83 -2.88 33.39
N LYS D 614 -17.37 -2.86 34.64
CA LYS D 614 -16.24 -3.67 35.03
C LYS D 614 -16.61 -5.15 35.04
N LYS D 615 -15.69 -5.98 34.58
CA LYS D 615 -15.86 -7.42 34.57
C LYS D 615 -14.90 -8.04 35.56
N ASN D 616 -14.96 -9.37 35.70
CA ASN D 616 -14.06 -10.07 36.60
C ASN D 616 -12.70 -10.29 35.94
N VAL D 617 -12.04 -9.21 35.57
CA VAL D 617 -10.72 -9.26 34.97
C VAL D 617 -9.74 -8.67 35.98
N PHE D 618 -8.80 -9.49 36.44
CA PHE D 618 -7.83 -9.11 37.44
C PHE D 618 -6.50 -8.84 36.75
N ILE D 619 -5.95 -7.65 36.95
CA ILE D 619 -4.73 -7.22 36.28
C ILE D 619 -3.61 -7.18 37.32
N ILE D 620 -2.54 -7.94 37.07
CA ILE D 620 -1.39 -8.00 37.95
C ILE D 620 -0.17 -7.60 37.15
N GLY D 621 0.63 -6.69 37.71
CA GLY D 621 1.86 -6.26 37.06
C GLY D 621 3.06 -6.39 37.95
N ALA D 622 4.17 -6.86 37.39
CA ALA D 622 5.44 -6.96 38.10
C ALA D 622 6.43 -6.00 37.46
N THR D 623 6.95 -5.06 38.25
CA THR D 623 7.87 -4.06 37.76
C THR D 623 9.14 -4.07 38.61
N ASN D 624 10.28 -3.85 37.98
CA ASN D 624 11.54 -3.79 38.72
C ASN D 624 11.84 -2.37 39.14
N ARG D 625 11.36 -1.38 38.38
CA ARG D 625 11.58 0.02 38.69
C ARG D 625 10.23 0.72 38.69
N PRO D 626 9.54 0.81 39.83
CA PRO D 626 8.22 1.46 39.87
C PRO D 626 8.27 2.99 39.88
N ASP D 627 9.45 3.59 39.98
CA ASP D 627 9.54 5.05 40.00
C ASP D 627 9.21 5.65 38.65
N ILE D 628 9.36 4.87 37.56
CA ILE D 628 9.09 5.39 36.23
C ILE D 628 7.69 5.06 35.73
N ILE D 629 6.88 4.37 36.52
CA ILE D 629 5.53 4.05 36.10
C ILE D 629 4.68 5.32 36.09
N ASP D 630 3.80 5.41 35.11
CA ASP D 630 2.90 6.56 35.01
C ASP D 630 2.00 6.61 36.24
N PRO D 631 1.87 7.77 36.89
CA PRO D 631 1.01 7.85 38.09
C PRO D 631 -0.45 7.52 37.82
N ALA D 632 -0.90 7.67 36.57
CA ALA D 632 -2.28 7.32 36.24
C ALA D 632 -2.53 5.82 36.38
N ILE D 633 -1.50 5.02 36.09
CA ILE D 633 -1.63 3.57 36.23
C ILE D 633 -1.80 3.17 37.68
N LEU D 634 -1.13 3.88 38.59
CA LEU D 634 -1.02 3.42 39.97
C LEU D 634 -2.19 3.89 40.83
N ARG D 635 -3.11 4.68 40.29
CA ARG D 635 -4.23 5.15 41.09
C ARG D 635 -5.17 3.98 41.41
N PRO D 636 -5.91 4.05 42.51
CA PRO D 636 -6.90 3.01 42.80
C PRO D 636 -7.98 2.94 41.74
N GLY D 637 -8.49 1.74 41.51
CA GLY D 637 -9.36 1.47 40.40
C GLY D 637 -8.65 0.89 39.20
N ARG D 638 -7.34 1.06 39.11
CA ARG D 638 -6.53 0.42 38.08
C ARG D 638 -5.53 -0.56 38.67
N LEU D 639 -4.64 -0.09 39.54
CA LEU D 639 -3.62 -0.93 40.20
C LEU D 639 -3.59 -0.57 41.68
N ASP D 640 -4.76 -0.60 42.31
CA ASP D 640 -4.94 -0.02 43.64
C ASP D 640 -3.99 -0.62 44.68
N GLN D 641 -3.80 -1.92 44.65
CA GLN D 641 -2.94 -2.58 45.65
C GLN D 641 -1.51 -2.64 45.13
N LEU D 642 -0.61 -1.90 45.78
CA LEU D 642 0.82 -1.97 45.54
C LEU D 642 1.45 -2.80 46.64
N ILE D 643 2.04 -3.92 46.26
CA ILE D 643 2.66 -4.85 47.21
C ILE D 643 4.16 -4.81 46.99
N TYR D 644 4.90 -4.57 48.06
CA TYR D 644 6.36 -4.48 48.00
C TYR D 644 6.94 -5.82 48.46
N ILE D 645 7.75 -6.42 47.59
CA ILE D 645 8.36 -7.73 47.86
C ILE D 645 9.84 -7.49 48.16
N PRO D 646 10.25 -7.46 49.42
CA PRO D 646 11.62 -7.09 49.76
C PRO D 646 12.55 -8.30 49.74
N LEU D 647 13.80 -8.04 50.09
CA LEU D 647 14.74 -9.13 50.30
C LEU D 647 14.26 -9.99 51.46
N PRO D 648 14.36 -11.31 51.37
CA PRO D 648 13.89 -12.17 52.46
C PRO D 648 14.68 -11.92 53.74
N ASP D 649 13.97 -11.97 54.87
CA ASP D 649 14.64 -11.90 56.15
C ASP D 649 15.08 -13.29 56.62
N GLU D 650 15.57 -13.36 57.85
CA GLU D 650 16.17 -14.60 58.32
C GLU D 650 15.16 -15.74 58.35
N LYS D 651 13.94 -15.46 58.81
CA LYS D 651 12.90 -16.50 58.81
C LYS D 651 12.53 -16.92 57.40
N SER D 652 12.44 -15.96 56.47
CA SER D 652 12.07 -16.29 55.11
C SER D 652 13.18 -17.07 54.40
N ARG D 653 14.44 -16.74 54.68
CA ARG D 653 15.55 -17.41 54.01
C ARG D 653 15.60 -18.90 54.38
N VAL D 654 15.24 -19.25 55.61
CA VAL D 654 15.14 -20.64 55.99
C VAL D 654 14.05 -21.33 55.16
N ALA D 655 12.91 -20.66 55.01
CA ALA D 655 11.82 -21.21 54.22
C ALA D 655 12.21 -21.37 52.76
N ILE D 656 12.95 -20.39 52.22
CA ILE D 656 13.40 -20.48 50.84
C ILE D 656 14.37 -21.65 50.67
N LEU D 657 15.29 -21.82 51.61
CA LEU D 657 16.25 -22.92 51.52
C LEU D 657 15.55 -24.27 51.62
N LYS D 658 14.56 -24.39 52.51
CA LYS D 658 13.82 -25.64 52.63
C LYS D 658 13.04 -25.95 51.35
N ALA D 659 12.40 -24.93 50.77
CA ALA D 659 11.57 -25.16 49.60
C ALA D 659 12.38 -25.67 48.42
N ASN D 660 13.61 -25.17 48.26
CA ASN D 660 14.48 -25.63 47.19
C ASN D 660 14.90 -27.08 47.40
N LEU D 661 15.04 -27.50 48.67
CA LEU D 661 15.58 -28.81 49.00
C LEU D 661 14.51 -29.85 49.33
N ARG D 662 13.23 -29.57 49.04
CA ARG D 662 12.18 -30.53 49.37
C ARG D 662 12.33 -31.81 48.55
N LYS D 663 12.60 -31.67 47.25
CA LYS D 663 12.69 -32.83 46.36
C LYS D 663 14.13 -33.27 46.11
N SER D 664 15.09 -32.73 46.85
CA SER D 664 16.49 -33.05 46.67
C SER D 664 16.99 -33.92 47.81
N PRO D 665 17.80 -34.93 47.53
CA PRO D 665 18.38 -35.73 48.63
C PRO D 665 19.61 -35.05 49.23
N VAL D 666 19.45 -34.58 50.47
CA VAL D 666 20.48 -33.81 51.15
C VAL D 666 20.77 -34.48 52.49
N ALA D 667 22.05 -34.47 52.88
CA ALA D 667 22.47 -35.10 54.12
C ALA D 667 21.80 -34.42 55.32
N LYS D 668 21.48 -35.23 56.33
CA LYS D 668 20.84 -34.70 57.54
C LYS D 668 21.80 -33.79 58.30
N ASP D 669 23.10 -33.92 58.04
CA ASP D 669 24.10 -33.12 58.74
C ASP D 669 23.92 -31.64 58.43
N VAL D 670 23.66 -31.32 57.15
CA VAL D 670 23.50 -29.94 56.71
C VAL D 670 22.32 -29.29 57.42
N ASP D 671 22.57 -28.18 58.12
CA ASP D 671 21.53 -27.43 58.83
C ASP D 671 21.25 -26.15 58.07
N LEU D 672 19.98 -25.95 57.69
CA LEU D 672 19.62 -24.77 56.91
C LEU D 672 19.53 -23.53 57.78
N GLU D 673 19.38 -23.71 59.10
CA GLU D 673 19.23 -22.58 60.00
C GLU D 673 20.51 -21.76 60.07
N PHE D 674 21.66 -22.43 60.08
CA PHE D 674 22.94 -21.71 60.09
C PHE D 674 23.24 -21.07 58.74
N LEU D 675 22.88 -21.75 57.65
CA LEU D 675 23.17 -21.22 56.33
C LEU D 675 22.40 -19.92 56.07
N ALA D 676 21.14 -19.86 56.54
CA ALA D 676 20.35 -18.64 56.37
C ALA D 676 20.89 -17.51 57.23
N LYS D 677 21.48 -17.84 58.37
CA LYS D 677 22.00 -16.81 59.27
C LYS D 677 23.17 -16.07 58.65
N MET D 678 24.04 -16.78 57.93
CA MET D 678 25.21 -16.15 57.35
C MET D 678 24.86 -15.28 56.15
N THR D 679 23.98 -15.78 55.28
CA THR D 679 23.53 -15.02 54.11
C THR D 679 22.49 -14.00 54.56
N ASN D 680 22.88 -12.73 54.64
CA ASN D 680 22.00 -11.69 55.14
C ASN D 680 21.28 -10.91 54.05
N GLY D 681 22.00 -10.34 53.11
CA GLY D 681 21.40 -9.62 52.01
C GLY D 681 21.10 -10.44 50.78
N PHE D 682 21.20 -11.77 50.88
CA PHE D 682 20.97 -12.64 49.75
C PHE D 682 19.50 -12.61 49.35
N SER D 683 19.23 -12.66 48.04
CA SER D 683 17.87 -12.73 47.56
C SER D 683 17.44 -14.20 47.40
N GLY D 684 16.21 -14.39 46.93
CA GLY D 684 15.74 -15.74 46.67
C GLY D 684 16.50 -16.42 45.56
N ALA D 685 16.89 -15.65 44.55
CA ALA D 685 17.69 -16.22 43.46
C ALA D 685 19.10 -16.57 43.94
N ASP D 686 19.64 -15.77 44.86
CA ASP D 686 20.96 -16.06 45.39
C ASP D 686 20.96 -17.36 46.19
N LEU D 687 19.93 -17.57 47.00
CA LEU D 687 19.83 -18.80 47.78
C LEU D 687 19.69 -20.03 46.87
N THR D 688 18.94 -19.89 45.79
CA THR D 688 18.81 -20.98 44.83
C THR D 688 20.14 -21.26 44.15
N GLU D 689 20.90 -20.21 43.83
CA GLU D 689 22.20 -20.40 43.19
C GLU D 689 23.17 -21.15 44.11
N ILE D 690 23.07 -20.91 45.42
CA ILE D 690 23.89 -21.67 46.37
C ILE D 690 23.55 -23.15 46.30
N CYS D 691 22.26 -23.47 46.26
CA CYS D 691 21.84 -24.87 46.21
C CYS D 691 22.22 -25.51 44.89
N GLN D 692 22.05 -24.80 43.78
CA GLN D 692 22.37 -25.36 42.47
C GLN D 692 23.86 -25.64 42.34
N ARG D 693 24.71 -24.73 42.85
CA ARG D 693 26.14 -24.95 42.75
C ARG D 693 26.59 -26.12 43.61
N ALA D 694 25.96 -26.32 44.77
CA ALA D 694 26.26 -27.49 45.59
C ALA D 694 25.91 -28.77 44.85
N CYS D 695 24.79 -28.78 44.13
CA CYS D 695 24.43 -29.93 43.31
C CYS D 695 25.44 -30.19 42.21
N LYS D 696 25.93 -29.12 41.57
CA LYS D 696 26.90 -29.27 40.50
C LYS D 696 28.22 -29.85 41.03
N LEU D 697 28.63 -29.43 42.23
CA LEU D 697 29.82 -30.01 42.85
C LEU D 697 29.59 -31.48 43.16
N ALA D 698 28.39 -31.83 43.62
CA ALA D 698 28.08 -33.23 43.90
C ALA D 698 28.05 -34.05 42.61
N ILE D 699 27.52 -33.47 41.53
CA ILE D 699 27.51 -34.18 40.24
C ILE D 699 28.92 -34.34 39.70
N ARG D 700 29.75 -33.31 39.88
CA ARG D 700 31.13 -33.40 39.41
C ARG D 700 31.88 -34.54 40.09
N GLU D 701 31.70 -34.68 41.40
CA GLU D 701 32.34 -35.77 42.12
C GLU D 701 31.77 -37.12 41.70
N SER D 702 30.46 -37.18 41.46
CA SER D 702 29.84 -38.44 41.04
C SER D 702 30.35 -38.89 39.69
N ILE D 703 30.51 -37.95 38.75
CA ILE D 703 31.03 -38.30 37.43
C ILE D 703 32.47 -38.77 37.52
N GLU D 704 33.28 -38.11 38.35
CA GLU D 704 34.68 -38.50 38.49
C GLU D 704 34.81 -39.90 39.06
N SER D 705 33.96 -40.26 40.02
CA SER D 705 34.01 -41.60 40.60
C SER D 705 33.70 -42.67 39.57
N GLU D 706 32.71 -42.42 38.71
CA GLU D 706 32.36 -43.39 37.67
C GLU D 706 33.52 -43.58 36.69
N ILE D 707 34.19 -42.49 36.32
CA ILE D 707 35.38 -42.59 35.49
C ILE D 707 36.47 -43.35 36.23
N ARG D 708 36.61 -43.08 37.53
CA ARG D 708 37.61 -43.77 38.34
C ARG D 708 37.35 -45.27 38.39
N ARG D 709 36.09 -45.67 38.59
CA ARG D 709 35.77 -47.10 38.67
C ARG D 709 35.93 -47.77 37.31
N GLU D 710 35.55 -47.08 36.23
CA GLU D 710 35.76 -47.64 34.90
C GLU D 710 37.24 -47.76 34.57
N ARG D 711 38.04 -46.78 35.02
CA ARG D 711 39.48 -46.83 34.76
C ARG D 711 40.13 -48.02 35.45
N GLU D 712 39.78 -48.26 36.72
CA GLU D 712 40.42 -49.35 37.46
C GLU D 712 39.91 -50.71 37.00
N ARG D 713 38.66 -50.76 36.52
CA ARG D 713 38.13 -52.03 36.00
C ARG D 713 38.88 -52.47 34.76
N GLN D 714 39.23 -51.54 33.89
CA GLN D 714 40.01 -51.85 32.69
C GLN D 714 41.49 -51.54 32.91
N PRO D 727 28.32 -44.15 45.81
CA PRO D 727 29.33 -43.10 45.64
C PRO D 727 28.92 -41.79 46.31
N VAL D 728 27.99 -41.07 45.69
CA VAL D 728 27.48 -39.82 46.25
C VAL D 728 25.96 -39.91 46.29
N PRO D 729 25.38 -40.59 47.28
CA PRO D 729 23.91 -40.70 47.34
C PRO D 729 23.21 -39.37 47.52
N GLU D 730 23.83 -38.43 48.24
CA GLU D 730 23.18 -37.18 48.61
C GLU D 730 24.20 -36.05 48.69
N ILE D 731 23.70 -34.82 48.63
CA ILE D 731 24.56 -33.66 48.78
C ILE D 731 25.05 -33.58 50.22
N ARG D 732 26.37 -33.50 50.39
CA ARG D 732 26.99 -33.55 51.70
C ARG D 732 27.26 -32.15 52.24
N ARG D 733 27.76 -32.11 53.47
CA ARG D 733 28.05 -30.85 54.13
C ARG D 733 29.19 -30.10 53.44
N ASP D 734 30.20 -30.83 52.99
CA ASP D 734 31.36 -30.18 52.36
C ASP D 734 31.01 -29.59 51.00
N HIS D 735 29.97 -30.13 50.35
CA HIS D 735 29.54 -29.57 49.07
C HIS D 735 28.97 -28.17 49.24
N PHE D 736 28.21 -27.95 50.32
CA PHE D 736 27.63 -26.63 50.55
C PHE D 736 28.69 -25.62 50.97
N GLU D 737 29.72 -26.07 51.69
CA GLU D 737 30.78 -25.16 52.11
C GLU D 737 31.55 -24.63 50.90
N GLU D 738 31.87 -25.49 49.94
CA GLU D 738 32.60 -25.05 48.77
C GLU D 738 31.73 -24.17 47.88
N ALA D 739 30.43 -24.44 47.81
CA ALA D 739 29.53 -23.61 47.02
C ALA D 739 29.37 -22.23 47.63
N MET D 740 29.57 -22.12 48.95
CA MET D 740 29.36 -20.85 49.64
C MET D 740 30.46 -19.84 49.34
N ARG D 741 31.67 -20.32 49.04
CA ARG D 741 32.77 -19.40 48.77
C ARG D 741 32.57 -18.66 47.45
N PHE D 742 31.76 -19.21 46.55
CA PHE D 742 31.51 -18.55 45.28
C PHE D 742 30.27 -17.66 45.35
N ALA D 743 29.52 -17.75 46.45
CA ALA D 743 28.28 -17.00 46.58
C ALA D 743 28.56 -15.51 46.72
N ARG D 744 27.61 -14.69 46.26
CA ARG D 744 27.71 -13.24 46.32
C ARG D 744 26.32 -12.62 46.32
N ARG D 745 26.25 -11.41 46.88
CA ARG D 745 24.99 -10.68 46.95
C ARG D 745 24.72 -10.00 45.61
N SER D 746 23.58 -10.33 45.00
CA SER D 746 23.26 -9.80 43.68
C SER D 746 22.79 -8.35 43.75
N VAL D 747 22.02 -8.00 44.79
CA VAL D 747 21.46 -6.67 44.93
C VAL D 747 22.30 -5.91 45.95
N SER D 748 22.93 -4.82 45.50
CA SER D 748 23.80 -4.05 46.36
C SER D 748 22.99 -3.16 47.31
N ASP D 749 23.69 -2.62 48.31
CA ASP D 749 23.03 -1.76 49.29
C ASP D 749 22.51 -0.48 48.65
N ASN D 750 23.24 0.05 47.67
CA ASN D 750 22.76 1.23 46.96
C ASN D 750 21.47 0.92 46.20
N ASP D 751 21.38 -0.27 45.62
CA ASP D 751 20.15 -0.66 44.92
C ASP D 751 18.99 -0.81 45.89
N ILE D 752 19.26 -1.27 47.11
CA ILE D 752 18.19 -1.40 48.10
C ILE D 752 17.58 -0.05 48.42
N ARG D 753 18.43 0.96 48.66
CA ARG D 753 17.93 2.24 49.17
C ARG D 753 16.92 2.85 48.21
N LYS D 754 16.95 2.47 46.94
CA LYS D 754 15.98 2.98 45.98
C LYS D 754 14.58 2.46 46.28
N TYR D 755 14.46 1.18 46.66
CA TYR D 755 13.14 0.58 46.81
C TYR D 755 12.42 1.06 48.07
N GLU D 756 13.12 1.13 49.20
CA GLU D 756 12.48 1.70 50.39
C GLU D 756 12.18 3.17 50.21
N MET D 757 12.99 3.88 49.42
CA MET D 757 12.73 5.29 49.15
C MET D 757 11.38 5.45 48.47
N PHE D 758 11.07 4.61 47.48
CA PHE D 758 9.75 4.62 46.87
C PHE D 758 8.70 4.17 47.88
N ALA D 759 9.02 3.16 48.69
CA ALA D 759 8.06 2.66 49.68
C ALA D 759 7.84 3.67 50.79
N GLN D 760 8.89 4.40 51.18
CA GLN D 760 8.75 5.38 52.26
C GLN D 760 7.79 6.50 51.88
N THR D 761 7.80 6.92 50.61
CA THR D 761 6.84 7.93 50.17
C THR D 761 5.41 7.42 50.31
N LEU D 762 5.17 6.15 49.99
CA LEU D 762 3.85 5.58 50.16
C LEU D 762 3.41 5.60 51.62
N GLN D 763 4.32 5.22 52.52
CA GLN D 763 3.99 5.23 53.94
C GLN D 763 3.80 6.66 54.46
N GLN D 764 4.68 7.58 54.05
CA GLN D 764 4.59 8.95 54.55
C GLN D 764 3.40 9.69 53.95
N SER D 765 2.96 9.30 52.76
CA SER D 765 1.84 9.98 52.12
C SER D 765 0.51 9.71 52.82
N ARG D 766 0.42 8.62 53.59
CA ARG D 766 -0.83 8.29 54.25
C ARG D 766 -1.20 9.28 55.35
N GLY D 767 -0.27 10.15 55.74
CA GLY D 767 -0.48 11.12 56.78
C GLY D 767 0.19 10.80 58.10
N PHE D 768 0.92 9.68 58.17
CA PHE D 768 1.74 9.30 59.32
C PHE D 768 0.89 8.88 60.51
N GLY D 769 1.46 8.10 61.41
CA GLY D 769 0.77 7.67 62.62
C GLY D 769 -0.15 6.48 62.39
N SER D 770 -0.65 5.95 63.51
CA SER D 770 -1.59 4.84 63.49
C SER D 770 -2.99 5.38 63.66
N PHE D 771 -3.87 5.05 62.72
CA PHE D 771 -5.23 5.59 62.75
C PHE D 771 -6.06 4.92 63.83
N ARG D 772 -6.65 5.74 64.70
CA ARG D 772 -7.57 5.28 65.73
C ARG D 772 -8.76 6.24 65.76
N PHE D 773 -9.96 5.68 65.86
CA PHE D 773 -11.14 6.53 66.01
C PHE D 773 -11.19 7.10 67.42
N PRO D 774 -11.61 8.36 67.57
CA PRO D 774 -11.73 8.92 68.92
C PRO D 774 -12.87 8.29 69.69
N SER D 775 -12.56 7.77 70.87
CA SER D 775 -13.56 7.15 71.73
C SER D 775 -13.05 7.06 73.17
N LEU E 12 -46.54 30.50 2.95
CA LEU E 12 -46.46 30.62 1.50
C LEU E 12 -45.67 29.45 0.90
N SER E 13 -44.69 28.97 1.67
CA SER E 13 -43.89 27.83 1.21
C SER E 13 -44.73 26.58 1.07
N THR E 14 -45.65 26.35 2.01
CA THR E 14 -46.51 25.17 2.00
C THR E 14 -47.93 25.48 1.54
N ALA E 15 -48.11 26.56 0.77
CA ALA E 15 -49.45 26.92 0.33
C ALA E 15 -50.03 25.91 -0.65
N ILE E 16 -49.16 25.14 -1.32
CA ILE E 16 -49.62 24.15 -2.29
C ILE E 16 -50.36 23.01 -1.58
N LEU E 17 -49.87 22.61 -0.40
CA LEU E 17 -50.46 21.47 0.28
C LEU E 17 -51.81 21.82 0.91
N LYS E 18 -52.15 23.10 0.95
CA LYS E 18 -53.43 23.51 1.53
C LYS E 18 -54.59 22.97 0.71
N GLN E 19 -55.61 22.47 1.41
CA GLN E 19 -56.75 21.86 0.71
C GLN E 19 -57.65 22.91 0.08
N LYS E 20 -57.59 24.15 0.58
CA LYS E 20 -58.36 25.28 0.07
C LYS E 20 -59.84 25.13 0.40
N ASN E 21 -60.58 26.25 0.40
CA ASN E 21 -61.98 26.26 0.78
C ASN E 21 -62.92 26.32 -0.41
N ARG E 22 -62.57 25.65 -1.50
CA ARG E 22 -63.46 25.57 -2.65
C ARG E 22 -64.74 24.82 -2.25
N PRO E 23 -65.90 25.21 -2.79
CA PRO E 23 -67.16 24.56 -2.37
C PRO E 23 -67.21 23.07 -2.62
N ASN E 24 -66.43 22.57 -3.58
CA ASN E 24 -66.40 21.14 -3.87
C ASN E 24 -65.89 20.35 -2.66
N ARG E 25 -65.12 21.00 -1.79
CA ARG E 25 -64.59 20.32 -0.61
C ARG E 25 -65.71 20.02 0.38
N LEU E 26 -65.66 18.83 0.99
CA LEU E 26 -66.67 18.39 1.94
C LEU E 26 -65.99 17.67 3.10
N ILE E 27 -66.62 17.70 4.27
CA ILE E 27 -66.12 16.95 5.41
C ILE E 27 -66.85 15.63 5.52
N VAL E 28 -66.08 14.53 5.62
CA VAL E 28 -66.69 13.21 5.74
C VAL E 28 -67.42 13.10 7.07
N ASP E 29 -68.67 12.68 7.03
CA ASP E 29 -69.51 12.56 8.21
C ASP E 29 -70.28 11.24 8.16
N GLU E 30 -70.71 10.80 9.34
CA GLU E 30 -71.44 9.54 9.45
C GLU E 30 -72.79 9.62 8.75
N ALA E 31 -73.19 8.51 8.14
CA ALA E 31 -74.48 8.42 7.49
C ALA E 31 -75.54 7.92 8.48
N ILE E 32 -76.79 8.27 8.20
CA ILE E 32 -77.90 7.88 9.07
C ILE E 32 -78.69 6.74 8.41
N ASN E 33 -79.22 7.00 7.22
CA ASN E 33 -79.98 6.02 6.48
C ASN E 33 -79.45 5.79 5.07
N GLU E 34 -78.31 6.38 4.73
CA GLU E 34 -77.77 6.26 3.39
C GLU E 34 -77.25 4.85 3.14
N ASP E 35 -77.50 4.34 1.93
CA ASP E 35 -77.00 3.03 1.54
C ASP E 35 -75.64 3.19 0.85
N ASN E 36 -75.18 2.12 0.19
CA ASN E 36 -73.88 2.16 -0.46
C ASN E 36 -73.88 3.00 -1.73
N SER E 37 -75.04 3.43 -2.20
CA SER E 37 -75.15 4.11 -3.50
C SER E 37 -75.62 5.56 -3.40
N VAL E 38 -75.85 6.09 -2.20
CA VAL E 38 -76.31 7.47 -2.06
C VAL E 38 -75.43 8.21 -1.05
N VAL E 39 -75.38 9.53 -1.21
CA VAL E 39 -74.74 10.45 -0.28
C VAL E 39 -75.68 11.62 -0.05
N SER E 40 -75.46 12.33 1.06
CA SER E 40 -76.34 13.42 1.45
C SER E 40 -75.56 14.71 1.65
N LEU E 41 -76.15 15.82 1.17
CA LEU E 41 -75.61 17.15 1.35
C LEU E 41 -76.72 18.09 1.80
N SER E 42 -76.33 19.20 2.43
CA SER E 42 -77.31 20.14 2.92
C SER E 42 -77.98 20.89 1.78
N GLN E 43 -79.19 21.38 2.05
CA GLN E 43 -79.90 22.19 1.07
C GLN E 43 -79.11 23.42 0.61
N PRO E 44 -78.58 24.27 1.51
CA PRO E 44 -77.76 25.39 1.01
C PRO E 44 -76.50 24.94 0.28
N LYS E 45 -75.91 23.82 0.68
CA LYS E 45 -74.67 23.36 0.04
C LYS E 45 -74.93 22.90 -1.39
N MET E 46 -76.02 22.18 -1.61
CA MET E 46 -76.37 21.76 -2.97
C MET E 46 -76.89 22.94 -3.78
N ASP E 47 -77.39 23.98 -3.10
CA ASP E 47 -77.67 25.23 -3.80
C ASP E 47 -76.38 25.90 -4.28
N GLU E 48 -75.34 25.87 -3.46
CA GLU E 48 -74.08 26.53 -3.82
C GLU E 48 -73.38 25.81 -4.97
N LEU E 49 -73.46 24.48 -4.99
CA LEU E 49 -72.79 23.67 -6.00
C LEU E 49 -73.59 23.54 -7.28
N GLN E 50 -74.81 24.05 -7.33
CA GLN E 50 -75.71 23.88 -8.48
C GLN E 50 -75.91 22.40 -8.81
N LEU E 51 -76.04 21.59 -7.78
CA LEU E 51 -76.38 20.17 -7.90
C LEU E 51 -77.85 19.97 -7.58
N PHE E 52 -78.43 18.91 -8.13
CA PHE E 52 -79.84 18.58 -7.90
C PHE E 52 -79.97 17.25 -7.18
N ARG E 53 -81.11 17.06 -6.51
CA ARG E 53 -81.39 15.79 -5.87
C ARG E 53 -81.61 14.70 -6.92
N GLY E 54 -80.97 13.55 -6.72
CA GLY E 54 -81.01 12.46 -7.67
C GLY E 54 -79.89 12.49 -8.69
N ASP E 55 -79.12 13.56 -8.74
CA ASP E 55 -78.00 13.64 -9.67
C ASP E 55 -76.89 12.69 -9.25
N THR E 56 -76.16 12.17 -10.24
CA THR E 56 -74.98 11.38 -9.97
C THR E 56 -73.75 12.28 -9.87
N VAL E 57 -72.88 11.98 -8.92
CA VAL E 57 -71.69 12.78 -8.67
C VAL E 57 -70.47 11.87 -8.63
N LEU E 58 -69.31 12.45 -8.87
CA LEU E 58 -68.03 11.75 -8.81
C LEU E 58 -67.31 12.18 -7.54
N LEU E 59 -67.00 11.22 -6.68
CA LEU E 59 -66.34 11.48 -5.41
C LEU E 59 -64.87 11.06 -5.50
N LYS E 60 -63.99 11.98 -5.14
CA LYS E 60 -62.55 11.76 -5.18
C LYS E 60 -61.98 11.78 -3.78
N GLY E 61 -61.19 10.77 -3.44
CA GLY E 61 -60.59 10.67 -2.13
C GLY E 61 -59.08 10.49 -2.16
N LYS E 62 -58.53 9.90 -1.11
CA LYS E 62 -57.09 9.69 -1.01
C LYS E 62 -56.65 8.54 -1.90
N LYS E 63 -55.37 8.58 -2.28
CA LYS E 63 -54.73 7.51 -3.07
C LYS E 63 -55.47 7.27 -4.38
N ARG E 64 -55.98 8.36 -4.95
CA ARG E 64 -56.59 8.37 -6.29
C ARG E 64 -57.72 7.35 -6.40
N ARG E 65 -58.59 7.34 -5.40
CA ARG E 65 -59.75 6.45 -5.37
C ARG E 65 -60.99 7.25 -5.71
N GLU E 66 -61.80 6.71 -6.62
CA GLU E 66 -63.00 7.39 -7.10
C GLU E 66 -64.23 6.54 -6.82
N ALA E 67 -65.31 7.21 -6.41
CA ALA E 67 -66.58 6.57 -6.13
C ALA E 67 -67.70 7.40 -6.71
N VAL E 68 -68.71 6.72 -7.25
CA VAL E 68 -69.87 7.38 -7.85
C VAL E 68 -71.12 6.99 -7.06
N CYS E 69 -71.90 7.99 -6.68
CA CYS E 69 -73.11 7.78 -5.89
C CYS E 69 -74.12 8.86 -6.24
N ILE E 70 -75.34 8.67 -5.78
CA ILE E 70 -76.42 9.62 -6.01
C ILE E 70 -76.52 10.56 -4.83
N VAL E 71 -76.43 11.86 -5.10
CA VAL E 71 -76.45 12.89 -4.07
C VAL E 71 -77.89 13.13 -3.65
N LEU E 72 -78.12 13.21 -2.33
CA LEU E 72 -79.44 13.46 -1.77
C LEU E 72 -79.36 14.66 -0.84
N SER E 73 -80.49 15.00 -0.25
CA SER E 73 -80.61 16.13 0.66
C SER E 73 -80.93 15.65 2.07
N ASP E 74 -80.34 16.32 3.05
CA ASP E 74 -80.60 16.02 4.46
C ASP E 74 -80.65 17.34 5.22
N ASP E 75 -81.76 17.58 5.90
CA ASP E 75 -81.93 18.81 6.66
C ASP E 75 -81.05 18.87 7.91
N THR E 76 -80.72 17.73 8.50
CA THR E 76 -79.89 17.69 9.69
C THR E 76 -78.39 17.62 9.38
N CYS E 77 -78.03 17.52 8.10
CA CYS E 77 -76.63 17.48 7.72
C CYS E 77 -76.04 18.87 7.71
N SER E 78 -74.80 18.98 8.18
CA SER E 78 -74.11 20.27 8.19
C SER E 78 -73.79 20.71 6.77
N ASP E 79 -73.63 22.03 6.60
CA ASP E 79 -73.34 22.58 5.28
C ASP E 79 -71.99 22.08 4.75
N GLU E 80 -70.99 22.03 5.62
CA GLU E 80 -69.64 21.64 5.23
C GLU E 80 -69.41 20.13 5.31
N LYS E 81 -70.42 19.36 5.70
CA LYS E 81 -70.27 17.93 5.89
C LYS E 81 -71.17 17.17 4.92
N ILE E 82 -70.76 15.94 4.64
CA ILE E 82 -71.48 15.03 3.74
C ILE E 82 -71.75 13.74 4.49
N ARG E 83 -72.97 13.23 4.37
CA ARG E 83 -73.33 11.98 5.02
C ARG E 83 -73.17 10.82 4.05
N MET E 84 -72.33 9.86 4.42
CA MET E 84 -71.92 8.76 3.57
C MET E 84 -71.39 7.63 4.45
N ASN E 85 -71.71 6.40 4.07
CA ASN E 85 -71.57 5.25 4.96
C ASN E 85 -70.15 4.68 4.92
N ARG E 86 -69.97 3.59 5.66
CA ARG E 86 -68.65 2.99 5.83
C ARG E 86 -68.15 2.33 4.55
N VAL E 87 -69.06 1.77 3.74
CA VAL E 87 -68.65 1.08 2.52
C VAL E 87 -67.99 2.06 1.55
N VAL E 88 -68.59 3.24 1.37
CA VAL E 88 -67.98 4.23 0.50
C VAL E 88 -66.68 4.76 1.11
N ARG E 89 -66.62 4.84 2.45
CA ARG E 89 -65.38 5.21 3.12
C ARG E 89 -64.26 4.23 2.76
N ASN E 90 -64.57 2.93 2.75
CA ASN E 90 -63.58 1.94 2.33
C ASN E 90 -63.27 2.10 0.85
N ASN E 91 -64.26 2.46 0.03
CA ASN E 91 -64.02 2.71 -1.38
C ASN E 91 -63.09 3.89 -1.60
N LEU E 92 -63.28 4.98 -0.86
CA LEU E 92 -62.47 6.18 -1.02
C LEU E 92 -61.25 6.20 -0.11
N ARG E 93 -61.06 5.17 0.72
CA ARG E 93 -59.92 5.08 1.65
C ARG E 93 -59.85 6.31 2.55
N VAL E 94 -61.01 6.76 3.03
CA VAL E 94 -61.09 7.92 3.90
C VAL E 94 -61.83 7.53 5.18
N ARG E 95 -61.56 8.28 6.25
CA ARG E 95 -62.18 8.06 7.53
C ARG E 95 -63.02 9.27 7.93
N LEU E 96 -63.61 9.18 9.11
CA LEU E 96 -64.43 10.28 9.62
C LEU E 96 -63.56 11.49 9.94
N GLY E 97 -63.98 12.66 9.46
CA GLY E 97 -63.24 13.89 9.60
C GLY E 97 -62.36 14.22 8.42
N ASP E 98 -62.17 13.28 7.49
CA ASP E 98 -61.37 13.54 6.31
C ASP E 98 -62.10 14.46 5.35
N VAL E 99 -61.36 14.97 4.37
CA VAL E 99 -61.88 15.91 3.38
C VAL E 99 -61.94 15.23 2.02
N ILE E 100 -63.09 15.33 1.37
CA ILE E 100 -63.29 14.79 0.03
C ILE E 100 -63.88 15.87 -0.86
N SER E 101 -63.73 15.69 -2.16
CA SER E 101 -64.21 16.64 -3.15
C SER E 101 -65.33 16.02 -3.97
N ILE E 102 -66.36 16.82 -4.24
CA ILE E 102 -67.53 16.39 -4.99
C ILE E 102 -67.63 17.22 -6.27
N GLN E 103 -67.83 16.54 -7.38
CA GLN E 103 -68.03 17.17 -8.68
C GLN E 103 -69.10 16.41 -9.44
N PRO E 104 -69.83 17.07 -10.33
CA PRO E 104 -70.79 16.35 -11.16
C PRO E 104 -70.10 15.34 -12.07
N CYS E 105 -70.79 14.25 -12.35
CA CYS E 105 -70.31 13.20 -13.24
C CYS E 105 -71.36 12.97 -14.32
N PRO E 106 -71.43 13.85 -15.31
CA PRO E 106 -72.47 13.73 -16.33
C PRO E 106 -72.15 12.65 -17.36
N ASP E 107 -73.16 12.37 -18.18
CA ASP E 107 -73.03 11.45 -19.31
C ASP E 107 -72.66 10.03 -18.87
N VAL E 108 -73.14 9.60 -17.71
CA VAL E 108 -72.96 8.21 -17.31
C VAL E 108 -74.06 7.36 -17.93
N LYS E 109 -73.65 6.38 -18.73
CA LYS E 109 -74.57 5.57 -19.50
C LYS E 109 -74.91 4.28 -18.76
N TYR E 110 -75.97 3.63 -19.23
CA TYR E 110 -76.39 2.36 -18.65
C TYR E 110 -75.36 1.27 -18.95
N GLY E 111 -75.06 0.46 -17.95
CA GLY E 111 -74.07 -0.59 -18.13
C GLY E 111 -74.56 -1.72 -19.00
N LYS E 112 -73.67 -2.24 -19.84
CA LYS E 112 -73.98 -3.36 -20.71
C LYS E 112 -73.62 -4.70 -20.07
N ARG E 113 -72.43 -4.78 -19.44
CA ARG E 113 -71.99 -6.00 -18.81
C ARG E 113 -70.99 -5.65 -17.72
N ILE E 114 -71.26 -6.13 -16.50
CA ILE E 114 -70.40 -5.88 -15.35
C ILE E 114 -69.99 -7.20 -14.74
N HIS E 115 -68.74 -7.28 -14.30
CA HIS E 115 -68.18 -8.47 -13.67
C HIS E 115 -67.76 -8.12 -12.25
N VAL E 116 -68.25 -8.90 -11.29
CA VAL E 116 -67.89 -8.73 -9.88
C VAL E 116 -67.42 -10.07 -9.33
N LEU E 117 -66.54 -9.99 -8.33
CA LEU E 117 -66.00 -11.19 -7.69
C LEU E 117 -66.01 -11.00 -6.18
N PRO E 118 -66.36 -12.06 -5.44
CA PRO E 118 -66.43 -11.93 -3.99
C PRO E 118 -65.05 -11.92 -3.35
N ILE E 119 -64.98 -11.39 -2.14
CA ILE E 119 -63.77 -11.40 -1.33
C ILE E 119 -63.65 -12.77 -0.68
N ASP E 120 -62.43 -13.31 -0.64
CA ASP E 120 -62.21 -14.69 -0.22
C ASP E 120 -62.72 -14.94 1.20
N ASP E 121 -62.35 -14.08 2.15
CA ASP E 121 -62.73 -14.30 3.54
C ASP E 121 -64.22 -14.10 3.79
N THR E 122 -64.90 -13.33 2.94
CA THR E 122 -66.34 -13.18 3.05
C THR E 122 -67.11 -14.32 2.39
N VAL E 123 -66.46 -15.13 1.55
CA VAL E 123 -67.12 -16.19 0.82
C VAL E 123 -66.69 -17.57 1.30
N GLU E 124 -65.78 -17.65 2.27
CA GLU E 124 -65.35 -18.94 2.80
C GLU E 124 -66.54 -19.68 3.40
N GLY E 125 -66.76 -20.91 2.92
CA GLY E 125 -67.88 -21.71 3.35
C GLY E 125 -69.20 -21.40 2.66
N ILE E 126 -69.20 -20.49 1.68
CA ILE E 126 -70.41 -20.12 0.96
C ILE E 126 -70.48 -20.99 -0.29
N THR E 127 -71.47 -21.87 -0.36
CA THR E 127 -71.62 -22.80 -1.47
C THR E 127 -72.85 -22.51 -2.33
N GLY E 128 -73.67 -21.53 -1.94
CA GLY E 128 -74.87 -21.22 -2.69
C GLY E 128 -74.59 -20.39 -3.93
N ASN E 129 -75.64 -20.17 -4.71
CA ASN E 129 -75.56 -19.34 -5.91
C ASN E 129 -75.36 -17.90 -5.49
N LEU E 130 -74.17 -17.35 -5.76
CA LEU E 130 -73.87 -15.99 -5.36
C LEU E 130 -74.81 -14.98 -6.00
N PHE E 131 -75.08 -15.15 -7.30
CA PHE E 131 -75.90 -14.18 -8.02
C PHE E 131 -77.27 -14.02 -7.38
N GLU E 132 -78.07 -15.09 -7.38
CA GLU E 132 -79.46 -14.99 -6.91
C GLU E 132 -79.53 -14.58 -5.45
N VAL E 133 -78.63 -15.09 -4.61
CA VAL E 133 -78.69 -14.79 -3.19
C VAL E 133 -78.31 -13.34 -2.91
N TYR E 134 -77.27 -12.82 -3.56
CA TYR E 134 -76.75 -11.51 -3.20
C TYR E 134 -76.96 -10.43 -4.26
N LEU E 135 -76.52 -10.65 -5.50
CA LEU E 135 -76.45 -9.57 -6.47
C LEU E 135 -77.81 -9.17 -7.01
N LYS E 136 -78.68 -10.15 -7.32
CA LYS E 136 -79.97 -9.84 -7.91
C LYS E 136 -80.86 -9.00 -6.99
N PRO E 137 -81.06 -9.35 -5.71
CA PRO E 137 -81.84 -8.45 -4.85
C PRO E 137 -81.17 -7.11 -4.61
N TYR E 138 -79.83 -7.07 -4.63
CA TYR E 138 -79.13 -5.82 -4.34
C TYR E 138 -79.30 -4.81 -5.47
N PHE E 139 -79.29 -5.28 -6.72
CA PHE E 139 -79.36 -4.40 -7.88
C PHE E 139 -80.75 -4.36 -8.51
N LEU E 140 -81.74 -5.00 -7.91
CA LEU E 140 -83.07 -5.09 -8.52
C LEU E 140 -83.77 -3.74 -8.53
N GLU E 141 -83.92 -3.16 -9.73
CA GLU E 141 -84.64 -1.90 -9.94
C GLU E 141 -84.11 -0.76 -9.08
N ALA E 142 -82.79 -0.76 -8.83
CA ALA E 142 -82.18 0.26 -7.98
C ALA E 142 -81.38 1.30 -8.75
N TYR E 143 -80.91 0.96 -9.95
CA TYR E 143 -80.11 1.87 -10.78
C TYR E 143 -78.88 2.37 -10.02
N ARG E 144 -78.20 1.45 -9.35
CA ARG E 144 -77.05 1.82 -8.54
C ARG E 144 -75.88 2.23 -9.43
N PRO E 145 -75.30 3.42 -9.21
CA PRO E 145 -74.08 3.78 -9.94
C PRO E 145 -72.86 3.10 -9.32
N ILE E 146 -72.07 2.46 -10.18
CA ILE E 146 -70.90 1.71 -9.75
C ILE E 146 -69.69 2.13 -10.58
N ARG E 147 -68.51 1.87 -10.04
CA ARG E 147 -67.26 2.14 -10.71
C ARG E 147 -66.35 0.91 -10.64
N LYS E 148 -65.50 0.76 -11.64
CA LYS E 148 -64.52 -0.33 -11.65
C LYS E 148 -63.62 -0.24 -10.42
N GLY E 149 -63.47 -1.36 -9.72
CA GLY E 149 -62.66 -1.43 -8.52
C GLY E 149 -63.41 -1.12 -7.23
N ASP E 150 -64.69 -0.77 -7.31
CA ASP E 150 -65.45 -0.45 -6.11
C ASP E 150 -65.68 -1.71 -5.28
N ILE E 151 -65.72 -1.52 -3.96
CA ILE E 151 -66.00 -2.60 -3.01
C ILE E 151 -67.30 -2.29 -2.32
N PHE E 152 -68.27 -3.19 -2.42
CA PHE E 152 -69.58 -3.01 -1.83
C PHE E 152 -69.99 -4.27 -1.07
N LEU E 153 -70.72 -4.07 0.02
CA LEU E 153 -71.18 -5.15 0.88
C LEU E 153 -72.67 -5.37 0.68
N VAL E 154 -73.06 -6.63 0.50
CA VAL E 154 -74.45 -7.00 0.28
C VAL E 154 -74.89 -7.95 1.38
N ARG E 155 -75.99 -7.63 2.05
CA ARG E 155 -76.55 -8.51 3.07
C ARG E 155 -77.45 -9.56 2.42
N GLY E 156 -77.52 -10.71 3.07
CA GLY E 156 -78.33 -11.80 2.57
C GLY E 156 -77.73 -13.14 2.92
N GLY E 157 -78.51 -14.19 2.69
CA GLY E 157 -78.06 -15.53 2.99
C GLY E 157 -77.81 -15.71 4.47
N MET E 158 -76.71 -16.39 4.79
CA MET E 158 -76.33 -16.62 6.19
C MET E 158 -75.20 -15.73 6.67
N ARG E 159 -74.48 -15.08 5.75
CA ARG E 159 -73.43 -14.15 6.14
C ARG E 159 -73.20 -13.16 5.00
N ALA E 160 -72.96 -11.91 5.36
CA ALA E 160 -72.73 -10.88 4.35
C ALA E 160 -71.45 -11.16 3.57
N VAL E 161 -71.50 -10.89 2.27
CA VAL E 161 -70.38 -11.15 1.37
C VAL E 161 -70.01 -9.86 0.65
N GLU E 162 -68.72 -9.51 0.69
CA GLU E 162 -68.20 -8.37 -0.03
C GLU E 162 -67.85 -8.76 -1.46
N PHE E 163 -67.93 -7.78 -2.37
CA PHE E 163 -67.66 -8.01 -3.77
C PHE E 163 -66.74 -6.91 -4.31
N LYS E 164 -65.99 -7.25 -5.35
CA LYS E 164 -65.10 -6.32 -6.04
C LYS E 164 -65.50 -6.23 -7.50
N VAL E 165 -65.70 -5.01 -7.98
CA VAL E 165 -66.07 -4.78 -9.38
C VAL E 165 -64.79 -4.77 -10.21
N VAL E 166 -64.59 -5.82 -11.02
CA VAL E 166 -63.35 -5.95 -11.77
C VAL E 166 -63.49 -5.47 -13.21
N GLU E 167 -64.68 -5.54 -13.79
CA GLU E 167 -64.88 -5.15 -15.18
C GLU E 167 -66.24 -4.48 -15.34
N THR E 168 -66.28 -3.41 -16.14
CA THR E 168 -67.50 -2.70 -16.43
C THR E 168 -67.54 -2.33 -17.91
N ASP E 169 -68.76 -2.20 -18.43
CA ASP E 169 -68.97 -1.77 -19.81
C ASP E 169 -70.25 -0.93 -19.87
N PRO E 170 -70.14 0.40 -20.02
CA PRO E 170 -68.90 1.17 -20.21
C PRO E 170 -68.05 1.29 -18.94
N SER E 171 -66.80 1.71 -19.11
CA SER E 171 -65.83 1.80 -18.04
C SER E 171 -65.27 3.22 -17.99
N PRO E 172 -64.93 3.71 -16.78
CA PRO E 172 -65.11 3.04 -15.49
C PRO E 172 -66.47 3.29 -14.84
N TYR E 173 -67.28 4.16 -15.44
CA TYR E 173 -68.55 4.56 -14.86
C TYR E 173 -69.71 4.00 -15.69
N CYS E 174 -70.67 3.39 -15.00
CA CYS E 174 -71.84 2.82 -15.63
C CYS E 174 -72.96 2.73 -14.59
N ILE E 175 -74.19 2.60 -15.10
CA ILE E 175 -75.37 2.49 -14.27
C ILE E 175 -75.90 1.07 -14.38
N VAL E 176 -76.19 0.44 -13.23
CA VAL E 176 -76.70 -0.92 -13.21
C VAL E 176 -78.18 -0.85 -13.55
N ALA E 177 -78.48 -1.03 -14.83
CA ALA E 177 -79.82 -1.00 -15.36
C ALA E 177 -80.45 -2.39 -15.26
N PRO E 178 -81.78 -2.48 -15.37
CA PRO E 178 -82.42 -3.80 -15.35
C PRO E 178 -81.92 -4.76 -16.43
N ASP E 179 -81.55 -4.24 -17.61
CA ASP E 179 -81.03 -5.07 -18.69
C ASP E 179 -79.53 -5.28 -18.59
N THR E 180 -78.87 -4.70 -17.60
CA THR E 180 -77.43 -4.88 -17.44
C THR E 180 -77.14 -6.32 -16.98
N VAL E 181 -76.19 -6.96 -17.65
CA VAL E 181 -75.86 -8.35 -17.36
C VAL E 181 -74.87 -8.38 -16.20
N ILE E 182 -75.19 -9.16 -15.16
CA ILE E 182 -74.34 -9.31 -14.00
C ILE E 182 -73.91 -10.77 -13.89
N HIS E 183 -72.61 -11.02 -13.89
CA HIS E 183 -72.06 -12.36 -13.74
C HIS E 183 -70.94 -12.34 -12.70
N CYS E 184 -70.83 -13.44 -11.96
CA CYS E 184 -69.91 -13.51 -10.83
C CYS E 184 -68.88 -14.62 -10.92
N GLU E 185 -68.81 -15.35 -12.03
CA GLU E 185 -67.84 -16.42 -12.16
C GLU E 185 -66.43 -15.85 -12.27
N GLY E 186 -65.46 -16.60 -11.77
CA GLY E 186 -64.07 -16.19 -11.83
C GLY E 186 -63.30 -16.66 -10.62
N GLU E 187 -62.00 -16.36 -10.64
CA GLU E 187 -61.14 -16.75 -9.54
C GLU E 187 -61.44 -15.89 -8.31
N PRO E 188 -61.49 -16.48 -7.11
CA PRO E 188 -61.70 -15.68 -5.90
C PRO E 188 -60.55 -14.73 -5.61
N ILE E 189 -60.88 -13.49 -5.26
CA ILE E 189 -59.84 -12.48 -5.00
C ILE E 189 -59.28 -12.68 -3.60
N LYS E 190 -57.95 -12.68 -3.50
CA LYS E 190 -57.29 -12.87 -2.22
C LYS E 190 -57.46 -11.65 -1.32
N ARG E 191 -57.54 -11.89 -0.01
CA ARG E 191 -57.67 -10.80 0.94
C ARG E 191 -56.38 -9.99 1.03
N GLU E 192 -55.23 -10.63 0.80
CA GLU E 192 -53.96 -9.94 0.97
C GLU E 192 -53.84 -8.75 0.04
N ASP E 193 -54.24 -8.90 -1.23
CA ASP E 193 -54.16 -7.81 -2.18
C ASP E 193 -55.07 -6.66 -1.78
N GLU E 194 -56.29 -6.98 -1.33
CA GLU E 194 -57.23 -5.94 -0.91
C GLU E 194 -56.69 -5.19 0.31
N GLU E 195 -56.13 -5.91 1.27
CA GLU E 195 -55.57 -5.27 2.46
C GLU E 195 -54.38 -4.39 2.10
N GLU E 196 -53.52 -4.87 1.19
CA GLU E 196 -52.39 -4.06 0.75
C GLU E 196 -52.87 -2.80 0.04
N SER E 197 -53.92 -2.92 -0.80
CA SER E 197 -54.47 -1.76 -1.48
C SER E 197 -55.05 -0.76 -0.48
N LEU E 198 -55.72 -1.26 0.55
CA LEU E 198 -56.26 -0.38 1.59
C LEU E 198 -55.13 0.32 2.35
N ASN E 199 -54.05 -0.40 2.63
CA ASN E 199 -52.93 0.13 3.41
C ASN E 199 -51.82 0.72 2.54
N GLU E 200 -52.16 1.24 1.36
CA GLU E 200 -51.16 1.91 0.53
C GLU E 200 -50.79 3.27 1.13
N VAL E 201 -49.62 3.77 0.70
CA VAL E 201 -49.10 5.02 1.23
C VAL E 201 -49.59 6.20 0.40
N GLY E 202 -49.91 7.29 1.08
CA GLY E 202 -50.27 8.53 0.43
C GLY E 202 -49.44 9.68 0.97
N TYR E 203 -49.77 10.89 0.50
CA TYR E 203 -49.04 12.07 0.94
C TYR E 203 -49.29 12.35 2.42
N ASP E 204 -50.43 11.92 2.94
CA ASP E 204 -50.75 12.18 4.35
C ASP E 204 -49.92 11.30 5.27
N ASP E 205 -49.31 10.24 4.74
CA ASP E 205 -48.52 9.35 5.57
C ASP E 205 -47.17 9.97 5.94
N ILE E 206 -46.66 10.86 5.10
CA ILE E 206 -45.37 11.49 5.41
C ILE E 206 -45.57 12.56 6.47
N GLY E 207 -44.79 12.48 7.54
CA GLY E 207 -44.86 13.45 8.61
C GLY E 207 -43.51 14.03 8.95
N GLY E 208 -43.49 15.28 9.42
CA GLY E 208 -42.25 15.94 9.79
C GLY E 208 -41.46 16.51 8.63
N CYS E 209 -41.95 16.37 7.41
CA CYS E 209 -41.27 16.87 6.21
C CYS E 209 -42.18 17.81 5.42
N ARG E 210 -42.90 18.70 6.11
CA ARG E 210 -43.91 19.52 5.44
C ARG E 210 -43.29 20.40 4.37
N LYS E 211 -42.18 21.07 4.69
CA LYS E 211 -41.50 21.90 3.71
C LYS E 211 -40.92 21.05 2.57
N GLN E 212 -40.26 19.95 2.91
CA GLN E 212 -39.74 19.07 1.87
C GLN E 212 -40.86 18.44 1.05
N LEU E 213 -41.96 18.08 1.71
CA LEU E 213 -43.10 17.52 0.97
C LEU E 213 -43.66 18.53 -0.03
N ALA E 214 -43.82 19.79 0.41
CA ALA E 214 -44.30 20.82 -0.51
C ALA E 214 -43.32 21.05 -1.65
N GLN E 215 -42.03 21.08 -1.34
CA GLN E 215 -41.01 21.29 -2.37
C GLN E 215 -41.02 20.17 -3.40
N ILE E 216 -41.07 18.92 -2.93
CA ILE E 216 -41.10 17.78 -3.84
C ILE E 216 -42.37 17.78 -4.67
N LYS E 217 -43.51 18.08 -4.04
CA LYS E 217 -44.77 18.12 -4.80
C LYS E 217 -44.73 19.20 -5.86
N GLU E 218 -44.20 20.38 -5.53
CA GLU E 218 -44.06 21.44 -6.52
C GLU E 218 -43.16 21.02 -7.67
N MET E 219 -42.05 20.34 -7.37
CA MET E 219 -41.11 19.99 -8.43
C MET E 219 -41.59 18.82 -9.28
N VAL E 220 -42.44 17.95 -8.73
CA VAL E 220 -42.87 16.74 -9.41
C VAL E 220 -44.26 16.89 -10.02
N GLU E 221 -45.28 17.09 -9.18
CA GLU E 221 -46.65 17.01 -9.65
C GLU E 221 -47.03 18.23 -10.48
N LEU E 222 -46.56 19.41 -10.07
CA LEU E 222 -46.97 20.64 -10.74
C LEU E 222 -46.54 20.71 -12.21
N PRO E 223 -45.28 20.45 -12.58
CA PRO E 223 -44.93 20.51 -14.01
C PRO E 223 -45.71 19.52 -14.86
N LEU E 224 -45.97 18.31 -14.34
CA LEU E 224 -46.70 17.33 -15.12
C LEU E 224 -48.18 17.68 -15.21
N ARG E 225 -48.76 18.17 -14.12
CA ARG E 225 -50.19 18.45 -14.10
C ARG E 225 -50.53 19.71 -14.88
N HIS E 226 -49.70 20.75 -14.78
CA HIS E 226 -49.97 22.03 -15.42
C HIS E 226 -48.73 22.52 -16.16
N PRO E 227 -48.38 21.88 -17.29
CA PRO E 227 -47.29 22.42 -18.10
C PRO E 227 -47.59 23.79 -18.69
N ALA E 228 -48.88 24.09 -18.94
CA ALA E 228 -49.24 25.39 -19.47
C ALA E 228 -48.86 26.49 -18.49
N LEU E 229 -48.95 26.20 -17.19
CA LEU E 229 -48.58 27.17 -16.17
C LEU E 229 -47.12 27.59 -16.30
N PHE E 230 -46.22 26.64 -16.56
CA PHE E 230 -44.81 26.95 -16.68
C PHE E 230 -44.47 27.53 -18.06
N LYS E 231 -45.15 27.07 -19.11
CA LYS E 231 -44.82 27.58 -20.43
C LYS E 231 -45.31 29.01 -20.59
N GLU E 232 -46.40 29.38 -19.91
CA GLU E 232 -46.89 30.75 -19.97
C GLU E 232 -45.87 31.74 -19.40
N ILE E 233 -45.25 31.38 -18.26
CA ILE E 233 -44.23 32.23 -17.67
C ILE E 233 -42.85 32.00 -18.30
N GLY E 234 -42.72 31.02 -19.19
CA GLY E 234 -41.49 30.84 -19.94
C GLY E 234 -40.27 30.41 -19.15
N VAL E 235 -40.42 29.39 -18.30
CA VAL E 235 -39.30 28.79 -17.59
C VAL E 235 -39.31 27.29 -17.81
N LYS E 236 -38.14 26.70 -17.91
CA LYS E 236 -38.04 25.25 -18.05
C LYS E 236 -38.25 24.59 -16.69
N PRO E 237 -39.20 23.67 -16.58
CA PRO E 237 -39.41 22.97 -15.31
C PRO E 237 -38.24 22.06 -14.98
N PRO E 238 -37.97 21.80 -13.70
CA PRO E 238 -36.86 20.92 -13.33
C PRO E 238 -37.08 19.48 -13.74
N ARG E 239 -36.05 18.82 -14.26
CA ARG E 239 -36.15 17.40 -14.60
C ARG E 239 -35.53 16.51 -13.54
N GLY E 240 -34.25 16.74 -13.23
CA GLY E 240 -33.58 15.91 -12.26
C GLY E 240 -33.88 16.33 -10.84
N ILE E 241 -34.16 15.34 -10.00
CA ILE E 241 -34.45 15.57 -8.59
C ILE E 241 -33.70 14.53 -7.76
N LEU E 242 -32.95 14.97 -6.76
CA LEU E 242 -32.19 14.09 -5.90
C LEU E 242 -32.63 14.27 -4.45
N LEU E 243 -33.01 13.17 -3.81
CA LEU E 243 -33.35 13.15 -2.39
C LEU E 243 -32.23 12.45 -1.64
N TYR E 244 -31.65 13.13 -0.66
CA TYR E 244 -30.56 12.55 0.13
C TYR E 244 -30.82 12.78 1.60
N GLY E 245 -30.40 11.83 2.42
CA GLY E 245 -30.52 11.92 3.86
C GLY E 245 -30.01 10.67 4.53
N PRO E 246 -29.95 10.68 5.86
CA PRO E 246 -29.57 9.47 6.60
C PRO E 246 -30.62 8.39 6.42
N PRO E 247 -30.24 7.12 6.62
CA PRO E 247 -31.22 6.03 6.45
C PRO E 247 -32.43 6.15 7.37
N GLY E 248 -33.61 5.82 6.85
CA GLY E 248 -34.84 5.85 7.62
C GLY E 248 -35.59 7.17 7.58
N THR E 249 -35.08 8.19 6.89
CA THR E 249 -35.73 9.49 6.93
C THR E 249 -37.00 9.53 6.09
N GLY E 250 -37.10 8.66 5.08
CA GLY E 250 -38.34 8.52 4.36
C GLY E 250 -38.31 8.92 2.90
N LYS E 251 -37.15 8.76 2.25
CA LYS E 251 -37.08 9.03 0.81
C LYS E 251 -37.87 8.01 0.01
N THR E 252 -37.71 6.73 0.32
CA THR E 252 -38.47 5.70 -0.39
C THR E 252 -39.96 5.80 -0.07
N LEU E 253 -40.30 6.23 1.15
CA LEU E 253 -41.69 6.46 1.49
C LEU E 253 -42.29 7.58 0.64
N ILE E 254 -41.52 8.66 0.45
CA ILE E 254 -41.98 9.75 -0.41
C ILE E 254 -42.15 9.27 -1.84
N ALA E 255 -41.22 8.43 -2.31
CA ALA E 255 -41.34 7.86 -3.66
C ALA E 255 -42.59 7.00 -3.78
N ARG E 256 -42.90 6.20 -2.75
CA ARG E 256 -44.12 5.41 -2.76
C ARG E 256 -45.35 6.29 -2.83
N ALA E 257 -45.37 7.37 -2.04
CA ALA E 257 -46.51 8.28 -2.08
C ALA E 257 -46.68 8.91 -3.45
N VAL E 258 -45.56 9.34 -4.06
CA VAL E 258 -45.63 9.92 -5.41
C VAL E 258 -46.15 8.90 -6.40
N ALA E 259 -45.65 7.66 -6.34
CA ALA E 259 -46.11 6.63 -7.26
C ALA E 259 -47.58 6.34 -7.08
N ASN E 260 -48.08 6.43 -5.85
CA ASN E 260 -49.48 6.12 -5.58
C ASN E 260 -50.41 7.25 -6.01
N GLU E 261 -49.99 8.51 -5.84
CA GLU E 261 -50.91 9.63 -6.04
C GLU E 261 -50.63 10.47 -7.28
N THR E 262 -49.75 10.04 -8.17
CA THR E 262 -49.62 10.72 -9.45
C THR E 262 -50.29 9.92 -10.55
N GLY E 263 -51.05 10.62 -11.40
CA GLY E 263 -51.68 9.94 -12.53
C GLY E 263 -50.71 9.60 -13.63
N ALA E 264 -49.51 10.19 -13.58
CA ALA E 264 -48.49 9.94 -14.59
C ALA E 264 -47.95 8.51 -14.47
N PHE E 265 -47.45 8.01 -15.60
CA PHE E 265 -46.85 6.68 -15.62
C PHE E 265 -45.60 6.67 -14.77
N PHE E 266 -45.50 5.67 -13.88
CA PHE E 266 -44.41 5.57 -12.93
C PHE E 266 -43.53 4.38 -13.28
N PHE E 267 -42.24 4.65 -13.50
CA PHE E 267 -41.26 3.61 -13.79
C PHE E 267 -40.25 3.58 -12.67
N LEU E 268 -39.98 2.39 -12.15
CA LEU E 268 -39.06 2.20 -11.03
C LEU E 268 -37.78 1.55 -11.53
N ILE E 269 -36.65 2.16 -11.24
CA ILE E 269 -35.34 1.64 -11.60
C ILE E 269 -34.59 1.40 -10.29
N ASN E 270 -34.13 0.17 -10.08
CA ASN E 270 -33.27 -0.11 -8.96
C ASN E 270 -31.84 -0.31 -9.47
N GLY E 271 -30.88 0.29 -8.76
CA GLY E 271 -29.51 0.36 -9.22
C GLY E 271 -28.90 -0.96 -9.66
N PRO E 272 -28.65 -1.89 -8.73
CA PRO E 272 -27.99 -3.14 -9.14
C PRO E 272 -28.81 -3.97 -10.11
N GLU E 273 -30.11 -3.73 -10.20
CA GLU E 273 -30.96 -4.52 -11.09
C GLU E 273 -30.66 -4.24 -12.56
N ILE E 274 -30.03 -3.09 -12.83
CA ILE E 274 -29.67 -2.70 -14.19
C ILE E 274 -28.66 -3.67 -14.77
N MET E 275 -27.67 -4.05 -13.97
CA MET E 275 -26.60 -4.93 -14.45
C MET E 275 -27.15 -6.27 -14.91
N SER E 276 -26.60 -6.77 -16.01
CA SER E 276 -26.95 -8.08 -16.53
C SER E 276 -25.79 -8.62 -17.34
N LYS E 277 -25.75 -9.94 -17.50
CA LYS E 277 -24.73 -10.55 -18.34
C LYS E 277 -25.00 -10.22 -19.80
N LEU E 278 -24.07 -10.66 -20.66
CA LEU E 278 -24.05 -10.38 -22.09
C LEU E 278 -23.54 -8.95 -22.31
N ALA E 279 -23.09 -8.64 -23.51
CA ALA E 279 -22.47 -7.36 -23.82
C ALA E 279 -23.52 -6.37 -24.30
N GLY E 280 -23.55 -5.19 -23.66
CA GLY E 280 -24.44 -4.12 -24.08
C GLY E 280 -25.83 -4.17 -23.49
N GLU E 281 -26.17 -5.19 -22.71
CA GLU E 281 -27.51 -5.27 -22.14
C GLU E 281 -27.68 -4.31 -20.97
N SER E 282 -26.60 -4.04 -20.23
CA SER E 282 -26.68 -3.14 -19.09
C SER E 282 -27.08 -1.74 -19.51
N GLU E 283 -26.47 -1.25 -20.60
CA GLU E 283 -26.82 0.08 -21.10
C GLU E 283 -28.18 0.05 -21.80
N SER E 284 -28.50 -1.06 -22.47
CA SER E 284 -29.78 -1.17 -23.14
C SER E 284 -30.93 -1.15 -22.15
N ASN E 285 -30.70 -1.62 -20.93
CA ASN E 285 -31.75 -1.57 -19.91
C ASN E 285 -32.13 -0.12 -19.58
N LEU E 286 -31.13 0.73 -19.32
CA LEU E 286 -31.40 2.13 -19.05
C LEU E 286 -32.02 2.82 -20.27
N ARG E 287 -31.50 2.49 -21.47
CA ARG E 287 -32.05 3.10 -22.68
C ARG E 287 -33.51 2.73 -22.87
N LYS E 288 -33.85 1.46 -22.65
CA LYS E 288 -35.25 1.02 -22.76
C LYS E 288 -36.12 1.66 -21.70
N ALA E 289 -35.59 1.83 -20.49
CA ALA E 289 -36.36 2.49 -19.44
C ALA E 289 -36.71 3.92 -19.82
N PHE E 290 -35.72 4.67 -20.31
CA PHE E 290 -35.98 6.05 -20.72
C PHE E 290 -36.90 6.11 -21.93
N GLU E 291 -36.75 5.17 -22.87
CA GLU E 291 -37.63 5.14 -24.03
C GLU E 291 -39.08 4.86 -23.62
N GLU E 292 -39.28 3.92 -22.69
CA GLU E 292 -40.62 3.63 -22.20
C GLU E 292 -41.21 4.82 -21.48
N ALA E 293 -40.40 5.52 -20.69
CA ALA E 293 -40.89 6.72 -20.01
C ALA E 293 -41.29 7.79 -21.01
N GLU E 294 -40.51 7.97 -22.07
CA GLU E 294 -40.87 8.95 -23.10
C GLU E 294 -42.14 8.53 -23.83
N LYS E 295 -42.30 7.24 -24.10
CA LYS E 295 -43.46 6.77 -24.86
C LYS E 295 -44.76 7.04 -24.12
N ASN E 296 -44.76 6.88 -22.81
CA ASN E 296 -45.95 7.08 -21.99
C ASN E 296 -45.95 8.40 -21.24
N ALA E 297 -45.42 9.46 -21.85
CA ALA E 297 -45.37 10.74 -21.17
C ALA E 297 -46.79 11.27 -20.92
N PRO E 298 -47.03 11.96 -19.79
CA PRO E 298 -46.06 12.29 -18.75
C PRO E 298 -45.67 11.07 -17.90
N ALA E 299 -44.42 11.05 -17.43
CA ALA E 299 -43.91 9.88 -16.73
C ALA E 299 -42.91 10.32 -15.66
N ILE E 300 -42.72 9.45 -14.69
CA ILE E 300 -41.75 9.65 -13.62
C ILE E 300 -40.83 8.45 -13.56
N ILE E 301 -39.52 8.70 -13.55
CA ILE E 301 -38.52 7.66 -13.37
C ILE E 301 -37.91 7.84 -11.99
N PHE E 302 -37.99 6.81 -11.16
CA PHE E 302 -37.40 6.83 -9.84
C PHE E 302 -36.26 5.82 -9.78
N ILE E 303 -35.06 6.30 -9.42
CA ILE E 303 -33.87 5.47 -9.34
C ILE E 303 -33.50 5.35 -7.87
N ASP E 304 -33.84 4.21 -7.27
CA ASP E 304 -33.50 3.96 -5.87
C ASP E 304 -32.07 3.47 -5.76
N GLU E 305 -31.36 3.98 -4.74
CA GLU E 305 -29.95 3.71 -4.54
C GLU E 305 -29.15 4.10 -5.79
N LEU E 306 -29.15 5.41 -6.07
CA LEU E 306 -28.47 5.91 -7.25
C LEU E 306 -26.96 5.69 -7.17
N ASP E 307 -26.40 5.69 -5.96
CA ASP E 307 -24.96 5.52 -5.81
C ASP E 307 -24.50 4.13 -6.25
N ALA E 308 -25.43 3.18 -6.37
CA ALA E 308 -25.05 1.87 -6.86
C ALA E 308 -24.58 1.91 -8.31
N ILE E 309 -25.26 2.69 -9.15
CA ILE E 309 -24.91 2.77 -10.56
C ILE E 309 -24.27 4.10 -10.95
N ALA E 310 -24.03 4.99 -9.99
CA ALA E 310 -23.44 6.30 -10.26
C ALA E 310 -22.27 6.56 -9.33
N PRO E 311 -21.17 5.81 -9.47
CA PRO E 311 -19.95 6.15 -8.75
C PRO E 311 -19.13 7.16 -9.54
N LYS E 312 -18.11 7.69 -8.87
CA LYS E 312 -17.20 8.62 -9.53
C LYS E 312 -16.41 7.89 -10.61
N ARG E 313 -16.35 8.50 -11.80
CA ARG E 313 -15.72 7.84 -12.94
C ARG E 313 -14.22 7.68 -12.72
N GLU E 314 -13.59 8.65 -12.06
CA GLU E 314 -12.17 8.53 -11.77
C GLU E 314 -11.87 7.38 -10.82
N LYS E 315 -12.72 7.19 -9.81
CA LYS E 315 -12.50 6.13 -8.82
C LYS E 315 -13.06 4.79 -9.24
N THR E 316 -13.65 4.69 -10.44
CA THR E 316 -14.24 3.45 -10.93
C THR E 316 -13.20 2.69 -11.73
N HIS E 317 -13.14 1.37 -11.56
CA HIS E 317 -12.18 0.57 -12.30
C HIS E 317 -12.82 -0.17 -13.46
N GLY E 318 -14.08 -0.60 -13.30
CA GLY E 318 -14.72 -1.38 -14.34
C GLY E 318 -15.06 -0.53 -15.56
N GLU E 319 -15.00 -1.15 -16.73
CA GLU E 319 -15.37 -0.44 -17.96
C GLU E 319 -16.89 -0.31 -18.08
N VAL E 320 -17.61 -1.36 -17.71
CA VAL E 320 -19.08 -1.34 -17.83
C VAL E 320 -19.67 -0.26 -16.94
N GLU E 321 -19.10 -0.07 -15.75
CA GLU E 321 -19.61 0.95 -14.84
C GLU E 321 -19.39 2.36 -15.41
N ARG E 322 -18.21 2.61 -15.99
CA ARG E 322 -17.96 3.89 -16.64
C ARG E 322 -18.94 4.10 -17.79
N ARG E 323 -19.17 3.07 -18.60
CA ARG E 323 -20.11 3.19 -19.71
C ARG E 323 -21.50 3.48 -19.20
N ILE E 324 -21.88 2.89 -18.06
CA ILE E 324 -23.22 3.11 -17.52
C ILE E 324 -23.37 4.53 -16.99
N VAL E 325 -22.34 5.06 -16.33
CA VAL E 325 -22.40 6.44 -15.87
C VAL E 325 -22.50 7.40 -17.05
N SER E 326 -21.69 7.16 -18.09
CA SER E 326 -21.76 8.00 -19.29
C SER E 326 -23.12 7.90 -19.96
N GLN E 327 -23.69 6.69 -20.01
CA GLN E 327 -25.01 6.50 -20.58
C GLN E 327 -26.06 7.25 -19.79
N LEU E 328 -25.95 7.26 -18.46
CA LEU E 328 -26.89 8.02 -17.64
C LEU E 328 -26.79 9.51 -17.92
N LEU E 329 -25.56 10.03 -18.03
CA LEU E 329 -25.39 11.45 -18.36
C LEU E 329 -26.00 11.78 -19.72
N THR E 330 -25.74 10.95 -20.72
CA THR E 330 -26.30 11.17 -22.05
C THR E 330 -27.83 11.09 -22.00
N LEU E 331 -28.37 10.16 -21.23
CA LEU E 331 -29.82 10.01 -21.13
C LEU E 331 -30.46 11.21 -20.49
N MET E 332 -29.84 11.78 -19.46
CA MET E 332 -30.36 13.01 -18.86
C MET E 332 -30.31 14.16 -19.86
N ASP E 333 -29.20 14.28 -20.58
CA ASP E 333 -29.08 15.35 -21.58
C ASP E 333 -30.17 15.23 -22.65
N GLY E 334 -30.41 14.02 -23.14
CA GLY E 334 -31.46 13.83 -24.13
C GLY E 334 -32.85 13.95 -23.53
N LEU E 335 -32.98 13.66 -22.23
CA LEU E 335 -34.24 13.87 -21.53
C LEU E 335 -34.62 15.34 -21.54
N LYS E 336 -33.63 16.22 -21.46
CA LYS E 336 -33.91 17.65 -21.53
C LYS E 336 -34.67 18.01 -22.82
N GLN E 337 -34.47 17.25 -23.89
CA GLN E 337 -35.29 17.47 -25.09
C GLN E 337 -36.52 16.57 -25.13
N ARG E 338 -36.49 15.45 -24.40
CA ARG E 338 -37.62 14.52 -24.43
C ARG E 338 -38.90 15.16 -23.93
N ALA E 339 -38.81 15.96 -22.85
CA ALA E 339 -39.91 16.76 -22.32
C ALA E 339 -40.97 15.91 -21.65
N HIS E 340 -41.67 16.50 -20.66
CA HIS E 340 -42.78 15.86 -19.95
C HIS E 340 -42.36 14.59 -19.22
N VAL E 341 -41.08 14.50 -18.83
CA VAL E 341 -40.57 13.37 -18.06
C VAL E 341 -39.72 13.91 -16.92
N ILE E 342 -39.91 13.36 -15.73
CA ILE E 342 -39.19 13.78 -14.54
C ILE E 342 -38.45 12.57 -13.97
N VAL E 343 -37.19 12.75 -13.61
CA VAL E 343 -36.36 11.70 -13.04
C VAL E 343 -36.08 12.04 -11.58
N MET E 344 -36.38 11.09 -10.70
CA MET E 344 -36.11 11.22 -9.27
C MET E 344 -35.07 10.19 -8.86
N ALA E 345 -34.23 10.57 -7.91
CA ALA E 345 -33.19 9.68 -7.39
C ALA E 345 -33.14 9.82 -5.88
N ALA E 346 -32.98 8.70 -5.18
CA ALA E 346 -32.86 8.67 -3.73
C ALA E 346 -31.56 7.95 -3.37
N THR E 347 -30.79 8.53 -2.47
CA THR E 347 -29.54 7.93 -2.03
C THR E 347 -29.19 8.47 -0.65
N ASN E 348 -28.56 7.63 0.17
CA ASN E 348 -28.06 8.04 1.47
C ASN E 348 -26.56 8.28 1.47
N ARG E 349 -25.93 8.29 0.28
CA ARG E 349 -24.52 8.62 0.12
C ARG E 349 -24.38 9.64 -1.00
N PRO E 350 -24.84 10.88 -0.77
CA PRO E 350 -24.79 11.88 -1.84
C PRO E 350 -23.38 12.21 -2.30
N ASN E 351 -22.39 12.14 -1.40
CA ASN E 351 -21.02 12.48 -1.78
C ASN E 351 -20.43 11.48 -2.75
N SER E 352 -20.96 10.25 -2.76
CA SER E 352 -20.43 9.23 -3.65
C SER E 352 -20.92 9.39 -5.08
N ILE E 353 -21.94 10.24 -5.27
CA ILE E 353 -22.47 10.45 -6.61
C ILE E 353 -21.44 11.17 -7.47
N ASP E 354 -21.42 10.85 -8.76
CA ASP E 354 -20.52 11.52 -9.69
C ASP E 354 -20.85 13.00 -9.72
N PRO E 355 -19.84 13.87 -9.51
CA PRO E 355 -20.12 15.32 -9.52
C PRO E 355 -20.73 15.83 -10.83
N ALA E 356 -20.43 15.19 -11.95
CA ALA E 356 -21.00 15.60 -13.22
C ALA E 356 -22.51 15.37 -13.27
N LEU E 357 -23.03 14.48 -12.42
CA LEU E 357 -24.47 14.21 -12.42
C LEU E 357 -25.24 15.26 -11.64
N ARG E 358 -24.54 16.13 -10.92
CA ARG E 358 -25.19 17.19 -10.15
C ARG E 358 -25.03 18.57 -10.78
N ARG E 359 -24.55 18.65 -12.02
CA ARG E 359 -24.40 19.92 -12.70
C ARG E 359 -25.76 20.45 -13.16
N PHE E 360 -25.76 21.65 -13.71
CA PHE E 360 -26.98 22.22 -14.27
C PHE E 360 -27.46 21.37 -15.45
N GLY E 361 -28.75 21.06 -15.44
CA GLY E 361 -29.34 20.20 -16.44
C GLY E 361 -29.37 18.72 -16.09
N ARG E 362 -28.71 18.33 -15.01
CA ARG E 362 -28.73 16.95 -14.52
C ARG E 362 -28.84 16.98 -13.01
N PHE E 363 -29.98 16.53 -12.49
CA PHE E 363 -30.21 16.47 -11.04
C PHE E 363 -29.88 17.80 -10.37
N ASP E 364 -30.29 18.89 -11.02
CA ASP E 364 -29.90 20.22 -10.55
C ASP E 364 -30.56 20.55 -9.22
N ARG E 365 -31.75 20.02 -8.97
CA ARG E 365 -32.47 20.30 -7.74
C ARG E 365 -32.28 19.15 -6.75
N GLU E 366 -31.86 19.51 -5.53
CA GLU E 366 -31.57 18.54 -4.49
C GLU E 366 -32.41 18.86 -3.26
N VAL E 367 -33.08 17.84 -2.73
CA VAL E 367 -33.91 17.98 -1.55
C VAL E 367 -33.27 17.18 -0.42
N ASP E 368 -33.08 17.82 0.73
CA ASP E 368 -32.46 17.19 1.88
C ASP E 368 -33.55 16.77 2.85
N ILE E 369 -33.70 15.46 3.05
CA ILE E 369 -34.70 14.92 3.97
C ILE E 369 -33.99 14.77 5.32
N GLY E 370 -34.07 15.80 6.14
CA GLY E 370 -33.31 15.83 7.37
C GLY E 370 -33.99 15.09 8.51
N ILE E 371 -33.32 15.10 9.66
CA ILE E 371 -33.86 14.46 10.86
C ILE E 371 -34.98 15.32 11.41
N PRO E 372 -36.17 14.75 11.68
CA PRO E 372 -37.27 15.57 12.19
C PRO E 372 -37.00 16.09 13.58
N ASP E 373 -37.57 17.26 13.88
CA ASP E 373 -37.50 17.82 15.22
C ASP E 373 -38.70 17.36 16.04
N ALA E 374 -38.90 18.01 17.19
CA ALA E 374 -39.89 17.54 18.16
C ALA E 374 -41.29 17.48 17.56
N THR E 375 -41.75 18.57 16.93
CA THR E 375 -43.08 18.57 16.35
C THR E 375 -43.15 17.66 15.13
N GLY E 376 -42.05 17.52 14.40
CA GLY E 376 -42.03 16.61 13.27
C GLY E 376 -42.22 15.17 13.70
N ARG E 377 -41.51 14.74 14.74
CA ARG E 377 -41.67 13.37 15.20
C ARG E 377 -42.98 13.18 15.95
N LEU E 378 -43.54 14.25 16.51
CA LEU E 378 -44.90 14.18 17.04
C LEU E 378 -45.89 13.90 15.92
N GLU E 379 -45.74 14.57 14.78
CA GLU E 379 -46.61 14.32 13.64
C GLU E 379 -46.42 12.90 13.11
N ILE E 380 -45.17 12.43 13.06
CA ILE E 380 -44.90 11.06 12.63
C ILE E 380 -45.58 10.06 13.56
N LEU E 381 -45.50 10.30 14.87
CA LEU E 381 -46.14 9.41 15.84
C LEU E 381 -47.66 9.42 15.67
N GLN E 382 -48.24 10.61 15.44
CA GLN E 382 -49.69 10.69 15.24
C GLN E 382 -50.11 9.93 13.99
N ILE E 383 -49.32 10.02 12.92
CA ILE E 383 -49.64 9.28 11.70
C ILE E 383 -49.52 7.78 11.94
N HIS E 384 -48.43 7.34 12.58
CA HIS E 384 -48.18 5.92 12.76
C HIS E 384 -49.19 5.26 13.69
N THR E 385 -49.54 5.92 14.80
CA THR E 385 -50.44 5.34 15.79
C THR E 385 -51.92 5.52 15.44
N LYS E 386 -52.21 6.01 14.24
CA LYS E 386 -53.61 6.13 13.81
C LYS E 386 -54.26 4.76 13.72
N ASN E 387 -53.55 3.77 13.19
CA ASN E 387 -54.10 2.41 13.10
C ASN E 387 -54.09 1.72 14.46
N MET E 388 -53.08 2.00 15.28
CA MET E 388 -52.98 1.36 16.58
C MET E 388 -54.13 1.76 17.48
N LYS E 389 -54.57 0.83 18.31
CA LYS E 389 -55.66 1.09 19.27
C LYS E 389 -55.03 1.52 20.60
N LEU E 390 -54.71 2.81 20.67
CA LEU E 390 -54.09 3.37 21.87
C LEU E 390 -55.11 3.45 23.01
N ALA E 391 -54.60 3.49 24.24
CA ALA E 391 -55.44 3.70 25.40
C ALA E 391 -55.73 5.18 25.59
N ASP E 392 -56.31 5.51 26.74
CA ASP E 392 -56.67 6.91 27.02
C ASP E 392 -55.55 7.62 27.76
N ASP E 393 -54.70 6.88 28.47
CA ASP E 393 -53.63 7.52 29.24
C ASP E 393 -52.40 7.80 28.38
N VAL E 394 -52.44 7.40 27.10
CA VAL E 394 -51.29 7.60 26.23
C VAL E 394 -51.11 9.09 25.96
N ASP E 395 -49.87 9.57 26.09
CA ASP E 395 -49.52 10.96 25.86
C ASP E 395 -48.43 11.01 24.81
N LEU E 396 -48.80 11.33 23.57
CA LEU E 396 -47.85 11.26 22.46
C LEU E 396 -46.86 12.40 22.49
N GLU E 397 -47.23 13.53 23.11
CA GLU E 397 -46.30 14.65 23.20
C GLU E 397 -45.07 14.29 24.03
N GLN E 398 -45.27 13.58 25.13
CA GLN E 398 -44.13 13.14 25.95
C GLN E 398 -43.23 12.19 25.17
N VAL E 399 -43.82 11.25 24.42
CA VAL E 399 -43.04 10.31 23.63
C VAL E 399 -42.25 11.05 22.56
N ALA E 400 -42.87 12.05 21.92
CA ALA E 400 -42.17 12.84 20.93
C ALA E 400 -41.03 13.62 21.56
N ASN E 401 -41.24 14.17 22.76
CA ASN E 401 -40.21 14.97 23.41
C ASN E 401 -39.01 14.13 23.80
N GLU E 402 -39.25 12.92 24.33
CA GLU E 402 -38.14 12.15 24.89
C GLU E 402 -37.24 11.58 23.81
N THR E 403 -37.81 11.18 22.67
CA THR E 403 -37.02 10.63 21.56
C THR E 403 -36.23 11.77 20.90
N HIS E 404 -34.96 11.90 21.29
CA HIS E 404 -34.18 13.07 20.90
C HIS E 404 -33.71 12.97 19.45
N GLY E 405 -32.91 11.97 19.13
CA GLY E 405 -32.37 11.81 17.79
C GLY E 405 -33.07 10.82 16.92
N HIS E 406 -34.32 10.49 17.22
CA HIS E 406 -35.00 9.40 16.52
C HIS E 406 -35.50 9.85 15.15
N VAL E 407 -35.45 8.92 14.19
CA VAL E 407 -35.96 9.13 12.85
C VAL E 407 -37.25 8.33 12.74
N GLY E 408 -37.99 8.49 11.64
CA GLY E 408 -39.27 7.82 11.51
C GLY E 408 -39.20 6.32 11.66
N ALA E 409 -38.12 5.71 11.14
CA ALA E 409 -37.93 4.27 11.33
C ALA E 409 -37.77 3.94 12.81
N ASP E 410 -37.07 4.79 13.56
CA ASP E 410 -36.93 4.57 15.00
C ASP E 410 -38.27 4.68 15.71
N LEU E 411 -39.12 5.62 15.29
CA LEU E 411 -40.45 5.75 15.88
C LEU E 411 -41.31 4.53 15.57
N ALA E 412 -41.23 4.02 14.35
CA ALA E 412 -41.95 2.79 14.02
C ALA E 412 -41.46 1.62 14.86
N ALA E 413 -40.14 1.53 15.07
CA ALA E 413 -39.59 0.50 15.94
C ALA E 413 -40.11 0.65 17.37
N LEU E 414 -40.20 1.88 17.86
CA LEU E 414 -40.72 2.12 19.20
C LEU E 414 -42.17 1.66 19.34
N CYS E 415 -42.99 1.97 18.33
CA CYS E 415 -44.39 1.51 18.35
C CYS E 415 -44.46 0.00 18.33
N SER E 416 -43.63 -0.65 17.51
CA SER E 416 -43.62 -2.11 17.46
C SER E 416 -43.22 -2.70 18.80
N GLU E 417 -42.21 -2.13 19.45
CA GLU E 417 -41.77 -2.64 20.75
C GLU E 417 -42.85 -2.46 21.81
N ALA E 418 -43.55 -1.33 21.79
CA ALA E 418 -44.63 -1.13 22.76
C ALA E 418 -45.75 -2.14 22.56
N ALA E 419 -46.14 -2.39 21.30
CA ALA E 419 -47.17 -3.38 21.04
C ALA E 419 -46.72 -4.78 21.46
N LEU E 420 -45.45 -5.10 21.21
CA LEU E 420 -44.92 -6.39 21.63
C LEU E 420 -44.91 -6.52 23.15
N GLN E 421 -44.66 -5.42 23.87
CA GLN E 421 -44.74 -5.44 25.32
C GLN E 421 -46.15 -5.72 25.80
N ALA E 422 -47.15 -5.11 25.15
CA ALA E 422 -48.54 -5.41 25.51
C ALA E 422 -48.86 -6.87 25.25
N ILE E 423 -48.39 -7.41 24.13
CA ILE E 423 -48.62 -8.81 23.82
C ILE E 423 -47.94 -9.72 24.84
N ARG E 424 -46.74 -9.34 25.30
CA ARG E 424 -46.08 -10.08 26.37
C ARG E 424 -46.90 -10.06 27.64
N LYS E 425 -47.50 -8.91 27.95
CA LYS E 425 -48.36 -8.81 29.13
C LYS E 425 -49.54 -9.76 29.02
N LYS E 426 -50.11 -9.90 27.83
CA LYS E 426 -51.26 -10.78 27.63
C LYS E 426 -50.90 -12.25 27.40
N MET E 427 -49.60 -12.56 27.27
CA MET E 427 -49.18 -13.96 27.17
C MET E 427 -49.63 -14.80 28.37
N ASP E 428 -49.91 -14.16 29.50
CA ASP E 428 -50.39 -14.92 30.67
C ASP E 428 -51.69 -15.65 30.33
N LEU E 429 -52.60 -14.96 29.64
CA LEU E 429 -53.88 -15.58 29.29
C LEU E 429 -53.83 -16.26 27.93
N ILE E 430 -53.14 -15.64 26.97
CA ILE E 430 -53.12 -16.18 25.61
C ILE E 430 -52.41 -17.52 25.56
N ASP E 431 -51.28 -17.65 26.25
CA ASP E 431 -50.48 -18.87 26.27
C ASP E 431 -49.98 -19.20 24.85
N LEU E 432 -49.59 -20.45 24.64
CA LEU E 432 -49.07 -20.89 23.35
C LEU E 432 -49.60 -22.29 23.06
N GLU E 433 -49.38 -22.73 21.81
CA GLU E 433 -49.86 -24.04 21.34
C GLU E 433 -51.37 -24.16 21.47
N ASP E 434 -52.08 -23.04 21.35
CA ASP E 434 -53.53 -23.01 21.41
C ASP E 434 -54.08 -22.62 20.05
N GLU E 435 -55.07 -23.37 19.56
CA GLU E 435 -55.62 -23.12 18.24
C GLU E 435 -56.30 -21.76 18.16
N THR E 436 -57.01 -21.37 19.21
CA THR E 436 -57.76 -20.12 19.22
C THR E 436 -57.49 -19.37 20.51
N ILE E 437 -57.69 -18.05 20.46
CA ILE E 437 -57.49 -17.16 21.60
C ILE E 437 -58.86 -16.65 22.05
N ASP E 438 -59.05 -16.59 23.36
CA ASP E 438 -60.36 -16.22 23.91
C ASP E 438 -60.69 -14.78 23.56
N ALA E 439 -61.99 -14.50 23.38
CA ALA E 439 -62.42 -13.25 22.76
C ALA E 439 -62.15 -12.05 23.68
N GLU E 440 -62.52 -12.16 24.95
CA GLU E 440 -62.33 -11.02 25.85
C GLU E 440 -60.85 -10.71 26.03
N VAL E 441 -59.98 -11.71 25.86
CA VAL E 441 -58.55 -11.44 25.84
C VAL E 441 -58.18 -10.58 24.64
N MET E 442 -58.76 -10.87 23.48
CA MET E 442 -58.53 -10.05 22.30
C MET E 442 -59.01 -8.62 22.52
N ASN E 443 -60.19 -8.46 23.13
CA ASN E 443 -60.74 -7.12 23.32
C ASN E 443 -59.97 -6.35 24.39
N SER E 444 -59.42 -7.06 25.39
CA SER E 444 -58.71 -6.38 26.46
C SER E 444 -57.34 -5.90 25.98
N LEU E 445 -56.86 -6.43 24.86
CA LEU E 445 -55.52 -6.08 24.38
C LEU E 445 -55.49 -4.63 23.89
N ALA E 446 -54.58 -3.85 24.46
CA ALA E 446 -54.40 -2.46 24.05
C ALA E 446 -53.01 -2.00 24.49
N VAL E 447 -52.55 -0.91 23.89
CA VAL E 447 -51.25 -0.33 24.22
C VAL E 447 -51.47 0.80 25.20
N THR E 448 -50.82 0.72 26.36
CA THR E 448 -50.94 1.71 27.41
C THR E 448 -49.66 2.56 27.44
N MET E 449 -49.69 3.58 28.31
CA MET E 449 -48.52 4.45 28.43
C MET E 449 -47.34 3.71 29.06
N ASP E 450 -47.61 2.67 29.85
CA ASP E 450 -46.52 1.87 30.41
C ASP E 450 -45.74 1.15 29.32
N ASP E 451 -46.43 0.65 28.30
CA ASP E 451 -45.75 0.00 27.18
C ASP E 451 -44.87 0.99 26.42
N PHE E 452 -45.36 2.21 26.21
CA PHE E 452 -44.55 3.23 25.56
C PHE E 452 -43.35 3.60 26.43
N ARG E 453 -43.53 3.66 27.75
CA ARG E 453 -42.40 3.95 28.63
C ARG E 453 -41.35 2.86 28.55
N TRP E 454 -41.77 1.59 28.53
CA TRP E 454 -40.84 0.49 28.38
C TRP E 454 -40.10 0.57 27.06
N ALA E 455 -40.83 0.84 25.97
CA ALA E 455 -40.20 0.93 24.66
C ALA E 455 -39.21 2.09 24.61
N LEU E 456 -39.58 3.25 25.17
CA LEU E 456 -38.67 4.37 25.26
C LEU E 456 -37.41 4.01 26.04
N SER E 457 -37.58 3.26 27.13
CA SER E 457 -36.43 2.81 27.90
C SER E 457 -35.51 1.95 27.04
N GLN E 458 -36.08 1.07 26.23
CA GLN E 458 -35.27 0.20 25.38
C GLN E 458 -34.86 0.89 24.09
N SER E 459 -35.53 2.00 23.74
CA SER E 459 -35.29 2.63 22.45
C SER E 459 -33.93 3.32 22.40
N ASN E 460 -33.33 3.30 21.21
CA ASN E 460 -32.07 3.98 20.94
C ASN E 460 -32.03 4.30 19.45
N PRO E 461 -31.46 5.44 19.08
CA PRO E 461 -31.34 5.77 17.65
C PRO E 461 -30.51 4.73 16.90
N SER E 462 -30.91 4.44 15.67
CA SER E 462 -30.21 3.44 14.88
C SER E 462 -28.90 3.96 14.34
N ALA E 463 -28.74 5.29 14.28
CA ALA E 463 -27.50 5.87 13.77
C ALA E 463 -26.33 5.59 14.71
N LEU E 464 -26.54 5.73 16.00
CA LEU E 464 -25.47 5.54 16.98
C LEU E 464 -25.75 4.39 17.92
N ARG E 465 -25.54 2.28 15.86
CA ARG E 465 -25.60 1.14 16.77
C ARG E 465 -24.19 0.64 17.09
N GLU E 466 -23.22 1.17 16.35
CA GLU E 466 -21.82 0.78 16.59
C GLU E 466 -21.25 1.49 17.81
N THR E 467 -21.69 2.73 18.05
CA THR E 467 -21.08 3.53 19.10
C THR E 467 -21.61 3.16 20.49
N VAL E 468 -22.61 2.28 20.54
CA VAL E 468 -23.24 1.95 21.81
C VAL E 468 -22.28 1.15 22.67
N VAL E 469 -22.10 1.60 23.91
CA VAL E 469 -21.28 0.89 24.89
C VAL E 469 -22.09 0.78 26.18
N GLU E 470 -21.72 -0.19 27.01
CA GLU E 470 -22.41 -0.39 28.27
C GLU E 470 -21.89 0.59 29.33
N VAL E 471 -22.82 1.23 30.03
CA VAL E 471 -22.47 2.26 31.01
C VAL E 471 -22.83 1.75 32.39
N PRO E 472 -21.94 1.96 33.38
CA PRO E 472 -22.19 1.41 34.72
C PRO E 472 -23.37 2.04 35.46
N GLN E 473 -24.13 2.92 34.83
CA GLN E 473 -25.33 3.52 35.43
C GLN E 473 -24.95 4.29 36.70
N VAL E 474 -24.21 5.37 36.52
CA VAL E 474 -23.92 6.28 37.63
C VAL E 474 -25.01 7.34 37.70
N THR E 475 -25.33 7.77 38.91
CA THR E 475 -26.37 8.76 39.16
C THR E 475 -25.71 9.99 39.79
N TRP E 476 -26.38 11.14 39.66
CA TRP E 476 -25.80 12.38 40.17
C TRP E 476 -25.58 12.33 41.68
N GLU E 477 -26.41 11.57 42.41
CA GLU E 477 -26.20 11.43 43.84
C GLU E 477 -25.02 10.51 44.14
N ASP E 478 -24.63 9.67 43.19
CA ASP E 478 -23.44 8.85 43.38
C ASP E 478 -22.17 9.71 43.40
N ILE E 479 -22.21 10.86 42.73
CA ILE E 479 -21.07 11.77 42.75
C ILE E 479 -21.14 12.66 43.97
N GLY E 480 -20.06 12.67 44.76
CA GLY E 480 -19.98 13.52 45.93
C GLY E 480 -19.15 14.76 45.68
N GLY E 481 -19.63 15.92 46.10
CA GLY E 481 -18.95 17.16 45.83
C GLY E 481 -19.21 17.64 44.41
N LEU E 482 -18.34 18.56 43.97
CA LEU E 482 -18.43 19.15 42.63
C LEU E 482 -19.80 19.76 42.38
N GLU E 483 -20.33 20.46 43.38
CA GLU E 483 -21.65 21.08 43.24
C GLU E 483 -21.64 22.15 42.16
N ASP E 484 -20.59 22.98 42.13
CA ASP E 484 -20.48 23.99 41.08
C ASP E 484 -20.30 23.36 39.71
N VAL E 485 -19.51 22.29 39.63
CA VAL E 485 -19.28 21.62 38.35
C VAL E 485 -20.56 20.94 37.88
N LYS E 486 -21.32 20.36 38.80
CA LYS E 486 -22.57 19.70 38.42
C LYS E 486 -23.56 20.69 37.80
N ARG E 487 -23.75 21.85 38.43
CA ARG E 487 -24.75 22.78 37.94
C ARG E 487 -24.34 23.36 36.58
N GLU E 488 -23.04 23.53 36.34
CA GLU E 488 -22.59 24.00 35.03
C GLU E 488 -22.89 22.98 33.95
N LEU E 489 -22.61 21.70 34.21
CA LEU E 489 -22.78 20.67 33.19
C LEU E 489 -24.24 20.51 32.79
N GLN E 490 -25.15 20.50 33.78
CA GLN E 490 -26.56 20.31 33.47
C GLN E 490 -27.11 21.47 32.64
N GLU E 491 -26.76 22.70 33.00
CA GLU E 491 -27.31 23.84 32.28
C GLU E 491 -26.62 24.02 30.93
N LEU E 492 -25.35 23.65 30.82
CA LEU E 492 -24.61 23.88 29.58
C LEU E 492 -25.19 23.04 28.43
N VAL E 493 -25.74 21.87 28.77
CA VAL E 493 -26.39 21.05 27.74
C VAL E 493 -27.87 21.42 27.63
N GLN E 494 -28.51 21.69 28.76
CA GLN E 494 -29.96 21.88 28.77
C GLN E 494 -30.34 23.24 28.19
N TYR E 495 -29.60 24.30 28.52
CA TYR E 495 -30.04 25.65 28.16
C TYR E 495 -30.12 25.87 26.66
N PRO E 496 -29.08 25.60 25.84
CA PRO E 496 -29.20 25.85 24.40
C PRO E 496 -30.27 25.00 23.74
N VAL E 497 -30.46 23.78 24.24
CA VAL E 497 -31.47 22.89 23.67
C VAL E 497 -32.87 23.35 24.04
N GLU E 498 -33.09 23.65 25.32
CA GLU E 498 -34.44 24.00 25.77
C GLU E 498 -34.82 25.41 25.36
N HIS E 499 -33.86 26.35 25.36
CA HIS E 499 -34.13 27.76 25.06
C HIS E 499 -33.17 28.24 23.99
N PRO E 500 -33.31 27.75 22.74
CA PRO E 500 -32.42 28.21 21.68
C PRO E 500 -32.72 29.62 21.20
N ASP E 501 -34.00 30.00 21.20
CA ASP E 501 -34.39 31.31 20.69
C ASP E 501 -33.87 32.43 21.57
N LYS E 502 -33.77 32.18 22.87
CA LYS E 502 -33.50 33.25 23.82
C LYS E 502 -32.01 33.56 23.89
N PHE E 503 -31.16 32.61 23.51
CA PHE E 503 -29.75 32.94 23.23
C PHE E 503 -29.63 33.86 22.03
N LEU E 504 -30.44 33.63 20.98
CA LEU E 504 -30.44 34.50 19.82
C LEU E 504 -30.84 35.92 20.20
N LYS E 505 -31.78 36.06 21.13
CA LYS E 505 -32.24 37.39 21.52
C LYS E 505 -31.11 38.22 22.10
N PHE E 506 -30.26 37.62 22.93
CA PHE E 506 -29.12 38.35 23.48
C PHE E 506 -28.02 38.51 22.43
N GLY E 507 -28.03 37.67 21.40
CA GLY E 507 -27.14 37.84 20.27
C GLY E 507 -25.85 37.05 20.31
N MET E 508 -25.72 36.07 21.19
CA MET E 508 -24.49 35.31 21.36
C MET E 508 -24.74 33.82 21.15
N THR E 509 -23.76 33.14 20.56
CA THR E 509 -23.85 31.70 20.39
C THR E 509 -23.44 30.98 21.67
N PRO E 510 -23.99 29.80 21.93
CA PRO E 510 -23.57 29.04 23.11
C PRO E 510 -22.21 28.39 22.91
N SER E 511 -21.60 27.99 24.02
CA SER E 511 -20.32 27.30 24.00
C SER E 511 -20.55 25.80 23.93
N LYS E 512 -20.01 25.16 22.90
CA LYS E 512 -20.19 23.74 22.67
C LYS E 512 -18.98 22.91 23.08
N GLY E 513 -17.99 23.51 23.73
CA GLY E 513 -16.80 22.78 24.10
C GLY E 513 -16.45 22.86 25.58
N VAL E 514 -16.10 21.71 26.18
CA VAL E 514 -15.72 21.63 27.58
C VAL E 514 -14.49 20.75 27.69
N LEU E 515 -13.54 21.17 28.51
CA LEU E 515 -12.35 20.38 28.80
C LEU E 515 -12.26 20.13 30.30
N PHE E 516 -12.16 18.87 30.69
CA PHE E 516 -11.93 18.48 32.08
C PHE E 516 -10.46 18.12 32.24
N TYR E 517 -9.79 18.78 33.19
CA TYR E 517 -8.40 18.46 33.52
C TYR E 517 -8.24 18.48 35.02
N GLY E 518 -7.44 17.55 35.54
CA GLY E 518 -7.20 17.45 36.96
C GLY E 518 -6.38 16.22 37.29
N PRO E 519 -6.09 16.03 38.58
CA PRO E 519 -5.33 14.84 39.00
C PRO E 519 -6.15 13.58 38.77
N PRO E 520 -5.49 12.44 38.58
CA PRO E 520 -6.23 11.19 38.33
C PRO E 520 -7.10 10.81 39.52
N GLY E 521 -8.26 10.22 39.21
CA GLY E 521 -9.15 9.69 40.22
C GLY E 521 -10.06 10.71 40.88
N CYS E 522 -10.21 11.89 40.31
CA CYS E 522 -10.97 12.96 40.94
C CYS E 522 -12.38 13.11 40.38
N GLY E 523 -12.80 12.27 39.44
CA GLY E 523 -14.18 12.28 38.99
C GLY E 523 -14.43 12.85 37.62
N LYS E 524 -13.41 12.93 36.77
CA LYS E 524 -13.61 13.41 35.40
C LYS E 524 -14.48 12.45 34.60
N THR E 525 -14.25 11.15 34.76
CA THR E 525 -15.02 10.16 34.03
C THR E 525 -16.38 9.88 34.66
N LEU E 526 -16.51 10.04 35.98
CA LEU E 526 -17.81 9.87 36.61
C LEU E 526 -18.83 10.89 36.09
N LEU E 527 -18.39 12.13 35.88
CA LEU E 527 -19.29 13.15 35.35
C LEU E 527 -19.79 12.76 33.97
N ALA E 528 -18.92 12.16 33.15
CA ALA E 528 -19.34 11.68 31.84
C ALA E 528 -20.35 10.55 31.97
N LYS E 529 -20.16 9.66 32.95
CA LYS E 529 -21.11 8.57 33.15
C LYS E 529 -22.46 9.09 33.63
N ALA E 530 -22.45 10.11 34.49
CA ALA E 530 -23.69 10.71 34.94
C ALA E 530 -24.41 11.40 33.78
N ILE E 531 -23.66 12.06 32.90
CA ILE E 531 -24.26 12.68 31.73
C ILE E 531 -24.85 11.62 30.80
N ALA E 532 -24.15 10.50 30.64
CA ALA E 532 -24.60 9.46 29.73
C ALA E 532 -25.95 8.87 30.17
N ASN E 533 -26.18 8.83 31.48
CA ASN E 533 -27.43 8.24 31.97
C ASN E 533 -28.53 9.28 32.11
N GLU E 534 -28.23 10.43 32.73
CA GLU E 534 -29.25 11.36 33.17
C GLU E 534 -29.54 12.47 32.16
N CYS E 535 -28.51 13.01 31.52
CA CYS E 535 -28.71 14.15 30.62
C CYS E 535 -29.60 13.76 29.43
N GLN E 536 -30.47 14.68 29.04
CA GLN E 536 -31.42 14.45 27.96
C GLN E 536 -30.76 14.82 26.63
N ALA E 537 -29.76 14.02 26.26
CA ALA E 537 -29.08 14.15 24.98
C ALA E 537 -28.39 12.84 24.68
N ASN E 538 -28.25 12.55 23.39
CA ASN E 538 -27.53 11.36 22.97
C ASN E 538 -26.07 11.46 23.37
N PHE E 539 -25.45 10.31 23.64
CA PHE E 539 -24.09 10.26 24.14
C PHE E 539 -23.25 9.34 23.25
N ILE E 540 -22.12 9.85 22.79
CA ILE E 540 -21.14 9.05 22.05
C ILE E 540 -19.80 9.20 22.74
N SER E 541 -19.28 8.08 23.25
CA SER E 541 -18.01 8.07 23.97
C SER E 541 -16.94 7.49 23.06
N ILE E 542 -15.83 8.22 22.92
CA ILE E 542 -14.74 7.82 22.03
C ILE E 542 -13.49 7.63 22.88
N LYS E 543 -12.96 6.40 22.89
CA LYS E 543 -11.61 6.20 23.36
C LYS E 543 -10.63 6.84 22.39
N GLY E 544 -9.52 7.36 22.92
CA GLY E 544 -8.58 8.10 22.10
C GLY E 544 -8.05 7.37 20.89
N PRO E 545 -7.23 6.34 21.06
CA PRO E 545 -6.54 5.76 19.90
C PRO E 545 -7.41 4.88 19.01
N GLU E 546 -8.68 4.66 19.36
CA GLU E 546 -9.47 3.71 18.58
C GLU E 546 -9.77 4.23 17.18
N LEU E 547 -9.73 5.55 17.00
CA LEU E 547 -10.00 6.14 15.68
C LEU E 547 -8.86 5.93 14.70
N LEU E 548 -7.66 5.61 15.19
CA LEU E 548 -6.48 5.52 14.36
C LEU E 548 -6.44 4.18 13.63
N THR E 549 -6.02 4.22 12.36
CA THR E 549 -5.99 3.05 11.51
C THR E 549 -4.67 3.03 10.74
N MET E 550 -4.18 1.82 10.50
CA MET E 550 -2.92 1.64 9.79
C MET E 550 -2.97 2.20 8.38
N TRP E 551 -4.08 2.00 7.68
CA TRP E 551 -4.16 2.36 6.27
C TRP E 551 -4.20 3.86 6.07
N PHE E 552 -3.58 4.32 4.98
CA PHE E 552 -3.50 5.75 4.69
C PHE E 552 -4.86 6.30 4.33
N GLY E 553 -5.25 7.40 4.99
CA GLY E 553 -6.48 8.09 4.70
C GLY E 553 -7.69 7.63 5.48
N GLU E 554 -7.62 6.45 6.11
CA GLU E 554 -8.79 5.94 6.82
C GLU E 554 -8.88 6.52 8.23
N SER E 555 -7.74 6.92 8.80
CA SER E 555 -7.77 7.52 10.14
C SER E 555 -8.56 8.82 10.15
N GLU E 556 -8.42 9.64 9.11
CA GLU E 556 -9.19 10.88 9.03
C GLU E 556 -10.64 10.60 8.63
N ALA E 557 -10.87 9.51 7.90
CA ALA E 557 -12.25 9.13 7.57
C ALA E 557 -13.01 8.74 8.84
N ASN E 558 -12.35 8.10 9.79
CA ASN E 558 -12.98 7.76 11.05
C ASN E 558 -13.40 9.01 11.82
N VAL E 559 -12.55 10.04 11.80
CA VAL E 559 -12.89 11.29 12.47
C VAL E 559 -14.09 11.95 11.81
N ARG E 560 -14.12 11.94 10.48
CA ARG E 560 -15.26 12.53 9.77
C ARG E 560 -16.55 11.79 10.08
N GLU E 561 -16.49 10.47 10.15
CA GLU E 561 -17.70 9.68 10.37
C GLU E 561 -18.23 9.85 11.78
N ILE E 562 -17.34 9.93 12.77
CA ILE E 562 -17.79 10.02 14.16
C ILE E 562 -18.44 11.38 14.43
N PHE E 563 -17.94 12.43 13.77
CA PHE E 563 -18.57 13.74 13.91
C PHE E 563 -19.88 13.82 13.13
N ASP E 564 -19.96 13.10 12.01
CA ASP E 564 -21.20 13.06 11.24
C ASP E 564 -22.31 12.36 12.03
N LYS E 565 -21.98 11.29 12.74
CA LYS E 565 -22.97 10.59 13.56
C LYS E 565 -23.47 11.48 14.68
N ALA E 566 -22.62 12.37 15.19
CA ALA E 566 -23.05 13.30 16.23
C ALA E 566 -24.03 14.33 15.67
N ARG E 567 -23.84 14.76 14.42
CA ARG E 567 -24.77 15.70 13.81
C ARG E 567 -26.10 15.04 13.48
N GLN E 568 -26.08 13.78 13.09
CA GLN E 568 -27.29 13.06 12.73
C GLN E 568 -28.18 12.73 13.91
N ALA E 569 -27.69 12.92 15.14
CA ALA E 569 -28.46 12.60 16.34
C ALA E 569 -28.44 13.76 17.33
N ALA E 570 -28.42 14.99 16.84
CA ALA E 570 -28.45 16.15 17.71
C ALA E 570 -29.80 16.22 18.43
N PRO E 571 -29.79 16.63 19.72
CA PRO E 571 -28.61 16.97 20.50
C PRO E 571 -27.81 15.75 20.94
N CYS E 572 -26.49 15.81 20.74
CA CYS E 572 -25.62 14.69 21.07
C CYS E 572 -24.38 15.22 21.78
N VAL E 573 -23.84 14.40 22.67
CA VAL E 573 -22.64 14.74 23.44
C VAL E 573 -21.50 13.86 22.93
N LEU E 574 -20.46 14.50 22.41
CA LEU E 574 -19.28 13.80 21.93
C LEU E 574 -18.21 13.87 23.02
N PHE E 575 -17.94 12.73 23.67
CA PHE E 575 -17.01 12.67 24.78
C PHE E 575 -15.74 11.97 24.34
N PHE E 576 -14.61 12.66 24.47
CA PHE E 576 -13.30 12.11 24.17
C PHE E 576 -12.59 11.81 25.47
N ASP E 577 -12.47 10.53 25.80
CA ASP E 577 -11.71 10.12 26.97
C ASP E 577 -10.24 10.06 26.63
N GLN E 578 -9.41 10.60 27.52
CA GLN E 578 -7.97 10.74 27.29
C GLN E 578 -7.71 11.50 25.99
N LEU E 579 -8.11 12.77 26.00
CA LEU E 579 -7.99 13.60 24.81
C LEU E 579 -6.55 13.78 24.36
N ASP E 580 -5.59 13.65 25.30
CA ASP E 580 -4.20 13.90 24.96
C ASP E 580 -3.63 12.83 24.04
N SER E 581 -4.35 11.72 23.84
CA SER E 581 -3.88 10.68 22.93
C SER E 581 -3.95 11.16 21.48
N ILE E 582 -5.06 11.77 21.09
CA ILE E 582 -5.26 12.19 19.71
C ILE E 582 -4.87 13.66 19.55
N ALA E 583 -5.28 14.50 20.50
CA ALA E 583 -4.94 15.92 20.47
C ALA E 583 -3.61 16.13 21.17
N LYS E 584 -2.52 15.93 20.44
CA LYS E 584 -1.17 16.06 20.97
C LYS E 584 -0.46 17.19 20.24
N ALA E 585 0.46 17.84 20.95
CA ALA E 585 1.19 18.96 20.37
C ALA E 585 1.91 18.54 19.10
N ARG E 586 1.72 19.32 18.03
CA ARG E 586 2.23 18.95 16.72
C ARG E 586 3.72 19.27 16.61
N GLY E 587 4.37 18.61 15.65
CA GLY E 587 5.78 18.80 15.39
C GLY E 587 6.72 18.05 16.30
N GLY E 588 6.21 17.15 17.15
CA GLY E 588 7.07 16.46 18.10
C GLY E 588 8.07 15.53 17.43
N ASN E 589 7.60 14.75 16.45
CA ASN E 589 8.44 13.75 15.79
C ASN E 589 8.31 13.87 14.28
N ILE E 590 9.43 13.63 13.59
CA ILE E 590 9.43 13.70 12.13
C ILE E 590 8.66 12.52 11.54
N GLY E 591 8.89 11.32 12.07
CA GLY E 591 8.26 10.13 11.54
C GLY E 591 7.15 9.58 12.42
N ASP E 592 5.91 9.66 11.93
CA ASP E 592 4.76 9.18 12.68
C ASP E 592 4.02 8.08 11.91
N GLY E 594 4.27 8.67 8.76
CA GLY E 594 4.86 10.00 8.68
C GLY E 594 3.83 11.12 8.66
N GLY E 595 3.63 11.74 9.82
CA GLY E 595 2.67 12.83 9.93
C GLY E 595 1.22 12.40 9.98
N ALA E 596 0.95 11.11 10.17
CA ALA E 596 -0.43 10.63 10.23
C ALA E 596 -1.15 11.17 11.46
N ALA E 597 -0.42 11.39 12.56
CA ALA E 597 -1.03 11.95 13.76
C ALA E 597 -1.41 13.41 13.55
N ASP E 598 -0.58 14.15 12.80
CA ASP E 598 -0.86 15.57 12.58
C ASP E 598 -2.05 15.76 11.64
N ARG E 599 -2.28 14.81 10.74
CA ARG E 599 -3.45 14.91 9.86
C ARG E 599 -4.74 14.68 10.64
N VAL E 600 -4.70 13.84 11.66
CA VAL E 600 -5.90 13.55 12.46
C VAL E 600 -6.29 14.77 13.29
N ILE E 601 -5.32 15.41 13.93
CA ILE E 601 -5.62 16.56 14.78
C ILE E 601 -6.10 17.74 13.94
N ASN E 602 -5.54 17.90 12.74
CA ASN E 602 -6.04 18.92 11.83
C ASN E 602 -7.46 18.61 11.38
N GLN E 603 -7.76 17.32 11.17
CA GLN E 603 -9.10 16.92 10.77
C GLN E 603 -10.11 17.20 11.88
N ILE E 604 -9.71 17.00 13.14
CA ILE E 604 -10.59 17.33 14.26
C ILE E 604 -10.86 18.82 14.30
N LEU E 605 -9.83 19.63 14.05
CA LEU E 605 -9.99 21.08 14.10
C LEU E 605 -10.99 21.58 13.06
N THR E 606 -10.91 21.05 11.83
CA THR E 606 -11.85 21.47 10.81
C THR E 606 -13.27 21.00 11.08
N GLU E 607 -13.42 19.81 11.69
CA GLU E 607 -14.75 19.31 12.01
C GLU E 607 -15.41 20.15 13.10
N MET E 608 -14.63 20.61 14.08
CA MET E 608 -15.17 21.47 15.12
C MET E 608 -15.59 22.83 14.54
N ASP E 609 -14.83 23.34 13.57
CA ASP E 609 -15.18 24.61 12.95
C ASP E 609 -16.37 24.44 12.01
N GLY E 610 -16.56 23.24 11.46
CA GLY E 610 -17.65 23.03 10.52
C GLY E 610 -19.01 23.20 11.15
N MET E 611 -19.20 22.63 12.34
CA MET E 611 -20.48 22.73 13.04
C MET E 611 -20.55 24.02 13.83
N SER E 612 -21.71 24.65 13.84
CA SER E 612 -21.93 25.89 14.58
C SER E 612 -23.42 26.16 14.66
N THR E 613 -23.75 27.31 15.25
CA THR E 613 -25.10 27.90 15.35
C THR E 613 -26.11 26.83 15.76
N LYS E 614 -27.13 26.54 14.95
CA LYS E 614 -28.30 25.81 15.43
C LYS E 614 -27.95 24.37 15.83
N LYS E 615 -26.98 23.76 15.16
CA LYS E 615 -26.64 22.37 15.45
C LYS E 615 -26.13 22.22 16.88
N ASN E 616 -26.73 21.28 17.61
CA ASN E 616 -26.41 21.07 19.03
C ASN E 616 -25.54 19.83 19.16
N VAL E 617 -24.23 20.02 19.08
CA VAL E 617 -23.29 18.93 19.32
C VAL E 617 -22.26 19.40 20.35
N PHE E 618 -22.42 18.93 21.58
CA PHE E 618 -21.50 19.32 22.64
C PHE E 618 -20.32 18.38 22.71
N ILE E 619 -19.12 18.94 22.74
CA ILE E 619 -17.88 18.17 22.75
C ILE E 619 -17.23 18.31 24.11
N ILE E 620 -16.99 17.19 24.77
CA ILE E 620 -16.39 17.15 26.10
C ILE E 620 -15.13 16.31 25.99
N GLY E 621 -14.01 16.84 26.48
CA GLY E 621 -12.75 16.13 26.49
C GLY E 621 -12.15 16.14 27.89
N ALA E 622 -11.85 14.94 28.40
CA ALA E 622 -11.23 14.79 29.70
C ALA E 622 -9.77 14.39 29.49
N THR E 623 -8.85 15.27 29.90
CA THR E 623 -7.43 15.03 29.77
C THR E 623 -6.81 14.89 31.15
N ASN E 624 -5.97 13.87 31.32
CA ASN E 624 -5.36 13.63 32.61
C ASN E 624 -4.28 14.67 32.91
N ARG E 625 -3.48 15.01 31.91
CA ARG E 625 -2.46 16.04 32.03
C ARG E 625 -2.62 17.03 30.88
N PRO E 626 -3.08 18.25 31.16
CA PRO E 626 -3.42 19.16 30.04
C PRO E 626 -2.23 19.86 29.43
N ASP E 627 -1.03 19.69 30.01
CA ASP E 627 0.14 20.41 29.51
C ASP E 627 0.55 19.93 28.13
N ILE E 628 0.20 18.68 27.79
CA ILE E 628 0.59 18.15 26.48
C ILE E 628 -0.54 18.30 25.46
N ILE E 629 -1.64 18.95 25.85
CA ILE E 629 -2.73 19.19 24.89
C ILE E 629 -2.28 20.23 23.88
N ASP E 630 -2.67 20.03 22.62
CA ASP E 630 -2.36 20.99 21.58
C ASP E 630 -3.04 22.32 21.88
N PRO E 631 -2.30 23.44 21.86
CA PRO E 631 -2.92 24.74 22.17
C PRO E 631 -4.00 25.15 21.19
N ALA E 632 -3.99 24.62 19.96
CA ALA E 632 -5.01 24.98 18.99
C ALA E 632 -6.38 24.49 19.42
N ILE E 633 -6.43 23.39 20.17
CA ILE E 633 -7.69 22.89 20.71
C ILE E 633 -8.31 23.91 21.65
N LEU E 634 -7.51 24.48 22.54
CA LEU E 634 -8.01 25.42 23.53
C LEU E 634 -8.24 26.81 22.96
N ARG E 635 -7.83 27.05 21.71
CA ARG E 635 -8.14 28.29 21.03
C ARG E 635 -9.67 28.44 20.94
N PRO E 636 -10.20 29.65 21.15
CA PRO E 636 -11.62 29.76 21.38
C PRO E 636 -12.54 29.55 20.16
N GLY E 637 -13.74 29.08 20.46
CA GLY E 637 -14.64 28.55 19.45
C GLY E 637 -14.60 27.04 19.29
N ARG E 638 -13.60 26.37 19.90
CA ARG E 638 -13.50 24.91 19.81
C ARG E 638 -13.73 24.27 21.16
N LEU E 639 -12.91 24.56 22.18
CA LEU E 639 -13.14 24.13 23.55
C LEU E 639 -13.00 25.35 24.46
N ASP E 640 -14.09 26.10 24.60
CA ASP E 640 -14.03 27.33 25.37
C ASP E 640 -13.93 27.07 26.87
N GLN E 641 -14.84 26.27 27.41
CA GLN E 641 -14.88 26.05 28.84
C GLN E 641 -13.77 25.10 29.26
N LEU E 642 -12.98 25.51 30.24
CA LEU E 642 -11.92 24.68 30.82
C LEU E 642 -12.23 24.51 32.31
N ILE E 643 -12.87 23.40 32.64
CA ILE E 643 -13.27 23.10 34.00
C ILE E 643 -12.17 22.28 34.65
N TYR E 644 -11.70 22.73 35.81
CA TYR E 644 -10.62 22.07 36.54
C TYR E 644 -11.22 21.30 37.70
N ILE E 645 -10.95 19.99 37.75
CA ILE E 645 -11.47 19.12 38.81
C ILE E 645 -10.37 18.94 39.83
N PRO E 646 -10.45 19.56 41.01
CA PRO E 646 -9.36 19.49 41.97
C PRO E 646 -9.49 18.29 42.91
N LEU E 647 -8.52 18.16 43.79
CA LEU E 647 -8.64 17.20 44.88
C LEU E 647 -9.77 17.64 45.81
N PRO E 648 -10.61 16.72 46.26
CA PRO E 648 -11.71 17.10 47.16
C PRO E 648 -11.18 17.67 48.46
N ASP E 649 -11.85 18.71 48.94
CA ASP E 649 -11.53 19.26 50.25
C ASP E 649 -12.30 18.51 51.34
N GLU E 650 -12.11 18.95 52.59
CA GLU E 650 -12.69 18.22 53.72
C GLU E 650 -14.20 18.15 53.62
N LYS E 651 -14.84 19.24 53.17
CA LYS E 651 -16.29 19.23 53.02
C LYS E 651 -16.72 18.23 51.94
N SER E 652 -15.98 18.15 50.84
CA SER E 652 -16.33 17.23 49.76
C SER E 652 -16.02 15.79 50.14
N ARG E 653 -14.93 15.56 50.87
CA ARG E 653 -14.54 14.20 51.21
C ARG E 653 -15.58 13.52 52.09
N VAL E 654 -16.31 14.29 52.90
CA VAL E 654 -17.43 13.74 53.64
C VAL E 654 -18.52 13.27 52.69
N ALA E 655 -18.82 14.08 51.66
CA ALA E 655 -19.84 13.70 50.69
C ALA E 655 -19.44 12.48 49.89
N ILE E 656 -18.16 12.38 49.53
CA ILE E 656 -17.68 11.23 48.77
C ILE E 656 -17.83 9.96 49.60
N LEU E 657 -17.46 10.02 50.88
CA LEU E 657 -17.56 8.84 51.74
C LEU E 657 -19.01 8.41 51.92
N LYS E 658 -19.93 9.37 52.09
CA LYS E 658 -21.33 9.02 52.23
C LYS E 658 -21.88 8.40 50.94
N ALA E 659 -21.49 8.94 49.79
CA ALA E 659 -21.98 8.41 48.52
C ALA E 659 -21.55 6.97 48.30
N ASN E 660 -20.29 6.65 48.63
CA ASN E 660 -19.80 5.29 48.47
C ASN E 660 -20.51 4.33 49.42
N LEU E 661 -20.75 4.77 50.66
CA LEU E 661 -21.40 3.95 51.67
C LEU E 661 -22.91 4.15 51.71
N ARG E 662 -23.49 4.69 50.64
CA ARG E 662 -24.92 4.98 50.63
C ARG E 662 -25.75 3.70 50.74
N LYS E 663 -25.38 2.66 50.00
CA LYS E 663 -26.12 1.41 49.99
C LYS E 663 -25.43 0.29 50.76
N SER E 664 -24.45 0.61 51.60
CA SER E 664 -23.72 -0.37 52.37
C SER E 664 -24.15 -0.32 53.83
N PRO E 665 -24.40 -1.46 54.48
CA PRO E 665 -24.73 -1.44 55.91
C PRO E 665 -23.48 -1.13 56.73
N VAL E 666 -23.48 0.04 57.36
CA VAL E 666 -22.34 0.54 58.11
C VAL E 666 -22.76 0.79 59.54
N ALA E 667 -21.92 0.35 60.48
CA ALA E 667 -22.22 0.52 61.90
C ALA E 667 -22.29 2.00 62.25
N LYS E 668 -23.16 2.33 63.21
CA LYS E 668 -23.35 3.72 63.60
C LYS E 668 -22.08 4.29 64.25
N ASP E 669 -21.26 3.42 64.83
CA ASP E 669 -20.05 3.90 65.52
C ASP E 669 -19.06 4.52 64.54
N VAL E 670 -19.11 4.13 63.26
CA VAL E 670 -18.18 4.66 62.29
C VAL E 670 -18.45 6.14 62.07
N ASP E 671 -17.41 6.95 62.19
CA ASP E 671 -17.50 8.40 62.08
C ASP E 671 -16.90 8.82 60.75
N LEU E 672 -17.76 9.11 59.77
CA LEU E 672 -17.27 9.50 58.45
C LEU E 672 -16.66 10.90 58.48
N GLU E 673 -17.09 11.74 59.42
CA GLU E 673 -16.54 13.08 59.52
C GLU E 673 -15.08 13.05 59.96
N PHE E 674 -14.72 12.10 60.84
CA PHE E 674 -13.34 12.01 61.29
C PHE E 674 -12.45 11.40 60.22
N LEU E 675 -13.01 10.54 59.37
CA LEU E 675 -12.24 9.98 58.26
C LEU E 675 -11.79 11.07 57.29
N ALA E 676 -12.70 11.99 56.95
CA ALA E 676 -12.37 13.01 55.96
C ALA E 676 -11.29 13.96 56.47
N LYS E 677 -11.27 14.22 57.78
CA LYS E 677 -10.27 15.12 58.33
C LYS E 677 -8.88 14.52 58.26
N MET E 678 -8.76 13.22 58.52
CA MET E 678 -7.44 12.57 58.50
C MET E 678 -6.91 12.43 57.08
N THR E 679 -7.79 12.16 56.12
CA THR E 679 -7.39 11.96 54.72
C THR E 679 -7.27 13.33 54.04
N ASN E 680 -6.17 14.02 54.35
CA ASN E 680 -6.00 15.39 53.86
C ASN E 680 -5.85 15.42 52.34
N GLY E 681 -4.95 14.61 51.80
CA GLY E 681 -4.63 14.66 50.38
C GLY E 681 -5.22 13.57 49.52
N PHE E 682 -6.07 12.70 50.07
CA PHE E 682 -6.58 11.59 49.30
C PHE E 682 -7.57 12.08 48.24
N SER E 683 -7.53 11.44 47.07
CA SER E 683 -8.45 11.76 45.99
C SER E 683 -9.75 10.97 46.16
N GLY E 684 -10.64 11.10 45.19
CA GLY E 684 -11.88 10.35 45.22
C GLY E 684 -11.66 8.86 45.09
N ALA E 685 -10.70 8.46 44.25
CA ALA E 685 -10.39 7.04 44.10
C ALA E 685 -9.73 6.49 45.35
N ASP E 686 -8.93 7.31 46.03
CA ASP E 686 -8.30 6.87 47.28
C ASP E 686 -9.33 6.61 48.36
N LEU E 687 -10.33 7.48 48.46
CA LEU E 687 -11.36 7.30 49.49
C LEU E 687 -12.23 6.09 49.18
N THR E 688 -12.45 5.80 47.90
CA THR E 688 -13.25 4.64 47.53
C THR E 688 -12.53 3.34 47.85
N GLU E 689 -11.20 3.34 47.72
CA GLU E 689 -10.44 2.13 48.03
C GLU E 689 -10.49 1.81 49.51
N ILE E 690 -10.57 2.83 50.36
CA ILE E 690 -10.71 2.61 51.80
C ILE E 690 -12.00 1.87 52.10
N CYS E 691 -13.10 2.29 51.47
CA CYS E 691 -14.38 1.62 51.67
C CYS E 691 -14.36 0.21 51.11
N GLN E 692 -13.71 0.01 49.96
CA GLN E 692 -13.63 -1.33 49.36
C GLN E 692 -12.83 -2.28 50.23
N ARG E 693 -11.68 -1.82 50.75
CA ARG E 693 -10.85 -2.70 51.55
C ARG E 693 -11.50 -3.00 52.89
N ALA E 694 -12.22 -2.03 53.47
CA ALA E 694 -12.99 -2.28 54.67
C ALA E 694 -14.08 -3.31 54.43
N CYS E 695 -14.71 -3.24 53.25
CA CYS E 695 -15.66 -4.28 52.86
C CYS E 695 -14.98 -5.63 52.73
N LYS E 696 -13.78 -5.66 52.15
CA LYS E 696 -13.07 -6.92 51.94
C LYS E 696 -12.70 -7.57 53.27
N LEU E 697 -12.31 -6.77 54.27
CA LEU E 697 -11.98 -7.31 55.57
C LEU E 697 -13.22 -7.85 56.28
N ALA E 698 -14.36 -7.18 56.10
CA ALA E 698 -15.61 -7.70 56.67
C ALA E 698 -16.00 -9.01 56.01
N ILE E 699 -15.81 -9.13 54.71
CA ILE E 699 -16.11 -10.38 54.01
C ILE E 699 -15.19 -11.50 54.50
N ARG E 700 -13.91 -11.18 54.73
CA ARG E 700 -12.98 -12.18 55.23
C ARG E 700 -13.42 -12.71 56.59
N GLU E 701 -13.86 -11.83 57.48
CA GLU E 701 -14.36 -12.26 58.78
C GLU E 701 -15.62 -13.12 58.63
N SER E 702 -16.52 -12.72 57.74
CA SER E 702 -17.75 -13.48 57.54
C SER E 702 -17.46 -14.86 56.97
N ILE E 703 -16.53 -14.95 56.00
CA ILE E 703 -16.20 -16.23 55.40
C ILE E 703 -15.55 -17.16 56.42
N GLU E 704 -14.62 -16.63 57.22
CA GLU E 704 -13.94 -17.47 58.20
C GLU E 704 -14.90 -17.94 59.29
N SER E 705 -15.89 -17.12 59.63
CA SER E 705 -16.87 -17.52 60.63
C SER E 705 -17.70 -18.71 60.15
N GLU E 706 -18.14 -18.69 58.89
CA GLU E 706 -18.99 -19.78 58.40
C GLU E 706 -18.18 -21.05 58.20
N ILE E 707 -16.88 -20.92 57.94
CA ILE E 707 -16.02 -22.11 57.91
C ILE E 707 -15.92 -22.73 59.29
N ARG E 708 -15.79 -21.90 60.33
CA ARG E 708 -15.70 -22.41 61.69
C ARG E 708 -17.01 -23.06 62.13
N ARG E 709 -18.14 -22.55 61.64
CA ARG E 709 -19.43 -23.16 61.96
C ARG E 709 -19.51 -24.59 61.41
N GLU E 710 -19.08 -24.79 60.17
CA GLU E 710 -19.13 -26.13 59.58
C GLU E 710 -18.15 -27.07 60.27
N ARG E 711 -16.99 -26.56 60.66
CA ARG E 711 -15.99 -27.41 61.31
C ARG E 711 -16.49 -27.91 62.67
N GLU E 712 -17.09 -27.03 63.46
CA GLU E 712 -17.53 -27.44 64.80
C GLU E 712 -18.78 -28.30 64.73
N ARG E 713 -19.65 -28.06 63.73
CA ARG E 713 -20.84 -28.90 63.58
C ARG E 713 -20.46 -30.33 63.21
N GLN E 714 -19.48 -30.49 62.34
CA GLN E 714 -19.03 -31.83 61.94
C GLN E 714 -17.66 -32.14 62.52
N PRO E 727 -23.57 -13.08 62.28
CA PRO E 727 -22.09 -13.02 62.32
C PRO E 727 -21.57 -11.60 62.12
N VAL E 728 -21.58 -11.13 60.87
CA VAL E 728 -21.14 -9.78 60.56
C VAL E 728 -22.26 -9.08 59.80
N PRO E 729 -23.28 -8.59 60.49
CA PRO E 729 -24.40 -7.93 59.77
C PRO E 729 -23.98 -6.69 59.00
N GLU E 730 -22.97 -5.97 59.48
CA GLU E 730 -22.58 -4.70 58.87
C GLU E 730 -21.10 -4.44 59.11
N ILE E 731 -20.56 -3.51 58.33
CA ILE E 731 -19.15 -3.15 58.46
C ILE E 731 -18.94 -2.44 59.78
N ARG E 732 -17.98 -2.93 60.56
CA ARG E 732 -17.76 -2.43 61.90
C ARG E 732 -16.71 -1.32 61.93
N ARG E 733 -16.47 -0.82 63.14
CA ARG E 733 -15.53 0.30 63.30
C ARG E 733 -14.09 -0.17 63.15
N ASP E 734 -13.78 -1.38 63.63
CA ASP E 734 -12.41 -1.87 63.54
C ASP E 734 -12.03 -2.22 62.11
N HIS E 735 -13.02 -2.55 61.27
CA HIS E 735 -12.75 -2.84 59.87
C HIS E 735 -12.18 -1.61 59.16
N PHE E 736 -12.73 -0.43 59.45
CA PHE E 736 -12.22 0.80 58.84
C PHE E 736 -10.84 1.15 59.38
N GLU E 737 -10.60 0.88 60.66
CA GLU E 737 -9.28 1.14 61.23
C GLU E 737 -8.21 0.25 60.59
N GLU E 738 -8.54 -1.03 60.38
CA GLU E 738 -7.59 -1.95 59.76
C GLU E 738 -7.30 -1.56 58.32
N ALA E 739 -8.34 -1.15 57.57
CA ALA E 739 -8.15 -0.80 56.17
C ALA E 739 -7.46 0.55 56.01
N MET E 740 -7.43 1.36 57.07
CA MET E 740 -6.88 2.71 56.95
C MET E 740 -5.35 2.68 56.90
N ARG E 741 -4.73 1.71 57.56
CA ARG E 741 -3.26 1.67 57.56
C ARG E 741 -2.71 1.28 56.20
N PHE E 742 -3.49 0.56 55.40
CA PHE E 742 -3.05 0.21 54.06
C PHE E 742 -3.26 1.36 53.09
N ALA E 743 -4.05 2.35 53.49
CA ALA E 743 -4.37 3.47 52.61
C ALA E 743 -3.15 4.32 52.33
N ARG E 744 -3.08 4.88 51.13
CA ARG E 744 -1.96 5.71 50.70
C ARG E 744 -2.48 6.79 49.77
N ARG E 745 -1.70 7.86 49.66
CA ARG E 745 -2.07 9.01 48.85
C ARG E 745 -1.49 8.85 47.45
N SER E 746 -2.36 8.78 46.44
CA SER E 746 -1.93 8.54 45.06
C SER E 746 -1.28 9.77 44.46
N VAL E 747 -2.02 10.88 44.41
CA VAL E 747 -1.47 12.10 43.83
C VAL E 747 -0.52 12.75 44.81
N SER E 748 0.68 13.08 44.33
CA SER E 748 1.72 13.67 45.16
C SER E 748 1.66 15.19 45.03
N ASP E 749 2.39 15.89 45.90
CA ASP E 749 2.43 17.35 45.88
C ASP E 749 3.01 17.86 44.58
N ASN E 750 4.04 17.18 44.07
CA ASN E 750 4.65 17.58 42.81
C ASN E 750 3.65 17.48 41.65
N ASP E 751 2.80 16.45 41.67
CA ASP E 751 1.81 16.30 40.61
C ASP E 751 0.81 17.45 40.63
N ILE E 752 0.42 17.90 41.83
CA ILE E 752 -0.56 18.97 41.94
C ILE E 752 -0.02 20.26 41.35
N ARG E 753 1.26 20.56 41.59
CA ARG E 753 1.84 21.81 41.12
C ARG E 753 1.80 21.89 39.60
N LYS E 754 1.79 20.74 38.91
CA LYS E 754 1.68 20.73 37.46
C LYS E 754 0.35 21.32 37.01
N TYR E 755 -0.75 20.95 37.68
CA TYR E 755 -2.06 21.42 37.27
C TYR E 755 -2.26 22.89 37.63
N GLU E 756 -1.75 23.30 38.79
CA GLU E 756 -1.80 24.71 39.16
C GLU E 756 -0.98 25.56 38.20
N MET E 757 0.20 25.06 37.80
CA MET E 757 1.04 25.80 36.86
C MET E 757 0.34 25.97 35.52
N PHE E 758 -0.36 24.94 35.06
CA PHE E 758 -1.11 25.06 33.81
C PHE E 758 -2.19 26.11 33.91
N ALA E 759 -2.90 26.16 35.05
CA ALA E 759 -3.93 27.17 35.24
C ALA E 759 -3.33 28.57 35.27
N GLN E 760 -2.20 28.74 35.98
CA GLN E 760 -1.57 30.06 36.05
C GLN E 760 -1.10 30.52 34.68
N THR E 761 -0.50 29.62 33.91
CA THR E 761 -0.14 29.95 32.53
C THR E 761 -1.38 30.26 31.70
N LEU E 762 -2.45 29.47 31.90
CA LEU E 762 -3.70 29.72 31.19
C LEU E 762 -4.30 31.05 31.60
N GLN E 763 -4.26 31.38 32.90
CA GLN E 763 -4.82 32.64 33.37
C GLN E 763 -4.08 33.83 32.78
N GLN E 764 -2.74 33.75 32.71
CA GLN E 764 -1.97 34.82 32.10
C GLN E 764 -2.29 34.95 30.61
N SER E 765 -2.40 33.82 29.91
CA SER E 765 -2.74 33.85 28.49
C SER E 765 -4.14 34.41 28.28
N ARG E 766 -5.09 34.02 29.13
CA ARG E 766 -6.46 34.49 29.01
C ARG E 766 -6.69 35.71 29.89
N ASN F 21 -16.92 50.07 -41.67
CA ASN F 21 -18.28 50.09 -42.19
C ASN F 21 -18.28 49.76 -43.69
N ARG F 22 -19.32 49.05 -44.13
CA ARG F 22 -19.47 48.64 -45.51
C ARG F 22 -20.83 49.06 -46.03
N PRO F 23 -20.94 49.33 -47.33
CA PRO F 23 -22.26 49.67 -47.90
C PRO F 23 -23.27 48.56 -47.74
N ASN F 24 -22.83 47.30 -47.72
CA ASN F 24 -23.74 46.18 -47.52
C ASN F 24 -24.37 46.22 -46.13
N ARG F 25 -23.58 46.58 -45.12
CA ARG F 25 -24.09 46.61 -43.76
C ARG F 25 -25.19 47.65 -43.59
N LEU F 26 -26.28 47.26 -42.94
CA LEU F 26 -27.42 48.14 -42.74
C LEU F 26 -28.08 47.79 -41.42
N ILE F 27 -28.91 48.70 -40.93
CA ILE F 27 -29.61 48.56 -39.66
C ILE F 27 -31.04 48.13 -39.93
N VAL F 28 -31.52 47.15 -39.17
CA VAL F 28 -32.88 46.64 -39.38
C VAL F 28 -33.89 47.69 -38.93
N ASP F 29 -34.86 47.99 -39.80
CA ASP F 29 -35.92 48.94 -39.52
C ASP F 29 -37.24 48.37 -40.02
N GLU F 30 -38.34 48.83 -39.43
CA GLU F 30 -39.65 48.31 -39.79
C GLU F 30 -40.09 48.83 -41.16
N ALA F 31 -41.01 48.09 -41.78
CA ALA F 31 -41.56 48.44 -43.09
C ALA F 31 -43.00 48.92 -42.91
N ILE F 32 -43.27 50.13 -43.40
CA ILE F 32 -44.60 50.71 -43.24
C ILE F 32 -45.63 49.95 -44.08
N ASN F 33 -45.30 49.72 -45.35
CA ASN F 33 -46.24 49.10 -46.28
C ASN F 33 -45.65 47.95 -47.09
N GLU F 34 -44.36 47.66 -46.96
CA GLU F 34 -43.74 46.62 -47.76
C GLU F 34 -44.28 45.26 -47.37
N ASP F 35 -44.50 44.42 -48.39
CA ASP F 35 -45.01 43.07 -48.18
C ASP F 35 -43.84 42.14 -47.82
N ASN F 36 -44.14 40.84 -47.80
CA ASN F 36 -43.14 39.85 -47.39
C ASN F 36 -41.96 39.80 -48.36
N SER F 37 -42.24 39.87 -49.66
CA SER F 37 -41.22 39.61 -50.67
C SER F 37 -40.54 40.86 -51.20
N VAL F 38 -40.80 42.03 -50.61
CA VAL F 38 -40.14 43.26 -51.02
C VAL F 38 -39.56 43.96 -49.80
N VAL F 39 -38.48 44.72 -50.04
CA VAL F 39 -37.87 45.57 -49.03
C VAL F 39 -37.60 46.93 -49.66
N SER F 40 -37.47 47.94 -48.80
CA SER F 40 -37.28 49.31 -49.24
C SER F 40 -35.90 49.79 -48.82
N LEU F 41 -35.18 50.40 -49.76
CA LEU F 41 -33.87 50.99 -49.52
C LEU F 41 -33.88 52.42 -50.03
N SER F 42 -33.13 53.28 -49.34
CA SER F 42 -33.04 54.68 -49.76
C SER F 42 -32.33 54.78 -51.11
N GLN F 43 -32.73 55.79 -51.89
CA GLN F 43 -32.17 55.96 -53.22
C GLN F 43 -30.66 56.18 -53.22
N PRO F 44 -30.08 57.03 -52.36
CA PRO F 44 -28.61 57.17 -52.38
C PRO F 44 -27.88 55.87 -52.08
N LYS F 45 -28.44 55.02 -51.22
CA LYS F 45 -27.75 53.77 -50.87
C LYS F 45 -27.78 52.79 -52.03
N MET F 46 -28.93 52.62 -52.69
CA MET F 46 -28.99 51.72 -53.83
C MET F 46 -28.18 52.27 -54.99
N ASP F 47 -28.07 53.60 -55.09
CA ASP F 47 -27.13 54.18 -56.05
C ASP F 47 -25.69 53.82 -55.71
N GLU F 48 -25.35 53.86 -54.41
CA GLU F 48 -24.03 53.42 -53.97
C GLU F 48 -23.84 51.93 -54.23
N LEU F 49 -24.88 51.14 -54.01
CA LEU F 49 -24.82 49.70 -54.25
C LEU F 49 -25.07 49.33 -55.72
N GLN F 50 -25.32 50.32 -56.58
CA GLN F 50 -25.55 50.10 -58.01
C GLN F 50 -26.73 49.16 -58.23
N LEU F 51 -27.77 49.32 -57.42
CA LEU F 51 -28.96 48.48 -57.49
C LEU F 51 -30.11 49.30 -58.05
N PHE F 52 -30.73 48.78 -59.12
CA PHE F 52 -31.86 49.44 -59.73
C PHE F 52 -33.16 49.07 -59.02
N ARG F 53 -34.18 49.89 -59.21
CA ARG F 53 -35.48 49.61 -58.60
C ARG F 53 -36.08 48.33 -59.18
N GLY F 54 -36.66 47.52 -58.30
CA GLY F 54 -37.23 46.26 -58.71
C GLY F 54 -36.25 45.12 -58.82
N ASP F 55 -34.96 45.35 -58.55
CA ASP F 55 -33.97 44.30 -58.62
C ASP F 55 -34.11 43.33 -57.45
N THR F 56 -33.89 42.05 -57.72
CA THR F 56 -33.89 41.06 -56.65
C THR F 56 -32.58 41.09 -55.89
N VAL F 57 -32.65 40.96 -54.57
CA VAL F 57 -31.47 41.01 -53.72
C VAL F 57 -31.53 39.85 -52.72
N LEU F 58 -30.36 39.51 -52.18
CA LEU F 58 -30.24 38.47 -51.16
C LEU F 58 -30.02 39.14 -49.81
N LEU F 59 -30.80 38.72 -48.82
CA LEU F 59 -30.73 39.28 -47.48
C LEU F 59 -30.07 38.29 -46.54
N LYS F 60 -28.78 38.51 -46.26
CA LYS F 60 -28.08 37.68 -45.29
C LYS F 60 -28.52 38.06 -43.88
N GLY F 61 -28.64 37.05 -43.02
CA GLY F 61 -29.08 37.28 -41.67
C GLY F 61 -28.24 36.48 -40.68
N LYS F 62 -28.52 36.73 -39.40
CA LYS F 62 -27.82 36.04 -38.33
C LYS F 62 -28.21 34.57 -38.29
N LYS F 63 -27.36 33.76 -37.66
CA LYS F 63 -27.56 32.32 -37.53
C LYS F 63 -27.61 31.63 -38.90
N ARG F 64 -26.94 32.22 -39.89
CA ARG F 64 -26.81 31.64 -41.23
C ARG F 64 -28.17 31.36 -41.86
N ARG F 65 -29.07 32.33 -41.77
CA ARG F 65 -30.38 32.26 -42.41
C ARG F 65 -30.49 33.40 -43.41
N GLU F 66 -30.91 33.08 -44.64
CA GLU F 66 -30.99 34.06 -45.71
C GLU F 66 -32.37 34.05 -46.34
N ALA F 67 -32.80 35.22 -46.79
CA ALA F 67 -34.08 35.40 -47.47
C ALA F 67 -33.89 36.30 -48.68
N VAL F 68 -34.81 36.21 -49.62
CA VAL F 68 -34.73 36.95 -50.88
C VAL F 68 -35.92 37.90 -50.96
N CYS F 69 -35.65 39.16 -51.28
CA CYS F 69 -36.69 40.18 -51.40
C CYS F 69 -36.38 41.07 -52.58
N ILE F 70 -37.35 41.92 -52.93
CA ILE F 70 -37.22 42.84 -54.05
C ILE F 70 -36.90 44.22 -53.51
N VAL F 71 -35.82 44.83 -54.01
CA VAL F 71 -35.42 46.15 -53.53
C VAL F 71 -36.41 47.20 -54.02
N LEU F 72 -36.68 48.19 -53.18
CA LEU F 72 -37.56 49.29 -53.51
C LEU F 72 -36.97 50.60 -53.00
N SER F 73 -37.37 51.69 -53.63
CA SER F 73 -36.91 53.03 -53.27
C SER F 73 -37.98 53.71 -52.43
N ASP F 74 -37.63 54.07 -51.19
CA ASP F 74 -38.54 54.74 -50.28
C ASP F 74 -37.85 55.98 -49.72
N ASP F 75 -38.54 57.13 -49.81
CA ASP F 75 -37.97 58.37 -49.29
C ASP F 75 -37.91 58.35 -47.78
N THR F 76 -38.88 57.72 -47.12
CA THR F 76 -38.89 57.67 -45.66
C THR F 76 -37.77 56.80 -45.13
N CYS F 77 -37.32 55.83 -45.92
CA CYS F 77 -36.26 54.92 -45.47
C CYS F 77 -34.97 55.68 -45.23
N SER F 78 -34.34 55.41 -44.08
CA SER F 78 -33.08 56.04 -43.76
C SER F 78 -31.95 55.39 -44.57
N ASP F 79 -30.86 56.15 -44.72
CA ASP F 79 -29.71 55.65 -45.46
C ASP F 79 -29.08 54.45 -44.76
N GLU F 80 -28.97 54.51 -43.44
CA GLU F 80 -28.33 53.44 -42.66
C GLU F 80 -29.29 52.32 -42.29
N LYS F 81 -30.54 52.39 -42.71
CA LYS F 81 -31.55 51.42 -42.31
C LYS F 81 -32.25 50.83 -43.54
N ILE F 82 -32.88 49.67 -43.32
CA ILE F 82 -33.68 48.98 -44.33
C ILE F 82 -35.10 48.84 -43.79
N ARG F 83 -36.09 49.18 -44.62
CA ARG F 83 -37.48 48.99 -44.25
C ARG F 83 -37.91 47.57 -44.63
N MET F 84 -38.02 46.73 -43.61
CA MET F 84 -38.32 45.31 -43.78
C MET F 84 -39.10 44.85 -42.54
N ASN F 85 -40.10 44.01 -42.78
CA ASN F 85 -41.13 43.77 -41.77
C ASN F 85 -40.77 42.60 -40.85
N ARG F 86 -41.75 42.20 -40.03
CA ARG F 86 -41.48 41.30 -38.91
C ARG F 86 -41.26 39.87 -39.37
N VAL F 87 -42.02 39.42 -40.37
CA VAL F 87 -41.94 38.02 -40.76
C VAL F 87 -40.58 37.71 -41.38
N VAL F 88 -40.07 38.60 -42.23
CA VAL F 88 -38.73 38.42 -42.78
C VAL F 88 -37.67 38.55 -41.68
N ARG F 89 -37.94 39.36 -40.66
CA ARG F 89 -37.07 39.38 -39.49
C ARG F 89 -37.01 38.00 -38.83
N ASN F 90 -38.16 37.33 -38.77
CA ASN F 90 -38.18 35.96 -38.26
C ASN F 90 -37.40 35.04 -39.17
N ASN F 91 -37.49 35.24 -40.48
CA ASN F 91 -36.77 34.41 -41.43
C ASN F 91 -35.26 34.51 -41.23
N LEU F 92 -34.76 35.72 -41.01
CA LEU F 92 -33.33 35.95 -40.81
C LEU F 92 -32.90 35.80 -39.36
N ARG F 93 -33.84 35.50 -38.45
CA ARG F 93 -33.55 35.37 -37.02
C ARG F 93 -32.89 36.64 -36.48
N VAL F 94 -33.38 37.80 -36.92
CA VAL F 94 -32.84 39.08 -36.53
C VAL F 94 -33.94 39.94 -35.92
N ARG F 95 -33.53 40.98 -35.22
CA ARG F 95 -34.44 41.92 -34.57
C ARG F 95 -34.11 43.33 -35.05
N LEU F 96 -34.87 44.29 -34.53
CA LEU F 96 -34.65 45.69 -34.89
C LEU F 96 -33.30 46.15 -34.38
N GLY F 97 -32.58 46.90 -35.22
CA GLY F 97 -31.27 47.40 -34.88
C GLY F 97 -30.11 46.48 -35.24
N ASP F 98 -30.39 45.29 -35.74
CA ASP F 98 -29.32 44.36 -36.09
C ASP F 98 -28.64 44.81 -37.38
N VAL F 99 -27.45 44.24 -37.63
CA VAL F 99 -26.64 44.57 -38.80
C VAL F 99 -26.67 43.38 -39.75
N ILE F 100 -27.03 43.64 -41.01
CA ILE F 100 -27.10 42.61 -42.03
C ILE F 100 -26.40 43.11 -43.29
N SER F 101 -25.91 42.16 -44.09
CA SER F 101 -25.20 42.46 -45.32
C SER F 101 -26.05 42.03 -46.51
N ILE F 102 -26.14 42.90 -47.52
CA ILE F 102 -27.04 42.71 -48.65
C ILE F 102 -26.22 42.65 -49.93
N GLN F 103 -26.47 41.64 -50.75
CA GLN F 103 -25.88 41.51 -52.07
C GLN F 103 -26.95 41.15 -53.08
N PRO F 104 -26.78 41.55 -54.34
CA PRO F 104 -27.77 41.21 -55.36
C PRO F 104 -27.87 39.70 -55.59
N CYS F 105 -29.07 39.24 -55.89
CA CYS F 105 -29.26 37.82 -56.16
C CYS F 105 -28.78 37.49 -57.57
N PRO F 106 -27.83 36.58 -57.73
CA PRO F 106 -27.28 36.30 -59.06
C PRO F 106 -28.04 35.21 -59.82
N ASP F 107 -28.44 35.54 -61.06
CA ASP F 107 -29.00 34.56 -61.99
C ASP F 107 -30.23 33.86 -61.42
N VAL F 108 -31.18 34.64 -60.91
CA VAL F 108 -32.43 34.07 -60.43
C VAL F 108 -33.31 33.72 -61.62
N LYS F 109 -34.04 32.61 -61.50
CA LYS F 109 -34.91 32.12 -62.56
C LYS F 109 -36.29 31.81 -61.99
N TYR F 110 -37.29 31.82 -62.87
CA TYR F 110 -38.64 31.47 -62.46
C TYR F 110 -38.70 30.02 -62.00
N GLY F 111 -39.32 29.81 -60.84
CA GLY F 111 -39.36 28.48 -60.25
C GLY F 111 -40.27 27.56 -61.03
N LYS F 112 -39.76 26.37 -61.38
CA LYS F 112 -40.59 25.38 -62.05
C LYS F 112 -41.69 24.88 -61.11
N ARG F 113 -41.34 24.59 -59.86
CA ARG F 113 -42.31 24.13 -58.87
C ARG F 113 -41.72 24.35 -57.48
N ILE F 114 -42.60 24.67 -56.54
CA ILE F 114 -42.21 24.88 -55.15
C ILE F 114 -43.17 24.11 -54.25
N HIS F 115 -42.61 23.54 -53.18
CA HIS F 115 -43.37 22.77 -52.21
C HIS F 115 -43.40 23.54 -50.88
N VAL F 116 -44.60 23.72 -50.34
CA VAL F 116 -44.81 24.50 -49.13
C VAL F 116 -45.40 23.59 -48.05
N LEU F 117 -44.89 23.72 -46.84
CA LEU F 117 -45.40 22.98 -45.68
C LEU F 117 -45.87 23.98 -44.63
N PRO F 118 -47.17 24.12 -44.40
CA PRO F 118 -47.65 25.09 -43.41
C PRO F 118 -47.41 24.61 -41.99
N ILE F 119 -47.52 25.56 -41.05
CA ILE F 119 -47.35 25.24 -39.64
C ILE F 119 -48.55 24.46 -39.14
N ASP F 120 -48.34 23.59 -38.15
CA ASP F 120 -49.40 22.69 -37.70
C ASP F 120 -50.53 23.45 -37.00
N ASP F 121 -50.20 24.52 -36.28
CA ASP F 121 -51.24 25.24 -35.55
C ASP F 121 -52.08 26.09 -36.48
N THR F 122 -51.49 26.56 -37.59
CA THR F 122 -52.21 27.46 -38.49
C THR F 122 -53.31 26.73 -39.26
N VAL F 123 -53.05 25.49 -39.66
CA VAL F 123 -54.02 24.75 -40.48
C VAL F 123 -55.28 24.44 -39.66
N GLU F 124 -55.14 24.31 -38.35
CA GLU F 124 -56.27 24.00 -37.49
C GLU F 124 -57.30 25.13 -37.53
N GLY F 125 -58.57 24.76 -37.61
CA GLY F 125 -59.65 25.72 -37.67
C GLY F 125 -59.98 26.25 -39.04
N ILE F 126 -59.29 25.80 -40.08
CA ILE F 126 -59.53 26.26 -41.45
C ILE F 126 -60.19 25.11 -42.20
N THR F 127 -61.50 25.20 -42.40
CA THR F 127 -62.23 24.16 -43.12
C THR F 127 -61.81 24.12 -44.58
N GLY F 128 -61.66 25.27 -45.21
CA GLY F 128 -61.30 25.31 -46.62
C GLY F 128 -59.85 24.92 -46.86
N ASN F 129 -59.56 24.62 -48.12
CA ASN F 129 -58.20 24.24 -48.51
C ASN F 129 -57.26 25.43 -48.33
N LEU F 130 -56.09 25.15 -47.76
CA LEU F 130 -55.12 26.23 -47.52
C LEU F 130 -54.66 26.86 -48.83
N PHE F 131 -54.42 26.04 -49.85
CA PHE F 131 -53.83 26.55 -51.08
C PHE F 131 -54.73 27.59 -51.73
N GLU F 132 -55.99 27.22 -52.01
CA GLU F 132 -56.89 28.12 -52.71
C GLU F 132 -57.15 29.39 -51.92
N VAL F 133 -57.30 29.27 -50.60
CA VAL F 133 -57.63 30.44 -49.78
C VAL F 133 -56.44 31.40 -49.71
N TYR F 134 -55.24 30.88 -49.49
CA TYR F 134 -54.10 31.74 -49.20
C TYR F 134 -53.08 31.81 -50.33
N LEU F 135 -52.56 30.67 -50.78
CA LEU F 135 -51.40 30.68 -51.65
C LEU F 135 -51.73 31.19 -53.04
N LYS F 136 -52.87 30.76 -53.60
CA LYS F 136 -53.22 31.14 -54.97
C LYS F 136 -53.39 32.65 -55.12
N PRO F 137 -54.16 33.36 -54.30
CA PRO F 137 -54.16 34.83 -54.42
C PRO F 137 -52.83 35.45 -54.05
N TYR F 138 -52.07 34.81 -53.16
CA TYR F 138 -50.78 35.34 -52.74
C TYR F 138 -49.78 35.35 -53.89
N PHE F 139 -49.75 34.28 -54.69
CA PHE F 139 -48.76 34.13 -55.75
C PHE F 139 -49.33 34.43 -57.13
N LEU F 140 -50.54 35.01 -57.20
CA LEU F 140 -51.17 35.30 -58.49
C LEU F 140 -50.60 36.61 -59.03
N GLU F 141 -49.84 36.51 -60.12
CA GLU F 141 -49.27 37.68 -60.81
C GLU F 141 -48.42 38.53 -59.87
N ALA F 142 -47.71 37.90 -58.95
CA ALA F 142 -46.87 38.61 -58.00
C ALA F 142 -45.38 38.40 -58.23
N TYR F 143 -44.98 37.23 -58.75
CA TYR F 143 -43.57 36.92 -59.02
C TYR F 143 -42.72 37.11 -57.78
N ARG F 144 -43.21 36.64 -56.64
CA ARG F 144 -42.54 36.85 -55.37
C ARG F 144 -41.31 35.95 -55.27
N PRO F 145 -40.12 36.51 -55.11
CA PRO F 145 -38.93 35.66 -54.94
C PRO F 145 -38.85 35.08 -53.55
N ILE F 146 -38.44 33.81 -53.47
CA ILE F 146 -38.34 33.09 -52.21
C ILE F 146 -37.02 32.35 -52.16
N ARG F 147 -36.64 31.94 -50.95
CA ARG F 147 -35.45 31.13 -50.72
C ARG F 147 -35.83 29.95 -49.84
N LYS F 148 -35.06 28.87 -49.95
CA LYS F 148 -35.34 27.67 -49.18
C LYS F 148 -35.27 27.95 -47.69
N GLY F 149 -36.25 27.41 -46.96
CA GLY F 149 -36.34 27.62 -45.52
C GLY F 149 -37.09 28.86 -45.11
N ASP F 150 -37.52 29.69 -46.05
CA ASP F 150 -38.25 30.90 -45.71
C ASP F 150 -39.67 30.58 -45.26
N ILE F 151 -40.17 31.36 -44.32
CA ILE F 151 -41.55 31.23 -43.83
C ILE F 151 -42.26 32.54 -44.10
N PHE F 152 -43.40 32.46 -44.80
CA PHE F 152 -44.20 33.63 -45.14
C PHE F 152 -45.61 33.45 -44.63
N LEU F 153 -46.23 34.55 -44.20
CA LEU F 153 -47.57 34.55 -43.66
C LEU F 153 -48.52 35.20 -44.65
N VAL F 154 -49.67 34.58 -44.88
CA VAL F 154 -50.70 35.08 -45.78
C VAL F 154 -51.92 35.46 -44.95
N ARG F 155 -52.33 36.72 -45.04
CA ARG F 155 -53.48 37.19 -44.28
C ARG F 155 -54.78 36.83 -44.99
N GLY F 156 -55.77 36.41 -44.22
CA GLY F 156 -57.06 36.08 -44.76
C GLY F 156 -57.65 34.89 -44.05
N GLY F 157 -58.90 34.60 -44.38
CA GLY F 157 -59.60 33.45 -43.82
C GLY F 157 -59.92 33.63 -42.34
N MET F 158 -60.37 32.52 -41.75
CA MET F 158 -60.68 32.52 -40.32
C MET F 158 -59.43 32.77 -39.49
N ARG F 159 -58.32 32.13 -39.85
CA ARG F 159 -57.04 32.34 -39.19
C ARG F 159 -55.95 32.41 -40.24
N ALA F 160 -55.09 33.42 -40.14
CA ALA F 160 -53.98 33.55 -41.08
C ALA F 160 -53.02 32.38 -40.92
N VAL F 161 -52.57 31.85 -42.06
CA VAL F 161 -51.77 30.63 -42.11
C VAL F 161 -50.40 30.96 -42.67
N GLU F 162 -49.36 30.50 -41.99
CA GLU F 162 -47.98 30.68 -42.44
C GLU F 162 -47.52 29.43 -43.17
N PHE F 163 -46.93 29.61 -44.34
CA PHE F 163 -46.43 28.51 -45.17
C PHE F 163 -44.91 28.59 -45.25
N LYS F 164 -44.24 27.46 -45.11
CA LYS F 164 -42.80 27.36 -45.18
C LYS F 164 -42.41 26.58 -46.44
N VAL F 165 -41.48 27.14 -47.22
CA VAL F 165 -41.00 26.50 -48.43
C VAL F 165 -39.86 25.54 -48.10
N VAL F 166 -40.21 24.29 -47.77
CA VAL F 166 -39.18 23.31 -47.46
C VAL F 166 -38.39 22.94 -48.70
N GLU F 167 -39.04 22.90 -49.86
CA GLU F 167 -38.41 22.53 -51.12
C GLU F 167 -38.65 23.64 -52.14
N THR F 168 -37.57 24.07 -52.80
CA THR F 168 -37.63 25.06 -53.85
C THR F 168 -36.89 24.55 -55.07
N ASP F 169 -37.52 24.67 -56.24
CA ASP F 169 -36.92 24.23 -57.50
C ASP F 169 -37.01 25.37 -58.52
N PRO F 170 -35.88 25.88 -59.04
CA PRO F 170 -34.52 25.44 -58.71
C PRO F 170 -34.04 25.93 -57.35
N SER F 171 -33.32 25.08 -56.62
CA SER F 171 -32.83 25.43 -55.30
C SER F 171 -31.60 26.33 -55.41
N PRO F 172 -31.49 27.34 -54.53
CA PRO F 172 -32.52 27.72 -53.58
C PRO F 172 -33.29 28.97 -54.00
N TYR F 173 -32.90 29.57 -55.11
CA TYR F 173 -33.47 30.84 -55.57
C TYR F 173 -34.44 30.56 -56.71
N CYS F 174 -35.67 31.04 -56.56
CA CYS F 174 -36.69 30.83 -57.58
C CYS F 174 -37.72 31.96 -57.50
N ILE F 175 -38.44 32.14 -58.60
CA ILE F 175 -39.50 33.14 -58.71
C ILE F 175 -40.81 32.41 -58.89
N VAL F 176 -41.81 32.76 -58.08
CA VAL F 176 -43.10 32.09 -58.08
C VAL F 176 -43.99 32.79 -59.10
N ALA F 177 -43.87 32.40 -60.36
CA ALA F 177 -44.73 32.89 -61.42
C ALA F 177 -46.09 32.21 -61.33
N PRO F 178 -47.13 32.77 -61.96
CA PRO F 178 -48.45 32.12 -61.89
C PRO F 178 -48.47 30.71 -62.45
N ASP F 179 -47.62 30.41 -63.43
CA ASP F 179 -47.60 29.06 -64.00
C ASP F 179 -47.00 28.05 -63.02
N THR F 180 -46.22 28.54 -62.05
CA THR F 180 -45.63 27.66 -61.05
C THR F 180 -46.73 27.05 -60.18
N VAL F 181 -46.59 25.76 -59.88
CA VAL F 181 -47.56 25.02 -59.09
C VAL F 181 -47.13 25.06 -57.63
N ILE F 182 -48.06 25.42 -56.75
CA ILE F 182 -47.82 25.47 -55.31
C ILE F 182 -48.78 24.48 -54.64
N HIS F 183 -48.22 23.53 -53.89
CA HIS F 183 -49.01 22.52 -53.22
C HIS F 183 -48.61 22.46 -51.75
N CYS F 184 -49.62 22.55 -50.88
CA CYS F 184 -49.41 22.51 -49.43
C CYS F 184 -49.50 21.09 -48.87
N GLU F 185 -49.65 20.08 -49.72
CA GLU F 185 -49.75 18.71 -49.25
C GLU F 185 -48.44 18.27 -48.60
N GLY F 186 -48.56 17.48 -47.54
CA GLY F 186 -47.42 16.97 -46.81
C GLY F 186 -47.69 16.99 -45.33
N GLU F 187 -46.62 16.91 -44.55
CA GLU F 187 -46.71 16.91 -43.09
C GLU F 187 -46.56 18.34 -42.59
N PRO F 188 -47.53 18.86 -41.84
CA PRO F 188 -47.42 20.23 -41.32
C PRO F 188 -46.21 20.39 -40.41
N ILE F 189 -45.60 21.57 -40.46
CA ILE F 189 -44.44 21.85 -39.62
C ILE F 189 -44.88 22.11 -38.19
N LYS F 190 -44.20 21.46 -37.24
CA LYS F 190 -44.54 21.64 -35.84
C LYS F 190 -44.22 23.06 -35.38
N ARG F 191 -45.12 23.62 -34.57
CA ARG F 191 -44.90 24.95 -34.02
C ARG F 191 -43.70 24.98 -33.08
N GLU F 192 -43.57 23.94 -32.25
CA GLU F 192 -42.42 23.86 -31.34
C GLU F 192 -41.11 23.75 -32.11
N ASP F 193 -41.10 22.96 -33.20
CA ASP F 193 -39.91 22.84 -34.02
C ASP F 193 -39.55 24.19 -34.66
N GLU F 194 -40.55 24.91 -35.15
CA GLU F 194 -40.29 26.23 -35.73
C GLU F 194 -39.75 27.20 -34.69
N GLU F 195 -40.30 27.17 -33.48
CA GLU F 195 -39.81 28.04 -32.40
C GLU F 195 -38.37 27.69 -32.04
N GLU F 196 -38.05 26.40 -31.95
CA GLU F 196 -36.69 25.98 -31.64
C GLU F 196 -35.71 26.41 -32.73
N SER F 197 -36.12 26.28 -34.00
CA SER F 197 -35.28 26.74 -35.09
C SER F 197 -35.08 28.24 -35.04
N LEU F 198 -36.14 28.99 -34.72
CA LEU F 198 -36.04 30.45 -34.63
C LEU F 198 -35.08 30.87 -33.52
N ASN F 199 -35.17 30.20 -32.36
CA ASN F 199 -34.27 30.54 -31.27
C ASN F 199 -32.82 30.22 -31.62
N GLU F 200 -32.56 28.98 -32.04
CA GLU F 200 -31.23 28.51 -32.46
C GLU F 200 -30.21 28.91 -31.39
N VAL F 201 -29.05 29.44 -31.76
CA VAL F 201 -28.08 29.97 -30.80
C VAL F 201 -27.63 31.34 -31.29
N GLY F 202 -27.72 32.34 -30.43
CA GLY F 202 -27.42 33.72 -30.77
C GLY F 202 -26.09 34.14 -30.19
N TYR F 203 -25.31 34.86 -31.00
CA TYR F 203 -24.05 35.43 -30.52
C TYR F 203 -24.27 36.45 -29.42
N ASP F 204 -25.30 37.31 -29.59
CA ASP F 204 -25.53 38.37 -28.62
C ASP F 204 -26.00 37.82 -27.27
N ASP F 205 -26.36 36.53 -27.21
CA ASP F 205 -26.76 35.93 -25.95
C ASP F 205 -25.60 35.90 -24.95
N ILE F 206 -24.37 35.90 -25.45
CA ILE F 206 -23.22 35.81 -24.56
C ILE F 206 -23.05 37.14 -23.83
N GLY F 207 -22.81 37.06 -22.52
CA GLY F 207 -22.60 38.24 -21.72
C GLY F 207 -21.35 38.20 -20.88
N GLY F 208 -20.55 39.27 -20.92
CA GLY F 208 -19.36 39.38 -20.11
C GLY F 208 -18.13 38.71 -20.66
N CYS F 209 -18.22 38.05 -21.82
CA CYS F 209 -17.09 37.35 -22.42
C CYS F 209 -16.63 38.00 -23.72
N ARG F 210 -16.91 39.29 -23.90
CA ARG F 210 -16.61 39.95 -25.17
C ARG F 210 -15.11 39.93 -25.47
N LYS F 211 -14.27 40.08 -24.45
CA LYS F 211 -12.83 39.93 -24.65
C LYS F 211 -12.50 38.51 -25.06
N GLN F 212 -13.05 37.53 -24.35
CA GLN F 212 -12.84 36.13 -24.71
C GLN F 212 -13.46 35.82 -26.07
N LEU F 213 -14.61 36.43 -26.39
CA LEU F 213 -15.22 36.21 -27.69
C LEU F 213 -14.33 36.72 -28.81
N ALA F 214 -13.75 37.91 -28.65
CA ALA F 214 -12.85 38.45 -29.67
C ALA F 214 -11.60 37.60 -29.78
N GLN F 215 -11.07 37.12 -28.65
CA GLN F 215 -9.91 36.25 -28.69
C GLN F 215 -10.21 34.95 -29.44
N ILE F 216 -11.38 34.37 -29.20
CA ILE F 216 -11.77 33.16 -29.90
C ILE F 216 -11.96 33.43 -31.38
N LYS F 217 -12.54 34.59 -31.72
CA LYS F 217 -12.62 34.97 -33.13
C LYS F 217 -11.25 34.99 -33.77
N GLU F 218 -10.30 35.69 -33.15
CA GLU F 218 -8.95 35.79 -33.73
C GLU F 218 -8.30 34.42 -33.87
N MET F 219 -8.50 33.54 -32.90
CA MET F 219 -7.86 32.23 -32.96
C MET F 219 -8.51 31.30 -33.99
N VAL F 220 -9.84 31.36 -34.15
CA VAL F 220 -10.57 30.36 -34.91
C VAL F 220 -11.07 30.90 -36.24
N GLU F 221 -11.85 31.98 -36.20
CA GLU F 221 -12.56 32.42 -37.40
C GLU F 221 -11.59 32.96 -38.46
N LEU F 222 -10.56 33.69 -38.04
CA LEU F 222 -9.65 34.29 -39.00
C LEU F 222 -8.93 33.27 -39.88
N PRO F 223 -8.38 32.16 -39.36
CA PRO F 223 -7.81 31.16 -40.28
C PRO F 223 -8.83 30.63 -41.28
N LEU F 224 -10.08 30.45 -40.86
CA LEU F 224 -11.11 30.00 -41.79
C LEU F 224 -11.40 31.05 -42.85
N ARG F 225 -11.48 32.32 -42.44
CA ARG F 225 -11.80 33.39 -43.40
C ARG F 225 -10.68 33.59 -44.41
N HIS F 226 -9.44 33.68 -43.95
CA HIS F 226 -8.30 34.03 -44.81
C HIS F 226 -7.18 33.03 -44.61
N PRO F 227 -7.32 31.80 -45.13
CA PRO F 227 -6.16 30.89 -45.15
C PRO F 227 -5.02 31.41 -45.99
N ALA F 228 -5.34 32.15 -47.07
CA ALA F 228 -4.29 32.72 -47.92
C ALA F 228 -3.46 33.74 -47.16
N LEU F 229 -4.06 34.41 -46.17
CA LEU F 229 -3.30 35.34 -45.34
C LEU F 229 -2.18 34.62 -44.61
N PHE F 230 -2.49 33.46 -44.01
CA PHE F 230 -1.46 32.70 -43.32
C PHE F 230 -0.48 32.06 -44.30
N LYS F 231 -0.97 31.64 -45.47
CA LYS F 231 -0.08 31.02 -46.45
C LYS F 231 0.95 32.02 -46.97
N GLU F 232 0.51 33.25 -47.26
CA GLU F 232 1.43 34.25 -47.80
C GLU F 232 2.50 34.63 -46.78
N ILE F 233 2.12 34.76 -45.51
CA ILE F 233 3.07 35.09 -44.46
C ILE F 233 3.80 33.86 -43.93
N GLY F 234 3.35 32.65 -44.29
CA GLY F 234 4.01 31.45 -43.81
C GLY F 234 3.87 31.18 -42.34
N VAL F 235 2.66 31.29 -41.80
CA VAL F 235 2.36 30.93 -40.42
C VAL F 235 1.32 29.82 -40.43
N LYS F 236 1.63 28.71 -39.75
CA LYS F 236 0.63 27.68 -39.56
C LYS F 236 -0.41 28.15 -38.55
N PRO F 237 -1.70 28.06 -38.89
CA PRO F 237 -2.72 28.52 -37.95
C PRO F 237 -2.78 27.60 -36.74
N PRO F 238 -3.28 28.10 -35.60
CA PRO F 238 -3.31 27.28 -34.39
C PRO F 238 -4.05 25.97 -34.61
N ARG F 239 -3.47 24.88 -34.09
CA ARG F 239 -4.03 23.55 -34.33
C ARG F 239 -5.31 23.35 -33.54
N GLY F 240 -5.31 23.71 -32.27
CA GLY F 240 -6.47 23.49 -31.42
C GLY F 240 -6.62 24.58 -30.40
N ILE F 241 -7.84 24.72 -29.88
CA ILE F 241 -8.19 25.73 -28.88
C ILE F 241 -8.71 25.02 -27.65
N LEU F 242 -8.30 25.48 -26.47
CA LEU F 242 -8.75 24.91 -25.21
C LEU F 242 -9.51 25.97 -24.42
N LEU F 243 -10.69 25.60 -23.94
CA LEU F 243 -11.50 26.45 -23.07
C LEU F 243 -11.67 25.75 -21.73
N TYR F 244 -11.23 26.40 -20.65
CA TYR F 244 -11.34 25.84 -19.32
C TYR F 244 -11.86 26.90 -18.37
N GLY F 245 -12.80 26.51 -17.51
CA GLY F 245 -13.40 27.41 -16.57
C GLY F 245 -14.34 26.70 -15.61
N PRO F 246 -14.88 27.42 -14.63
CA PRO F 246 -15.83 26.81 -13.70
C PRO F 246 -17.11 26.44 -14.41
N PRO F 247 -17.85 25.45 -13.91
CA PRO F 247 -19.12 25.07 -14.55
C PRO F 247 -20.12 26.22 -14.53
N GLY F 248 -20.96 26.26 -15.56
CA GLY F 248 -21.96 27.29 -15.69
C GLY F 248 -21.50 28.56 -16.37
N THR F 249 -20.31 28.57 -16.95
CA THR F 249 -19.77 29.74 -17.63
C THR F 249 -20.19 29.81 -19.10
N GLY F 250 -20.98 28.85 -19.57
CA GLY F 250 -21.44 28.88 -20.95
C GLY F 250 -20.35 28.67 -21.98
N LYS F 251 -19.38 27.81 -21.69
CA LYS F 251 -18.34 27.50 -22.67
C LYS F 251 -18.93 26.83 -23.90
N THR F 252 -19.85 25.89 -23.70
CA THR F 252 -20.51 25.24 -24.83
C THR F 252 -21.32 26.24 -25.63
N LEU F 253 -22.04 27.15 -24.94
CA LEU F 253 -22.82 28.15 -25.64
C LEU F 253 -21.91 29.12 -26.41
N ILE F 254 -20.77 29.48 -25.82
CA ILE F 254 -19.80 30.33 -26.52
C ILE F 254 -19.31 29.65 -27.79
N ALA F 255 -18.97 28.36 -27.68
CA ALA F 255 -18.49 27.62 -28.84
C ALA F 255 -19.56 27.54 -29.93
N ARG F 256 -20.81 27.29 -29.54
CA ARG F 256 -21.89 27.22 -30.51
C ARG F 256 -22.12 28.57 -31.17
N ALA F 257 -22.05 29.66 -30.41
CA ALA F 257 -22.22 31.00 -30.98
C ALA F 257 -21.10 31.31 -31.96
N VAL F 258 -19.86 30.93 -31.63
CA VAL F 258 -18.74 31.15 -32.55
C VAL F 258 -18.93 30.32 -33.82
N ALA F 259 -19.35 29.06 -33.67
CA ALA F 259 -19.55 28.20 -34.82
C ALA F 259 -20.65 28.75 -35.74
N ASN F 260 -21.74 29.24 -35.16
CA ASN F 260 -22.81 29.82 -35.96
C ASN F 260 -22.35 31.07 -36.69
N GLU F 261 -21.43 31.83 -36.08
CA GLU F 261 -20.90 33.02 -36.73
C GLU F 261 -20.15 32.67 -38.01
N THR F 262 -19.38 31.60 -37.98
CA THR F 262 -18.62 31.16 -39.16
C THR F 262 -19.52 30.39 -40.11
N GLY F 263 -19.35 30.64 -41.41
CA GLY F 263 -20.05 29.87 -42.42
C GLY F 263 -19.30 28.62 -42.80
N ALA F 264 -19.09 27.73 -41.82
CA ALA F 264 -18.30 26.52 -42.03
C ALA F 264 -19.05 25.33 -41.45
N PHE F 265 -18.79 24.16 -42.03
CA PHE F 265 -19.39 22.93 -41.53
C PHE F 265 -18.96 22.67 -40.10
N PHE F 266 -19.93 22.33 -39.25
CA PHE F 266 -19.69 22.16 -37.82
C PHE F 266 -20.17 20.79 -37.39
N PHE F 267 -19.34 20.08 -36.62
CA PHE F 267 -19.71 18.82 -36.00
C PHE F 267 -19.43 18.92 -34.50
N LEU F 268 -20.28 18.30 -33.70
CA LEU F 268 -20.15 18.36 -32.25
C LEU F 268 -19.80 16.98 -31.71
N ILE F 269 -18.77 16.93 -30.87
CA ILE F 269 -18.36 15.72 -30.18
C ILE F 269 -18.64 15.91 -28.69
N ASN F 270 -19.40 14.99 -28.12
CA ASN F 270 -19.78 15.05 -26.71
C ASN F 270 -19.10 13.90 -25.96
N GLY F 271 -18.48 14.23 -24.82
CA GLY F 271 -17.75 13.27 -24.04
C GLY F 271 -18.57 12.06 -23.63
N PRO F 272 -19.65 12.30 -22.86
CA PRO F 272 -20.53 11.18 -22.49
C PRO F 272 -21.11 10.43 -23.68
N GLU F 273 -21.40 11.14 -24.78
CA GLU F 273 -21.92 10.46 -25.96
C GLU F 273 -20.92 9.47 -26.52
N ILE F 274 -19.65 9.87 -26.62
CA ILE F 274 -18.62 8.97 -27.16
C ILE F 274 -18.34 7.84 -26.18
N MET F 275 -18.31 8.16 -24.87
CA MET F 275 -17.92 7.15 -23.88
C MET F 275 -19.01 6.11 -23.67
N SER F 276 -20.28 6.52 -23.81
CA SER F 276 -21.38 5.58 -23.60
C SER F 276 -21.37 4.47 -24.63
N LYS F 277 -20.82 4.73 -25.81
CA LYS F 277 -20.74 3.71 -26.86
C LYS F 277 -19.82 2.58 -26.43
N LEU F 278 -20.10 1.39 -26.95
CA LEU F 278 -19.28 0.23 -26.67
C LEU F 278 -17.90 0.39 -27.31
N ALA F 279 -16.94 -0.38 -26.81
CA ALA F 279 -15.56 -0.28 -27.28
C ALA F 279 -15.48 -0.52 -28.78
N GLY F 280 -14.72 0.32 -29.46
CA GLY F 280 -14.62 0.25 -30.92
C GLY F 280 -15.57 1.16 -31.69
N GLU F 281 -16.84 1.20 -31.30
CA GLU F 281 -17.77 2.14 -31.92
C GLU F 281 -17.41 3.58 -31.58
N SER F 282 -16.81 3.81 -30.42
CA SER F 282 -16.30 5.14 -30.09
C SER F 282 -15.17 5.53 -31.02
N GLU F 283 -14.24 4.59 -31.27
CA GLU F 283 -13.15 4.85 -32.21
C GLU F 283 -13.69 5.15 -33.60
N SER F 284 -14.66 4.36 -34.05
CA SER F 284 -15.27 4.61 -35.36
C SER F 284 -16.00 5.94 -35.38
N ASN F 285 -16.62 6.31 -34.26
CA ASN F 285 -17.29 7.62 -34.19
C ASN F 285 -16.30 8.76 -34.35
N LEU F 286 -15.15 8.69 -33.66
CA LEU F 286 -14.13 9.72 -33.83
C LEU F 286 -13.58 9.74 -35.24
N ARG F 287 -13.35 8.55 -35.82
CA ARG F 287 -12.83 8.49 -37.19
C ARG F 287 -13.80 9.11 -38.18
N LYS F 288 -15.09 8.79 -38.06
CA LYS F 288 -16.08 9.39 -38.95
C LYS F 288 -16.20 10.89 -38.72
N ALA F 289 -16.09 11.34 -37.47
CA ALA F 289 -16.13 12.78 -37.20
C ALA F 289 -15.00 13.50 -37.92
N PHE F 290 -13.78 12.98 -37.79
CA PHE F 290 -12.64 13.64 -38.42
C PHE F 290 -12.69 13.52 -39.94
N GLU F 291 -13.19 12.40 -40.44
CA GLU F 291 -13.34 12.23 -41.89
C GLU F 291 -14.34 13.23 -42.46
N GLU F 292 -15.48 13.42 -41.77
CA GLU F 292 -16.45 14.41 -42.22
C GLU F 292 -15.89 15.82 -42.11
N ALA F 293 -15.09 16.07 -41.07
CA ALA F 293 -14.46 17.39 -40.94
C ALA F 293 -13.51 17.67 -42.09
N GLU F 294 -12.67 16.70 -42.46
CA GLU F 294 -11.70 16.95 -43.51
C GLU F 294 -12.36 16.96 -44.89
N LYS F 295 -13.45 16.18 -45.06
CA LYS F 295 -14.10 16.12 -46.36
C LYS F 295 -14.74 17.45 -46.74
N ASN F 296 -15.40 18.11 -45.79
CA ASN F 296 -16.04 19.41 -46.03
C ASN F 296 -15.22 20.47 -45.30
N ALA F 297 -14.52 21.30 -46.09
CA ALA F 297 -13.64 22.31 -45.53
C ALA F 297 -14.10 23.69 -45.94
N PRO F 298 -13.97 24.69 -45.05
CA PRO F 298 -13.45 24.56 -43.69
C PRO F 298 -14.45 23.90 -42.73
N ALA F 299 -13.95 23.21 -41.71
CA ALA F 299 -14.80 22.51 -40.76
C ALA F 299 -14.36 22.82 -39.34
N ILE F 300 -15.31 22.73 -38.42
CA ILE F 300 -15.07 23.07 -37.02
C ILE F 300 -15.49 21.87 -36.17
N ILE F 301 -14.61 21.46 -35.26
CA ILE F 301 -14.86 20.35 -34.35
C ILE F 301 -14.88 20.89 -32.92
N PHE F 302 -15.96 20.61 -32.21
CA PHE F 302 -16.09 20.96 -30.80
C PHE F 302 -16.20 19.69 -29.98
N ILE F 303 -15.31 19.52 -29.00
CA ILE F 303 -15.32 18.38 -28.11
C ILE F 303 -15.71 18.88 -26.72
N ASP F 304 -16.95 18.62 -26.33
CA ASP F 304 -17.45 19.08 -25.05
C ASP F 304 -17.12 18.05 -23.97
N GLU F 305 -16.65 18.56 -22.82
CA GLU F 305 -16.16 17.73 -21.72
C GLU F 305 -15.06 16.78 -22.21
N LEU F 306 -13.94 17.38 -22.62
CA LEU F 306 -12.83 16.58 -23.14
C LEU F 306 -12.22 15.71 -22.05
N ASP F 307 -12.28 16.16 -20.80
CA ASP F 307 -11.68 15.40 -19.70
C ASP F 307 -12.35 14.03 -19.55
N ALA F 308 -13.60 13.90 -20.01
CA ALA F 308 -14.29 12.63 -19.92
C ALA F 308 -13.66 11.58 -20.84
N ILE F 309 -13.32 11.98 -22.07
CA ILE F 309 -12.84 11.00 -23.05
C ILE F 309 -11.34 10.81 -22.94
N ALA F 310 -10.61 11.87 -22.60
CA ALA F 310 -9.13 11.85 -22.61
C ALA F 310 -8.58 12.37 -21.30
N PRO F 311 -8.61 11.57 -20.25
CA PRO F 311 -7.84 11.90 -19.03
C PRO F 311 -6.42 11.38 -19.16
N LYS F 312 -5.63 11.66 -18.12
CA LYS F 312 -4.24 11.21 -18.11
C LYS F 312 -4.18 9.68 -18.14
N ARG F 313 -3.33 9.15 -19.03
CA ARG F 313 -3.28 7.71 -19.24
C ARG F 313 -2.83 6.99 -17.98
N GLU F 314 -1.97 7.61 -17.18
CA GLU F 314 -1.58 7.02 -15.90
C GLU F 314 -2.77 6.94 -14.96
N LYS F 315 -3.64 7.94 -14.98
CA LYS F 315 -4.84 7.91 -14.14
C LYS F 315 -5.81 6.83 -14.60
N THR F 316 -5.91 6.61 -15.90
CA THR F 316 -6.83 5.60 -16.43
C THR F 316 -6.43 4.20 -15.98
N HIS F 317 -7.43 3.38 -15.71
CA HIS F 317 -7.23 1.98 -15.36
C HIS F 317 -7.67 1.03 -16.46
N GLY F 318 -8.09 1.55 -17.61
CA GLY F 318 -8.62 0.71 -18.67
C GLY F 318 -7.85 0.79 -19.96
N GLU F 319 -7.74 -0.34 -20.67
CA GLU F 319 -7.05 -0.35 -21.96
C GLU F 319 -7.82 0.45 -23.00
N VAL F 320 -9.15 0.37 -22.99
CA VAL F 320 -9.96 1.07 -23.97
C VAL F 320 -9.78 2.58 -23.83
N GLU F 321 -9.68 3.06 -22.59
CA GLU F 321 -9.46 4.49 -22.37
C GLU F 321 -8.12 4.93 -22.95
N ARG F 322 -7.07 4.13 -22.73
CA ARG F 322 -5.77 4.45 -23.29
C ARG F 322 -5.81 4.44 -24.81
N ARG F 323 -6.53 3.49 -25.40
CA ARG F 323 -6.65 3.46 -26.86
C ARG F 323 -7.39 4.68 -27.38
N ILE F 324 -8.43 5.13 -26.67
CA ILE F 324 -9.15 6.33 -27.10
C ILE F 324 -8.26 7.55 -27.02
N VAL F 325 -7.49 7.68 -25.93
CA VAL F 325 -6.58 8.81 -25.80
C VAL F 325 -5.52 8.79 -26.90
N SER F 326 -4.96 7.61 -27.19
CA SER F 326 -3.96 7.50 -28.24
C SER F 326 -4.55 7.82 -29.61
N GLN F 327 -5.78 7.39 -29.85
CA GLN F 327 -6.45 7.71 -31.11
C GLN F 327 -6.69 9.20 -31.24
N LEU F 328 -7.07 9.86 -30.14
CA LEU F 328 -7.25 11.30 -30.18
C LEU F 328 -5.94 12.02 -30.48
N LEU F 329 -4.85 11.58 -29.85
CA LEU F 329 -3.54 12.18 -30.15
C LEU F 329 -3.14 11.93 -31.60
N THR F 330 -3.41 10.73 -32.10
CA THR F 330 -3.09 10.41 -33.49
C THR F 330 -3.89 11.28 -34.45
N LEU F 331 -5.15 11.56 -34.13
CA LEU F 331 -5.95 12.39 -35.02
C LEU F 331 -5.59 13.87 -34.90
N MET F 332 -5.07 14.28 -33.74
CA MET F 332 -4.46 15.60 -33.65
C MET F 332 -3.23 15.70 -34.54
N ASP F 333 -2.38 14.67 -34.55
CA ASP F 333 -1.15 14.75 -35.33
C ASP F 333 -1.42 14.58 -36.82
N GLY F 334 -2.41 13.77 -37.18
CA GLY F 334 -2.67 13.49 -38.58
C GLY F 334 -3.16 14.71 -39.35
N LEU F 335 -3.98 15.54 -38.71
CA LEU F 335 -4.39 16.78 -39.33
C LEU F 335 -3.18 17.67 -39.57
N LYS F 336 -3.09 18.20 -40.78
CA LYS F 336 -1.95 18.99 -41.23
C LYS F 336 -2.34 20.41 -41.64
N GLN F 337 -3.56 20.84 -41.31
CA GLN F 337 -4.06 22.20 -41.51
C GLN F 337 -4.18 22.59 -42.98
N ARG F 338 -4.09 21.63 -43.90
CA ARG F 338 -4.36 21.95 -45.30
C ARG F 338 -5.83 22.31 -45.50
N ALA F 339 -6.74 21.60 -44.83
CA ALA F 339 -8.14 21.96 -44.85
C ALA F 339 -8.47 23.03 -43.81
N HIS F 340 -7.50 23.40 -42.98
CA HIS F 340 -7.62 24.46 -41.98
C HIS F 340 -8.74 24.20 -40.96
N VAL F 341 -8.96 22.93 -40.60
CA VAL F 341 -9.98 22.62 -39.60
C VAL F 341 -9.47 23.01 -38.22
N ILE F 342 -10.39 23.52 -37.39
CA ILE F 342 -10.07 23.98 -36.04
C ILE F 342 -10.89 23.16 -35.06
N VAL F 343 -10.24 22.72 -33.98
CA VAL F 343 -10.89 21.91 -32.95
C VAL F 343 -10.80 22.67 -31.62
N MET F 344 -11.94 22.91 -30.99
CA MET F 344 -11.95 23.40 -29.62
C MET F 344 -12.38 22.28 -28.68
N ALA F 345 -11.77 22.26 -27.49
CA ALA F 345 -12.13 21.33 -26.43
C ALA F 345 -12.45 22.14 -25.18
N ALA F 346 -13.65 21.97 -24.65
CA ALA F 346 -14.09 22.68 -23.46
C ALA F 346 -14.11 21.69 -22.30
N THR F 347 -13.37 22.01 -21.24
CA THR F 347 -13.26 21.13 -20.08
C THR F 347 -13.41 21.95 -18.81
N ASN F 348 -14.02 21.35 -17.79
CA ASN F 348 -14.20 22.04 -16.53
C ASN F 348 -12.89 22.12 -15.75
N ARG F 349 -12.13 21.03 -15.72
CA ARG F 349 -10.88 20.97 -14.97
C ARG F 349 -9.71 20.80 -15.92
N PRO F 350 -8.82 21.77 -16.02
CA PRO F 350 -7.71 21.65 -16.99
C PRO F 350 -6.62 20.70 -16.54
N ASN F 351 -6.64 20.26 -15.28
CA ASN F 351 -5.59 19.39 -14.78
C ASN F 351 -5.77 17.95 -15.27
N SER F 352 -7.02 17.51 -15.43
CA SER F 352 -7.27 16.10 -15.70
C SER F 352 -6.90 15.72 -17.13
N ILE F 353 -6.72 16.70 -18.00
CA ILE F 353 -6.41 16.41 -19.40
C ILE F 353 -5.03 15.75 -19.49
N ASP F 354 -4.88 14.88 -20.48
CA ASP F 354 -3.58 14.28 -20.75
C ASP F 354 -2.58 15.35 -21.15
N PRO F 355 -1.43 15.45 -20.50
CA PRO F 355 -0.43 16.45 -20.90
C PRO F 355 0.06 16.28 -22.33
N ALA F 356 -0.03 15.07 -22.90
CA ALA F 356 0.31 14.90 -24.31
C ALA F 356 -0.63 15.70 -25.20
N LEU F 357 -1.86 15.90 -24.76
CA LEU F 357 -2.80 16.74 -25.52
C LEU F 357 -2.43 18.21 -25.45
N ARG F 358 -1.70 18.61 -24.41
CA ARG F 358 -1.28 20.00 -24.26
C ARG F 358 0.04 20.30 -24.96
N ARG F 359 0.67 19.31 -25.59
CA ARG F 359 1.95 19.52 -26.23
C ARG F 359 1.79 20.33 -27.52
N PHE F 360 2.92 20.84 -28.00
CA PHE F 360 2.90 21.67 -29.21
C PHE F 360 2.38 20.87 -30.39
N GLY F 361 1.52 21.50 -31.19
CA GLY F 361 0.86 20.87 -32.30
C GLY F 361 -0.51 20.32 -32.00
N ARG F 362 -0.87 20.21 -30.72
CA ARG F 362 -2.18 19.75 -30.29
C ARG F 362 -2.72 20.71 -29.24
N PHE F 363 -3.87 21.32 -29.53
CA PHE F 363 -4.53 22.24 -28.58
C PHE F 363 -3.56 23.28 -28.05
N ASP F 364 -2.86 23.96 -28.96
CA ASP F 364 -1.82 24.89 -28.57
C ASP F 364 -2.39 26.07 -27.77
N ARG F 365 -3.49 26.65 -28.23
CA ARG F 365 -4.07 27.79 -27.55
C ARG F 365 -4.88 27.35 -26.33
N GLU F 366 -4.76 28.10 -25.25
CA GLU F 366 -5.49 27.84 -24.01
C GLU F 366 -6.17 29.12 -23.59
N VAL F 367 -7.50 29.10 -23.51
CA VAL F 367 -8.32 30.26 -23.20
C VAL F 367 -9.03 30.02 -21.87
N ASP F 368 -9.02 31.01 -21.00
CA ASP F 368 -9.66 30.93 -19.69
C ASP F 368 -10.99 31.68 -19.74
N ILE F 369 -12.05 31.03 -19.31
CA ILE F 369 -13.38 31.65 -19.21
C ILE F 369 -13.68 31.83 -17.73
N GLY F 370 -13.62 33.08 -17.26
CA GLY F 370 -13.90 33.36 -15.87
C GLY F 370 -15.37 33.59 -15.60
N ILE F 371 -15.67 33.91 -14.35
CA ILE F 371 -17.03 34.21 -13.93
C ILE F 371 -17.45 35.53 -14.58
N PRO F 372 -18.71 35.70 -14.97
CA PRO F 372 -19.13 36.95 -15.60
C PRO F 372 -19.04 38.12 -14.63
N ASP F 373 -18.74 39.31 -15.17
CA ASP F 373 -18.68 40.51 -14.36
C ASP F 373 -20.09 41.08 -14.14
N ALA F 374 -20.14 42.23 -13.48
CA ALA F 374 -21.42 42.83 -13.12
C ALA F 374 -22.22 43.21 -14.36
N THR F 375 -21.60 43.91 -15.32
CA THR F 375 -22.31 44.25 -16.55
C THR F 375 -22.60 43.01 -17.38
N GLY F 376 -21.67 42.06 -17.40
CA GLY F 376 -21.91 40.83 -18.14
C GLY F 376 -23.06 40.02 -17.57
N ARG F 377 -23.10 39.91 -16.24
CA ARG F 377 -24.21 39.18 -15.63
C ARG F 377 -25.52 39.95 -15.76
N LEU F 378 -25.45 41.28 -15.80
CA LEU F 378 -26.65 42.06 -16.08
C LEU F 378 -27.18 41.76 -17.49
N GLU F 379 -26.28 41.67 -18.47
CA GLU F 379 -26.69 41.28 -19.81
C GLU F 379 -27.25 39.85 -19.82
N ILE F 380 -26.63 38.95 -19.07
CA ILE F 380 -27.13 37.58 -18.97
C ILE F 380 -28.57 37.59 -18.45
N LEU F 381 -28.83 38.38 -17.40
CA LEU F 381 -30.19 38.53 -16.92
C LEU F 381 -31.11 39.11 -17.99
N GLN F 382 -30.62 40.05 -18.79
CA GLN F 382 -31.45 40.65 -19.82
C GLN F 382 -31.91 39.62 -20.86
N ILE F 383 -30.97 38.83 -21.39
CA ILE F 383 -31.36 37.79 -22.35
C ILE F 383 -32.18 36.69 -21.66
N HIS F 384 -31.90 36.40 -20.39
CA HIS F 384 -32.70 35.41 -19.69
C HIS F 384 -34.15 35.86 -19.54
N THR F 385 -34.36 37.14 -19.23
CA THR F 385 -35.67 37.67 -18.92
C THR F 385 -36.41 38.23 -20.13
N LYS F 386 -35.77 38.29 -21.30
CA LYS F 386 -36.48 38.78 -22.47
C LYS F 386 -37.67 37.88 -22.81
N ASN F 387 -37.53 36.57 -22.67
CA ASN F 387 -38.63 35.67 -22.96
C ASN F 387 -39.66 35.65 -21.83
N MET F 388 -39.21 35.76 -20.59
CA MET F 388 -40.12 35.69 -19.46
C MET F 388 -40.93 36.97 -19.34
N LYS F 389 -42.09 36.86 -18.70
CA LYS F 389 -42.91 38.05 -18.41
C LYS F 389 -42.43 38.71 -17.13
N LEU F 390 -42.14 40.01 -17.21
CA LEU F 390 -41.56 40.75 -16.11
C LEU F 390 -42.47 41.93 -15.75
N ALA F 391 -42.59 42.20 -14.46
CA ALA F 391 -43.36 43.33 -13.99
C ALA F 391 -42.55 44.63 -14.11
N ASP F 392 -43.23 45.75 -13.88
CA ASP F 392 -42.56 47.04 -13.97
C ASP F 392 -41.68 47.31 -12.75
N ASP F 393 -42.01 46.69 -11.61
CA ASP F 393 -41.28 46.96 -10.38
C ASP F 393 -39.84 46.46 -10.45
N VAL F 394 -39.63 45.29 -11.07
CA VAL F 394 -38.33 44.64 -11.00
C VAL F 394 -37.31 45.43 -11.81
N ASP F 395 -36.10 45.54 -11.26
CA ASP F 395 -34.95 46.12 -11.95
C ASP F 395 -33.83 45.09 -11.98
N LEU F 396 -33.33 44.81 -13.19
CA LEU F 396 -32.32 43.76 -13.33
C LEU F 396 -30.96 44.22 -12.83
N GLU F 397 -30.72 45.53 -12.81
CA GLU F 397 -29.42 46.04 -12.40
C GLU F 397 -29.12 45.72 -10.94
N GLN F 398 -30.11 45.89 -10.06
CA GLN F 398 -29.89 45.59 -8.65
C GLN F 398 -29.71 44.09 -8.44
N VAL F 399 -30.42 43.27 -9.21
CA VAL F 399 -30.24 41.82 -9.14
C VAL F 399 -28.82 41.45 -9.53
N ALA F 400 -28.32 42.08 -10.60
CA ALA F 400 -26.94 41.83 -11.02
C ALA F 400 -25.95 42.28 -9.96
N ASN F 401 -26.19 43.43 -9.33
CA ASN F 401 -25.29 43.92 -8.30
C ASN F 401 -25.25 42.98 -7.10
N GLU F 402 -26.40 42.44 -6.71
CA GLU F 402 -26.44 41.54 -5.57
C GLU F 402 -25.78 40.20 -5.88
N THR F 403 -25.90 39.72 -7.12
CA THR F 403 -25.40 38.40 -7.50
C THR F 403 -23.92 38.49 -7.84
N HIS F 404 -23.11 38.79 -6.82
CA HIS F 404 -21.67 38.93 -7.05
C HIS F 404 -21.04 37.61 -7.45
N GLY F 405 -21.44 36.51 -6.81
CA GLY F 405 -20.86 35.21 -7.05
C GLY F 405 -21.67 34.27 -7.91
N HIS F 406 -22.65 34.76 -8.65
CA HIS F 406 -23.52 33.88 -9.43
C HIS F 406 -23.00 33.74 -10.85
N VAL F 407 -22.82 32.49 -11.27
CA VAL F 407 -22.53 32.16 -12.66
C VAL F 407 -23.86 32.12 -13.42
N GLY F 408 -23.79 32.02 -14.75
CA GLY F 408 -25.00 32.06 -15.56
C GLY F 408 -26.00 30.98 -15.18
N ALA F 409 -25.51 29.78 -14.87
CA ALA F 409 -26.40 28.71 -14.42
C ALA F 409 -27.11 29.09 -13.12
N ASP F 410 -26.37 29.73 -12.20
CA ASP F 410 -27.00 30.20 -10.97
C ASP F 410 -28.05 31.25 -11.25
N LEU F 411 -27.80 32.12 -12.24
CA LEU F 411 -28.79 33.13 -12.62
C LEU F 411 -30.06 32.48 -13.18
N ALA F 412 -29.89 31.46 -14.02
CA ALA F 412 -31.05 30.75 -14.54
C ALA F 412 -31.82 30.05 -13.42
N ALA F 413 -31.10 29.45 -12.47
CA ALA F 413 -31.77 28.83 -11.33
C ALA F 413 -32.53 29.86 -10.50
N LEU F 414 -31.94 31.05 -10.31
CA LEU F 414 -32.61 32.10 -9.57
C LEU F 414 -33.88 32.56 -10.28
N CYS F 415 -33.81 32.69 -11.61
CA CYS F 415 -35.00 33.06 -12.37
C CYS F 415 -36.08 32.00 -12.24
N SER F 416 -35.69 30.72 -12.29
CA SER F 416 -36.66 29.64 -12.12
C SER F 416 -37.28 29.67 -10.73
N GLU F 417 -36.49 29.94 -9.70
CA GLU F 417 -37.02 30.04 -8.35
C GLU F 417 -37.97 31.22 -8.22
N ALA F 418 -37.66 32.34 -8.85
CA ALA F 418 -38.57 33.48 -8.83
C ALA F 418 -39.89 33.15 -9.52
N ALA F 419 -39.82 32.45 -10.66
CA ALA F 419 -41.05 32.04 -11.33
C ALA F 419 -41.86 31.08 -10.46
N LEU F 420 -41.19 30.16 -9.78
CA LEU F 420 -41.89 29.24 -8.89
C LEU F 420 -42.51 29.99 -7.70
N GLN F 421 -41.85 31.04 -7.22
CA GLN F 421 -42.42 31.86 -6.16
C GLN F 421 -43.67 32.58 -6.65
N ALA F 422 -43.64 33.09 -7.88
CA ALA F 422 -44.84 33.71 -8.44
C ALA F 422 -45.98 32.69 -8.57
N ILE F 423 -45.63 31.47 -8.99
CA ILE F 423 -46.63 30.41 -9.08
C ILE F 423 -47.21 30.09 -7.70
N ARG F 424 -46.37 30.08 -6.67
CA ARG F 424 -46.86 29.88 -5.31
C ARG F 424 -47.78 31.01 -4.88
N LYS F 425 -47.44 32.25 -5.24
CA LYS F 425 -48.29 33.38 -4.91
C LYS F 425 -49.66 33.24 -5.56
N LYS F 426 -49.69 32.79 -6.81
CA LYS F 426 -50.94 32.58 -7.52
C LYS F 426 -51.54 31.20 -7.29
N MET F 427 -50.97 30.41 -6.38
CA MET F 427 -51.44 29.04 -6.17
C MET F 427 -52.85 29.00 -5.59
N ASP F 428 -53.18 29.96 -4.72
CA ASP F 428 -54.49 29.95 -4.07
C ASP F 428 -55.62 30.10 -5.08
N LEU F 429 -55.42 30.94 -6.10
CA LEU F 429 -56.45 31.13 -7.11
C LEU F 429 -56.66 29.87 -7.95
N ILE F 430 -55.56 29.23 -8.37
CA ILE F 430 -55.66 28.06 -9.22
C ILE F 430 -56.06 26.84 -8.38
N ASP F 431 -56.42 25.76 -9.07
CA ASP F 431 -56.82 24.51 -8.44
C ASP F 431 -55.89 23.40 -8.91
N LEU F 432 -55.34 22.65 -7.96
CA LEU F 432 -54.50 21.51 -8.31
C LEU F 432 -55.33 20.39 -8.92
N GLU F 433 -56.57 20.21 -8.45
CA GLU F 433 -57.41 19.15 -8.97
C GLU F 433 -57.96 19.50 -10.36
N ASP F 434 -58.15 20.79 -10.63
CA ASP F 434 -58.69 21.21 -11.91
C ASP F 434 -57.71 20.87 -13.02
N GLU F 435 -58.26 20.37 -14.15
CA GLU F 435 -57.40 19.97 -15.27
C GLU F 435 -56.77 21.17 -15.95
N THR F 436 -57.49 22.29 -16.01
CA THR F 436 -57.03 23.49 -16.70
C THR F 436 -57.00 24.65 -15.73
N ILE F 437 -56.15 25.65 -16.04
CA ILE F 437 -56.02 26.83 -15.19
C ILE F 437 -56.94 27.92 -15.74
N ASP F 438 -57.50 28.72 -14.84
CA ASP F 438 -58.32 29.85 -15.26
C ASP F 438 -57.46 30.86 -16.03
N ALA F 439 -58.00 31.35 -17.15
CA ALA F 439 -57.22 32.20 -18.05
C ALA F 439 -56.89 33.54 -17.40
N GLU F 440 -57.80 34.07 -16.59
CA GLU F 440 -57.53 35.33 -15.90
C GLU F 440 -56.31 35.19 -14.99
N VAL F 441 -56.20 34.07 -14.29
CA VAL F 441 -55.02 33.83 -13.46
C VAL F 441 -53.77 33.68 -14.33
N MET F 442 -53.92 33.06 -15.52
CA MET F 442 -52.79 32.94 -16.43
C MET F 442 -52.24 34.30 -16.82
N ASN F 443 -53.12 35.21 -17.26
CA ASN F 443 -52.64 36.53 -17.68
C ASN F 443 -52.23 37.38 -16.48
N SER F 444 -52.77 37.05 -15.30
CA SER F 444 -52.39 37.78 -14.09
C SER F 444 -51.01 37.36 -13.61
N LEU F 445 -50.50 36.24 -14.11
CA LEU F 445 -49.19 35.74 -13.69
C LEU F 445 -48.09 36.65 -14.19
N ALA F 446 -47.22 37.07 -13.28
CA ALA F 446 -46.07 37.91 -13.61
C ALA F 446 -45.11 37.90 -12.43
N VAL F 447 -43.82 37.85 -12.74
CA VAL F 447 -42.81 37.83 -11.69
C VAL F 447 -42.66 39.21 -11.09
N THR F 448 -42.78 39.29 -9.77
CA THR F 448 -42.72 40.56 -9.05
C THR F 448 -41.35 40.70 -8.39
N MET F 449 -41.11 41.89 -7.85
CA MET F 449 -39.81 42.17 -7.23
C MET F 449 -39.61 41.36 -5.96
N ASP F 450 -40.68 41.11 -5.21
CA ASP F 450 -40.57 40.31 -4.00
C ASP F 450 -40.12 38.89 -4.31
N ASP F 451 -40.59 38.34 -5.43
CA ASP F 451 -40.13 37.01 -5.84
C ASP F 451 -38.63 37.01 -6.10
N PHE F 452 -38.12 38.04 -6.77
CA PHE F 452 -36.68 38.13 -7.00
C PHE F 452 -35.91 38.29 -5.70
N ARG F 453 -36.44 39.08 -4.76
CA ARG F 453 -35.80 39.18 -3.45
C ARG F 453 -35.73 37.84 -2.75
N TRP F 454 -36.83 37.08 -2.76
CA TRP F 454 -36.84 35.77 -2.12
C TRP F 454 -35.85 34.83 -2.80
N ALA F 455 -35.82 34.84 -4.13
CA ALA F 455 -34.87 34.00 -4.86
C ALA F 455 -33.43 34.37 -4.55
N LEU F 456 -33.15 35.67 -4.44
CA LEU F 456 -31.82 36.12 -4.03
C LEU F 456 -31.47 35.61 -2.65
N SER F 457 -32.43 35.66 -1.72
CA SER F 457 -32.19 35.16 -0.37
C SER F 457 -31.89 33.65 -0.38
N GLN F 458 -32.65 32.89 -1.17
CA GLN F 458 -32.50 31.44 -1.16
C GLN F 458 -31.27 30.99 -1.94
N SER F 459 -30.96 31.67 -3.04
CA SER F 459 -29.86 31.23 -3.90
C SER F 459 -28.51 31.46 -3.22
N ASN F 460 -27.54 30.61 -3.57
CA ASN F 460 -26.19 30.71 -3.02
C ASN F 460 -25.17 30.64 -4.15
N PRO F 461 -24.09 31.43 -4.08
CA PRO F 461 -22.98 31.26 -4.99
C PRO F 461 -22.57 29.81 -5.19
N SER F 462 -22.15 29.49 -6.41
CA SER F 462 -21.63 28.16 -6.73
C SER F 462 -20.75 28.23 -7.97
N PRO F 472 -9.76 41.05 6.10
CA PRO F 472 -10.20 40.49 7.39
C PRO F 472 -11.51 41.09 7.89
N GLN F 473 -12.19 40.38 8.78
CA GLN F 473 -13.47 40.84 9.29
C GLN F 473 -13.31 42.03 10.23
N VAL F 474 -12.17 42.10 10.94
CA VAL F 474 -11.94 43.19 11.87
C VAL F 474 -11.76 44.49 11.08
N THR F 475 -12.48 45.53 11.50
CA THR F 475 -12.48 46.81 10.81
C THR F 475 -12.24 47.91 11.84
N TRP F 476 -11.87 49.10 11.35
CA TRP F 476 -11.61 50.23 12.23
C TRP F 476 -12.82 50.55 13.10
N GLU F 477 -14.03 50.39 12.55
CA GLU F 477 -15.23 50.64 13.33
C GLU F 477 -15.36 49.64 14.47
N ASP F 478 -14.93 48.40 14.25
CA ASP F 478 -14.94 47.40 15.33
C ASP F 478 -13.96 47.78 16.43
N ILE F 479 -12.95 48.57 16.10
CA ILE F 479 -11.94 48.95 17.08
C ILE F 479 -12.48 50.08 17.96
N GLY F 480 -12.15 50.03 19.25
CA GLY F 480 -12.56 51.06 20.20
C GLY F 480 -11.38 51.91 20.62
N GLY F 481 -11.47 53.20 20.31
CA GLY F 481 -10.42 54.13 20.69
C GLY F 481 -9.14 53.93 19.89
N LEU F 482 -8.04 54.41 20.49
CA LEU F 482 -6.71 54.31 19.90
C LEU F 482 -6.67 54.95 18.50
N GLU F 483 -7.28 56.12 18.37
CA GLU F 483 -7.37 56.77 17.06
C GLU F 483 -6.00 57.23 16.57
N ASP F 484 -5.12 57.62 17.50
CA ASP F 484 -3.77 58.03 17.12
C ASP F 484 -3.02 56.86 16.48
N VAL F 485 -3.15 55.66 17.06
CA VAL F 485 -2.54 54.47 16.48
C VAL F 485 -3.11 54.20 15.09
N LYS F 486 -4.42 54.38 14.94
CA LYS F 486 -5.05 54.20 13.64
C LYS F 486 -4.46 55.16 12.61
N ARG F 487 -4.30 56.44 12.98
CA ARG F 487 -3.76 57.42 12.04
C ARG F 487 -2.31 57.10 11.70
N GLU F 488 -1.51 56.72 12.68
CA GLU F 488 -0.11 56.38 12.41
C GLU F 488 -0.02 55.17 11.48
N LEU F 489 -0.83 54.15 11.72
CA LEU F 489 -0.84 52.97 10.86
C LEU F 489 -1.29 53.34 9.45
N GLN F 490 -2.33 54.16 9.33
CA GLN F 490 -2.80 54.58 8.02
C GLN F 490 -1.71 55.30 7.26
N GLU F 491 -1.05 56.27 7.89
CA GLU F 491 0.10 56.90 7.26
C GLU F 491 1.12 55.87 6.79
N LEU F 492 1.68 55.10 7.73
CA LEU F 492 2.83 54.26 7.44
C LEU F 492 2.52 53.24 6.34
N VAL F 493 1.33 52.65 6.36
CA VAL F 493 0.98 51.62 5.38
C VAL F 493 0.49 52.22 4.07
N GLN F 494 -0.51 53.11 4.12
CA GLN F 494 -1.15 53.57 2.90
C GLN F 494 -0.25 54.49 2.09
N TYR F 495 0.44 55.45 2.75
CA TYR F 495 1.10 56.50 1.98
C TYR F 495 2.10 55.99 0.95
N PRO F 496 2.94 54.97 1.22
CA PRO F 496 3.83 54.50 0.16
C PRO F 496 3.11 54.06 -1.10
N VAL F 497 1.91 53.49 -0.98
CA VAL F 497 1.09 53.25 -2.15
C VAL F 497 0.60 54.56 -2.75
N GLU F 498 0.30 55.53 -1.88
CA GLU F 498 -0.28 56.80 -2.34
C GLU F 498 0.69 57.58 -3.22
N HIS F 499 1.94 57.75 -2.77
CA HIS F 499 2.94 58.54 -3.47
C HIS F 499 4.22 57.73 -3.65
N PRO F 500 4.23 56.78 -4.57
CA PRO F 500 5.50 56.10 -4.89
C PRO F 500 6.43 56.97 -5.72
N ASP F 501 5.88 57.98 -6.41
CA ASP F 501 6.70 58.83 -7.27
C ASP F 501 7.73 59.61 -6.46
N LYS F 502 7.35 60.09 -5.29
CA LYS F 502 8.31 60.77 -4.41
C LYS F 502 9.43 59.83 -4.00
N PHE F 503 9.08 58.59 -3.64
CA PHE F 503 10.10 57.62 -3.22
C PHE F 503 11.05 57.30 -4.35
N LEU F 504 10.53 57.15 -5.57
CA LEU F 504 11.38 56.92 -6.72
C LEU F 504 12.27 58.12 -7.01
N LYS F 505 11.74 59.33 -6.80
CA LYS F 505 12.54 60.53 -6.98
C LYS F 505 13.72 60.55 -6.01
N PHE F 506 13.47 60.20 -4.74
CA PHE F 506 14.55 60.10 -3.77
C PHE F 506 15.20 58.72 -3.76
N GLY F 507 14.64 57.75 -4.48
CA GLY F 507 15.30 56.46 -4.64
C GLY F 507 15.50 55.68 -3.37
N MET F 508 14.48 55.59 -2.53
CA MET F 508 14.58 54.85 -1.28
C MET F 508 13.43 53.85 -1.16
N THR F 509 13.74 52.63 -0.75
CA THR F 509 12.73 51.60 -0.57
C THR F 509 11.83 51.95 0.61
N PRO F 510 10.51 51.86 0.45
CA PRO F 510 9.60 52.22 1.55
C PRO F 510 9.75 51.29 2.73
N SER F 511 9.50 51.83 3.93
CA SER F 511 9.51 51.02 5.14
C SER F 511 8.33 50.06 5.15
N LYS F 512 8.60 48.79 5.43
CA LYS F 512 7.57 47.75 5.41
C LYS F 512 7.58 46.89 6.67
N GLY F 513 8.25 47.34 7.74
CA GLY F 513 8.26 46.60 8.99
C GLY F 513 7.84 47.44 10.17
N VAL F 514 6.71 47.09 10.78
CA VAL F 514 6.18 47.80 11.94
C VAL F 514 6.11 46.83 13.11
N LEU F 515 6.50 47.30 14.28
CA LEU F 515 6.53 46.49 15.49
C LEU F 515 5.43 46.95 16.44
N PHE F 516 4.61 46.00 16.90
CA PHE F 516 3.54 46.26 17.85
C PHE F 516 3.97 45.73 19.20
N TYR F 517 4.29 46.63 20.13
CA TYR F 517 4.73 46.25 21.47
C TYR F 517 3.84 46.94 22.49
N GLY F 518 3.29 46.15 23.41
CA GLY F 518 2.41 46.68 24.43
C GLY F 518 1.76 45.56 25.22
N PRO F 519 0.91 45.91 26.18
CA PRO F 519 0.20 44.90 26.97
C PRO F 519 -0.70 44.05 26.09
N PRO F 520 -0.81 42.76 26.38
CA PRO F 520 -1.75 41.91 25.64
C PRO F 520 -3.19 42.37 25.87
N GLY F 521 -4.02 42.15 24.86
CA GLY F 521 -5.41 42.59 24.91
C GLY F 521 -5.63 44.03 24.52
N CYS F 522 -4.63 44.69 23.94
CA CYS F 522 -4.75 46.08 23.51
C CYS F 522 -5.20 46.23 22.06
N GLY F 523 -5.46 45.12 21.38
CA GLY F 523 -5.95 45.18 20.01
C GLY F 523 -4.88 45.25 18.95
N LYS F 524 -3.66 44.79 19.24
CA LYS F 524 -2.62 44.81 18.22
C LYS F 524 -2.98 43.92 17.04
N THR F 525 -3.42 42.68 17.31
CA THR F 525 -3.86 41.79 16.25
C THR F 525 -5.08 42.36 15.53
N LEU F 526 -6.02 42.91 16.29
CA LEU F 526 -7.21 43.51 15.69
C LEU F 526 -6.85 44.70 14.81
N LEU F 527 -5.92 45.54 15.28
CA LEU F 527 -5.48 46.68 14.47
C LEU F 527 -4.79 46.22 13.19
N ALA F 528 -3.96 45.17 13.29
CA ALA F 528 -3.31 44.64 12.09
C ALA F 528 -4.35 44.11 11.11
N LYS F 529 -5.36 43.39 11.60
CA LYS F 529 -6.41 42.91 10.73
C LYS F 529 -7.17 44.06 10.08
N ALA F 530 -7.40 45.13 10.84
CA ALA F 530 -8.09 46.29 10.30
C ALA F 530 -7.29 46.96 9.18
N ILE F 531 -5.97 47.13 9.39
CA ILE F 531 -5.16 47.78 8.36
C ILE F 531 -5.03 46.86 7.15
N ALA F 532 -5.06 45.54 7.36
CA ALA F 532 -5.11 44.62 6.23
C ALA F 532 -6.41 44.76 5.46
N ASN F 533 -7.53 44.93 6.17
CA ASN F 533 -8.81 45.12 5.51
C ASN F 533 -8.85 46.41 4.71
N GLU F 534 -8.24 47.48 5.23
CA GLU F 534 -8.22 48.75 4.52
C GLU F 534 -7.49 48.63 3.19
N CYS F 535 -6.36 47.92 3.18
CA CYS F 535 -5.58 47.73 1.97
C CYS F 535 -6.07 46.57 1.12
N GLN F 536 -7.05 45.80 1.59
CA GLN F 536 -7.62 44.68 0.86
C GLN F 536 -6.55 43.67 0.47
N ALA F 537 -5.64 43.39 1.39
CA ALA F 537 -4.56 42.44 1.18
C ALA F 537 -4.79 41.19 2.02
N ASN F 538 -4.33 40.05 1.50
CA ASN F 538 -4.47 38.79 2.23
C ASN F 538 -3.69 38.85 3.54
N PHE F 539 -4.31 38.34 4.59
CA PHE F 539 -3.75 38.42 5.95
C PHE F 539 -3.38 37.03 6.43
N ILE F 540 -2.16 36.90 6.97
CA ILE F 540 -1.66 35.67 7.54
C ILE F 540 -1.21 35.94 8.97
N SER F 541 -1.72 35.15 9.92
CA SER F 541 -1.38 35.28 11.32
C SER F 541 -0.62 34.04 11.77
N ILE F 542 0.51 34.25 12.43
CA ILE F 542 1.38 33.17 12.88
C ILE F 542 1.56 33.27 14.39
N LYS F 543 1.30 32.18 15.10
CA LYS F 543 1.52 32.13 16.53
C LYS F 543 3.02 32.10 16.84
N GLY F 544 3.34 32.27 18.12
CA GLY F 544 4.70 32.22 18.57
C GLY F 544 5.35 30.87 18.35
N PRO F 545 4.93 29.87 19.13
CA PRO F 545 5.44 28.51 18.97
C PRO F 545 4.64 27.69 17.96
N ASN F 558 9.76 25.01 9.55
CA ASN F 558 8.84 25.28 8.45
C ASN F 558 8.67 26.78 8.23
N VAL F 559 9.67 27.56 8.66
CA VAL F 559 9.56 29.01 8.56
C VAL F 559 9.59 29.46 7.10
N ARG F 560 10.52 28.92 6.31
CA ARG F 560 10.69 29.40 4.94
C ARG F 560 9.49 29.02 4.08
N GLU F 561 8.78 27.96 4.45
CA GLU F 561 7.55 27.64 3.73
C GLU F 561 6.50 28.71 3.94
N ILE F 562 6.33 29.17 5.18
CA ILE F 562 5.42 30.29 5.44
C ILE F 562 5.89 31.53 4.71
N PHE F 563 7.21 31.75 4.70
CA PHE F 563 7.76 32.98 4.12
C PHE F 563 7.54 33.02 2.61
N ASP F 564 7.77 31.89 1.91
CA ASP F 564 7.56 31.90 0.46
C ASP F 564 6.06 31.83 0.14
N LYS F 565 5.25 31.30 1.06
CA LYS F 565 3.80 31.41 0.91
C LYS F 565 3.37 32.87 0.93
N ALA F 566 3.95 33.65 1.84
CA ALA F 566 3.69 35.09 1.86
C ALA F 566 4.19 35.76 0.59
N ARG F 567 5.35 35.31 0.08
CA ARG F 567 5.87 35.87 -1.17
C ARG F 567 4.94 35.62 -2.33
N GLN F 568 4.38 34.40 -2.43
CA GLN F 568 3.52 34.06 -3.56
C GLN F 568 2.24 34.89 -3.55
N ALA F 569 1.69 35.15 -2.36
CA ALA F 569 0.44 35.90 -2.23
C ALA F 569 0.65 37.41 -2.32
N ALA F 570 1.79 37.86 -2.82
CA ALA F 570 2.05 39.29 -2.91
C ALA F 570 1.07 39.95 -3.88
N PRO F 571 0.49 41.10 -3.52
CA PRO F 571 0.70 41.78 -2.24
C PRO F 571 -0.03 41.11 -1.08
N CYS F 572 0.68 40.91 0.03
CA CYS F 572 0.15 40.22 1.20
C CYS F 572 0.74 40.83 2.45
N VAL F 573 0.06 40.64 3.57
CA VAL F 573 0.53 41.11 4.88
C VAL F 573 0.79 39.89 5.75
N LEU F 574 1.98 39.83 6.34
CA LEU F 574 2.39 38.76 7.22
C LEU F 574 2.47 39.30 8.65
N PHE F 575 1.76 38.64 9.57
CA PHE F 575 1.62 39.14 10.93
C PHE F 575 2.16 38.11 11.91
N PHE F 576 3.08 38.52 12.75
CA PHE F 576 3.79 37.66 13.68
C PHE F 576 3.32 37.91 15.10
N ASP F 577 3.25 36.85 15.90
CA ASP F 577 2.79 36.94 17.28
C ASP F 577 3.81 36.31 18.22
N GLN F 578 3.84 36.82 19.45
CA GLN F 578 4.69 36.28 20.52
C GLN F 578 6.15 36.24 20.10
N LEU F 579 6.68 37.38 19.65
CA LEU F 579 8.09 37.47 19.29
C LEU F 579 8.97 37.32 20.53
N ASP F 580 8.45 37.69 21.70
CA ASP F 580 9.20 37.55 22.94
C ASP F 580 9.47 36.08 23.27
N SER F 581 8.50 35.21 23.01
CA SER F 581 8.67 33.80 23.34
C SER F 581 9.79 33.16 22.53
N ILE F 582 9.80 33.40 21.21
CA ILE F 582 10.84 32.81 20.37
C ILE F 582 12.18 33.48 20.64
N ALA F 583 12.17 34.76 20.99
CA ALA F 583 13.40 35.49 21.28
C ALA F 583 13.56 35.72 22.77
N ALA F 596 19.31 35.02 24.91
CA ALA F 596 18.84 36.24 24.28
C ALA F 596 18.57 36.02 22.79
N ALA F 597 19.33 35.11 22.19
CA ALA F 597 19.21 34.80 20.78
C ALA F 597 19.40 33.31 20.56
N ASP F 598 18.78 32.79 19.49
CA ASP F 598 18.92 31.40 19.11
C ASP F 598 18.92 31.28 17.60
N ARG F 599 19.05 30.05 17.12
CA ARG F 599 19.15 29.81 15.67
C ARG F 599 17.83 30.12 14.96
N VAL F 600 16.70 29.94 15.66
CA VAL F 600 15.40 30.13 15.01
C VAL F 600 15.20 31.59 14.62
N ILE F 601 15.47 32.51 15.54
CA ILE F 601 15.28 33.93 15.23
C ILE F 601 16.32 34.37 14.21
N ASN F 602 17.50 33.75 14.22
CA ASN F 602 18.50 34.05 13.19
C ASN F 602 17.99 33.65 11.81
N GLN F 603 17.38 32.48 11.69
CA GLN F 603 16.78 32.07 10.43
C GLN F 603 15.66 33.02 10.02
N ILE F 604 14.85 33.45 10.99
CA ILE F 604 13.79 34.42 10.69
C ILE F 604 14.37 35.73 10.19
N LEU F 605 15.46 36.20 10.80
CA LEU F 605 16.09 37.43 10.37
C LEU F 605 16.65 37.31 8.96
N THR F 606 17.27 36.17 8.64
CA THR F 606 17.75 35.96 7.28
C THR F 606 16.60 35.95 6.28
N GLU F 607 15.51 35.27 6.61
CA GLU F 607 14.36 35.24 5.72
C GLU F 607 13.76 36.62 5.54
N MET F 608 13.72 37.41 6.62
CA MET F 608 13.24 38.79 6.53
C MET F 608 14.13 39.63 5.64
N ASP F 609 15.46 39.47 5.77
CA ASP F 609 16.37 40.15 4.86
C ASP F 609 16.17 39.66 3.43
N GLY F 610 15.54 38.49 3.27
CA GLY F 610 15.25 38.00 1.93
C GLY F 610 14.29 38.87 1.15
N MET F 611 13.25 39.40 1.81
CA MET F 611 12.23 40.16 1.09
C MET F 611 12.51 41.65 1.01
N SER F 612 13.72 42.09 1.32
CA SER F 612 14.02 43.52 1.20
C SER F 612 13.84 44.01 -0.24
N THR F 613 13.98 43.10 -1.21
CA THR F 613 13.58 43.41 -2.58
C THR F 613 12.06 43.54 -2.70
N LYS F 614 11.33 42.66 -2.01
CA LYS F 614 9.88 42.58 -2.09
C LYS F 614 9.27 43.68 -1.22
N LYS F 615 9.07 44.86 -1.82
CA LYS F 615 8.50 45.98 -1.07
C LYS F 615 7.00 45.81 -0.88
N ASN F 616 6.33 45.11 -1.80
CA ASN F 616 4.88 44.97 -1.71
C ASN F 616 4.47 44.15 -0.50
N VAL F 617 5.25 43.13 -0.15
CA VAL F 617 4.95 42.33 1.03
C VAL F 617 5.14 43.17 2.28
N PHE F 618 4.15 43.15 3.16
CA PHE F 618 4.14 43.93 4.38
C PHE F 618 4.13 42.98 5.57
N ILE F 619 5.09 43.15 6.48
CA ILE F 619 5.27 42.22 7.60
C ILE F 619 5.19 43.01 8.90
N ILE F 620 4.40 42.49 9.85
CA ILE F 620 4.11 43.15 11.11
C ILE F 620 4.56 42.24 12.24
N GLY F 621 5.13 42.85 13.29
CA GLY F 621 5.52 42.10 14.47
C GLY F 621 4.78 42.54 15.72
N ALA F 622 4.13 41.59 16.40
CA ALA F 622 3.40 41.87 17.63
C ALA F 622 4.07 41.13 18.78
N THR F 623 4.44 41.86 19.84
CA THR F 623 5.17 41.31 20.96
C THR F 623 4.51 41.73 22.26
N ASN F 624 4.43 40.80 23.22
CA ASN F 624 3.90 41.14 24.54
C ASN F 624 4.86 42.04 25.30
N ARG F 625 6.15 41.67 25.35
CA ARG F 625 7.15 42.46 26.06
C ARG F 625 8.32 42.72 25.12
N PRO F 626 8.57 43.96 24.70
CA PRO F 626 9.68 44.24 23.78
C PRO F 626 11.05 44.24 24.44
N ASP F 627 11.12 44.09 25.76
CA ASP F 627 12.41 44.18 26.45
C ASP F 627 13.34 43.02 26.08
N ILE F 628 12.76 41.84 25.82
CA ILE F 628 13.57 40.65 25.60
C ILE F 628 13.75 40.31 24.12
N ILE F 629 13.18 41.12 23.21
CA ILE F 629 13.28 40.81 21.79
C ILE F 629 14.70 41.02 21.30
N ASP F 630 14.99 40.41 20.15
CA ASP F 630 16.33 40.49 19.58
C ASP F 630 16.60 41.90 19.05
N PRO F 631 17.77 42.47 19.34
CA PRO F 631 18.05 43.84 18.87
C PRO F 631 18.03 43.98 17.35
N ALA F 632 18.38 42.92 16.62
CA ALA F 632 18.39 43.01 15.16
C ALA F 632 16.99 43.23 14.61
N ILE F 633 15.96 42.84 15.37
CA ILE F 633 14.59 43.13 14.97
C ILE F 633 14.35 44.63 14.94
N LEU F 634 14.83 45.35 15.95
CA LEU F 634 14.67 46.80 15.98
C LEU F 634 15.50 47.47 14.88
N ARG F 635 16.58 46.81 14.45
CA ARG F 635 17.42 47.37 13.41
C ARG F 635 16.64 47.47 12.09
N PRO F 636 16.99 48.45 11.24
CA PRO F 636 16.27 48.61 9.98
C PRO F 636 16.43 47.39 9.08
N GLY F 637 15.41 47.12 8.28
CA GLY F 637 15.38 45.99 7.39
C GLY F 637 14.57 44.81 7.89
N ARG F 638 14.30 44.72 9.18
CA ARG F 638 13.42 43.68 9.70
C ARG F 638 12.16 44.29 10.30
N LEU F 639 12.31 45.15 11.29
CA LEU F 639 11.23 45.96 11.83
C LEU F 639 11.82 47.31 12.24
N ASP F 640 11.80 48.28 11.32
CA ASP F 640 12.35 49.59 11.62
C ASP F 640 11.33 50.48 12.33
N GLN F 641 10.07 50.41 11.93
CA GLN F 641 9.04 51.20 12.60
C GLN F 641 8.61 50.53 13.90
N LEU F 642 8.48 51.34 14.95
CA LEU F 642 8.02 50.89 16.26
C LEU F 642 6.78 51.67 16.64
N ILE F 643 5.72 50.95 17.02
CA ILE F 643 4.46 51.55 17.45
C ILE F 643 4.11 51.00 18.83
N TYR F 644 3.83 51.90 19.76
CA TYR F 644 3.41 51.52 21.10
C TYR F 644 1.90 51.75 21.25
N ILE F 645 1.19 50.69 21.59
CA ILE F 645 -0.26 50.75 21.82
C ILE F 645 -0.48 50.72 23.33
N PRO F 646 -0.85 51.84 23.95
CA PRO F 646 -0.95 51.88 25.40
C PRO F 646 -2.23 51.22 25.90
N LEU F 647 -2.32 51.15 27.24
CA LEU F 647 -3.56 50.71 27.85
C LEU F 647 -4.68 51.68 27.49
N PRO F 648 -5.86 51.18 27.11
CA PRO F 648 -6.93 52.07 26.63
C PRO F 648 -7.34 53.13 27.64
N ASP F 649 -7.54 54.35 27.16
CA ASP F 649 -7.88 55.48 28.01
C ASP F 649 -9.37 55.44 28.36
N GLU F 650 -9.84 56.44 29.11
CA GLU F 650 -11.25 56.46 29.54
C GLU F 650 -12.18 56.43 28.33
N LYS F 651 -11.98 57.36 27.39
CA LYS F 651 -12.80 57.35 26.17
C LYS F 651 -12.55 56.11 25.34
N SER F 652 -11.29 55.66 25.28
CA SER F 652 -10.99 54.44 24.53
C SER F 652 -11.67 53.23 25.14
N ARG F 653 -11.67 53.13 26.48
CA ARG F 653 -12.37 52.03 27.13
C ARG F 653 -13.88 52.13 26.92
N VAL F 654 -14.42 53.34 26.90
CA VAL F 654 -15.85 53.50 26.59
C VAL F 654 -16.14 53.00 25.18
N ALA F 655 -15.28 53.34 24.23
CA ALA F 655 -15.48 52.88 22.84
C ALA F 655 -15.36 51.36 22.74
N ILE F 656 -14.41 50.77 23.46
CA ILE F 656 -14.26 49.31 23.45
C ILE F 656 -15.49 48.64 24.06
N LEU F 657 -16.00 49.22 25.15
CA LEU F 657 -17.22 48.68 25.76
C LEU F 657 -18.39 48.78 24.80
N LYS F 658 -18.50 49.89 24.06
CA LYS F 658 -19.55 50.02 23.06
C LYS F 658 -19.40 48.97 21.95
N ALA F 659 -18.17 48.73 21.50
CA ALA F 659 -17.94 47.74 20.47
C ALA F 659 -18.32 46.34 20.95
N ASN F 660 -17.99 46.02 22.20
CA ASN F 660 -18.32 44.71 22.73
C ASN F 660 -19.81 44.58 23.02
N LEU F 661 -20.47 45.69 23.34
CA LEU F 661 -21.88 45.71 23.72
C LEU F 661 -22.81 45.92 22.52
N ARG F 662 -22.25 46.15 21.34
CA ARG F 662 -23.09 46.25 20.14
C ARG F 662 -23.98 45.03 19.96
N LYS F 663 -23.49 43.85 20.34
CA LYS F 663 -24.26 42.63 20.14
C LYS F 663 -25.42 42.54 21.13
N SER F 664 -25.19 42.95 22.38
CA SER F 664 -26.15 42.74 23.46
C SER F 664 -26.74 44.06 23.92
N PRO F 665 -28.05 44.25 23.86
CA PRO F 665 -28.65 45.49 24.34
C PRO F 665 -28.46 45.68 25.84
N VAL F 666 -28.40 46.93 26.26
CA VAL F 666 -28.10 47.28 27.64
C VAL F 666 -29.17 48.21 28.17
N ALA F 667 -29.32 48.21 29.49
CA ALA F 667 -30.28 49.08 30.16
C ALA F 667 -29.78 50.52 30.17
N LYS F 668 -30.71 51.45 30.33
CA LYS F 668 -30.37 52.87 30.31
C LYS F 668 -29.61 53.29 31.57
N ASP F 669 -29.88 52.62 32.69
CA ASP F 669 -29.21 52.99 33.94
C ASP F 669 -27.73 52.67 33.88
N VAL F 670 -27.34 51.69 33.07
CA VAL F 670 -25.93 51.35 32.92
C VAL F 670 -25.21 52.46 32.18
N ASP F 671 -24.09 52.91 32.74
CA ASP F 671 -23.32 54.01 32.17
C ASP F 671 -21.97 53.48 31.70
N LEU F 672 -21.65 53.71 30.44
CA LEU F 672 -20.37 53.24 29.89
C LEU F 672 -19.20 53.97 30.53
N GLU F 673 -19.32 55.28 30.74
CA GLU F 673 -18.24 56.05 31.32
C GLU F 673 -17.93 55.60 32.75
N PHE F 674 -18.98 55.30 33.53
CA PHE F 674 -18.80 54.83 34.89
C PHE F 674 -18.06 53.49 34.92
N LEU F 675 -18.48 52.54 34.08
CA LEU F 675 -17.83 51.24 34.03
C LEU F 675 -16.38 51.37 33.59
N ALA F 676 -16.12 52.22 32.60
CA ALA F 676 -14.74 52.45 32.17
C ALA F 676 -13.92 53.11 33.28
N LYS F 677 -14.55 54.02 34.04
CA LYS F 677 -13.84 54.75 35.07
C LYS F 677 -13.39 53.81 36.20
N MET F 678 -14.26 52.88 36.62
CA MET F 678 -13.83 51.92 37.63
C MET F 678 -12.72 51.02 37.11
N THR F 679 -12.81 50.61 35.83
CA THR F 679 -11.83 49.72 35.23
C THR F 679 -10.64 50.52 34.69
N ASN F 680 -9.88 51.10 35.61
CA ASN F 680 -8.74 51.93 35.21
C ASN F 680 -7.66 51.10 34.52
N GLY F 681 -7.35 49.93 35.06
CA GLY F 681 -6.26 49.12 34.57
C GLY F 681 -6.63 47.96 33.67
N PHE F 682 -7.92 47.70 33.47
CA PHE F 682 -8.32 46.55 32.67
C PHE F 682 -8.12 46.82 31.19
N SER F 683 -7.79 45.77 30.44
CA SER F 683 -7.58 45.87 29.00
C SER F 683 -8.89 45.66 28.25
N GLY F 684 -8.80 45.74 26.92
CA GLY F 684 -9.97 45.54 26.10
C GLY F 684 -10.53 44.13 26.20
N ALA F 685 -9.64 43.13 26.23
CA ALA F 685 -10.09 41.75 26.41
C ALA F 685 -10.74 41.57 27.78
N ASP F 686 -10.22 42.28 28.79
CA ASP F 686 -10.85 42.24 30.11
C ASP F 686 -12.27 42.80 30.06
N LEU F 687 -12.46 43.92 29.34
CA LEU F 687 -13.81 44.48 29.20
C LEU F 687 -14.72 43.53 28.45
N THR F 688 -14.21 42.87 27.42
CA THR F 688 -15.01 41.89 26.68
C THR F 688 -15.42 40.74 27.59
N GLU F 689 -14.48 40.25 28.41
CA GLU F 689 -14.79 39.17 29.35
C GLU F 689 -15.83 39.61 30.37
N ILE F 690 -15.72 40.84 30.88
CA ILE F 690 -16.72 41.35 31.81
C ILE F 690 -18.09 41.41 31.15
N CYS F 691 -18.15 41.93 29.93
CA CYS F 691 -19.43 42.01 29.23
C CYS F 691 -20.02 40.62 29.02
N GLN F 692 -19.19 39.66 28.59
CA GLN F 692 -19.69 38.31 28.35
C GLN F 692 -20.21 37.67 29.63
N ARG F 693 -19.47 37.82 30.73
CA ARG F 693 -19.91 37.24 32.00
C ARG F 693 -21.20 37.88 32.49
N ALA F 694 -21.31 39.21 32.37
CA ALA F 694 -22.53 39.89 32.78
C ALA F 694 -23.72 39.42 31.95
N CYS F 695 -23.54 39.28 30.64
CA CYS F 695 -24.62 38.84 29.79
C CYS F 695 -25.01 37.39 30.08
N LYS F 696 -24.03 36.53 30.34
CA LYS F 696 -24.33 35.15 30.70
C LYS F 696 -25.12 35.09 32.01
N LEU F 697 -24.75 35.92 32.99
CA LEU F 697 -25.51 35.97 34.23
C LEU F 697 -26.94 36.44 33.99
N ALA F 698 -27.10 37.45 33.14
CA ALA F 698 -28.44 37.93 32.81
C ALA F 698 -29.28 36.84 32.14
N ILE F 699 -28.67 36.10 31.21
CA ILE F 699 -29.39 35.01 30.54
C ILE F 699 -29.78 33.94 31.55
N ARG F 700 -28.86 33.58 32.45
CA ARG F 700 -29.19 32.57 33.46
C ARG F 700 -30.35 33.04 34.33
N GLU F 701 -30.34 34.30 34.76
CA GLU F 701 -31.41 34.80 35.60
C GLU F 701 -32.75 34.83 34.87
N SER F 702 -32.75 35.29 33.62
CA SER F 702 -33.99 35.33 32.85
C SER F 702 -34.53 33.93 32.59
N ILE F 703 -33.65 32.98 32.29
CA ILE F 703 -34.09 31.60 32.06
C ILE F 703 -34.66 31.01 33.34
N GLU F 704 -33.99 31.22 34.48
CA GLU F 704 -34.54 30.73 35.74
C GLU F 704 -35.90 31.35 36.02
N SER F 705 -36.08 32.62 35.64
CA SER F 705 -37.39 33.24 35.77
C SER F 705 -38.42 32.55 34.86
N GLU F 706 -37.98 32.12 33.67
CA GLU F 706 -38.90 31.43 32.77
C GLU F 706 -39.36 30.09 33.35
N ILE F 707 -38.43 29.30 33.89
CA ILE F 707 -38.84 28.06 34.57
C ILE F 707 -39.68 28.39 35.81
N ARG F 708 -39.42 29.52 36.46
CA ARG F 708 -40.26 29.92 37.57
C ARG F 708 -41.70 30.16 37.13
N ARG F 709 -41.88 30.82 35.98
CA ARG F 709 -43.21 31.01 35.44
C ARG F 709 -43.85 29.68 35.05
N GLU F 710 -43.07 28.76 34.47
CA GLU F 710 -43.60 27.45 34.14
C GLU F 710 -44.05 26.70 35.38
N ARG F 711 -43.32 26.86 36.49
CA ARG F 711 -43.69 26.21 37.74
C ARG F 711 -44.94 26.81 38.34
N GLU F 712 -45.04 28.15 38.33
CA GLU F 712 -46.20 28.80 38.93
C GLU F 712 -47.46 28.53 38.10
N ARG F 713 -47.31 28.37 36.79
CA ARG F 713 -48.46 28.04 35.95
C ARG F 713 -48.96 26.62 36.25
N GLN F 714 -48.03 25.71 36.52
CA GLN F 714 -48.40 24.32 36.84
C GLN F 714 -48.60 24.15 38.33
N PRO F 727 -38.90 39.65 32.00
CA PRO F 727 -37.85 39.37 32.97
C PRO F 727 -36.63 40.26 32.80
N VAL F 728 -35.69 39.86 31.94
CA VAL F 728 -34.48 40.63 31.72
C VAL F 728 -34.31 40.88 30.22
N PRO F 729 -35.14 41.72 29.60
CA PRO F 729 -34.90 42.07 28.19
C PRO F 729 -33.61 42.84 27.99
N GLU F 730 -33.18 43.57 29.01
CA GLU F 730 -31.98 44.40 28.98
C GLU F 730 -31.12 44.09 30.19
N ILE F 731 -29.80 43.98 29.97
CA ILE F 731 -28.90 43.61 31.04
C ILE F 731 -28.77 44.75 32.04
N ARG F 732 -28.71 44.41 33.32
CA ARG F 732 -28.66 45.40 34.38
C ARG F 732 -27.23 45.64 34.84
N ARG F 733 -27.06 46.67 35.67
CA ARG F 733 -25.74 47.04 36.15
C ARG F 733 -25.22 46.05 37.19
N ASP F 734 -26.11 45.32 37.86
CA ASP F 734 -25.67 44.34 38.84
C ASP F 734 -24.84 43.24 38.19
N HIS F 735 -25.23 42.82 36.97
CA HIS F 735 -24.44 41.83 36.25
C HIS F 735 -23.05 42.37 35.93
N PHE F 736 -22.96 43.64 35.53
CA PHE F 736 -21.66 44.24 35.30
C PHE F 736 -20.82 44.27 36.57
N GLU F 737 -21.43 44.61 37.70
CA GLU F 737 -20.69 44.64 38.96
C GLU F 737 -20.16 43.25 39.32
N GLU F 738 -21.01 42.22 39.19
CA GLU F 738 -20.55 40.86 39.47
C GLU F 738 -19.43 40.45 38.54
N ALA F 739 -19.56 40.74 37.24
CA ALA F 739 -18.56 40.35 36.28
C ALA F 739 -17.22 41.04 36.54
N MET F 740 -17.26 42.33 36.88
CA MET F 740 -16.02 43.04 37.17
C MET F 740 -15.41 42.56 38.48
N ARG F 741 -16.25 42.12 39.43
CA ARG F 741 -15.71 41.55 40.66
C ARG F 741 -15.00 40.23 40.39
N PHE F 742 -15.57 39.37 39.53
CA PHE F 742 -14.90 38.12 39.19
C PHE F 742 -13.64 38.37 38.37
N ALA F 743 -13.70 39.30 37.43
CA ALA F 743 -12.56 39.54 36.55
C ALA F 743 -11.41 40.22 37.30
N ARG F 744 -10.19 39.95 36.84
CA ARG F 744 -8.98 40.50 37.44
C ARG F 744 -8.10 41.12 36.36
N ARG F 745 -7.27 42.08 36.78
CA ARG F 745 -6.45 42.81 35.83
C ARG F 745 -5.47 41.89 35.13
N SER F 746 -5.40 42.02 33.80
CA SER F 746 -4.56 41.12 33.00
C SER F 746 -3.08 41.48 33.12
N VAL F 747 -2.75 42.77 33.10
CA VAL F 747 -1.37 43.24 33.02
C VAL F 747 -1.08 44.09 34.24
N SER F 748 0.06 43.83 34.87
CA SER F 748 0.50 44.63 36.01
C SER F 748 0.99 46.00 35.55
N ASP F 749 0.96 46.97 36.47
CA ASP F 749 1.42 48.31 36.14
C ASP F 749 2.92 48.34 35.89
N ASN F 750 3.67 47.43 36.53
CA ASN F 750 5.11 47.40 36.37
C ASN F 750 5.52 47.06 34.94
N ASP F 751 4.83 46.09 34.33
CA ASP F 751 5.16 45.71 32.96
C ASP F 751 4.82 46.84 31.98
N ILE F 752 3.70 47.54 32.22
CA ILE F 752 3.37 48.70 31.40
C ILE F 752 4.43 49.79 31.57
N ARG F 753 4.92 49.97 32.79
CA ARG F 753 6.00 50.93 33.01
C ARG F 753 7.25 50.55 32.25
N LYS F 754 7.60 49.26 32.24
CA LYS F 754 8.76 48.80 31.47
C LYS F 754 8.56 49.08 29.99
N TYR F 755 7.33 48.87 29.49
CA TYR F 755 7.03 49.27 28.12
C TYR F 755 7.25 50.76 27.92
N GLU F 756 6.87 51.57 28.92
CA GLU F 756 7.04 53.01 28.80
C GLU F 756 8.52 53.40 28.72
N MET F 757 9.36 52.78 29.56
CA MET F 757 10.79 53.06 29.46
C MET F 757 11.35 52.59 28.12
N PHE F 758 10.89 51.44 27.62
CA PHE F 758 11.35 51.00 26.30
C PHE F 758 10.98 52.00 25.23
N ALA F 759 9.76 52.53 25.27
CA ALA F 759 9.35 53.55 24.31
C ALA F 759 10.17 54.82 24.47
N GLN F 760 10.49 55.18 25.71
CA GLN F 760 11.30 56.37 25.96
C GLN F 760 12.71 56.22 25.38
N THR F 761 13.28 55.02 25.50
CA THR F 761 14.62 54.79 24.95
C THR F 761 14.63 54.96 23.43
N LEU F 762 13.55 54.54 22.76
CA LEU F 762 13.45 54.67 21.31
C LEU F 762 13.51 56.12 20.87
N SER F 770 23.28 65.89 19.68
CA SER F 770 23.97 67.15 19.94
C SER F 770 25.16 67.34 19.01
N PHE F 771 24.88 67.60 17.74
CA PHE F 771 25.91 67.82 16.73
C PHE F 771 25.56 69.05 15.90
N ARG F 772 26.58 69.78 15.47
CA ARG F 772 26.41 70.98 14.65
C ARG F 772 27.41 70.98 13.51
N PHE F 773 26.95 71.45 12.35
CA PHE F 773 27.83 71.55 11.20
C PHE F 773 28.78 72.74 11.36
N PRO F 774 29.96 72.70 10.74
CA PRO F 774 30.91 73.81 10.90
C PRO F 774 30.39 75.09 10.27
N SER F 775 30.79 76.22 10.84
CA SER F 775 30.43 77.54 10.37
C SER F 775 28.92 77.70 10.23
N UNK G 1 22.85 16.56 24.43
CA UNK G 1 21.85 17.33 23.70
C UNK G 1 21.37 16.59 22.46
N UNK G 2 22.26 15.78 21.89
CA UNK G 2 21.89 14.99 20.72
C UNK G 2 20.86 13.93 21.09
N UNK G 3 19.99 13.60 20.13
CA UNK G 3 18.92 12.64 20.36
C UNK G 3 18.74 11.78 19.12
N UNK G 4 18.15 10.60 19.33
CA UNK G 4 17.83 9.66 18.27
C UNK G 4 16.33 9.44 18.23
N UNK G 5 15.84 8.99 17.07
CA UNK G 5 14.40 8.87 16.84
C UNK G 5 14.07 7.50 16.27
N UNK G 6 12.86 7.05 16.57
CA UNK G 6 12.28 5.83 16.01
C UNK G 6 11.09 6.19 15.14
N UNK G 7 10.75 5.33 14.19
CA UNK G 7 9.76 5.63 13.18
C UNK G 7 8.62 4.63 13.21
N UNK G 8 7.43 5.10 12.81
CA UNK G 8 6.25 4.26 12.62
C UNK G 8 5.77 4.43 11.18
N UNK G 9 5.25 3.37 10.59
CA UNK G 9 4.92 3.34 9.17
C UNK G 9 3.41 3.16 8.98
N UNK G 10 2.86 3.88 8.01
CA UNK G 10 1.49 3.70 7.55
C UNK G 10 1.52 3.31 6.09
N UNK G 11 0.80 2.24 5.75
CA UNK G 11 0.87 1.68 4.40
C UNK G 11 -0.52 1.59 3.80
N UNK G 12 -0.59 1.85 2.50
CA UNK G 12 -1.82 1.78 1.73
C UNK G 12 -1.67 0.76 0.61
N UNK G 13 -2.60 -0.18 0.54
CA UNK G 13 -2.58 -1.23 -0.47
C UNK G 13 -4.01 -1.53 -0.92
N UNK G 14 -4.14 -1.97 -2.17
CA UNK G 14 -5.43 -2.30 -2.76
C UNK G 14 -5.31 -3.58 -3.58
N UNK G 15 -6.43 -4.29 -3.73
CA UNK G 15 -6.51 -5.51 -4.51
C UNK G 15 -7.72 -5.43 -5.43
N UNK G 16 -7.68 -6.16 -6.54
CA UNK G 16 -8.73 -6.13 -7.54
C UNK G 16 -9.14 -7.54 -7.93
N UNK G 17 -10.44 -7.74 -8.14
CA UNK G 17 -10.99 -8.99 -8.64
C UNK G 17 -11.84 -8.70 -9.85
N UNK G 18 -11.55 -9.38 -10.97
CA UNK G 18 -12.23 -9.08 -12.22
C UNK G 18 -13.48 -9.93 -12.39
N UNK G 19 -14.47 -9.36 -13.07
CA UNK G 19 -15.70 -10.07 -13.41
C UNK G 19 -15.83 -10.09 -14.93
N UNK G 20 -16.13 -11.26 -15.49
CA UNK G 20 -16.18 -11.45 -16.93
C UNK G 20 -17.64 -11.59 -17.38
N UNK G 21 -18.07 -10.69 -18.25
CA UNK G 21 -19.42 -10.75 -18.78
C UNK G 21 -19.49 -11.67 -20.00
N UNK G 22 -20.50 -12.53 -20.03
CA UNK G 22 -20.68 -13.47 -21.12
C UNK G 22 -21.14 -12.76 -22.39
#